data_8RI8
#
_entry.id   8RI8
#
_cell.length_a   1.00
_cell.length_b   1.00
_cell.length_c   1.00
_cell.angle_alpha   90.00
_cell.angle_beta   90.00
_cell.angle_gamma   90.00
#
_symmetry.space_group_name_H-M   'P 1'
#
loop_
_entity.id
_entity.type
_entity.pdbx_description
1 polymer Beta-galactosidase
2 non-polymer (2S,3R,4S)-2-[bis(oxidanyl)methyl]pyrrolidine-3,4-diol
3 non-polymer 'MAGNESIUM ION'
4 non-polymer 'SODIUM ION'
5 water water
#
_entity_poly.entity_id   1
_entity_poly.type   'polypeptide(L)'
_entity_poly.pdbx_seq_one_letter_code
;MTMITDSLAVVLQRRDWENPGVTQLNRLAAHPPFASWRNSEEARTDRPSQQLRSLNGEWRFAWFPAPEAVPESWLECDLP
EADTVVVPSNWQMHGYDAPIYTNVTYPITVNPPFVPTENPTGCYSLTFNVDESWLQEGQTRIIFDGVNSAFHLWCNGRWV
GYGQDSRLPSEFDLSAFLRAGENRLAVMVLRWSDGSYLEDQDMWRMSGIFRDVSLLHKPTTQISDFHVATRFNDDFSRAV
LEAEVQMCGELRDYLRVTVSLWQGETQVASGTAPFGGEIIDERGGYADRVTLRLNVENPKLWSAEIPNLYRAVVELHTAD
GTLIEAEACDVGFREVRIENGLLLLNGKPLLIRGVNRHEHHPLHGQVMDEQTMVQDILLMKQNNFNAVRCSHYPNHPLWY
TLCDRYGLYVVDEANIETHGMVPMNRLTDDPRWLPAMSERVTRMVQRDRNHPSVIIWSLGNESGHGANHDALYRWIKSVD
PSRPVQYEGGGADTTATDIICPMYARVDEDQPFPAVPKWSIKKWLSLPGETRPLILCEYAHAMGNSLGGFAKYWQAFRQY
PRLQGGFVWDWVDQSLIKYDENGNPWSAYGGDFGDTPNDRQFCMNGLVFADRTPHPALTEAKHQQQFFQFRLSGQTIEVT
SEYLFRHSDNELLHWMVALDGKPLASGEVPLDVAPQGKQLIELPELPQPESAGQLWLTVRVVQPNATAWSEAGHISAWQQ
WRLAENLSVTLPAASHAIPHLTTSEMDFCIELGNKRWQFNRQSGFLSQMWIGDKKQLLTPLRDQFTRAPLDNDIGVSEAT
RIDPNAWVERWKAAGHYQAEAALLQCTADTLADAVLITTAHAWQHQGKTLFISRKTYRIDGSGQMAITVDVEVASDTPHP
ARIGLNCQLAQVAERVNWLGLGPQENYPDRLTAACFDRWDLPLSDMYTPYVFPSENGLRCGTRELNYGPHQWRGDFQFNI
SRYSQQQLMETSHRHLLHAEEGTWLNIDGFHMGIGGDDSWSPSVSAELQLSAGRYHYQLVWCQKHHHHHH
;
_entity_poly.pdbx_strand_id   A,B,C,D
#
loop_
_chem_comp.id
_chem_comp.type
_chem_comp.name
_chem_comp.formula
A1H05 non-polymer (2S,3R,4S)-2-[bis(oxidanyl)methyl]pyrrolidine-3,4-diol 'C5 H11 N O4'
MG non-polymer 'MAGNESIUM ION' 'Mg 2'
NA non-polymer 'SODIUM ION' 'Na 1'
#
# COMPACT_ATOMS: atom_id res chain seq x y z
N MET A 3 50.67 -40.00 -10.09
CA MET A 3 51.14 -38.69 -9.65
C MET A 3 51.10 -37.72 -10.81
N ILE A 4 50.64 -38.24 -11.95
CA ILE A 4 50.46 -37.45 -13.16
C ILE A 4 49.44 -36.35 -12.93
N THR A 5 48.35 -36.68 -12.25
CA THR A 5 47.27 -35.70 -12.09
C THR A 5 47.64 -34.59 -11.12
N ASP A 6 48.63 -34.80 -10.26
CA ASP A 6 49.08 -33.75 -9.34
C ASP A 6 50.08 -32.80 -9.97
N SER A 7 50.58 -33.09 -11.16
CA SER A 7 51.67 -32.30 -11.74
C SER A 7 51.16 -30.93 -12.18
N LEU A 8 52.11 -30.00 -12.28
CA LEU A 8 51.79 -28.66 -12.76
C LEU A 8 51.30 -28.65 -14.19
N ALA A 9 51.79 -29.58 -15.02
CA ALA A 9 51.36 -29.69 -16.41
C ALA A 9 49.89 -30.09 -16.51
N VAL A 10 49.38 -30.86 -15.56
CA VAL A 10 47.98 -31.24 -15.58
C VAL A 10 47.12 -30.21 -14.88
N VAL A 11 47.57 -29.74 -13.71
CA VAL A 11 46.76 -28.86 -12.87
C VAL A 11 46.58 -27.50 -13.53
N LEU A 12 47.61 -27.02 -14.23
CA LEU A 12 47.53 -25.70 -14.84
C LEU A 12 46.88 -25.72 -16.21
N GLN A 13 46.51 -26.90 -16.71
CA GLN A 13 46.06 -27.01 -18.08
C GLN A 13 44.59 -26.63 -18.24
N ARG A 14 43.78 -26.79 -17.20
CA ARG A 14 42.40 -26.35 -17.28
C ARG A 14 42.31 -24.83 -17.27
N ARG A 15 43.32 -24.17 -16.68
CA ARG A 15 43.41 -22.72 -16.52
C ARG A 15 42.18 -22.23 -15.75
N ASP A 16 42.06 -22.74 -14.53
CA ASP A 16 40.94 -22.45 -13.65
C ASP A 16 40.85 -20.97 -13.24
N TRP A 17 41.94 -20.20 -13.34
CA TRP A 17 41.95 -18.76 -13.12
C TRP A 17 41.52 -17.96 -14.36
N GLU A 18 41.02 -18.62 -15.40
CA GLU A 18 40.44 -17.95 -16.55
C GLU A 18 39.08 -18.56 -16.85
N ASN A 19 38.26 -18.67 -15.84
CA ASN A 19 37.02 -19.40 -15.96
C ASN A 19 36.11 -19.00 -14.81
N PRO A 20 35.10 -18.15 -15.04
CA PRO A 20 34.21 -17.76 -13.93
C PRO A 20 33.28 -18.86 -13.46
N GLY A 21 33.13 -19.95 -14.22
CA GLY A 21 32.44 -21.11 -13.74
C GLY A 21 33.21 -21.95 -12.74
N VAL A 22 34.50 -21.69 -12.55
CA VAL A 22 35.27 -22.36 -11.51
C VAL A 22 35.85 -21.29 -10.60
N THR A 23 35.22 -21.10 -9.45
CA THR A 23 35.72 -20.16 -8.46
C THR A 23 36.47 -20.85 -7.33
N GLN A 24 36.46 -22.17 -7.31
CA GLN A 24 37.11 -22.96 -6.27
C GLN A 24 37.07 -24.41 -6.72
N LEU A 25 37.97 -25.19 -6.15
CA LEU A 25 37.85 -26.64 -6.25
C LEU A 25 38.14 -27.20 -4.87
N ASN A 26 37.22 -28.01 -4.37
CA ASN A 26 37.36 -28.73 -3.11
C ASN A 26 37.43 -27.81 -1.89
N ARG A 27 36.86 -26.62 -2.00
CA ARG A 27 36.83 -25.73 -0.86
C ARG A 27 35.68 -26.10 0.08
N LEU A 28 35.94 -26.04 1.37
CA LEU A 28 34.89 -26.37 2.33
C LEU A 28 33.87 -25.24 2.41
N ALA A 29 32.75 -25.52 3.07
CA ALA A 29 31.69 -24.54 3.20
C ALA A 29 32.12 -23.41 4.13
N ALA A 30 31.58 -22.23 3.86
CA ALA A 30 31.81 -21.07 4.72
C ALA A 30 31.00 -21.21 5.98
N HIS A 31 31.41 -20.47 7.00
CA HIS A 31 30.83 -20.62 8.31
C HIS A 31 31.32 -19.49 9.21
N PRO A 32 30.72 -19.28 10.37
CA PRO A 32 31.27 -18.33 11.35
C PRO A 32 32.62 -18.80 11.89
N PRO A 33 33.33 -17.89 12.56
CA PRO A 33 34.68 -18.19 13.05
C PRO A 33 34.69 -19.29 14.11
N PHE A 34 35.51 -20.30 13.87
CA PHE A 34 35.57 -21.48 14.71
C PHE A 34 36.93 -21.56 15.40
N ALA A 35 36.93 -22.17 16.57
CA ALA A 35 38.18 -22.50 17.24
C ALA A 35 38.27 -23.94 17.70
N SER A 36 37.15 -24.66 17.77
CA SER A 36 37.09 -26.07 18.17
C SER A 36 37.66 -26.30 19.57
N TRP A 37 37.12 -25.54 20.53
CA TRP A 37 37.46 -25.74 21.92
C TRP A 37 37.00 -27.12 22.38
N ARG A 38 37.90 -27.81 23.07
CA ARG A 38 37.52 -29.04 23.73
C ARG A 38 37.23 -28.83 25.21
N ASN A 39 37.16 -27.58 25.63
CA ASN A 39 36.78 -27.19 26.98
C ASN A 39 35.82 -26.01 26.91
N SER A 40 34.66 -26.15 27.52
CA SER A 40 33.63 -25.12 27.48
C SER A 40 34.05 -23.85 28.22
N GLU A 41 34.86 -23.99 29.27
CA GLU A 41 35.32 -22.82 30.00
C GLU A 41 36.30 -22.01 29.16
N GLU A 42 37.16 -22.68 28.39
CA GLU A 42 38.08 -21.98 27.51
C GLU A 42 37.33 -21.26 26.39
N ALA A 43 36.26 -21.87 25.88
CA ALA A 43 35.44 -21.22 24.87
C ALA A 43 34.73 -19.99 25.41
N ARG A 44 34.27 -20.08 26.66
CA ARG A 44 33.59 -18.95 27.29
C ARG A 44 34.54 -17.78 27.49
N THR A 45 35.76 -18.05 27.91
CA THR A 45 36.67 -16.96 28.16
C THR A 45 37.51 -16.60 26.93
N ASP A 46 37.36 -17.35 25.84
CA ASP A 46 38.04 -17.08 24.57
C ASP A 46 39.55 -17.19 24.70
N ARG A 47 40.02 -18.06 25.59
CA ARG A 47 41.41 -18.42 25.63
C ARG A 47 41.79 -19.12 24.34
N PRO A 48 43.07 -19.05 23.95
CA PRO A 48 43.52 -19.62 22.67
C PRO A 48 43.40 -21.14 22.63
N SER A 49 42.74 -21.62 21.59
CA SER A 49 42.46 -23.03 21.48
C SER A 49 43.67 -23.73 20.90
N GLN A 50 44.03 -24.88 21.48
CA GLN A 50 45.17 -25.62 20.94
C GLN A 50 44.81 -26.42 19.68
N GLN A 51 43.54 -26.45 19.27
CA GLN A 51 43.05 -27.09 18.07
C GLN A 51 43.09 -26.16 16.88
N LEU A 52 43.38 -24.90 17.10
CA LEU A 52 43.50 -23.89 16.05
C LEU A 52 44.96 -23.47 16.04
N ARG A 53 45.71 -23.92 15.04
CA ARG A 53 47.14 -23.67 14.96
C ARG A 53 47.40 -22.58 13.94
N SER A 54 48.24 -21.61 14.29
CA SER A 54 48.63 -20.56 13.37
C SER A 54 49.91 -20.95 12.63
N LEU A 55 49.85 -20.92 11.29
CA LEU A 55 51.02 -21.15 10.46
C LEU A 55 51.63 -19.86 9.92
N ASN A 56 51.29 -18.71 10.49
CA ASN A 56 51.98 -17.48 10.13
C ASN A 56 53.43 -17.54 10.59
N GLY A 57 54.29 -16.86 9.86
CA GLY A 57 55.68 -16.85 10.20
C GLY A 57 56.54 -16.95 8.96
N GLU A 58 57.62 -17.71 9.07
CA GLU A 58 58.57 -17.80 7.97
C GLU A 58 58.11 -18.88 7.00
N TRP A 59 57.96 -18.50 5.74
CA TRP A 59 57.67 -19.43 4.66
C TRP A 59 58.76 -19.29 3.63
N ARG A 60 58.89 -20.28 2.75
CA ARG A 60 59.78 -20.13 1.61
C ARG A 60 58.97 -19.58 0.45
N PHE A 61 59.59 -18.69 -0.33
CA PHE A 61 58.88 -17.98 -1.38
C PHE A 61 59.74 -17.88 -2.62
N ALA A 62 59.14 -18.20 -3.77
CA ALA A 62 59.75 -17.92 -5.08
C ALA A 62 58.75 -17.20 -5.97
N TRP A 63 59.23 -16.19 -6.69
CA TRP A 63 58.43 -15.43 -7.64
C TRP A 63 58.72 -15.90 -9.05
N PHE A 64 57.67 -16.03 -9.85
CA PHE A 64 57.83 -16.37 -11.26
C PHE A 64 56.95 -15.47 -12.10
N PRO A 65 57.37 -15.18 -13.34
CA PRO A 65 56.62 -14.22 -14.18
C PRO A 65 55.33 -14.81 -14.72
N ALA A 66 55.19 -16.12 -14.71
CA ALA A 66 53.97 -16.80 -15.11
C ALA A 66 53.94 -18.15 -14.42
N PRO A 67 52.77 -18.77 -14.30
CA PRO A 67 52.70 -20.09 -13.64
C PRO A 67 53.39 -21.19 -14.44
N GLU A 68 53.50 -21.04 -15.75
CA GLU A 68 54.21 -22.01 -16.58
C GLU A 68 55.70 -22.07 -16.30
N ALA A 69 56.28 -21.00 -15.77
CA ALA A 69 57.69 -20.96 -15.43
C ALA A 69 58.02 -21.65 -14.12
N VAL A 70 57.02 -22.12 -13.38
CA VAL A 70 57.28 -22.80 -12.12
C VAL A 70 57.77 -24.21 -12.41
N PRO A 71 58.94 -24.59 -11.94
CA PRO A 71 59.43 -25.94 -12.20
C PRO A 71 58.69 -26.98 -11.38
N GLU A 72 58.57 -28.17 -11.97
CA GLU A 72 57.82 -29.29 -11.38
C GLU A 72 58.40 -29.77 -10.05
N SER A 73 59.71 -29.58 -9.82
CA SER A 73 60.36 -30.01 -8.60
C SER A 73 59.89 -29.27 -7.36
N TRP A 74 59.33 -28.05 -7.53
CA TRP A 74 58.79 -27.27 -6.41
C TRP A 74 57.63 -27.98 -5.70
N LEU A 75 56.88 -28.83 -6.40
CA LEU A 75 55.87 -29.67 -5.77
C LEU A 75 56.43 -30.66 -4.76
N GLU A 76 57.70 -31.06 -4.88
CA GLU A 76 58.24 -32.03 -3.93
C GLU A 76 59.21 -31.42 -2.93
N CYS A 77 60.13 -30.60 -3.39
CA CYS A 77 61.12 -30.03 -2.51
C CYS A 77 61.19 -28.53 -2.71
N ASP A 78 61.67 -27.87 -1.67
CA ASP A 78 61.87 -26.44 -1.68
C ASP A 78 62.89 -26.06 -2.74
N LEU A 79 62.59 -25.01 -3.48
CA LEU A 79 63.51 -24.51 -4.48
C LEU A 79 64.76 -23.96 -3.78
N PRO A 80 65.94 -24.24 -4.32
CA PRO A 80 67.17 -23.66 -3.73
C PRO A 80 67.23 -22.15 -3.86
N GLU A 81 66.57 -21.60 -4.89
CA GLU A 81 66.56 -20.18 -5.16
C GLU A 81 65.43 -19.45 -4.41
N ALA A 82 64.51 -20.18 -3.78
CA ALA A 82 63.48 -19.58 -2.93
C ALA A 82 64.09 -18.89 -1.71
N ASP A 83 63.39 -17.87 -1.22
CA ASP A 83 63.92 -17.08 -0.07
C ASP A 83 62.96 -17.22 1.12
N THR A 84 63.40 -16.79 2.31
CA THR A 84 62.54 -16.86 3.52
C THR A 84 61.80 -15.54 3.68
N VAL A 85 60.47 -15.58 3.72
CA VAL A 85 59.65 -14.38 3.86
C VAL A 85 58.60 -14.60 4.93
N VAL A 86 58.17 -13.50 5.53
CA VAL A 86 57.11 -13.54 6.52
C VAL A 86 55.77 -13.69 5.81
N VAL A 87 54.95 -14.61 6.28
CA VAL A 87 53.55 -14.71 5.88
C VAL A 87 52.71 -14.45 7.12
N PRO A 88 51.65 -13.64 7.04
CA PRO A 88 51.08 -13.03 5.83
C PRO A 88 51.87 -11.84 5.32
N SER A 89 51.86 -11.64 4.01
CA SER A 89 52.47 -10.48 3.40
C SER A 89 51.94 -10.33 1.98
N ASN A 90 52.18 -9.16 1.41
CA ASN A 90 52.01 -8.95 -0.01
C ASN A 90 53.40 -8.94 -0.61
N TRP A 91 53.64 -9.73 -1.67
CA TRP A 91 55.04 -9.87 -2.18
C TRP A 91 55.54 -8.57 -2.83
N GLN A 92 54.65 -7.67 -3.27
CA GLN A 92 55.11 -6.40 -3.78
C GLN A 92 55.77 -5.55 -2.70
N MET A 93 55.42 -5.77 -1.43
CA MET A 93 56.06 -5.04 -0.34
C MET A 93 57.44 -5.59 -0.02
N HIS A 94 57.75 -6.78 -0.51
CA HIS A 94 59.07 -7.38 -0.39
C HIS A 94 59.94 -7.12 -1.61
N GLY A 95 59.42 -6.42 -2.61
CA GLY A 95 60.18 -6.01 -3.75
C GLY A 95 60.12 -6.92 -4.95
N TYR A 96 59.24 -7.93 -4.97
CA TYR A 96 59.33 -8.96 -6.01
C TYR A 96 58.72 -8.49 -7.34
N ASP A 97 57.63 -7.72 -7.30
CA ASP A 97 57.26 -6.90 -8.44
C ASP A 97 56.59 -5.63 -7.90
N ALA A 98 56.17 -4.79 -8.81
CA ALA A 98 55.71 -3.50 -8.29
C ALA A 98 54.23 -3.57 -7.94
N PRO A 99 53.83 -2.90 -6.86
CA PRO A 99 52.40 -2.65 -6.65
C PRO A 99 51.91 -1.69 -7.71
N ILE A 100 50.65 -1.82 -8.08
CA ILE A 100 50.07 -0.96 -9.09
C ILE A 100 48.93 -0.18 -8.46
N TYR A 101 48.97 1.14 -8.61
CA TYR A 101 47.82 1.95 -8.25
C TYR A 101 47.09 2.36 -9.52
N THR A 102 45.94 1.75 -9.76
CA THR A 102 45.05 2.20 -10.79
C THR A 102 43.66 2.36 -10.19
N ASN A 103 42.98 3.43 -10.57
CA ASN A 103 41.63 3.69 -10.07
C ASN A 103 40.64 2.82 -10.83
N VAL A 104 40.16 3.30 -11.97
CA VAL A 104 39.08 2.67 -12.71
C VAL A 104 39.61 1.67 -13.72
N THR A 105 40.63 2.06 -14.47
CA THR A 105 41.21 1.22 -15.50
C THR A 105 41.80 -0.03 -14.87
N TYR A 106 41.37 -1.19 -15.39
CA TYR A 106 41.86 -2.46 -14.89
C TYR A 106 43.36 -2.54 -15.07
N PRO A 107 44.07 -3.24 -14.18
CA PRO A 107 45.53 -3.37 -14.32
C PRO A 107 45.96 -4.35 -15.41
N ILE A 108 45.02 -5.07 -16.03
CA ILE A 108 45.30 -5.96 -17.13
C ILE A 108 44.41 -5.55 -18.30
N THR A 109 44.66 -6.16 -19.45
CA THR A 109 43.83 -5.94 -20.63
C THR A 109 42.42 -6.45 -20.36
N VAL A 110 41.44 -5.62 -20.65
CA VAL A 110 40.05 -6.03 -20.47
C VAL A 110 39.70 -7.04 -21.54
N ASN A 111 39.54 -8.28 -21.15
CA ASN A 111 39.14 -9.38 -22.03
C ASN A 111 38.64 -10.52 -21.16
N PRO A 112 37.53 -10.35 -20.44
CA PRO A 112 37.11 -11.37 -19.49
C PRO A 112 36.59 -12.59 -20.22
N PRO A 113 36.86 -13.80 -19.70
CA PRO A 113 37.47 -14.06 -18.40
C PRO A 113 38.99 -14.25 -18.43
N PHE A 114 39.65 -13.82 -19.51
CA PHE A 114 41.07 -14.10 -19.67
C PHE A 114 41.92 -13.04 -19.00
N VAL A 115 43.12 -13.45 -18.61
CA VAL A 115 44.05 -12.55 -17.93
C VAL A 115 45.35 -12.63 -18.73
N PRO A 116 46.39 -11.86 -18.43
CA PRO A 116 47.60 -11.94 -19.26
C PRO A 116 48.35 -13.26 -19.06
N THR A 117 49.05 -13.67 -20.11
CA THR A 117 49.92 -14.82 -19.97
C THR A 117 51.08 -14.52 -19.03
N GLU A 118 51.58 -13.28 -19.07
CA GLU A 118 52.47 -12.78 -18.02
C GLU A 118 51.62 -12.54 -16.78
N ASN A 119 51.56 -13.56 -15.94
CA ASN A 119 50.74 -13.53 -14.74
C ASN A 119 51.64 -13.86 -13.56
N PRO A 120 52.03 -12.85 -12.76
CA PRO A 120 53.02 -13.04 -11.70
C PRO A 120 52.55 -13.99 -10.61
N THR A 121 53.40 -14.96 -10.32
CA THR A 121 53.05 -16.16 -9.60
C THR A 121 53.96 -16.28 -8.39
N GLY A 122 53.36 -16.31 -7.22
CA GLY A 122 54.14 -16.47 -6.01
C GLY A 122 54.00 -17.88 -5.52
N CYS A 123 55.11 -18.60 -5.45
CA CYS A 123 55.11 -19.96 -4.93
C CYS A 123 55.55 -19.93 -3.48
N TYR A 124 54.62 -20.20 -2.58
CA TYR A 124 54.89 -20.28 -1.16
C TYR A 124 54.95 -21.74 -0.75
N SER A 125 55.83 -22.05 0.19
CA SER A 125 55.85 -23.38 0.75
C SER A 125 56.21 -23.31 2.22
N LEU A 126 55.76 -24.30 2.97
CA LEU A 126 56.00 -24.37 4.41
C LEU A 126 56.12 -25.83 4.81
N THR A 127 57.26 -26.18 5.39
CA THR A 127 57.43 -27.43 6.09
C THR A 127 56.97 -27.28 7.53
N PHE A 128 56.16 -28.21 7.99
CA PHE A 128 55.53 -28.05 9.29
C PHE A 128 55.28 -29.43 9.86
N ASN A 129 55.33 -29.52 11.17
CA ASN A 129 55.02 -30.75 11.87
C ASN A 129 53.54 -30.78 12.21
N VAL A 130 52.94 -31.96 12.08
CA VAL A 130 51.60 -32.23 12.57
C VAL A 130 51.73 -33.30 13.64
N ASP A 131 51.13 -33.06 14.79
CA ASP A 131 51.13 -34.07 15.83
C ASP A 131 50.25 -35.22 15.40
N GLU A 132 50.64 -36.42 15.82
CA GLU A 132 49.96 -37.64 15.37
C GLU A 132 48.56 -37.80 15.96
N SER A 133 48.22 -37.06 17.02
CA SER A 133 46.88 -37.13 17.58
C SER A 133 45.85 -36.40 16.74
N TRP A 134 46.29 -35.58 15.79
CA TRP A 134 45.39 -34.88 14.87
C TRP A 134 44.99 -35.78 13.72
N LEU A 135 45.80 -36.78 13.39
CA LEU A 135 45.54 -37.67 12.26
C LEU A 135 44.80 -38.94 12.65
N GLN A 136 44.90 -39.37 13.90
CA GLN A 136 44.21 -40.61 14.28
C GLN A 136 42.71 -40.42 14.37
N GLU A 137 42.24 -39.20 14.59
CA GLU A 137 40.82 -38.95 14.68
C GLU A 137 40.58 -37.50 14.31
N GLY A 138 39.37 -37.22 13.87
CA GLY A 138 39.00 -35.88 13.58
C GLY A 138 39.34 -35.46 12.16
N GLN A 139 39.12 -34.17 11.94
CA GLN A 139 39.32 -33.56 10.64
C GLN A 139 40.27 -32.39 10.79
N THR A 140 41.33 -32.38 10.01
CA THR A 140 42.29 -31.29 10.00
C THR A 140 42.10 -30.51 8.71
N ARG A 141 41.76 -29.24 8.84
CA ARG A 141 41.52 -28.37 7.69
C ARG A 141 42.51 -27.23 7.76
N ILE A 142 42.85 -26.70 6.60
CA ILE A 142 43.71 -25.54 6.53
C ILE A 142 42.85 -24.34 6.15
N ILE A 143 43.10 -23.20 6.77
CA ILE A 143 42.31 -22.00 6.56
C ILE A 143 43.24 -20.92 6.04
N PHE A 144 42.97 -20.45 4.83
CA PHE A 144 43.63 -19.28 4.28
C PHE A 144 42.64 -18.14 4.40
N ASP A 145 42.91 -17.21 5.31
CA ASP A 145 41.97 -16.11 5.51
C ASP A 145 41.94 -15.13 4.34
N GLY A 146 43.00 -15.07 3.54
CA GLY A 146 43.03 -14.16 2.42
C GLY A 146 44.19 -14.44 1.48
N VAL A 147 43.89 -14.76 0.22
CA VAL A 147 44.92 -14.97 -0.80
C VAL A 147 44.52 -14.20 -2.04
N ASN A 148 45.45 -13.43 -2.58
CA ASN A 148 45.19 -12.45 -3.65
C ASN A 148 46.05 -12.85 -4.83
N SER A 149 45.43 -13.26 -5.94
CA SER A 149 43.99 -13.26 -6.08
C SER A 149 43.43 -14.66 -6.25
N ALA A 150 44.27 -15.63 -6.60
CA ALA A 150 43.78 -16.99 -6.78
C ALA A 150 44.93 -17.93 -6.48
N PHE A 151 44.60 -19.17 -6.14
CA PHE A 151 45.70 -20.04 -5.74
C PHE A 151 45.34 -21.50 -5.93
N HIS A 152 46.36 -22.29 -6.27
CA HIS A 152 46.31 -23.74 -6.20
C HIS A 152 47.07 -24.18 -4.96
N LEU A 153 46.64 -25.30 -4.39
CA LEU A 153 47.19 -25.80 -3.13
C LEU A 153 47.59 -27.27 -3.28
N TRP A 154 48.84 -27.56 -2.94
CA TRP A 154 49.35 -28.92 -2.84
C TRP A 154 49.77 -29.19 -1.40
N CYS A 155 49.62 -30.43 -0.95
CA CYS A 155 50.03 -30.84 0.38
C CYS A 155 50.77 -32.16 0.24
N ASN A 156 52.08 -32.13 0.51
CA ASN A 156 52.97 -33.28 0.32
C ASN A 156 53.01 -33.71 -1.14
N GLY A 157 52.99 -32.73 -2.04
CA GLY A 157 53.03 -33.02 -3.46
C GLY A 157 51.72 -33.40 -4.10
N ARG A 158 50.66 -33.64 -3.33
CA ARG A 158 49.34 -33.96 -3.88
C ARG A 158 48.49 -32.70 -3.99
N TRP A 159 47.80 -32.56 -5.12
CA TRP A 159 46.95 -31.38 -5.33
C TRP A 159 45.72 -31.46 -4.44
N VAL A 160 45.42 -30.37 -3.74
CA VAL A 160 44.33 -30.32 -2.78
C VAL A 160 43.11 -29.59 -3.35
N GLY A 161 43.31 -28.39 -3.85
CA GLY A 161 42.19 -27.62 -4.35
C GLY A 161 42.62 -26.26 -4.86
N TYR A 162 41.64 -25.36 -5.01
CA TYR A 162 41.82 -24.09 -5.69
C TYR A 162 40.81 -23.10 -5.09
N GLY A 163 41.22 -21.85 -4.90
CA GLY A 163 40.34 -20.90 -4.21
C GLY A 163 40.31 -19.55 -4.89
N GLN A 164 39.17 -18.87 -4.82
CA GLN A 164 39.10 -17.51 -5.39
C GLN A 164 38.55 -16.53 -4.36
N ASP A 165 38.33 -15.26 -4.75
CA ASP A 165 37.85 -14.21 -3.81
C ASP A 165 39.00 -13.90 -2.84
N SER A 166 39.69 -12.78 -3.06
CA SER A 166 40.89 -12.49 -2.23
C SER A 166 40.53 -11.89 -0.87
N ARG A 167 39.25 -11.90 -0.46
CA ARG A 167 38.96 -11.26 0.81
C ARG A 167 38.14 -12.11 1.75
N LEU A 168 37.88 -13.36 1.43
CA LEU A 168 37.21 -14.29 2.32
C LEU A 168 38.07 -15.53 2.51
N PRO A 169 37.87 -16.24 3.61
CA PRO A 169 38.70 -17.41 3.89
C PRO A 169 38.41 -18.57 2.96
N SER A 170 39.48 -19.27 2.58
CA SER A 170 39.41 -20.47 1.78
C SER A 170 39.91 -21.62 2.64
N GLU A 171 39.07 -22.62 2.85
CA GLU A 171 39.38 -23.71 3.77
C GLU A 171 39.37 -25.02 3.00
N PHE A 172 40.31 -25.91 3.33
CA PHE A 172 40.47 -27.19 2.64
C PHE A 172 40.74 -28.29 3.65
N ASP A 173 40.09 -29.44 3.44
CA ASP A 173 40.29 -30.61 4.28
C ASP A 173 41.63 -31.26 3.95
N LEU A 174 42.53 -31.32 4.93
CA LEU A 174 43.85 -31.87 4.73
C LEU A 174 44.04 -33.24 5.37
N SER A 175 42.96 -33.84 5.90
CA SER A 175 43.04 -35.05 6.74
C SER A 175 43.59 -36.24 5.97
N ALA A 176 43.27 -36.35 4.68
CA ALA A 176 43.80 -37.44 3.86
C ALA A 176 45.17 -37.13 3.26
N PHE A 177 45.68 -35.91 3.43
CA PHE A 177 46.92 -35.49 2.80
C PHE A 177 48.06 -35.40 3.79
N LEU A 178 47.76 -35.09 5.05
CA LEU A 178 48.79 -34.98 6.05
C LEU A 178 49.35 -36.35 6.39
N ARG A 179 50.44 -36.33 7.13
CA ARG A 179 50.98 -37.56 7.68
C ARG A 179 51.76 -37.16 8.91
N ALA A 180 52.06 -38.16 9.74
CA ALA A 180 52.89 -37.92 10.90
C ALA A 180 54.30 -37.55 10.45
N GLY A 181 54.93 -36.67 11.20
CA GLY A 181 56.24 -36.16 10.84
C GLY A 181 56.11 -34.93 9.96
N GLU A 182 57.16 -34.63 9.19
CA GLU A 182 57.25 -33.43 8.38
C GLU A 182 56.24 -33.46 7.24
N ASN A 183 55.49 -32.38 7.10
CA ASN A 183 54.58 -32.16 6.00
C ASN A 183 55.09 -30.98 5.19
N ARG A 184 54.51 -30.76 4.02
CA ARG A 184 54.90 -29.58 3.26
C ARG A 184 53.73 -29.05 2.44
N LEU A 185 53.39 -27.79 2.66
CA LEU A 185 52.44 -27.09 1.81
C LEU A 185 53.16 -26.49 0.62
N ALA A 186 52.50 -26.47 -0.53
CA ALA A 186 52.96 -25.73 -1.69
C ALA A 186 51.75 -24.96 -2.21
N VAL A 187 51.83 -23.64 -2.17
CA VAL A 187 50.73 -22.77 -2.55
C VAL A 187 51.20 -21.91 -3.70
N MET A 188 50.53 -22.03 -4.83
CA MET A 188 50.86 -21.24 -6.01
C MET A 188 49.81 -20.16 -6.15
N VAL A 189 50.20 -18.93 -5.88
CA VAL A 189 49.30 -17.79 -5.86
C VAL A 189 49.47 -16.99 -7.14
N LEU A 190 48.38 -16.81 -7.86
CA LEU A 190 48.37 -16.04 -9.10
C LEU A 190 47.91 -14.61 -8.85
N ARG A 191 48.61 -13.66 -9.44
CA ARG A 191 48.22 -12.26 -9.26
C ARG A 191 46.89 -11.96 -9.94
N TRP A 192 46.71 -12.44 -11.17
CA TRP A 192 45.50 -12.15 -11.95
C TRP A 192 44.70 -13.42 -12.15
N SER A 193 43.38 -13.30 -12.07
CA SER A 193 42.48 -14.39 -12.38
C SER A 193 41.20 -13.77 -12.89
N ASP A 194 40.21 -14.62 -13.18
CA ASP A 194 38.91 -14.09 -13.58
C ASP A 194 38.21 -13.37 -12.42
N GLY A 195 38.53 -13.74 -11.18
CA GLY A 195 38.16 -12.99 -9.98
C GLY A 195 38.69 -11.57 -9.93
N SER A 196 39.81 -11.28 -10.63
CA SER A 196 40.31 -9.92 -10.74
C SER A 196 39.35 -8.98 -11.45
N TYR A 197 38.49 -9.50 -12.34
CA TYR A 197 37.44 -8.67 -12.94
C TYR A 197 36.41 -8.20 -11.92
N LEU A 198 36.22 -8.96 -10.83
CA LEU A 198 35.34 -8.54 -9.75
C LEU A 198 36.08 -7.78 -8.64
N GLU A 199 37.34 -7.42 -8.84
CA GLU A 199 38.16 -6.82 -7.79
C GLU A 199 38.82 -5.55 -8.29
N ASP A 200 38.03 -4.69 -8.93
CA ASP A 200 38.56 -3.45 -9.47
C ASP A 200 38.35 -2.27 -8.51
N GLN A 201 38.63 -2.48 -7.24
CA GLN A 201 38.52 -1.38 -6.29
C GLN A 201 39.64 -0.35 -6.49
N ASP A 202 39.33 0.91 -6.23
CA ASP A 202 40.29 2.02 -6.34
C ASP A 202 41.30 1.90 -5.21
N MET A 203 42.32 1.08 -5.41
CA MET A 203 43.33 0.89 -4.38
C MET A 203 44.56 0.30 -5.05
N TRP A 204 45.61 0.13 -4.26
CA TRP A 204 46.80 -0.59 -4.71
C TRP A 204 46.46 -2.04 -5.06
N ARG A 205 46.95 -2.48 -6.20
CA ARG A 205 46.77 -3.85 -6.65
C ARG A 205 48.00 -4.63 -6.21
N MET A 206 47.81 -5.49 -5.23
CA MET A 206 48.88 -6.30 -4.66
C MET A 206 48.45 -7.76 -4.70
N SER A 207 49.30 -8.64 -4.19
CA SER A 207 48.98 -10.05 -4.24
C SER A 207 49.76 -10.78 -3.16
N GLY A 208 49.41 -12.04 -2.98
CA GLY A 208 50.09 -12.89 -2.02
C GLY A 208 49.15 -13.41 -0.94
N ILE A 209 49.76 -14.10 0.01
CA ILE A 209 49.05 -14.66 1.15
C ILE A 209 49.10 -13.58 2.22
N PHE A 210 48.10 -12.70 2.21
CA PHE A 210 48.16 -11.44 2.92
C PHE A 210 47.31 -11.42 4.18
N ARG A 211 46.64 -12.52 4.49
CA ARG A 211 45.97 -12.70 5.78
C ARG A 211 46.48 -13.99 6.38
N ASP A 212 45.90 -14.37 7.52
CA ASP A 212 46.38 -15.49 8.31
C ASP A 212 46.19 -16.83 7.61
N VAL A 213 47.10 -17.75 7.92
CA VAL A 213 46.99 -19.15 7.53
C VAL A 213 46.97 -19.97 8.81
N SER A 214 46.03 -20.90 8.90
CA SER A 214 45.77 -21.65 10.13
C SER A 214 45.38 -23.08 9.85
N LEU A 215 45.72 -23.97 10.78
CA LEU A 215 45.21 -25.33 10.81
C LEU A 215 44.15 -25.41 11.90
N LEU A 216 43.02 -26.02 11.59
CA LEU A 216 41.96 -26.22 12.55
C LEU A 216 41.64 -27.70 12.63
N HIS A 217 41.73 -28.25 13.83
CA HIS A 217 41.37 -29.64 14.04
C HIS A 217 39.99 -29.70 14.67
N LYS A 218 39.06 -30.39 14.00
CA LYS A 218 37.75 -30.63 14.56
C LYS A 218 37.52 -32.11 14.74
N PRO A 219 36.62 -32.51 15.64
CA PRO A 219 36.19 -33.91 15.68
C PRO A 219 35.38 -34.24 14.44
N THR A 220 35.22 -35.54 14.17
CA THR A 220 34.45 -35.95 13.00
C THR A 220 32.98 -35.60 13.16
N THR A 221 32.44 -35.72 14.37
CA THR A 221 31.11 -35.21 14.70
C THR A 221 31.32 -33.83 15.28
N GLN A 222 30.78 -32.82 14.61
CA GLN A 222 31.25 -31.47 14.82
C GLN A 222 30.12 -30.48 14.65
N ILE A 223 30.28 -29.32 15.25
CA ILE A 223 29.44 -28.17 14.90
C ILE A 223 29.95 -27.63 13.57
N SER A 224 29.07 -27.58 12.58
CA SER A 224 29.44 -27.11 11.25
C SER A 224 28.96 -25.71 10.94
N ASP A 225 28.03 -25.18 11.72
CA ASP A 225 27.50 -23.84 11.51
C ASP A 225 26.64 -23.52 12.72
N PHE A 226 26.58 -22.24 13.05
CA PHE A 226 25.60 -21.81 14.02
C PHE A 226 25.24 -20.36 13.77
N HIS A 227 23.95 -20.05 13.86
CA HIS A 227 23.45 -18.70 13.68
C HIS A 227 22.83 -18.23 14.99
N VAL A 228 23.07 -16.97 15.33
CA VAL A 228 22.46 -16.34 16.50
C VAL A 228 21.57 -15.18 16.03
N ALA A 229 20.30 -15.26 16.34
CA ALA A 229 19.33 -14.21 16.13
C ALA A 229 18.84 -13.69 17.48
N THR A 230 18.46 -12.41 17.52
CA THR A 230 17.81 -11.85 18.70
C THR A 230 16.51 -11.19 18.29
N ARG A 231 15.42 -11.57 18.96
CA ARG A 231 14.11 -10.98 18.77
C ARG A 231 13.68 -10.26 20.04
N PHE A 232 12.90 -9.19 19.89
CA PHE A 232 12.55 -8.31 20.99
C PHE A 232 11.06 -8.04 21.03
N ASN A 233 10.60 -7.57 22.19
CA ASN A 233 9.30 -6.93 22.29
C ASN A 233 9.45 -5.44 21.97
N ASP A 234 8.34 -4.71 22.02
CA ASP A 234 8.31 -3.37 21.43
C ASP A 234 9.06 -2.36 22.26
N ASP A 235 9.30 -2.63 23.54
CA ASP A 235 10.14 -1.76 24.34
C ASP A 235 11.48 -2.40 24.70
N PHE A 236 11.80 -3.57 24.11
CA PHE A 236 13.12 -4.20 24.25
C PHE A 236 13.41 -4.63 25.68
N SER A 237 12.36 -4.95 26.44
CA SER A 237 12.52 -5.39 27.82
C SER A 237 12.58 -6.90 27.95
N ARG A 238 12.21 -7.63 26.92
CA ARG A 238 12.37 -9.08 26.87
C ARG A 238 12.96 -9.45 25.52
N ALA A 239 13.98 -10.28 25.55
CA ALA A 239 14.64 -10.72 24.34
C ALA A 239 14.61 -12.24 24.28
N VAL A 240 14.48 -12.77 23.07
CA VAL A 240 14.70 -14.18 22.82
C VAL A 240 15.95 -14.30 21.98
N LEU A 241 16.91 -15.04 22.48
CA LEU A 241 18.05 -15.43 21.67
C LEU A 241 17.70 -16.75 21.00
N GLU A 242 17.76 -16.77 19.69
CA GLU A 242 17.49 -17.96 18.91
C GLU A 242 18.81 -18.42 18.31
N ALA A 243 19.31 -19.58 18.73
CA ALA A 243 20.56 -20.09 18.20
C ALA A 243 20.24 -21.34 17.40
N GLU A 244 20.56 -21.33 16.12
CA GLU A 244 20.41 -22.50 15.27
C GLU A 244 21.78 -23.13 15.09
N VAL A 245 21.91 -24.39 15.46
CA VAL A 245 23.18 -25.09 15.41
C VAL A 245 23.06 -26.24 14.43
N GLN A 246 24.03 -26.37 13.53
CA GLN A 246 24.07 -27.47 12.58
C GLN A 246 25.29 -28.33 12.84
N MET A 247 25.13 -29.63 12.74
CA MET A 247 26.25 -30.55 12.90
C MET A 247 26.55 -31.22 11.57
N CYS A 248 27.77 -31.71 11.44
CA CYS A 248 28.12 -32.68 10.42
C CYS A 248 28.72 -33.89 11.11
N GLY A 249 28.60 -35.06 10.47
CA GLY A 249 29.09 -36.27 11.13
C GLY A 249 27.95 -37.19 11.54
N GLU A 250 28.25 -38.29 12.23
CA GLU A 250 27.21 -39.31 12.55
C GLU A 250 26.17 -38.82 13.55
N LEU A 251 24.89 -38.86 13.17
CA LEU A 251 23.81 -38.55 14.09
C LEU A 251 23.61 -39.71 15.05
N ARG A 252 23.80 -39.44 16.33
CA ARG A 252 23.52 -40.40 17.36
C ARG A 252 22.43 -39.84 18.25
N ASP A 253 21.62 -40.74 18.84
CA ASP A 253 20.54 -40.30 19.70
C ASP A 253 21.04 -39.71 21.02
N TYR A 254 22.27 -40.01 21.42
CA TYR A 254 22.83 -39.42 22.63
C TYR A 254 23.30 -38.00 22.43
N LEU A 255 23.42 -37.54 21.18
CA LEU A 255 24.02 -36.24 20.89
C LEU A 255 23.15 -35.11 21.41
N ARG A 256 23.79 -34.11 22.00
CA ARG A 256 23.09 -32.95 22.52
C ARG A 256 23.85 -31.68 22.16
N VAL A 257 23.12 -30.57 22.11
CA VAL A 257 23.69 -29.24 22.05
C VAL A 257 23.14 -28.44 23.22
N THR A 258 24.04 -27.79 23.95
CA THR A 258 23.69 -26.80 24.95
C THR A 258 24.18 -25.45 24.45
N VAL A 259 23.32 -24.45 24.50
CA VAL A 259 23.74 -23.08 24.25
C VAL A 259 23.53 -22.29 25.53
N SER A 260 24.62 -21.72 26.03
CA SER A 260 24.60 -20.92 27.24
C SER A 260 24.95 -19.47 26.91
N LEU A 261 24.30 -18.55 27.61
CA LEU A 261 24.52 -17.13 27.42
C LEU A 261 25.13 -16.58 28.70
N TRP A 262 26.21 -15.83 28.57
CA TRP A 262 26.95 -15.33 29.72
C TRP A 262 27.12 -13.82 29.60
N GLN A 263 26.94 -13.11 30.71
CA GLN A 263 27.31 -11.71 30.79
C GLN A 263 28.43 -11.66 31.82
N GLY A 264 29.64 -11.36 31.35
CA GLY A 264 30.82 -11.30 32.19
C GLY A 264 31.19 -12.63 32.79
N GLU A 265 30.55 -12.97 33.89
CA GLU A 265 30.77 -14.22 34.60
C GLU A 265 29.47 -14.92 34.95
N THR A 266 28.35 -14.22 34.89
CA THR A 266 27.05 -14.77 35.22
C THR A 266 26.43 -15.41 33.99
N GLN A 267 26.05 -16.67 34.11
CA GLN A 267 25.32 -17.34 33.06
C GLN A 267 23.87 -16.88 33.08
N VAL A 268 23.45 -16.21 32.01
CA VAL A 268 22.08 -15.61 31.98
C VAL A 268 21.05 -16.60 31.43
N ALA A 269 21.38 -17.35 30.37
CA ALA A 269 20.33 -18.20 29.75
C ALA A 269 20.96 -19.50 29.24
N SER A 270 20.26 -20.63 29.42
CA SER A 270 20.82 -21.84 28.86
C SER A 270 19.69 -22.68 28.30
N GLY A 271 20.05 -23.55 27.37
CA GLY A 271 19.09 -24.38 26.68
C GLY A 271 19.80 -25.61 26.20
N THR A 272 19.17 -26.76 26.34
CA THR A 272 19.77 -28.03 25.98
C THR A 272 18.74 -28.83 25.21
N ALA A 273 19.16 -29.41 24.08
CA ALA A 273 18.21 -30.05 23.20
C ALA A 273 18.94 -31.06 22.35
N PRO A 274 18.32 -32.18 22.02
CA PRO A 274 18.90 -33.06 21.00
C PRO A 274 18.68 -32.45 19.64
N PHE A 275 19.35 -33.05 18.66
CA PHE A 275 19.21 -32.58 17.30
C PHE A 275 17.84 -32.94 16.76
N GLY A 276 17.38 -32.14 15.82
CA GLY A 276 16.07 -32.32 15.28
C GLY A 276 15.34 -31.01 15.22
N GLY A 277 15.22 -30.48 14.01
CA GLY A 277 14.42 -29.29 13.79
C GLY A 277 12.94 -29.62 13.67
N GLU A 278 12.15 -28.56 13.71
CA GLU A 278 10.74 -28.61 13.39
C GLU A 278 10.57 -28.97 11.91
N ILE A 279 9.39 -29.50 11.57
CA ILE A 279 9.02 -29.88 10.21
C ILE A 279 9.07 -28.66 9.30
N ILE A 280 9.78 -28.80 8.19
CA ILE A 280 10.06 -27.73 7.26
C ILE A 280 9.12 -27.77 6.07
N ASP A 281 8.88 -28.97 5.54
CA ASP A 281 8.02 -29.12 4.37
C ASP A 281 7.46 -30.54 4.39
N GLU A 282 7.06 -31.03 3.22
CA GLU A 282 6.41 -32.34 3.12
C GLU A 282 7.35 -33.48 3.48
N ARG A 283 8.66 -33.29 3.29
CA ARG A 283 9.64 -34.34 3.58
C ARG A 283 10.08 -34.36 5.04
N GLY A 284 9.87 -33.27 5.78
CA GLY A 284 10.16 -33.26 7.18
C GLY A 284 10.95 -32.04 7.60
N GLY A 285 11.94 -32.24 8.47
CA GLY A 285 12.79 -31.18 8.94
C GLY A 285 14.24 -31.64 8.96
N TYR A 286 15.12 -30.76 9.40
CA TYR A 286 16.53 -31.07 9.44
C TYR A 286 16.82 -31.91 10.66
N ALA A 287 17.20 -33.16 10.45
CA ALA A 287 17.58 -33.97 11.59
C ALA A 287 18.96 -33.61 12.14
N ASP A 288 19.77 -32.87 11.39
CA ASP A 288 21.11 -32.46 11.80
C ASP A 288 21.16 -31.00 12.26
N ARG A 289 20.02 -30.43 12.62
CA ARG A 289 20.02 -29.10 13.18
C ARG A 289 19.15 -29.08 14.42
N VAL A 290 19.38 -28.09 15.26
CA VAL A 290 18.55 -27.87 16.43
C VAL A 290 18.59 -26.39 16.73
N THR A 291 17.44 -25.83 17.02
CA THR A 291 17.32 -24.43 17.36
C THR A 291 16.90 -24.29 18.83
N LEU A 292 17.73 -23.61 19.60
CA LEU A 292 17.47 -23.32 21.00
C LEU A 292 16.98 -21.89 21.14
N ARG A 293 15.97 -21.68 21.97
CA ARG A 293 15.47 -20.34 22.25
C ARG A 293 15.69 -20.04 23.71
N LEU A 294 16.46 -18.99 24.00
CA LEU A 294 16.73 -18.58 25.36
C LEU A 294 16.06 -17.24 25.63
N ASN A 295 15.32 -17.16 26.73
CA ASN A 295 14.72 -15.91 27.13
C ASN A 295 15.73 -15.07 27.91
N VAL A 296 15.83 -13.79 27.56
CA VAL A 296 16.62 -12.84 28.32
C VAL A 296 15.72 -11.68 28.70
N GLU A 297 15.58 -11.45 29.99
CA GLU A 297 14.75 -10.38 30.53
C GLU A 297 15.65 -9.20 30.78
N ASN A 298 15.22 -8.01 30.34
CA ASN A 298 15.93 -6.72 30.33
C ASN A 298 17.37 -6.87 29.83
N PRO A 299 17.59 -7.31 28.59
CA PRO A 299 18.96 -7.49 28.12
C PRO A 299 19.64 -6.15 27.95
N LYS A 300 20.93 -6.11 28.28
CA LYS A 300 21.73 -4.94 27.99
C LYS A 300 21.90 -4.88 26.47
N LEU A 301 21.36 -3.84 25.86
CA LEU A 301 21.36 -3.77 24.41
C LEU A 301 22.71 -3.30 23.90
N TRP A 302 23.05 -3.74 22.69
CA TRP A 302 24.30 -3.33 22.07
C TRP A 302 24.05 -2.07 21.24
N SER A 303 25.02 -1.17 21.26
CA SER A 303 25.02 -0.09 20.29
C SER A 303 26.45 0.44 20.20
N ALA A 304 26.66 1.37 19.27
CA ALA A 304 27.98 2.00 19.20
C ALA A 304 28.26 2.87 20.43
N GLU A 305 27.21 3.42 21.05
CA GLU A 305 27.39 4.23 22.25
C GLU A 305 27.73 3.36 23.45
N ILE A 306 27.03 2.24 23.60
CA ILE A 306 27.24 1.32 24.71
C ILE A 306 27.33 -0.09 24.15
N PRO A 307 28.51 -0.58 23.87
CA PRO A 307 28.61 -1.89 23.17
C PRO A 307 28.50 -3.08 24.10
N ASN A 308 27.32 -3.24 24.71
CA ASN A 308 27.09 -4.36 25.61
C ASN A 308 27.12 -5.69 24.88
N LEU A 309 27.98 -6.58 25.35
CA LEU A 309 28.17 -7.88 24.74
C LEU A 309 27.90 -8.97 25.75
N TYR A 310 27.27 -10.02 25.29
CA TYR A 310 27.15 -11.29 25.99
C TYR A 310 28.07 -12.28 25.29
N ARG A 311 28.31 -13.40 25.94
CA ARG A 311 29.10 -14.49 25.37
C ARG A 311 28.18 -15.69 25.21
N ALA A 312 28.04 -16.18 23.98
CA ALA A 312 27.28 -17.39 23.74
C ALA A 312 28.25 -18.54 23.57
N VAL A 313 28.01 -19.63 24.28
CA VAL A 313 28.81 -20.84 24.13
C VAL A 313 27.91 -21.91 23.55
N VAL A 314 28.40 -22.60 22.53
CA VAL A 314 27.64 -23.65 21.86
C VAL A 314 28.40 -24.94 22.11
N GLU A 315 27.85 -25.81 22.95
CA GLU A 315 28.51 -27.06 23.34
C GLU A 315 27.84 -28.20 22.61
N LEU A 316 28.63 -28.97 21.87
CA LEU A 316 28.23 -30.26 21.33
C LEU A 316 28.71 -31.31 22.32
N HIS A 317 27.77 -32.02 22.95
CA HIS A 317 28.10 -32.95 24.03
C HIS A 317 27.14 -34.13 24.00
N THR A 318 27.57 -35.25 24.58
CA THR A 318 26.68 -36.39 24.66
C THR A 318 25.68 -36.22 25.81
N ALA A 319 24.64 -37.07 25.80
CA ALA A 319 23.55 -36.94 26.75
C ALA A 319 23.96 -37.26 28.18
N ASP A 320 25.03 -38.02 28.38
CA ASP A 320 25.62 -38.21 29.70
C ASP A 320 26.62 -37.12 30.05
N GLY A 321 26.77 -36.11 29.20
CA GLY A 321 27.43 -34.88 29.59
C GLY A 321 28.87 -34.71 29.15
N THR A 322 29.35 -35.54 28.24
CA THR A 322 30.74 -35.48 27.78
C THR A 322 30.87 -34.48 26.64
N LEU A 323 31.74 -33.47 26.81
CA LEU A 323 31.92 -32.44 25.80
C LEU A 323 32.67 -33.00 24.61
N ILE A 324 32.14 -32.76 23.41
CA ILE A 324 32.78 -33.11 22.17
C ILE A 324 33.54 -31.92 21.60
N GLU A 325 32.89 -30.76 21.53
CA GLU A 325 33.49 -29.57 20.96
C GLU A 325 32.63 -28.40 21.37
N ALA A 326 33.28 -27.27 21.60
CA ALA A 326 32.58 -26.04 21.87
C ALA A 326 32.98 -25.00 20.84
N GLU A 327 32.04 -24.16 20.49
CA GLU A 327 32.30 -22.94 19.76
C GLU A 327 31.60 -21.82 20.49
N ALA A 328 31.90 -20.58 20.12
CA ALA A 328 31.36 -19.48 20.89
C ALA A 328 31.38 -18.22 20.06
N CYS A 329 30.60 -17.24 20.48
CA CYS A 329 30.68 -15.95 19.82
C CYS A 329 30.16 -14.91 20.78
N ASP A 330 30.59 -13.67 20.56
CA ASP A 330 30.03 -12.55 21.28
C ASP A 330 28.67 -12.23 20.69
N VAL A 331 27.71 -11.92 21.56
CA VAL A 331 26.36 -11.58 21.16
C VAL A 331 26.11 -10.14 21.57
N GLY A 332 25.60 -9.35 20.64
CA GLY A 332 25.10 -8.03 20.96
C GLY A 332 23.62 -8.07 20.72
N PHE A 333 22.83 -7.71 21.73
CA PHE A 333 21.38 -7.65 21.55
C PHE A 333 21.04 -6.31 20.90
N ARG A 334 20.71 -6.32 19.62
CA ARG A 334 20.22 -5.10 19.00
C ARG A 334 19.34 -5.47 17.82
N GLU A 335 18.42 -4.57 17.50
CA GLU A 335 17.51 -4.76 16.38
C GLU A 335 17.79 -3.64 15.40
N VAL A 336 18.06 -4.01 14.15
CA VAL A 336 18.26 -3.05 13.07
C VAL A 336 17.08 -3.20 12.11
N ARG A 337 16.40 -2.10 11.83
CA ARG A 337 15.19 -2.16 11.04
C ARG A 337 14.99 -0.81 10.37
N ILE A 338 14.42 -0.86 9.18
CA ILE A 338 13.94 0.34 8.52
C ILE A 338 12.44 0.36 8.71
N GLU A 339 11.92 1.41 9.33
CA GLU A 339 10.51 1.52 9.63
C GLU A 339 10.06 2.93 9.32
N ASN A 340 9.08 3.06 8.42
CA ASN A 340 8.50 4.34 8.00
C ASN A 340 9.57 5.25 7.41
N GLY A 341 10.47 4.66 6.64
CA GLY A 341 11.48 5.42 5.94
C GLY A 341 12.72 5.76 6.76
N LEU A 342 12.83 5.26 7.98
CA LEU A 342 13.99 5.54 8.82
C LEU A 342 14.70 4.26 9.24
N LEU A 343 16.03 4.32 9.27
CA LEU A 343 16.84 3.22 9.77
C LEU A 343 16.91 3.33 11.29
N LEU A 344 16.30 2.36 11.98
CA LEU A 344 16.27 2.38 13.44
C LEU A 344 17.25 1.37 14.00
N LEU A 345 17.90 1.74 15.10
CA LEU A 345 18.68 0.81 15.89
C LEU A 345 18.09 0.81 17.29
N ASN A 346 17.52 -0.34 17.70
CA ASN A 346 16.85 -0.48 18.99
C ASN A 346 15.69 0.51 19.12
N GLY A 347 14.96 0.69 18.02
CA GLY A 347 13.84 1.59 17.99
C GLY A 347 14.17 3.05 17.80
N LYS A 348 15.44 3.42 17.76
CA LYS A 348 15.76 4.82 17.64
C LYS A 348 16.41 5.11 16.29
N PRO A 349 16.08 6.24 15.66
CA PRO A 349 16.65 6.54 14.34
C PRO A 349 18.13 6.86 14.45
N LEU A 350 18.93 6.15 13.66
CA LEU A 350 20.37 6.36 13.68
C LEU A 350 20.74 7.65 12.97
N LEU A 351 21.82 8.26 13.43
CA LEU A 351 22.51 9.29 12.66
C LEU A 351 23.92 8.78 12.46
N ILE A 352 24.23 8.39 11.22
CA ILE A 352 25.45 7.67 10.89
C ILE A 352 26.58 8.69 10.73
N ARG A 353 27.55 8.63 11.65
CA ARG A 353 28.78 9.41 11.55
C ARG A 353 29.85 8.46 11.05
N GLY A 354 29.88 8.28 9.75
CA GLY A 354 30.60 7.16 9.20
C GLY A 354 31.85 7.55 8.46
N VAL A 355 32.69 6.57 8.22
CA VAL A 355 33.87 6.76 7.38
C VAL A 355 34.10 5.48 6.61
N ASN A 356 34.54 5.61 5.38
CA ASN A 356 35.02 4.46 4.64
C ASN A 356 36.44 4.13 5.05
N ARG A 357 36.74 2.85 5.19
CA ARG A 357 38.08 2.46 5.62
C ARG A 357 38.57 1.28 4.79
N HIS A 358 39.62 1.52 4.01
CA HIS A 358 40.37 0.45 3.36
C HIS A 358 41.32 -0.20 4.36
N GLU A 359 41.65 -1.47 4.11
CA GLU A 359 42.69 -2.13 4.87
C GLU A 359 44.02 -1.79 4.23
N HIS A 360 44.70 -0.79 4.78
CA HIS A 360 45.93 -0.28 4.22
C HIS A 360 46.93 0.00 5.33
N HIS A 361 48.16 -0.47 5.12
CA HIS A 361 49.29 -0.14 5.95
C HIS A 361 50.41 0.31 5.03
N PRO A 362 51.09 1.40 5.33
CA PRO A 362 52.09 1.95 4.40
C PRO A 362 53.34 1.09 4.27
N LEU A 363 53.64 0.25 5.26
CA LEU A 363 54.80 -0.64 5.20
C LEU A 363 54.44 -2.07 4.84
N HIS A 364 53.32 -2.56 5.34
CA HIS A 364 52.89 -3.92 5.10
C HIS A 364 51.86 -4.01 4.00
N GLY A 365 51.51 -2.91 3.37
CA GLY A 365 50.55 -2.93 2.28
C GLY A 365 49.13 -3.25 2.72
N GLN A 366 48.63 -4.43 2.38
CA GLN A 366 47.25 -4.77 2.65
C GLN A 366 47.13 -5.83 3.74
N VAL A 367 48.20 -6.06 4.48
CA VAL A 367 48.20 -6.96 5.63
C VAL A 367 47.79 -6.17 6.86
N MET A 368 46.69 -6.59 7.49
CA MET A 368 46.18 -5.91 8.66
C MET A 368 46.66 -6.62 9.91
N ASP A 369 46.97 -5.84 10.94
CA ASP A 369 47.34 -6.31 12.26
C ASP A 369 46.46 -5.63 13.28
N GLU A 370 46.32 -6.30 14.44
CA GLU A 370 45.43 -5.86 15.52
C GLU A 370 45.79 -4.49 16.06
N GLN A 371 47.08 -4.17 16.08
CA GLN A 371 47.55 -2.90 16.61
C GLN A 371 47.12 -1.74 15.73
N THR A 372 47.14 -1.94 14.41
CA THR A 372 46.67 -0.88 13.51
C THR A 372 45.16 -0.77 13.53
N MET A 373 44.46 -1.92 13.65
CA MET A 373 43.01 -1.92 13.75
C MET A 373 42.54 -1.18 14.99
N VAL A 374 43.22 -1.41 16.11
CA VAL A 374 42.81 -0.77 17.35
C VAL A 374 43.12 0.72 17.31
N GLN A 375 44.24 1.09 16.67
CA GLN A 375 44.59 2.50 16.53
C GLN A 375 43.59 3.24 15.65
N ASP A 376 43.10 2.57 14.60
CA ASP A 376 42.10 3.20 13.74
C ASP A 376 40.79 3.39 14.47
N ILE A 377 40.37 2.36 15.22
CA ILE A 377 39.08 2.40 15.90
C ILE A 377 39.07 3.46 16.98
N LEU A 378 40.18 3.58 17.72
CA LEU A 378 40.31 4.59 18.76
C LEU A 378 40.30 6.00 18.18
N LEU A 379 41.04 6.22 17.10
CA LEU A 379 41.04 7.53 16.46
C LEU A 379 39.69 7.87 15.86
N MET A 380 38.98 6.86 15.34
CA MET A 380 37.65 7.08 14.80
C MET A 380 36.67 7.48 15.90
N LYS A 381 36.69 6.77 17.02
CA LYS A 381 35.76 7.08 18.09
C LYS A 381 36.14 8.40 18.77
N GLN A 382 37.43 8.71 18.84
CA GLN A 382 37.88 9.96 19.42
C GLN A 382 37.51 11.18 18.57
N ASN A 383 37.24 10.98 17.29
CA ASN A 383 36.81 12.04 16.40
C ASN A 383 35.34 11.90 16.02
N ASN A 384 34.56 11.20 16.83
CA ASN A 384 33.10 11.22 16.80
C ASN A 384 32.52 10.51 15.58
N PHE A 385 33.23 9.49 15.09
CA PHE A 385 32.63 8.54 14.16
C PHE A 385 31.97 7.42 14.94
N ASN A 386 30.84 6.93 14.46
CA ASN A 386 30.20 5.76 15.05
C ASN A 386 30.03 4.60 14.08
N ALA A 387 30.53 4.73 12.86
CA ALA A 387 30.24 3.72 11.85
C ALA A 387 31.36 3.68 10.84
N VAL A 388 31.57 2.50 10.27
CA VAL A 388 32.61 2.32 9.29
C VAL A 388 32.08 1.43 8.18
N ARG A 389 32.39 1.78 6.94
CA ARG A 389 32.05 0.98 5.79
C ARG A 389 33.29 0.21 5.37
N CYS A 390 33.13 -1.09 5.15
CA CYS A 390 34.25 -1.96 4.74
C CYS A 390 34.45 -1.83 3.24
N SER A 391 34.96 -0.67 2.83
CA SER A 391 35.19 -0.42 1.37
C SER A 391 36.43 -1.17 0.90
N HIS A 392 36.30 -1.97 -0.16
CA HIS A 392 35.00 -2.56 -0.59
C HIS A 392 35.14 -4.08 -0.60
N TYR A 393 35.17 -4.71 0.57
CA TYR A 393 35.40 -6.15 0.67
C TYR A 393 35.23 -6.54 2.13
N PRO A 394 35.02 -7.84 2.40
CA PRO A 394 35.08 -8.32 3.78
C PRO A 394 36.47 -8.09 4.37
N ASN A 395 36.51 -7.60 5.59
CA ASN A 395 37.77 -7.27 6.20
C ASN A 395 38.34 -8.51 6.88
N HIS A 396 39.51 -8.31 7.49
CA HIS A 396 40.10 -9.28 8.40
C HIS A 396 39.10 -9.60 9.50
N PRO A 397 38.99 -10.87 9.91
CA PRO A 397 37.95 -11.29 10.88
C PRO A 397 38.04 -10.62 12.25
N LEU A 398 39.24 -10.18 12.65
CA LEU A 398 39.42 -9.48 13.90
C LEU A 398 38.74 -8.11 13.92
N TRP A 399 38.57 -7.49 12.74
CA TRP A 399 37.97 -6.16 12.64
C TRP A 399 36.55 -6.11 13.18
N TYR A 400 35.79 -7.15 12.92
CA TYR A 400 34.40 -7.17 13.35
C TYR A 400 34.31 -7.40 14.86
N THR A 401 35.23 -8.21 15.39
CA THR A 401 35.34 -8.41 16.83
C THR A 401 35.65 -7.11 17.54
N LEU A 402 36.60 -6.34 17.00
CA LEU A 402 36.97 -5.07 17.60
C LEU A 402 35.86 -4.05 17.47
N CYS A 403 35.12 -4.08 16.35
CA CYS A 403 33.96 -3.20 16.24
C CYS A 403 32.84 -3.62 17.19
N ASP A 404 32.66 -4.92 17.44
CA ASP A 404 31.73 -5.41 18.46
C ASP A 404 32.08 -4.84 19.83
N ARG A 405 33.36 -4.86 20.17
CA ARG A 405 33.79 -4.58 21.53
C ARG A 405 33.94 -3.09 21.80
N TYR A 406 34.37 -2.31 20.81
CA TYR A 406 34.52 -0.88 20.99
C TYR A 406 33.28 -0.08 20.63
N GLY A 407 32.43 -0.61 19.78
CA GLY A 407 31.25 0.10 19.39
C GLY A 407 31.44 0.88 18.11
N LEU A 408 31.32 0.21 16.98
CA LEU A 408 31.13 0.88 15.71
C LEU A 408 30.10 0.10 14.92
N TYR A 409 29.20 0.82 14.25
CA TYR A 409 28.34 0.18 13.28
C TYR A 409 29.15 -0.13 12.02
N VAL A 410 28.93 -1.31 11.45
CA VAL A 410 29.72 -1.76 10.32
C VAL A 410 28.79 -2.01 9.15
N VAL A 411 29.20 -1.53 7.98
CA VAL A 411 28.63 -1.95 6.70
C VAL A 411 29.59 -2.98 6.12
N ASP A 412 29.16 -4.22 6.04
CA ASP A 412 29.99 -5.31 5.55
C ASP A 412 29.68 -5.49 4.08
N GLU A 413 30.72 -5.40 3.23
CA GLU A 413 30.52 -5.25 1.79
C GLU A 413 31.16 -6.38 1.03
N ALA A 414 30.42 -6.94 0.07
CA ALA A 414 30.93 -8.04 -0.74
C ALA A 414 32.08 -7.56 -1.59
N ASN A 415 33.00 -8.49 -1.89
CA ASN A 415 34.20 -8.17 -2.66
C ASN A 415 33.86 -8.21 -4.16
N ILE A 416 33.08 -7.21 -4.59
CA ILE A 416 32.63 -7.14 -5.98
C ILE A 416 32.70 -5.69 -6.43
N GLU A 417 33.67 -5.36 -7.29
CA GLU A 417 33.67 -4.08 -7.98
C GLU A 417 34.13 -4.30 -9.42
N THR A 418 33.29 -3.93 -10.37
CA THR A 418 33.59 -4.11 -11.78
C THR A 418 33.63 -2.77 -12.51
N HIS A 419 34.21 -1.75 -11.85
CA HIS A 419 34.16 -0.35 -12.28
C HIS A 419 34.78 -0.12 -13.66
N GLY A 420 35.83 -0.86 -13.99
CA GLY A 420 36.47 -0.65 -15.27
C GLY A 420 35.75 -1.21 -16.48
N MET A 421 34.68 -1.97 -16.28
CA MET A 421 33.90 -2.51 -17.39
C MET A 421 33.17 -1.37 -18.12
N VAL A 422 32.83 -1.63 -19.38
CA VAL A 422 32.05 -0.67 -20.16
C VAL A 422 30.88 -1.39 -20.84
N PRO A 423 29.63 -1.16 -20.42
CA PRO A 423 29.24 -0.33 -19.28
C PRO A 423 29.59 -1.01 -17.97
N MET A 424 29.28 -0.35 -16.86
CA MET A 424 29.73 -0.84 -15.57
C MET A 424 29.07 -2.16 -15.17
N ASN A 425 27.89 -2.45 -15.70
CA ASN A 425 27.16 -3.66 -15.32
C ASN A 425 27.34 -4.80 -16.32
N ARG A 426 28.39 -4.76 -17.14
CA ARG A 426 28.58 -5.76 -18.21
C ARG A 426 28.74 -7.17 -17.66
N LEU A 427 29.37 -7.31 -16.50
CA LEU A 427 29.46 -8.61 -15.86
C LEU A 427 28.30 -8.84 -14.90
N THR A 428 27.85 -7.80 -14.20
CA THR A 428 26.84 -7.98 -13.17
C THR A 428 25.44 -8.17 -13.75
N ASP A 429 25.26 -7.88 -15.03
CA ASP A 429 24.03 -8.20 -15.71
C ASP A 429 24.13 -9.47 -16.53
N ASP A 430 25.24 -10.19 -16.42
CA ASP A 430 25.46 -11.42 -17.19
C ASP A 430 25.25 -12.60 -16.26
N PRO A 431 24.34 -13.53 -16.58
CA PRO A 431 24.10 -14.68 -15.69
C PRO A 431 25.25 -15.68 -15.64
N ARG A 432 26.18 -15.63 -16.61
CA ARG A 432 27.42 -16.40 -16.51
C ARG A 432 28.29 -15.98 -15.33
N TRP A 433 28.20 -14.73 -14.91
CA TRP A 433 28.96 -14.25 -13.75
C TRP A 433 28.14 -14.27 -12.47
N LEU A 434 26.89 -14.71 -12.54
CA LEU A 434 26.08 -14.84 -11.32
C LEU A 434 26.64 -15.85 -10.32
N PRO A 435 27.13 -17.04 -10.71
CA PRO A 435 27.78 -17.92 -9.72
C PRO A 435 29.01 -17.35 -9.04
N ALA A 436 29.85 -16.59 -9.75
CA ALA A 436 31.01 -15.99 -9.12
C ALA A 436 30.61 -14.87 -8.17
N MET A 437 29.64 -14.07 -8.56
CA MET A 437 29.20 -12.99 -7.69
C MET A 437 28.46 -13.54 -6.48
N SER A 438 27.74 -14.65 -6.68
CA SER A 438 26.95 -15.25 -5.60
C SER A 438 27.84 -15.78 -4.49
N GLU A 439 29.04 -16.24 -4.83
CA GLU A 439 29.94 -16.71 -3.79
C GLU A 439 30.57 -15.56 -3.01
N ARG A 440 30.74 -14.41 -3.63
CA ARG A 440 31.28 -13.27 -2.91
C ARG A 440 30.28 -12.71 -1.90
N VAL A 441 29.00 -12.85 -2.18
CA VAL A 441 27.96 -12.38 -1.27
C VAL A 441 27.63 -13.42 -0.22
N THR A 442 27.36 -14.67 -0.65
CA THR A 442 26.85 -15.68 0.28
C THR A 442 27.92 -16.11 1.27
N ARG A 443 29.17 -16.20 0.85
CA ARG A 443 30.23 -16.57 1.78
C ARG A 443 30.56 -15.44 2.74
N MET A 444 30.26 -14.20 2.38
CA MET A 444 30.42 -13.12 3.35
C MET A 444 29.34 -13.17 4.42
N VAL A 445 28.10 -13.44 4.03
CA VAL A 445 27.01 -13.51 5.00
C VAL A 445 27.15 -14.73 5.89
N GLN A 446 27.64 -15.85 5.35
CA GLN A 446 27.82 -17.03 6.18
C GLN A 446 28.95 -16.85 7.18
N ARG A 447 29.92 -16.01 6.85
CA ARG A 447 31.03 -15.79 7.76
C ARG A 447 30.70 -14.79 8.85
N ASP A 448 30.00 -13.71 8.52
CA ASP A 448 29.93 -12.56 9.40
C ASP A 448 28.56 -12.31 10.02
N ARG A 449 27.58 -13.20 9.79
CA ARG A 449 26.21 -12.91 10.21
C ARG A 449 25.98 -12.91 11.72
N ASN A 450 26.92 -13.42 12.52
CA ASN A 450 26.73 -13.36 13.96
C ASN A 450 27.32 -12.12 14.61
N HIS A 451 28.01 -11.26 13.86
CA HIS A 451 28.63 -10.10 14.48
C HIS A 451 27.60 -8.99 14.68
N PRO A 452 27.44 -8.49 15.92
CA PRO A 452 26.46 -7.41 16.13
C PRO A 452 26.87 -6.09 15.51
N SER A 453 28.16 -5.84 15.30
CA SER A 453 28.58 -4.56 14.73
C SER A 453 28.15 -4.42 13.29
N VAL A 454 28.06 -5.52 12.56
CA VAL A 454 27.56 -5.49 11.19
C VAL A 454 26.06 -5.21 11.24
N ILE A 455 25.66 -4.03 10.80
CA ILE A 455 24.25 -3.67 10.79
C ILE A 455 23.65 -3.64 9.39
N ILE A 456 24.47 -3.50 8.35
CA ILE A 456 24.00 -3.41 6.97
C ILE A 456 24.91 -4.25 6.09
N TRP A 457 24.32 -5.01 5.17
CA TRP A 457 25.08 -5.69 4.13
C TRP A 457 25.16 -4.82 2.90
N SER A 458 26.30 -4.85 2.22
CA SER A 458 26.44 -4.17 0.95
C SER A 458 26.75 -5.21 -0.13
N LEU A 459 26.17 -5.01 -1.31
CA LEU A 459 26.38 -5.92 -2.44
C LEU A 459 27.67 -5.67 -3.18
N GLY A 460 28.46 -4.70 -2.77
CA GLY A 460 29.69 -4.38 -3.44
C GLY A 460 29.70 -2.92 -3.78
N ASN A 461 30.46 -2.58 -4.81
CA ASN A 461 30.72 -1.18 -5.11
C ASN A 461 31.01 -1.04 -6.58
N GLU A 462 30.39 -0.04 -7.21
CA GLU A 462 30.69 0.46 -8.56
C GLU A 462 30.72 -0.65 -9.61
N SER A 463 29.62 -1.37 -9.67
CA SER A 463 29.46 -2.46 -10.62
C SER A 463 28.18 -2.32 -11.40
N GLY A 464 27.71 -1.07 -11.56
CA GLY A 464 26.47 -0.79 -12.27
C GLY A 464 25.30 -1.41 -11.52
N HIS A 465 24.20 -1.61 -12.23
CA HIS A 465 23.11 -2.40 -11.68
C HIS A 465 22.77 -3.46 -12.70
N GLY A 466 22.93 -4.72 -12.30
CA GLY A 466 22.56 -5.84 -13.14
C GLY A 466 21.57 -6.71 -12.41
N ALA A 467 21.04 -7.70 -13.12
CA ALA A 467 20.06 -8.60 -12.54
C ALA A 467 20.67 -9.48 -11.45
N ASN A 468 21.99 -9.75 -11.53
CA ASN A 468 22.68 -10.48 -10.48
C ASN A 468 22.63 -9.76 -9.14
N HIS A 469 22.65 -8.43 -9.16
CA HIS A 469 22.48 -7.64 -7.94
C HIS A 469 21.11 -7.84 -7.32
N ASP A 470 20.06 -7.84 -8.15
CA ASP A 470 18.70 -8.02 -7.68
C ASP A 470 18.51 -9.40 -7.07
N ALA A 471 19.14 -10.40 -7.70
CA ALA A 471 19.09 -11.77 -7.20
C ALA A 471 19.77 -11.89 -5.85
N LEU A 472 20.96 -11.29 -5.71
CA LEU A 472 21.74 -11.46 -4.49
C LEU A 472 21.22 -10.58 -3.37
N TYR A 473 20.61 -9.44 -3.72
CA TYR A 473 19.83 -8.65 -2.76
C TYR A 473 18.75 -9.52 -2.13
N ARG A 474 17.97 -10.22 -2.96
CA ARG A 474 16.83 -10.99 -2.47
C ARG A 474 17.28 -12.21 -1.70
N TRP A 475 18.43 -12.76 -2.08
CA TRP A 475 19.04 -13.86 -1.35
C TRP A 475 19.33 -13.45 0.08
N ILE A 476 19.98 -12.30 0.26
CA ILE A 476 20.37 -11.83 1.59
C ILE A 476 19.14 -11.53 2.43
N LYS A 477 18.12 -10.93 1.79
CA LYS A 477 16.86 -10.62 2.48
C LYS A 477 16.15 -11.87 2.92
N SER A 478 16.29 -12.98 2.18
CA SER A 478 15.68 -14.23 2.59
C SER A 478 16.49 -14.92 3.69
N VAL A 479 17.82 -14.87 3.60
CA VAL A 479 18.68 -15.62 4.51
C VAL A 479 18.89 -14.88 5.82
N ASP A 480 18.97 -13.56 5.76
CA ASP A 480 19.24 -12.74 6.94
C ASP A 480 18.33 -11.51 6.85
N PRO A 481 17.09 -11.62 7.32
CA PRO A 481 16.20 -10.45 7.37
C PRO A 481 16.53 -9.43 8.45
N SER A 482 17.48 -9.71 9.33
CA SER A 482 17.79 -8.84 10.46
C SER A 482 18.65 -7.65 10.08
N ARG A 483 19.09 -7.53 8.84
CA ARG A 483 19.97 -6.45 8.44
C ARG A 483 19.51 -5.90 7.09
N PRO A 484 19.42 -4.58 6.94
CA PRO A 484 19.19 -4.01 5.61
C PRO A 484 20.33 -4.31 4.65
N VAL A 485 19.99 -4.26 3.36
CA VAL A 485 20.94 -4.42 2.28
C VAL A 485 20.99 -3.11 1.52
N GLN A 486 22.19 -2.67 1.20
CA GLN A 486 22.33 -1.47 0.40
C GLN A 486 23.27 -1.73 -0.75
N TYR A 487 23.16 -0.89 -1.76
CA TYR A 487 24.05 -0.98 -2.90
C TYR A 487 23.90 0.28 -3.72
N GLU A 488 25.01 0.96 -3.97
CA GLU A 488 24.95 2.27 -4.62
C GLU A 488 24.77 2.17 -6.13
N GLY A 489 25.22 1.07 -6.75
CA GLY A 489 25.51 1.09 -8.17
C GLY A 489 24.26 1.21 -9.03
N GLY A 490 24.44 1.84 -10.19
CA GLY A 490 23.29 2.04 -11.04
C GLY A 490 22.35 3.12 -10.55
N GLY A 491 22.86 4.10 -9.83
CA GLY A 491 22.07 5.28 -9.51
C GLY A 491 21.63 5.44 -8.08
N ALA A 492 22.06 4.56 -7.16
CA ALA A 492 21.93 4.69 -5.71
C ALA A 492 20.53 4.44 -5.18
N ASP A 493 19.54 4.18 -6.02
CA ASP A 493 18.18 4.01 -5.55
C ASP A 493 17.46 2.88 -6.28
N THR A 494 18.22 1.89 -6.74
CA THR A 494 17.65 0.80 -7.50
C THR A 494 16.81 -0.11 -6.60
N THR A 495 16.30 -1.18 -7.20
CA THR A 495 15.62 -2.25 -6.47
C THR A 495 16.56 -3.12 -5.63
N ALA A 496 17.88 -2.98 -5.79
CA ALA A 496 18.86 -3.76 -5.05
C ALA A 496 19.34 -3.05 -3.80
N THR A 497 18.66 -2.02 -3.34
CA THR A 497 19.08 -1.35 -2.12
C THR A 497 17.87 -0.96 -1.29
N ASP A 498 17.99 -1.13 0.04
CA ASP A 498 17.00 -0.69 1.00
C ASP A 498 17.19 0.76 1.41
N ILE A 499 18.31 1.34 1.07
CA ILE A 499 18.70 2.67 1.50
C ILE A 499 19.15 3.43 0.27
N ILE A 500 18.66 4.65 0.10
CA ILE A 500 19.23 5.50 -0.94
C ILE A 500 20.65 5.82 -0.51
N CYS A 501 21.64 5.29 -1.21
CA CYS A 501 23.03 5.38 -0.76
C CYS A 501 23.93 5.96 -1.84
N PRO A 502 23.73 7.21 -2.23
CA PRO A 502 24.56 7.80 -3.29
C PRO A 502 25.97 8.08 -2.80
N MET A 503 26.86 8.23 -3.77
CA MET A 503 28.20 8.70 -3.54
C MET A 503 28.28 10.13 -4.03
N TYR A 504 28.68 11.05 -3.15
CA TYR A 504 29.02 12.43 -3.49
C TYR A 504 27.84 13.20 -4.06
N ALA A 505 26.63 12.83 -3.70
CA ALA A 505 25.50 13.70 -3.96
C ALA A 505 25.63 14.94 -3.10
N ARG A 506 25.34 16.08 -3.70
CA ARG A 506 25.52 17.30 -2.96
C ARG A 506 24.27 17.63 -2.16
N VAL A 507 24.42 18.58 -1.24
CA VAL A 507 23.32 18.88 -0.33
C VAL A 507 22.21 19.61 -1.07
N ASP A 508 22.57 20.64 -1.82
CA ASP A 508 21.61 21.52 -2.47
C ASP A 508 21.66 21.49 -4.00
N GLU A 509 22.75 21.02 -4.59
CA GLU A 509 22.96 21.11 -6.03
C GLU A 509 22.70 19.77 -6.69
N ASP A 510 21.81 19.73 -7.68
CA ASP A 510 21.64 18.54 -8.50
C ASP A 510 22.80 18.39 -9.48
N GLN A 511 23.12 17.14 -9.79
CA GLN A 511 24.11 16.79 -10.81
C GLN A 511 23.41 15.83 -11.77
N PRO A 512 22.77 16.35 -12.79
CA PRO A 512 21.80 15.54 -13.58
C PRO A 512 22.42 14.69 -14.69
N PHE A 513 23.29 13.74 -14.30
CA PHE A 513 23.90 12.80 -15.26
C PHE A 513 22.82 11.93 -15.89
N PRO A 514 23.06 11.41 -17.12
CA PRO A 514 21.94 10.99 -18.01
C PRO A 514 21.10 9.81 -17.54
N ALA A 515 21.72 8.75 -17.03
CA ALA A 515 20.98 7.62 -16.52
C ALA A 515 21.21 7.36 -15.05
N VAL A 516 22.23 7.99 -14.49
CA VAL A 516 22.54 7.84 -13.07
C VAL A 516 22.72 9.22 -12.46
N PRO A 517 21.67 10.01 -12.36
CA PRO A 517 21.82 11.38 -11.82
C PRO A 517 22.08 11.34 -10.34
N LYS A 518 22.82 12.32 -9.86
CA LYS A 518 23.04 12.50 -8.44
C LYS A 518 22.21 13.73 -8.08
N TRP A 519 20.98 13.50 -7.67
CA TRP A 519 20.17 14.57 -7.13
C TRP A 519 20.78 15.10 -5.85
N SER A 520 20.43 16.34 -5.52
CA SER A 520 20.70 16.84 -4.18
C SER A 520 19.94 15.97 -3.20
N ILE A 521 20.58 15.70 -2.05
CA ILE A 521 20.06 14.70 -1.13
C ILE A 521 18.75 15.14 -0.50
N LYS A 522 18.53 16.44 -0.38
CA LYS A 522 17.23 16.92 0.06
C LYS A 522 16.17 16.65 -1.00
N LYS A 523 16.51 16.88 -2.27
CA LYS A 523 15.55 16.67 -3.35
C LYS A 523 15.24 15.20 -3.56
N TRP A 524 16.27 14.35 -3.40
CA TRP A 524 16.15 12.91 -3.64
C TRP A 524 15.14 12.25 -2.74
N LEU A 525 15.01 12.74 -1.51
CA LEU A 525 14.09 12.16 -0.55
C LEU A 525 12.64 12.34 -0.96
N SER A 526 12.34 13.46 -1.63
CA SER A 526 10.93 13.78 -1.92
C SER A 526 10.52 13.44 -3.36
N LEU A 527 11.39 12.79 -4.13
CA LEU A 527 10.98 12.38 -5.47
C LEU A 527 9.77 11.47 -5.36
N PRO A 528 8.86 11.55 -6.34
CA PRO A 528 7.58 10.83 -6.26
C PRO A 528 7.77 9.32 -6.20
N GLY A 529 7.19 8.72 -5.17
CA GLY A 529 7.35 7.31 -4.90
C GLY A 529 8.58 6.94 -4.10
N GLU A 530 9.40 7.90 -3.67
CA GLU A 530 10.61 7.60 -2.92
C GLU A 530 10.31 7.65 -1.42
N THR A 531 10.53 6.55 -0.70
CA THR A 531 10.28 6.55 0.73
C THR A 531 11.44 6.10 1.60
N ARG A 532 12.53 5.63 1.02
CA ARG A 532 13.62 5.05 1.79
C ARG A 532 14.42 6.12 2.52
N PRO A 533 15.14 5.76 3.57
CA PRO A 533 16.11 6.68 4.15
C PRO A 533 17.26 6.86 3.18
N LEU A 534 18.01 7.93 3.37
CA LEU A 534 19.15 8.23 2.53
C LEU A 534 20.38 8.33 3.43
N ILE A 535 21.37 7.51 3.14
CA ILE A 535 22.65 7.53 3.84
C ILE A 535 23.72 7.44 2.76
N LEU A 536 24.54 8.47 2.62
CA LEU A 536 25.56 8.50 1.58
C LEU A 536 26.60 7.45 1.87
N CYS A 537 26.81 6.53 0.93
CA CYS A 537 27.84 5.53 1.18
C CYS A 537 29.22 6.15 1.07
N GLU A 538 29.37 7.22 0.28
CA GLU A 538 30.58 8.04 0.23
C GLU A 538 30.18 9.50 0.09
N TYR A 539 30.83 10.37 0.84
CA TYR A 539 30.67 11.80 0.64
C TYR A 539 31.87 12.49 1.27
N ALA A 540 32.05 13.76 0.91
CA ALA A 540 33.07 14.66 1.46
C ALA A 540 34.48 14.10 1.20
N HIS A 541 34.84 14.13 -0.08
CA HIS A 541 36.03 13.43 -0.56
C HIS A 541 37.27 14.10 -0.01
N ALA A 542 37.97 13.43 0.90
CA ALA A 542 38.98 14.08 1.75
C ALA A 542 40.38 14.10 1.12
N MET A 543 40.44 14.24 -0.19
CA MET A 543 41.68 14.24 -0.94
C MET A 543 42.46 15.51 -0.64
N GLY A 544 43.51 15.36 0.15
CA GLY A 544 44.39 16.47 0.44
C GLY A 544 43.71 17.51 1.29
N ASN A 545 43.89 18.76 0.91
CA ASN A 545 43.29 19.87 1.61
C ASN A 545 41.82 19.90 1.21
N SER A 546 40.96 19.27 1.99
CA SER A 546 39.60 19.09 1.52
C SER A 546 38.65 19.21 2.71
N LEU A 547 37.46 18.62 2.55
CA LEU A 547 36.33 18.69 3.46
C LEU A 547 35.74 20.09 3.55
N GLY A 548 35.92 20.89 2.52
CA GLY A 548 35.20 22.14 2.43
C GLY A 548 33.71 21.86 2.25
N GLY A 549 32.89 22.63 2.95
CA GLY A 549 31.47 22.41 2.85
C GLY A 549 30.96 21.25 3.68
N PHE A 550 31.78 20.72 4.59
CA PHE A 550 31.37 19.58 5.40
C PHE A 550 30.24 19.94 6.34
N ALA A 551 30.22 21.18 6.83
CA ALA A 551 29.17 21.62 7.74
C ALA A 551 27.80 21.69 7.07
N LYS A 552 27.77 21.90 5.75
CA LYS A 552 26.51 21.94 5.03
C LYS A 552 25.83 20.59 5.04
N TYR A 553 26.61 19.51 4.95
CA TYR A 553 26.07 18.17 5.07
C TYR A 553 25.46 17.94 6.44
N TRP A 554 26.17 18.35 7.48
CA TRP A 554 25.72 18.02 8.82
C TRP A 554 24.58 18.93 9.27
N GLN A 555 24.47 20.11 8.69
CA GLN A 555 23.25 20.89 8.87
C GLN A 555 22.08 20.16 8.24
N ALA A 556 22.29 19.59 7.05
CA ALA A 556 21.20 18.92 6.35
C ALA A 556 20.81 17.63 7.05
N PHE A 557 21.79 16.90 7.59
CA PHE A 557 21.50 15.66 8.30
C PHE A 557 20.69 15.94 9.55
N ARG A 558 20.99 17.01 10.24
CA ARG A 558 20.27 17.29 11.47
C ARG A 558 18.86 17.82 11.19
N GLN A 559 18.68 18.53 10.08
CA GLN A 559 17.37 19.09 9.80
C GLN A 559 16.39 18.06 9.22
N TYR A 560 16.87 17.15 8.39
CA TYR A 560 15.98 16.26 7.64
C TYR A 560 15.98 14.89 8.29
N PRO A 561 14.83 14.34 8.70
CA PRO A 561 14.84 13.03 9.38
C PRO A 561 15.30 11.85 8.52
N ARG A 562 14.93 11.81 7.24
CA ARG A 562 15.39 10.69 6.44
C ARG A 562 16.80 10.88 5.88
N LEU A 563 17.46 12.00 6.15
CA LEU A 563 18.90 12.11 5.86
C LEU A 563 19.63 11.61 7.09
N GLN A 564 20.05 10.35 7.07
CA GLN A 564 20.57 9.74 8.28
C GLN A 564 22.07 9.60 8.26
N GLY A 565 22.75 10.44 7.51
CA GLY A 565 24.18 10.59 7.64
C GLY A 565 24.90 10.05 6.43
N GLY A 566 26.10 9.56 6.64
CA GLY A 566 26.85 9.02 5.53
C GLY A 566 28.23 8.62 5.97
N PHE A 567 29.02 8.19 5.00
CA PHE A 567 30.35 7.67 5.24
C PHE A 567 31.33 8.53 4.47
N VAL A 568 32.23 9.21 5.18
CA VAL A 568 33.25 10.03 4.56
C VAL A 568 34.20 9.15 3.75
N TRP A 569 34.59 9.62 2.56
CA TRP A 569 35.70 9.02 1.81
C TRP A 569 36.94 9.88 2.02
N ASP A 570 37.97 9.31 2.66
CA ASP A 570 37.87 8.07 3.42
C ASP A 570 38.83 8.18 4.59
N TRP A 571 39.15 7.06 5.24
CA TRP A 571 39.82 7.16 6.53
C TRP A 571 41.31 7.48 6.40
N VAL A 572 42.04 6.66 5.65
CA VAL A 572 43.50 6.72 5.68
C VAL A 572 44.02 6.84 4.25
N ASP A 573 45.00 7.73 4.05
CA ASP A 573 45.74 7.83 2.80
C ASP A 573 46.33 6.47 2.42
N GLN A 574 46.20 6.09 1.14
CA GLN A 574 46.84 4.87 0.67
C GLN A 574 48.25 5.14 0.15
N SER A 575 49.05 5.90 0.87
CA SER A 575 50.43 6.07 0.49
C SER A 575 51.23 4.86 0.94
N LEU A 576 52.32 4.58 0.24
CA LEU A 576 53.28 3.56 0.60
C LEU A 576 54.63 4.21 0.83
N ILE A 577 55.44 3.60 1.65
CA ILE A 577 56.76 4.13 1.97
C ILE A 577 57.77 3.61 0.96
N LYS A 578 58.54 4.52 0.39
CA LYS A 578 59.75 4.15 -0.32
C LYS A 578 60.94 4.77 0.40
N TYR A 579 62.13 4.47 -0.08
CA TYR A 579 63.34 4.94 0.58
C TYR A 579 64.23 5.62 -0.44
N ASP A 580 64.74 6.77 -0.06
CA ASP A 580 65.72 7.46 -0.90
C ASP A 580 67.06 6.73 -0.77
N GLU A 581 68.05 7.14 -1.57
CA GLU A 581 69.36 6.48 -1.63
C GLU A 581 70.17 6.57 -0.34
N ASN A 582 69.88 7.55 0.52
CA ASN A 582 70.50 7.68 1.83
C ASN A 582 69.75 6.96 2.93
N GLY A 583 68.62 6.33 2.60
CA GLY A 583 67.85 5.55 3.55
C GLY A 583 66.63 6.24 4.12
N ASN A 584 66.39 7.51 3.78
CA ASN A 584 65.27 8.24 4.38
C ASN A 584 63.97 7.79 3.76
N PRO A 585 62.97 7.43 4.55
CA PRO A 585 61.69 7.00 3.97
C PRO A 585 60.90 8.19 3.45
N TRP A 586 60.07 7.94 2.44
CA TRP A 586 59.15 8.98 2.01
C TRP A 586 57.87 8.36 1.49
N SER A 587 56.79 9.12 1.60
CA SER A 587 55.47 8.65 1.23
C SER A 587 55.29 8.71 -0.28
N ALA A 588 54.94 7.56 -0.87
CA ALA A 588 54.83 7.41 -2.29
C ALA A 588 53.37 7.15 -2.67
N TYR A 589 53.00 7.59 -3.86
CA TYR A 589 51.66 7.33 -4.37
C TYR A 589 51.84 6.69 -5.74
N GLY A 590 50.73 6.61 -6.48
CA GLY A 590 50.53 6.19 -7.86
C GLY A 590 51.63 5.48 -8.62
N GLY A 591 52.30 6.19 -9.52
CA GLY A 591 53.36 5.65 -10.33
C GLY A 591 54.75 5.80 -9.78
N ASP A 592 54.92 5.77 -8.46
CA ASP A 592 56.24 5.84 -7.84
C ASP A 592 56.93 4.47 -7.79
N PHE A 593 56.31 3.42 -8.32
CA PHE A 593 56.92 2.10 -8.33
C PHE A 593 57.16 1.60 -9.76
N GLY A 594 57.15 2.50 -10.73
CA GLY A 594 57.17 2.12 -12.13
C GLY A 594 55.87 1.56 -12.66
N ASP A 595 54.81 1.64 -11.85
CA ASP A 595 53.51 0.99 -12.19
C ASP A 595 52.73 1.91 -13.14
N THR A 596 52.47 1.42 -14.36
CA THR A 596 51.72 2.22 -15.36
C THR A 596 50.77 1.28 -16.13
N PRO A 597 49.56 1.75 -16.52
CA PRO A 597 49.08 3.08 -16.18
C PRO A 597 48.73 3.22 -14.70
N ASN A 598 48.88 4.42 -14.14
CA ASN A 598 48.54 4.65 -12.75
C ASN A 598 47.71 5.92 -12.64
N ASP A 599 47.15 6.15 -11.46
CA ASP A 599 46.34 7.33 -11.27
C ASP A 599 46.91 8.28 -10.24
N ARG A 600 48.23 8.22 -9.99
CA ARG A 600 49.01 9.22 -9.25
C ARG A 600 48.51 9.35 -7.82
N GLN A 601 48.20 10.56 -7.36
CA GLN A 601 47.89 10.84 -5.98
C GLN A 601 46.44 10.58 -5.62
N PHE A 602 45.67 9.96 -6.50
CA PHE A 602 44.27 9.71 -6.20
C PHE A 602 44.07 8.59 -5.18
N CYS A 603 45.10 7.81 -4.84
CA CYS A 603 45.00 6.83 -3.78
C CYS A 603 44.99 7.46 -2.38
N MET A 604 45.35 8.73 -2.26
CA MET A 604 45.43 9.41 -0.97
C MET A 604 44.19 10.30 -0.81
N ASN A 605 43.16 9.75 -0.17
CA ASN A 605 41.92 10.46 0.09
C ASN A 605 41.59 10.49 1.57
N GLY A 606 42.58 10.38 2.43
CA GLY A 606 42.29 10.07 3.82
C GLY A 606 42.12 11.28 4.70
N LEU A 607 41.38 11.07 5.79
CA LEU A 607 41.35 12.00 6.90
C LEU A 607 42.64 11.93 7.72
N VAL A 608 43.34 10.81 7.65
CA VAL A 608 44.62 10.69 8.33
C VAL A 608 45.64 10.24 7.31
N PHE A 609 46.90 10.59 7.58
CA PHE A 609 48.03 10.06 6.86
C PHE A 609 48.13 8.55 7.07
N ALA A 610 48.96 7.90 6.22
CA ALA A 610 49.12 6.44 6.27
C ALA A 610 49.74 5.97 7.58
N ASP A 611 50.52 6.81 8.27
CA ASP A 611 50.98 6.53 9.61
C ASP A 611 49.97 6.92 10.70
N ARG A 612 48.74 7.26 10.31
CA ARG A 612 47.60 7.55 11.19
C ARG A 612 47.74 8.89 11.91
N THR A 613 48.64 9.76 11.47
CA THR A 613 48.65 11.14 11.95
C THR A 613 47.51 11.90 11.27
N PRO A 614 46.76 12.72 12.00
CA PRO A 614 45.56 13.34 11.40
C PRO A 614 45.90 14.44 10.40
N HIS A 615 45.14 14.49 9.32
CA HIS A 615 45.07 15.68 8.50
C HIS A 615 44.28 16.75 9.25
N PRO A 616 44.34 18.01 8.81
CA PRO A 616 43.53 19.05 9.46
C PRO A 616 42.03 18.88 9.28
N ALA A 617 41.58 18.18 8.24
CA ALA A 617 40.16 17.97 8.00
C ALA A 617 39.48 17.15 9.08
N LEU A 618 40.25 16.28 9.77
CA LEU A 618 39.72 15.40 10.81
C LEU A 618 39.09 16.17 11.96
N THR A 619 39.66 17.32 12.32
CA THR A 619 39.06 18.11 13.39
C THR A 619 37.77 18.76 12.95
N GLU A 620 37.64 19.11 11.67
CA GLU A 620 36.36 19.58 11.15
C GLU A 620 35.33 18.46 11.20
N ALA A 621 35.77 17.24 10.91
CA ALA A 621 34.88 16.09 10.98
C ALA A 621 34.44 15.83 12.42
N LYS A 622 35.36 16.00 13.38
CA LYS A 622 35.06 15.79 14.79
C LYS A 622 34.06 16.81 15.29
N HIS A 623 34.20 18.05 14.86
CA HIS A 623 33.33 19.10 15.35
C HIS A 623 31.93 18.95 14.78
N GLN A 624 31.81 18.68 13.48
CA GLN A 624 30.49 18.57 12.88
C GLN A 624 29.76 17.32 13.34
N GLN A 625 30.49 16.28 13.71
CA GLN A 625 29.90 15.01 14.12
C GLN A 625 29.72 14.90 15.61
N GLN A 626 29.93 15.98 16.36
CA GLN A 626 29.92 15.90 17.82
C GLN A 626 28.52 15.62 18.35
N PHE A 627 28.47 14.89 19.46
CA PHE A 627 27.20 14.35 19.94
C PHE A 627 26.47 15.31 20.85
N PHE A 628 27.02 16.48 21.09
CA PHE A 628 26.33 17.52 21.83
C PHE A 628 26.24 18.74 20.93
N GLN A 629 25.05 19.32 20.88
CA GLN A 629 24.81 20.52 20.09
C GLN A 629 24.43 21.66 21.01
N PHE A 630 24.81 22.87 20.65
CA PHE A 630 24.75 24.01 21.56
C PHE A 630 23.99 25.17 20.94
N ARG A 631 23.22 25.86 21.77
CA ARG A 631 22.54 27.09 21.41
C ARG A 631 22.70 28.06 22.55
N LEU A 632 23.05 29.30 22.24
CA LEU A 632 23.19 30.34 23.24
C LEU A 632 22.00 31.30 23.08
N SER A 633 21.06 31.24 24.03
CA SER A 633 19.97 32.20 24.06
C SER A 633 20.57 33.57 24.33
N GLY A 634 20.71 33.93 25.60
CA GLY A 634 21.39 35.16 25.93
C GLY A 634 22.50 34.94 26.94
N GLN A 635 22.16 34.48 28.13
CA GLN A 635 23.15 34.06 29.12
C GLN A 635 23.08 32.56 29.33
N THR A 636 22.17 31.90 28.63
CA THR A 636 21.94 30.49 28.84
C THR A 636 22.51 29.70 27.68
N ILE A 637 23.21 28.61 28.00
CA ILE A 637 23.66 27.63 27.02
C ILE A 637 22.68 26.49 27.10
N GLU A 638 22.09 26.13 25.98
CA GLU A 638 21.23 24.97 25.91
C GLU A 638 22.02 23.85 25.25
N VAL A 639 22.23 22.77 25.98
CA VAL A 639 22.95 21.61 25.47
C VAL A 639 21.95 20.57 25.00
N THR A 640 22.11 20.07 23.80
CA THR A 640 21.25 19.01 23.28
C THR A 640 22.10 17.77 23.08
N SER A 641 21.63 16.65 23.58
CA SER A 641 22.31 15.37 23.40
C SER A 641 21.83 14.72 22.12
N GLU A 642 22.78 14.30 21.28
CA GLU A 642 22.47 13.45 20.13
C GLU A 642 22.84 12.00 20.38
N TYR A 643 23.10 11.63 21.62
CA TYR A 643 23.12 10.22 21.97
C TYR A 643 21.71 9.65 21.99
N LEU A 644 21.55 8.43 21.50
CA LEU A 644 20.26 7.79 21.49
C LEU A 644 20.01 6.96 22.73
N PHE A 645 21.06 6.43 23.34
CA PHE A 645 20.92 5.39 24.34
C PHE A 645 21.57 5.67 25.67
N ARG A 646 22.58 6.51 25.73
CA ARG A 646 23.30 6.74 26.97
C ARG A 646 23.05 8.16 27.46
N HIS A 647 22.91 8.27 28.78
CA HIS A 647 22.96 9.52 29.50
C HIS A 647 24.39 10.05 29.47
N SER A 648 24.55 11.37 29.60
CA SER A 648 25.86 12.01 29.60
C SER A 648 26.52 11.83 30.96
N ASP A 649 27.03 10.63 31.20
CA ASP A 649 27.53 10.26 32.51
C ASP A 649 29.05 10.38 32.63
N ASN A 650 29.72 10.88 31.60
CA ASN A 650 31.16 11.06 31.62
C ASN A 650 31.49 12.38 30.92
N GLU A 651 30.79 13.44 31.30
CA GLU A 651 30.84 14.69 30.56
C GLU A 651 30.90 15.87 31.51
N LEU A 652 31.81 16.78 31.24
CA LEU A 652 31.96 18.01 32.02
C LEU A 652 32.07 19.19 31.07
N LEU A 653 31.10 20.09 31.13
CA LEU A 653 31.15 21.31 30.33
C LEU A 653 32.11 22.29 30.98
N HIS A 654 33.09 22.74 30.22
CA HIS A 654 33.96 23.85 30.59
C HIS A 654 33.56 25.03 29.71
N TRP A 655 33.35 26.18 30.32
CA TRP A 655 33.08 27.39 29.57
C TRP A 655 34.15 28.42 29.88
N MET A 656 34.42 29.28 28.92
CA MET A 656 35.39 30.33 29.11
C MET A 656 34.98 31.56 28.32
N VAL A 657 35.08 32.72 28.94
CA VAL A 657 34.86 33.98 28.26
C VAL A 657 36.19 34.70 28.16
N ALA A 658 36.59 35.07 26.95
CA ALA A 658 37.83 35.80 26.76
C ALA A 658 37.56 37.05 25.94
N LEU A 659 38.42 38.04 26.13
CA LEU A 659 38.33 39.31 25.41
C LEU A 659 39.51 39.38 24.44
N ASP A 660 39.31 38.81 23.26
CA ASP A 660 40.35 38.74 22.22
C ASP A 660 41.59 37.98 22.72
N GLY A 661 41.35 36.76 23.21
CA GLY A 661 42.41 35.88 23.64
C GLY A 661 42.65 35.86 25.12
N LYS A 662 42.42 36.98 25.78
CA LYS A 662 42.71 37.10 27.21
C LYS A 662 41.55 36.56 28.02
N PRO A 663 41.80 35.60 28.91
CA PRO A 663 40.71 34.99 29.69
C PRO A 663 40.16 35.95 30.73
N LEU A 664 38.85 36.13 30.72
CA LEU A 664 38.20 36.99 31.71
C LEU A 664 37.45 36.21 32.77
N ALA A 665 36.75 35.13 32.40
CA ALA A 665 35.99 34.30 33.32
C ALA A 665 36.01 32.87 32.81
N SER A 666 35.81 31.92 33.72
CA SER A 666 35.71 30.52 33.30
C SER A 666 35.04 29.73 34.41
N GLY A 667 34.45 28.59 34.02
CA GLY A 667 33.72 27.76 34.95
C GLY A 667 33.59 26.34 34.45
N GLU A 668 33.02 25.50 35.30
CA GLU A 668 32.81 24.08 35.02
C GLU A 668 31.40 23.72 35.44
N VAL A 669 30.74 22.93 34.61
CA VAL A 669 29.36 22.52 34.83
C VAL A 669 29.24 21.06 34.40
N PRO A 670 28.87 20.13 35.29
CA PRO A 670 28.64 18.75 34.85
C PRO A 670 27.43 18.62 33.93
N LEU A 671 27.59 17.82 32.88
CA LEU A 671 26.50 17.57 31.96
C LEU A 671 25.57 16.52 32.54
N ASP A 672 24.29 16.77 32.43
CA ASP A 672 23.24 15.95 33.00
C ASP A 672 22.12 16.00 31.99
N VAL A 673 22.34 15.36 30.85
CA VAL A 673 21.37 15.39 29.77
C VAL A 673 21.04 13.97 29.36
N ALA A 674 19.75 13.66 29.26
CA ALA A 674 19.27 12.38 28.80
C ALA A 674 19.58 12.21 27.31
N PRO A 675 19.46 10.98 26.79
CA PRO A 675 19.55 10.78 25.34
C PRO A 675 18.47 11.54 24.59
N GLN A 676 18.91 12.34 23.62
CA GLN A 676 18.04 13.21 22.82
C GLN A 676 17.36 14.30 23.63
N GLY A 677 17.93 14.67 24.77
CA GLY A 677 17.35 15.65 25.65
C GLY A 677 18.16 16.93 25.71
N LYS A 678 17.73 17.82 26.58
CA LYS A 678 18.32 19.13 26.65
C LYS A 678 18.65 19.48 28.09
N GLN A 679 19.72 20.23 28.28
CA GLN A 679 20.09 20.76 29.58
C GLN A 679 20.35 22.24 29.42
N LEU A 680 19.71 23.05 30.26
CA LEU A 680 19.92 24.48 30.25
C LEU A 680 20.99 24.82 31.27
N ILE A 681 21.98 25.59 30.85
CA ILE A 681 23.09 26.00 31.69
C ILE A 681 23.14 27.52 31.69
N GLU A 682 22.78 28.13 32.81
CA GLU A 682 22.80 29.59 32.92
C GLU A 682 24.19 30.03 33.38
N LEU A 683 24.88 30.76 32.52
CA LEU A 683 26.17 31.33 32.87
C LEU A 683 26.00 32.39 33.95
N PRO A 684 26.99 32.55 34.85
CA PRO A 684 26.97 33.67 35.81
C PRO A 684 27.05 35.05 35.18
N GLU A 685 27.07 36.08 36.02
CA GLU A 685 27.15 37.44 35.51
C GLU A 685 28.55 37.69 34.96
N LEU A 686 28.62 37.78 33.64
CA LEU A 686 29.90 37.96 32.98
C LEU A 686 30.40 39.37 33.26
N PRO A 687 31.71 39.57 33.26
CA PRO A 687 32.24 40.87 33.61
C PRO A 687 32.34 41.76 32.39
N GLN A 688 31.49 42.78 32.33
CA GLN A 688 31.43 43.68 31.19
C GLN A 688 32.71 44.52 31.20
N PRO A 689 33.75 44.18 30.40
CA PRO A 689 35.06 44.86 30.51
C PRO A 689 35.07 46.30 30.00
N GLU A 690 36.18 47.00 30.27
CA GLU A 690 36.31 48.41 29.83
C GLU A 690 37.16 48.46 28.55
N SER A 691 38.01 47.45 28.33
CA SER A 691 38.91 47.53 27.15
C SER A 691 38.14 47.21 25.87
N ALA A 692 38.39 47.95 24.79
CA ALA A 692 37.76 47.65 23.52
C ALA A 692 38.03 46.20 23.13
N GLY A 693 37.20 45.69 22.24
CA GLY A 693 37.41 44.36 21.70
C GLY A 693 36.18 43.48 21.85
N GLN A 694 36.28 42.30 21.25
CA GLN A 694 35.18 41.36 21.15
C GLN A 694 35.28 40.31 22.25
N LEU A 695 34.21 40.16 23.01
CA LEU A 695 34.12 39.09 24.00
C LEU A 695 33.71 37.81 23.30
N TRP A 696 34.36 36.70 23.64
CA TRP A 696 34.08 35.40 23.05
C TRP A 696 33.77 34.39 24.14
N LEU A 697 32.72 33.61 23.94
CA LEU A 697 32.39 32.51 24.84
C LEU A 697 32.72 31.20 24.13
N THR A 698 33.49 30.35 24.78
CA THR A 698 33.86 29.04 24.26
C THR A 698 33.46 27.99 25.28
N VAL A 699 32.74 26.96 24.84
CA VAL A 699 32.43 25.82 25.69
C VAL A 699 33.09 24.58 25.10
N ARG A 700 33.51 23.66 25.96
CA ARG A 700 34.07 22.39 25.54
C ARG A 700 33.56 21.32 26.48
N VAL A 701 33.08 20.21 25.93
CA VAL A 701 32.74 19.04 26.74
C VAL A 701 33.98 18.17 26.88
N VAL A 702 34.40 17.96 28.12
CA VAL A 702 35.51 17.08 28.43
C VAL A 702 34.94 15.82 29.08
N GLN A 703 35.58 14.68 28.82
CA GLN A 703 35.27 13.44 29.51
C GLN A 703 36.27 13.28 30.65
N PRO A 704 35.85 13.44 31.91
CA PRO A 704 36.83 13.35 33.01
C PRO A 704 37.36 11.95 33.22
N ASN A 705 36.63 10.92 32.82
CA ASN A 705 37.08 9.54 33.01
C ASN A 705 37.54 8.97 31.68
N ALA A 706 38.59 8.16 31.72
CA ALA A 706 38.99 7.40 30.55
C ALA A 706 37.91 6.40 30.20
N THR A 707 37.83 6.05 28.93
CA THR A 707 36.99 4.95 28.49
C THR A 707 37.89 3.89 27.91
N ALA A 708 37.29 2.92 27.22
CA ALA A 708 38.08 1.94 26.49
C ALA A 708 38.73 2.54 25.24
N TRP A 709 38.26 3.68 24.75
CA TRP A 709 38.71 4.29 23.50
C TRP A 709 39.25 5.71 23.66
N SER A 710 39.33 6.25 24.88
CA SER A 710 39.79 7.63 25.04
C SER A 710 40.41 7.82 26.42
N GLU A 711 41.35 8.75 26.49
CA GLU A 711 42.03 9.07 27.73
C GLU A 711 41.16 9.98 28.59
N ALA A 712 41.53 10.10 29.86
CA ALA A 712 40.93 11.09 30.74
C ALA A 712 41.21 12.50 30.21
N GLY A 713 40.19 13.36 30.27
CA GLY A 713 40.34 14.71 29.78
C GLY A 713 40.08 14.90 28.30
N HIS A 714 39.60 13.87 27.62
CA HIS A 714 39.29 13.93 26.20
C HIS A 714 38.18 14.94 25.92
N ILE A 715 38.43 15.82 24.96
CA ILE A 715 37.42 16.78 24.53
C ILE A 715 36.56 16.13 23.47
N SER A 716 35.26 16.15 23.66
CA SER A 716 34.38 15.49 22.69
C SER A 716 33.55 16.46 21.86
N ALA A 717 33.49 17.73 22.24
CA ALA A 717 32.58 18.67 21.59
C ALA A 717 32.94 20.07 22.06
N TRP A 718 32.66 21.05 21.22
CA TRP A 718 32.92 22.43 21.61
C TRP A 718 32.12 23.35 20.72
N GLN A 719 32.06 24.61 21.12
CA GLN A 719 31.35 25.61 20.33
C GLN A 719 31.75 26.96 20.87
N GLN A 720 31.76 27.95 20.00
CA GLN A 720 32.13 29.31 20.41
C GLN A 720 31.09 30.28 19.88
N TRP A 721 30.86 31.33 20.64
CA TRP A 721 29.95 32.40 20.27
C TRP A 721 30.61 33.74 20.51
N ARG A 722 30.22 34.71 19.70
CA ARG A 722 30.52 36.09 20.02
C ARG A 722 29.54 36.58 21.08
N LEU A 723 30.07 37.24 22.10
CA LEU A 723 29.24 37.92 23.08
C LEU A 723 29.18 39.42 22.77
N ALA A 724 29.24 40.26 23.80
CA ALA A 724 29.19 41.70 23.58
C ALA A 724 30.50 42.18 22.97
N GLU A 725 30.41 43.19 22.10
CA GLU A 725 31.56 43.85 21.50
C GLU A 725 31.58 45.30 21.93
N ASN A 726 32.76 45.83 22.18
CA ASN A 726 32.95 47.25 22.48
C ASN A 726 33.93 47.81 21.46
N LEU A 727 33.40 48.57 20.49
CA LEU A 727 34.23 49.20 19.48
C LEU A 727 35.10 50.26 20.12
N SER A 728 36.36 50.30 19.70
CA SER A 728 37.26 51.32 20.22
C SER A 728 37.04 52.62 19.49
N VAL A 729 36.93 53.71 20.26
CA VAL A 729 36.89 55.05 19.70
C VAL A 729 38.03 55.90 20.22
N THR A 730 39.02 55.29 20.87
CA THR A 730 40.13 56.04 21.43
C THR A 730 41.05 56.53 20.31
N LEU A 731 41.64 57.70 20.52
CA LEU A 731 42.50 58.30 19.51
C LEU A 731 43.98 58.03 19.80
N PRO A 732 44.75 57.75 18.74
CA PRO A 732 46.21 57.78 18.83
C PRO A 732 46.73 59.21 18.83
N ALA A 737 57.46 61.25 16.08
CA ALA A 737 58.07 62.22 15.16
C ALA A 737 57.23 62.38 13.91
N ILE A 738 57.92 62.50 12.78
CA ILE A 738 57.29 62.60 11.46
C ILE A 738 58.21 61.89 10.48
N PRO A 739 57.71 60.94 9.70
CA PRO A 739 58.59 60.19 8.80
C PRO A 739 59.07 61.04 7.62
N HIS A 740 60.33 60.86 7.28
CA HIS A 740 61.01 61.68 6.28
C HIS A 740 61.03 60.94 4.96
N LEU A 741 60.68 61.64 3.89
CA LEU A 741 60.52 61.04 2.58
C LEU A 741 61.66 61.45 1.65
N THR A 742 62.48 60.49 1.26
CA THR A 742 63.51 60.69 0.25
C THR A 742 62.95 60.33 -1.12
N THR A 743 63.09 61.22 -2.08
CA THR A 743 62.66 60.99 -3.46
C THR A 743 63.89 60.85 -4.35
N SER A 744 64.14 59.64 -4.81
CA SER A 744 65.06 59.47 -5.93
C SER A 744 64.25 59.14 -7.17
N GLU A 745 64.92 59.10 -8.32
CA GLU A 745 64.20 58.79 -9.55
C GLU A 745 63.78 57.33 -9.62
N MET A 746 64.47 56.46 -8.89
CA MET A 746 64.23 55.03 -8.92
C MET A 746 63.40 54.52 -7.73
N ASP A 747 63.33 55.26 -6.62
CA ASP A 747 62.70 54.75 -5.41
C ASP A 747 62.19 55.91 -4.57
N PHE A 748 61.21 55.60 -3.73
CA PHE A 748 60.81 56.43 -2.59
C PHE A 748 61.28 55.74 -1.31
N CYS A 749 61.98 56.49 -0.46
CA CYS A 749 62.49 55.98 0.81
C CYS A 749 61.94 56.82 1.94
N ILE A 750 61.35 56.15 2.93
CA ILE A 750 60.75 56.79 4.08
C ILE A 750 61.54 56.42 5.32
N GLU A 751 62.09 57.43 6.00
CA GLU A 751 62.92 57.27 7.17
C GLU A 751 62.15 57.72 8.41
N LEU A 752 62.15 56.88 9.43
CA LEU A 752 61.62 57.27 10.73
C LEU A 752 62.38 56.52 11.80
N GLY A 753 63.21 57.24 12.56
CA GLY A 753 64.00 56.60 13.58
C GLY A 753 65.06 55.72 12.97
N ASN A 754 65.22 54.51 13.47
CA ASN A 754 66.13 53.59 12.85
C ASN A 754 65.59 53.04 11.53
N LYS A 755 64.27 53.08 11.32
CA LYS A 755 63.60 52.32 10.28
C LYS A 755 63.59 53.02 8.93
N ARG A 756 63.45 52.21 7.88
CA ARG A 756 63.32 52.69 6.51
C ARG A 756 62.33 51.83 5.76
N TRP A 757 61.61 52.47 4.85
CA TRP A 757 60.75 51.77 3.90
C TRP A 757 61.19 52.18 2.51
N GLN A 758 61.30 51.22 1.62
CA GLN A 758 61.76 51.51 0.27
C GLN A 758 60.70 51.06 -0.72
N PHE A 759 60.29 51.99 -1.57
CA PHE A 759 59.30 51.72 -2.62
C PHE A 759 59.97 51.91 -3.96
N ASN A 760 60.12 50.81 -4.70
CA ASN A 760 60.63 50.85 -6.05
C ASN A 760 59.66 51.62 -6.93
N ARG A 761 60.11 52.75 -7.48
CA ARG A 761 59.22 53.57 -8.29
C ARG A 761 58.97 52.96 -9.66
N GLN A 762 59.82 52.03 -10.11
CA GLN A 762 59.59 51.38 -11.39
C GLN A 762 58.66 50.17 -11.26
N SER A 763 58.81 49.39 -10.20
CA SER A 763 57.86 48.31 -9.96
C SER A 763 56.61 48.78 -9.21
N GLY A 764 56.74 49.80 -8.36
CA GLY A 764 55.63 50.30 -7.60
C GLY A 764 55.37 49.57 -6.31
N PHE A 765 56.23 48.64 -5.93
CA PHE A 765 56.05 47.82 -4.74
C PHE A 765 57.02 48.22 -3.65
N LEU A 766 56.62 47.97 -2.41
CA LEU A 766 57.55 48.09 -1.29
C LEU A 766 58.61 47.01 -1.43
N SER A 767 59.82 47.41 -1.75
CA SER A 767 60.89 46.50 -2.13
C SER A 767 61.79 46.12 -0.97
N GLN A 768 61.90 46.95 0.06
CA GLN A 768 62.79 46.65 1.16
C GLN A 768 62.38 47.46 2.38
N MET A 769 62.65 46.89 3.55
CA MET A 769 62.40 47.49 4.85
C MET A 769 63.63 47.33 5.73
N TRP A 770 63.91 48.33 6.56
CA TRP A 770 65.08 48.34 7.44
C TRP A 770 64.63 48.46 8.89
N ILE A 771 64.98 47.48 9.73
CA ILE A 771 64.97 47.64 11.17
C ILE A 771 66.42 47.66 11.66
N GLY A 772 66.88 48.82 12.12
CA GLY A 772 68.26 48.90 12.53
C GLY A 772 69.16 48.94 11.31
N ASP A 773 70.01 47.93 11.12
CA ASP A 773 70.80 47.81 9.90
C ASP A 773 70.31 46.73 8.95
N LYS A 774 69.35 45.92 9.36
CA LYS A 774 69.09 44.65 8.72
C LYS A 774 67.85 44.73 7.84
N LYS A 775 68.00 44.24 6.61
CA LYS A 775 66.90 44.20 5.67
C LYS A 775 65.87 43.17 6.13
N GLN A 776 64.60 43.46 5.88
CA GLN A 776 63.54 42.59 6.37
C GLN A 776 62.91 41.73 5.29
N LEU A 777 63.07 42.08 4.01
CA LEU A 777 62.44 41.35 2.92
C LEU A 777 63.50 40.77 1.99
N LEU A 778 63.21 39.58 1.48
CA LEU A 778 63.99 39.00 0.40
C LEU A 778 63.27 39.10 -0.94
N THR A 779 61.99 39.43 -0.92
CA THR A 779 61.19 39.50 -2.10
C THR A 779 60.19 40.59 -1.79
N PRO A 780 59.88 41.47 -2.75
CA PRO A 780 59.02 42.64 -2.49
C PRO A 780 57.59 42.24 -2.12
N LEU A 781 56.94 43.12 -1.37
CA LEU A 781 55.53 42.89 -1.01
C LEU A 781 54.68 43.09 -2.26
N ARG A 782 54.00 42.05 -2.69
CA ARG A 782 53.32 42.04 -3.98
C ARG A 782 51.96 41.37 -3.86
N ASP A 783 51.00 41.84 -4.67
CA ASP A 783 49.69 41.20 -4.76
C ASP A 783 49.82 39.79 -5.30
N GLN A 784 48.92 38.94 -4.85
CA GLN A 784 48.89 37.54 -5.22
C GLN A 784 47.44 37.14 -5.40
N PHE A 785 47.13 36.53 -6.54
CA PHE A 785 45.78 36.15 -6.85
C PHE A 785 45.61 34.66 -7.06
N THR A 786 46.70 33.90 -6.94
CA THR A 786 46.72 32.48 -7.21
C THR A 786 47.08 31.74 -5.93
N ARG A 787 46.77 30.47 -5.92
CA ARG A 787 47.28 29.56 -4.91
C ARG A 787 47.84 28.35 -5.64
N ALA A 788 48.79 27.70 -4.99
CA ALA A 788 49.27 26.40 -5.44
C ALA A 788 48.10 25.45 -5.34
N PRO A 789 47.68 24.81 -6.45
CA PRO A 789 46.33 24.23 -6.52
C PRO A 789 46.16 23.02 -5.63
N LEU A 790 45.06 23.00 -4.90
CA LEU A 790 44.69 21.80 -4.18
C LEU A 790 44.30 20.70 -5.16
N ASP A 791 44.19 19.48 -4.63
CA ASP A 791 43.68 18.36 -5.40
C ASP A 791 42.25 18.57 -5.87
N ASN A 792 41.43 19.26 -5.07
CA ASN A 792 40.11 19.67 -5.52
C ASN A 792 40.18 20.71 -6.63
N ASP A 793 41.20 21.57 -6.64
CA ASP A 793 41.36 22.52 -7.74
C ASP A 793 41.73 21.81 -9.02
N ILE A 794 42.51 20.74 -8.90
CA ILE A 794 43.06 20.07 -10.07
C ILE A 794 42.01 19.20 -10.72
N GLY A 795 41.09 18.65 -9.92
CA GLY A 795 39.84 18.10 -10.43
C GLY A 795 39.97 16.87 -11.28
N VAL A 796 40.91 15.98 -10.93
CA VAL A 796 41.18 14.78 -11.69
C VAL A 796 41.01 13.57 -10.77
N SER A 797 40.33 12.54 -11.29
CA SER A 797 40.19 11.25 -10.63
C SER A 797 40.75 10.11 -11.46
N GLU A 798 40.96 10.34 -12.75
CA GLU A 798 41.68 9.43 -13.62
C GLU A 798 42.74 10.28 -14.29
N ALA A 799 43.99 9.79 -14.26
CA ALA A 799 45.14 10.54 -14.74
C ALA A 799 45.08 10.86 -16.24
N THR A 800 44.36 10.04 -17.03
CA THR A 800 44.26 10.24 -18.47
C THR A 800 43.21 11.27 -18.87
N ARG A 801 42.32 11.71 -17.98
CA ARG A 801 41.24 12.59 -18.36
C ARG A 801 41.29 13.89 -17.59
N ILE A 802 41.38 15.00 -18.32
CA ILE A 802 41.50 16.33 -17.72
C ILE A 802 40.14 17.00 -17.81
N ASP A 803 39.69 17.56 -16.70
CA ASP A 803 38.45 18.32 -16.66
C ASP A 803 38.74 19.75 -17.08
N PRO A 804 38.28 20.20 -18.24
CA PRO A 804 38.51 21.59 -18.66
C PRO A 804 37.77 22.61 -17.82
N ASN A 805 36.73 22.22 -17.07
CA ASN A 805 36.05 23.04 -16.08
C ASN A 805 36.73 23.03 -14.72
N ALA A 806 37.81 22.26 -14.55
CA ALA A 806 38.57 22.28 -13.31
C ALA A 806 39.17 23.67 -13.10
N TRP A 807 39.18 24.09 -11.83
CA TRP A 807 39.58 25.45 -11.45
C TRP A 807 41.01 25.77 -11.85
N VAL A 808 41.90 24.77 -11.75
CA VAL A 808 43.28 25.02 -12.15
C VAL A 808 43.38 25.11 -13.66
N GLU A 809 42.52 24.39 -14.39
CA GLU A 809 42.52 24.50 -15.85
C GLU A 809 42.01 25.86 -16.26
N ARG A 810 41.00 26.36 -15.57
CA ARG A 810 40.45 27.66 -15.89
C ARG A 810 41.40 28.79 -15.50
N TRP A 811 42.07 28.65 -14.34
CA TRP A 811 43.05 29.65 -13.94
C TRP A 811 44.25 29.68 -14.87
N LYS A 812 44.68 28.50 -15.33
CA LYS A 812 45.82 28.47 -16.22
C LYS A 812 45.47 29.01 -17.61
N ALA A 813 44.32 28.62 -18.14
CA ALA A 813 43.86 29.11 -19.43
C ALA A 813 43.58 30.60 -19.42
N ALA A 814 43.16 31.14 -18.29
CA ALA A 814 43.00 32.59 -18.15
C ALA A 814 44.32 33.30 -17.92
N GLY A 815 45.38 32.57 -17.63
CA GLY A 815 46.66 33.18 -17.40
C GLY A 815 46.84 33.79 -16.03
N HIS A 816 46.16 33.25 -15.01
CA HIS A 816 46.31 33.79 -13.66
C HIS A 816 47.71 33.57 -13.12
N TYR A 817 48.31 32.42 -13.45
CA TYR A 817 49.65 32.14 -12.97
C TYR A 817 50.73 32.81 -13.81
N GLN A 818 50.36 33.35 -14.98
CA GLN A 818 51.30 33.97 -15.89
C GLN A 818 51.15 35.48 -15.95
N ALA A 819 50.17 36.04 -15.25
CA ALA A 819 49.77 37.43 -15.44
C ALA A 819 50.83 38.39 -14.95
N GLU A 820 51.06 39.45 -15.72
CA GLU A 820 52.15 40.37 -15.50
C GLU A 820 51.59 41.70 -15.02
N ALA A 821 52.18 42.24 -13.96
CA ALA A 821 51.72 43.49 -13.39
C ALA A 821 52.23 44.69 -14.19
N ALA A 822 51.31 45.54 -14.63
CA ALA A 822 51.61 46.77 -15.34
C ALA A 822 51.41 47.97 -14.42
N LEU A 823 52.48 48.68 -14.11
CA LEU A 823 52.40 49.79 -13.17
C LEU A 823 51.67 50.97 -13.79
N LEU A 824 50.56 51.36 -13.17
CA LEU A 824 49.75 52.48 -13.64
C LEU A 824 50.08 53.78 -12.94
N GLN A 825 50.32 53.72 -11.64
CA GLN A 825 50.49 54.92 -10.84
C GLN A 825 51.33 54.59 -9.62
N CYS A 826 52.23 55.49 -9.26
CA CYS A 826 52.99 55.34 -8.03
C CYS A 826 53.52 56.71 -7.66
N THR A 827 52.84 57.39 -6.73
CA THR A 827 53.28 58.69 -6.27
C THR A 827 53.36 58.71 -4.75
N ALA A 828 54.01 59.75 -4.23
CA ALA A 828 54.28 59.91 -2.81
C ALA A 828 53.92 61.32 -2.39
N ASP A 829 53.23 61.44 -1.25
CA ASP A 829 52.84 62.78 -0.74
C ASP A 829 53.18 62.85 0.75
N THR A 830 53.75 63.96 1.19
CA THR A 830 54.16 64.11 2.62
C THR A 830 53.07 64.86 3.39
N LEU A 831 52.31 64.16 4.22
CA LEU A 831 51.28 64.78 5.04
C LEU A 831 51.96 65.57 6.16
N ALA A 832 51.17 66.13 7.07
CA ALA A 832 51.78 66.81 8.21
C ALA A 832 51.90 65.90 9.42
N ASP A 833 51.75 64.60 9.22
CA ASP A 833 51.95 63.61 10.27
C ASP A 833 52.35 62.25 9.71
N ALA A 834 52.51 62.12 8.41
CA ALA A 834 52.78 60.82 7.81
C ALA A 834 53.23 61.00 6.36
N VAL A 835 53.43 59.87 5.69
CA VAL A 835 53.74 59.84 4.27
C VAL A 835 52.79 58.86 3.62
N LEU A 836 52.29 59.20 2.44
CA LEU A 836 51.29 58.42 1.74
C LEU A 836 51.82 58.04 0.36
N ILE A 837 52.00 56.74 0.14
CA ILE A 837 52.39 56.20 -1.15
C ILE A 837 51.14 55.64 -1.78
N THR A 838 50.85 56.04 -3.01
CA THR A 838 49.68 55.58 -3.74
C THR A 838 50.15 54.81 -4.97
N THR A 839 49.64 53.60 -5.13
CA THR A 839 50.00 52.78 -6.27
C THR A 839 48.75 52.22 -6.93
N ALA A 840 48.89 51.94 -8.23
CA ALA A 840 47.87 51.22 -8.98
C ALA A 840 48.58 50.29 -9.94
N HIS A 841 48.16 49.04 -9.97
CA HIS A 841 48.71 48.06 -10.87
C HIS A 841 47.59 47.37 -11.64
N ALA A 842 47.91 47.00 -12.87
CA ALA A 842 47.04 46.16 -13.69
C ALA A 842 47.77 44.86 -13.98
N TRP A 843 47.10 43.74 -13.77
CA TRP A 843 47.61 42.42 -14.15
C TRP A 843 46.98 42.02 -15.47
N GLN A 844 47.81 41.62 -16.42
CA GLN A 844 47.32 41.34 -17.76
C GLN A 844 47.88 40.03 -18.30
N HIS A 845 47.08 39.36 -19.12
CA HIS A 845 47.51 38.20 -19.90
C HIS A 845 47.00 38.36 -21.32
N GLN A 846 47.91 38.69 -22.24
CA GLN A 846 47.60 38.81 -23.66
C GLN A 846 46.62 39.94 -23.93
N GLY A 847 46.90 41.10 -23.36
CA GLY A 847 46.08 42.26 -23.54
C GLY A 847 44.74 42.25 -22.86
N LYS A 848 44.52 41.34 -21.92
CA LYS A 848 43.31 41.34 -21.11
C LYS A 848 43.70 41.71 -19.69
N THR A 849 43.05 42.72 -19.15
CA THR A 849 43.31 43.11 -17.77
C THR A 849 42.48 42.20 -16.87
N LEU A 850 43.16 41.36 -16.10
CA LEU A 850 42.46 40.45 -15.20
C LEU A 850 42.10 41.14 -13.91
N PHE A 851 43.07 41.78 -13.29
CA PHE A 851 42.92 42.42 -11.99
C PHE A 851 43.54 43.80 -12.04
N ILE A 852 42.94 44.72 -11.29
CA ILE A 852 43.54 46.01 -10.98
C ILE A 852 43.67 46.11 -9.47
N SER A 853 44.82 46.54 -9.01
CA SER A 853 45.06 46.69 -7.59
C SER A 853 45.41 48.15 -7.33
N ARG A 854 44.65 48.79 -6.47
CA ARG A 854 44.93 50.15 -6.05
C ARG A 854 45.28 50.12 -4.57
N LYS A 855 46.36 50.80 -4.21
CA LYS A 855 46.87 50.74 -2.85
C LYS A 855 47.23 52.13 -2.37
N THR A 856 47.09 52.30 -1.06
CA THR A 856 47.68 53.44 -0.37
C THR A 856 48.49 52.89 0.80
N TYR A 857 49.71 53.38 0.96
CA TYR A 857 50.55 53.06 2.10
C TYR A 857 50.69 54.32 2.93
N ARG A 858 50.18 54.30 4.15
CA ARG A 858 50.28 55.44 5.05
C ARG A 858 51.26 55.11 6.16
N ILE A 859 52.41 55.76 6.13
CA ILE A 859 53.47 55.56 7.10
C ILE A 859 53.45 56.77 8.03
N ASP A 860 53.04 56.54 9.27
CA ASP A 860 52.88 57.61 10.22
C ASP A 860 54.15 57.78 11.07
N GLY A 861 54.10 58.74 11.98
CA GLY A 861 55.19 58.98 12.91
C GLY A 861 55.32 57.97 14.01
N SER A 862 54.31 57.12 14.21
CA SER A 862 54.33 56.07 15.22
C SER A 862 54.90 54.76 14.68
N GLY A 863 55.49 54.78 13.49
CA GLY A 863 56.11 53.62 12.89
C GLY A 863 55.17 52.66 12.19
N GLN A 864 53.85 52.84 12.31
CA GLN A 864 52.91 51.98 11.62
C GLN A 864 52.95 52.22 10.12
N MET A 865 52.60 51.18 9.37
CA MET A 865 52.37 51.31 7.94
C MET A 865 50.97 50.79 7.67
N ALA A 866 50.05 51.69 7.38
CA ALA A 866 48.67 51.36 7.08
C ALA A 866 48.56 51.10 5.59
N ILE A 867 48.14 49.91 5.22
CA ILE A 867 48.02 49.51 3.83
C ILE A 867 46.56 49.27 3.50
N THR A 868 46.06 49.98 2.50
CA THR A 868 44.71 49.83 2.01
C THR A 868 44.77 49.35 0.57
N VAL A 869 44.03 48.30 0.26
CA VAL A 869 44.06 47.67 -1.05
C VAL A 869 42.62 47.56 -1.55
N ASP A 870 42.38 48.09 -2.75
CA ASP A 870 41.12 47.91 -3.45
C ASP A 870 41.41 47.17 -4.75
N VAL A 871 40.79 46.01 -4.93
CA VAL A 871 41.06 45.14 -6.06
C VAL A 871 39.80 45.03 -6.89
N GLU A 872 39.94 45.22 -8.20
CA GLU A 872 38.89 44.95 -9.16
C GLU A 872 39.27 43.71 -9.96
N VAL A 873 38.31 42.81 -10.12
CA VAL A 873 38.47 41.59 -10.89
C VAL A 873 37.49 41.64 -12.05
N ALA A 874 37.99 41.35 -13.26
CA ALA A 874 37.13 41.25 -14.43
C ALA A 874 36.11 40.14 -14.24
N SER A 875 34.86 40.44 -14.56
CA SER A 875 33.75 39.50 -14.32
C SER A 875 33.86 38.29 -15.23
N ASP A 876 34.50 38.44 -16.38
CA ASP A 876 34.66 37.33 -17.32
C ASP A 876 35.89 36.48 -17.06
N THR A 877 36.79 36.89 -16.16
CA THR A 877 37.84 35.96 -15.80
C THR A 877 37.27 34.99 -14.77
N PRO A 878 37.82 33.77 -14.69
CA PRO A 878 37.45 32.87 -13.60
C PRO A 878 37.84 33.49 -12.27
N HIS A 879 37.00 33.25 -11.26
CA HIS A 879 37.17 33.90 -9.97
C HIS A 879 38.47 33.47 -9.33
N PRO A 880 39.27 34.39 -8.83
CA PRO A 880 40.61 34.03 -8.38
C PRO A 880 40.58 33.29 -7.06
N ALA A 881 41.60 32.44 -6.87
CA ALA A 881 41.73 31.64 -5.66
C ALA A 881 41.90 32.50 -4.41
N ARG A 882 42.51 33.67 -4.54
CA ARG A 882 42.73 34.52 -3.39
C ARG A 882 42.94 35.94 -3.86
N ILE A 883 42.75 36.86 -2.93
CA ILE A 883 43.10 38.26 -3.14
C ILE A 883 43.89 38.68 -1.92
N GLY A 884 45.18 38.80 -2.07
CA GLY A 884 45.99 39.16 -0.94
C GLY A 884 47.35 39.64 -1.35
N LEU A 885 48.26 39.60 -0.38
CA LEU A 885 49.61 40.06 -0.57
C LEU A 885 50.55 38.92 -0.21
N ASN A 886 51.77 38.98 -0.75
CA ASN A 886 52.73 37.88 -0.51
C ASN A 886 54.14 38.47 -0.51
N CYS A 887 54.99 38.02 0.41
CA CYS A 887 56.37 38.48 0.44
C CYS A 887 57.21 37.40 1.08
N GLN A 888 58.51 37.48 0.83
CA GLN A 888 59.47 36.59 1.43
C GLN A 888 60.17 37.40 2.52
N LEU A 889 59.84 37.11 3.77
CA LEU A 889 60.49 37.78 4.88
C LEU A 889 61.92 37.27 5.02
N ALA A 890 62.82 38.17 5.39
CA ALA A 890 64.19 37.73 5.62
C ALA A 890 64.32 36.92 6.91
N GLN A 891 63.40 37.13 7.86
CA GLN A 891 63.42 36.41 9.12
C GLN A 891 63.04 34.94 8.96
N VAL A 892 63.69 34.09 9.74
CA VAL A 892 63.20 32.75 10.02
C VAL A 892 63.07 32.66 11.54
N ALA A 893 61.85 32.82 12.05
CA ALA A 893 61.64 32.77 13.49
C ALA A 893 61.04 31.42 13.87
N GLU A 894 61.03 31.16 15.17
CA GLU A 894 60.66 29.82 15.60
C GLU A 894 59.16 29.67 15.83
N ARG A 895 58.50 30.70 16.32
CA ARG A 895 57.10 30.63 16.67
C ARG A 895 56.28 31.57 15.79
N VAL A 896 55.01 31.25 15.65
CA VAL A 896 54.02 32.14 15.04
C VAL A 896 52.97 32.40 16.08
N ASN A 897 52.66 33.67 16.30
CA ASN A 897 51.73 34.12 17.32
C ASN A 897 50.72 35.06 16.69
N TRP A 898 49.45 34.88 17.06
CA TRP A 898 48.39 35.48 16.26
C TRP A 898 47.00 35.26 16.87
N LEU A 899 46.13 36.21 16.60
CA LEU A 899 44.78 36.23 17.16
C LEU A 899 43.83 35.99 16.01
N GLY A 900 43.15 34.85 16.03
CA GLY A 900 42.36 34.44 14.89
C GLY A 900 41.83 33.03 15.10
N LEU A 901 41.37 32.42 14.02
CA LEU A 901 40.66 31.15 14.10
C LEU A 901 41.61 29.99 14.26
N GLY A 902 41.38 29.18 15.31
CA GLY A 902 41.76 27.80 15.47
C GLY A 902 43.23 27.60 15.65
N PRO A 903 43.66 26.54 16.34
CA PRO A 903 45.08 26.23 16.19
C PRO A 903 45.37 25.67 14.81
N GLN A 904 44.50 24.81 14.30
CA GLN A 904 44.81 24.09 13.08
C GLN A 904 44.51 24.94 11.85
N GLU A 905 44.99 24.45 10.71
CA GLU A 905 44.68 25.00 9.40
C GLU A 905 43.16 25.05 9.16
N ASN A 906 42.68 26.20 8.72
CA ASN A 906 41.27 26.38 8.46
C ASN A 906 41.09 27.28 7.24
N TYR A 907 40.06 27.00 6.47
CA TYR A 907 39.77 27.69 5.22
C TYR A 907 38.35 28.21 5.33
N PRO A 908 37.94 29.12 4.43
CA PRO A 908 36.58 29.70 4.49
C PRO A 908 35.45 28.70 4.38
N ASP A 909 35.70 27.60 3.68
CA ASP A 909 34.85 26.44 3.48
C ASP A 909 34.96 25.42 4.61
N ARG A 910 36.01 25.53 5.43
CA ARG A 910 36.34 24.54 6.45
C ARG A 910 36.90 25.26 7.68
N LEU A 911 36.03 25.93 8.43
CA LEU A 911 36.60 26.70 9.58
C LEU A 911 35.72 26.55 10.82
N THR A 912 34.67 25.72 10.74
CA THR A 912 33.76 25.66 11.88
C THR A 912 34.41 25.02 13.08
N ALA A 913 35.41 24.16 12.88
CA ALA A 913 36.07 23.53 14.02
C ALA A 913 37.06 24.46 14.67
N ALA A 914 37.51 25.47 13.97
CA ALA A 914 38.46 26.41 14.53
C ALA A 914 37.76 27.32 15.53
N CYS A 915 38.54 27.86 16.45
CA CYS A 915 38.01 28.79 17.42
C CYS A 915 38.86 30.04 17.41
N PHE A 916 38.22 31.16 17.70
CA PHE A 916 38.95 32.41 17.82
C PHE A 916 39.64 32.42 19.18
N ASP A 917 40.94 32.65 19.16
CA ASP A 917 41.72 32.75 20.39
C ASP A 917 43.10 33.25 20.02
N ARG A 918 43.94 33.46 21.02
CA ARG A 918 45.35 33.69 20.75
C ARG A 918 46.04 32.34 20.64
N TRP A 919 46.59 32.07 19.47
CA TRP A 919 47.26 30.81 19.21
C TRP A 919 48.76 31.07 19.04
N ASP A 920 49.56 30.10 19.44
CA ASP A 920 51.01 30.22 19.34
C ASP A 920 51.57 28.84 19.04
N LEU A 921 52.07 28.66 17.83
CA LEU A 921 52.59 27.38 17.39
C LEU A 921 53.99 27.57 16.83
N PRO A 922 54.80 26.51 16.84
CA PRO A 922 56.04 26.50 16.07
C PRO A 922 55.72 26.66 14.59
N LEU A 923 56.71 27.18 13.85
CA LEU A 923 56.53 27.51 12.45
C LEU A 923 56.31 26.28 11.58
N SER A 924 56.83 25.12 12.00
CA SER A 924 56.52 23.87 11.30
C SER A 924 55.05 23.49 11.46
N ASP A 925 54.41 23.89 12.56
CA ASP A 925 52.99 23.61 12.73
C ASP A 925 52.09 24.39 11.78
N MET A 926 52.59 25.47 11.19
CA MET A 926 51.88 26.30 10.23
C MET A 926 52.02 25.79 8.79
N TYR A 927 52.67 24.65 8.60
CA TYR A 927 52.77 23.99 7.30
C TYR A 927 52.17 22.61 7.44
N THR A 928 51.18 22.30 6.60
CA THR A 928 50.56 20.99 6.62
C THR A 928 51.23 20.12 5.56
N PRO A 929 51.91 19.06 5.94
CA PRO A 929 52.70 18.32 4.95
C PRO A 929 51.85 17.30 4.20
N TYR A 930 50.92 17.80 3.38
CA TYR A 930 50.20 16.95 2.43
C TYR A 930 51.20 16.31 1.49
N VAL A 931 50.98 15.01 1.22
CA VAL A 931 51.95 14.22 0.44
C VAL A 931 52.07 14.76 -0.97
N PHE A 932 50.94 15.08 -1.62
CA PHE A 932 50.98 15.93 -2.81
C PHE A 932 50.94 17.37 -2.35
N PRO A 933 51.99 18.16 -2.56
CA PRO A 933 52.04 19.52 -2.02
C PRO A 933 51.07 20.48 -2.70
N SER A 934 50.48 21.36 -1.90
CA SER A 934 49.53 22.33 -2.41
C SER A 934 49.51 23.50 -1.44
N GLU A 935 48.62 24.47 -1.70
CA GLU A 935 48.30 25.50 -0.71
C GLU A 935 47.80 24.84 0.58
N ASN A 936 48.30 25.32 1.70
CA ASN A 936 48.11 24.66 2.98
C ASN A 936 48.33 25.68 4.09
N GLY A 937 47.91 25.33 5.29
CA GLY A 937 48.32 26.07 6.46
C GLY A 937 47.65 27.40 6.66
N LEU A 938 46.62 27.72 5.87
CA LEU A 938 45.90 28.97 6.03
C LEU A 938 45.15 28.98 7.35
N ARG A 939 45.11 30.15 7.98
CA ARG A 939 44.26 30.40 9.14
C ARG A 939 43.41 31.61 8.82
N CYS A 940 42.10 31.48 8.98
CA CYS A 940 41.18 32.53 8.62
C CYS A 940 40.82 33.35 9.85
N GLY A 941 40.13 34.47 9.61
CA GLY A 941 39.58 35.28 10.68
C GLY A 941 40.62 35.91 11.58
N THR A 942 41.81 36.17 11.04
CA THR A 942 42.92 36.60 11.86
C THR A 942 42.92 38.12 11.98
N ARG A 943 42.97 38.61 13.20
CA ARG A 943 42.97 40.04 13.46
C ARG A 943 44.35 40.55 13.78
N GLU A 944 45.25 39.65 14.20
CA GLU A 944 46.61 40.05 14.50
C GLU A 944 47.53 38.86 14.26
N LEU A 945 48.68 39.12 13.65
CA LEU A 945 49.67 38.10 13.38
C LEU A 945 51.02 38.62 13.83
N ASN A 946 51.75 37.81 14.59
CA ASN A 946 53.08 38.17 15.07
C ASN A 946 54.08 37.15 14.59
N TYR A 947 55.15 37.61 13.95
CA TYR A 947 56.23 36.75 13.49
C TYR A 947 57.54 37.50 13.67
N GLY A 948 58.34 37.06 14.63
CA GLY A 948 59.52 37.79 15.03
C GLY A 948 59.14 39.15 15.56
N PRO A 949 59.77 40.19 15.03
CA PRO A 949 59.47 41.55 15.47
C PRO A 949 58.33 42.20 14.69
N HIS A 950 57.78 41.51 13.69
CA HIS A 950 56.73 42.05 12.86
C HIS A 950 55.35 41.76 13.44
N GLN A 951 54.43 42.69 13.23
CA GLN A 951 53.04 42.49 13.59
C GLN A 951 52.15 43.01 12.48
N TRP A 952 51.19 42.19 12.06
CA TRP A 952 50.19 42.59 11.09
C TRP A 952 48.83 42.55 11.76
N ARG A 953 48.07 43.62 11.60
CA ARG A 953 46.72 43.67 12.14
C ARG A 953 45.73 44.00 11.04
N GLY A 954 44.49 43.68 11.28
CA GLY A 954 43.44 43.87 10.32
C GLY A 954 42.42 42.75 10.46
N ASP A 955 42.00 42.22 9.31
CA ASP A 955 40.98 41.17 9.27
C ASP A 955 41.27 40.34 8.04
N PHE A 956 42.14 39.35 8.19
CA PHE A 956 42.73 38.69 7.04
C PHE A 956 42.81 37.19 7.30
N GLN A 957 43.24 36.49 6.26
CA GLN A 957 43.65 35.10 6.34
C GLN A 957 45.14 35.10 6.06
N PHE A 958 45.85 34.13 6.63
CA PHE A 958 47.26 34.05 6.33
C PHE A 958 47.69 32.59 6.29
N ASN A 959 48.80 32.36 5.60
CA ASN A 959 49.65 31.23 5.91
C ASN A 959 51.09 31.71 5.93
N ILE A 960 51.94 30.91 6.55
CA ILE A 960 53.32 31.30 6.72
C ILE A 960 54.14 30.04 6.79
N SER A 961 55.23 29.99 6.04
CA SER A 961 55.99 28.76 5.86
C SER A 961 57.27 29.10 5.13
N ARG A 962 58.13 28.10 4.96
CA ARG A 962 59.38 28.25 4.22
C ARG A 962 59.25 27.80 2.77
N TYR A 963 58.04 27.53 2.28
CA TYR A 963 57.83 27.14 0.90
C TYR A 963 56.93 28.15 0.20
N SER A 964 57.44 28.74 -0.88
CA SER A 964 56.64 29.61 -1.72
C SER A 964 55.53 28.82 -2.39
N GLN A 965 54.51 29.55 -2.85
CA GLN A 965 53.43 28.95 -3.62
C GLN A 965 53.91 28.35 -4.93
N GLN A 966 54.96 28.93 -5.52
CA GLN A 966 55.52 28.37 -6.75
C GLN A 966 56.15 27.01 -6.50
N GLN A 967 56.95 26.89 -5.42
CA GLN A 967 57.61 25.62 -5.12
C GLN A 967 56.61 24.55 -4.73
N LEU A 968 55.55 24.94 -4.00
CA LEU A 968 54.47 24.02 -3.69
C LEU A 968 53.75 23.55 -4.94
N MET A 969 53.60 24.44 -5.93
CA MET A 969 52.86 24.06 -7.12
C MET A 969 53.68 23.16 -8.03
N GLU A 970 54.99 23.31 -8.01
CA GLU A 970 55.88 22.61 -8.94
C GLU A 970 56.44 21.29 -8.39
N THR A 971 56.21 20.98 -7.12
CA THR A 971 56.78 19.82 -6.46
C THR A 971 55.69 18.77 -6.28
N SER A 972 55.96 17.55 -6.74
CA SER A 972 54.96 16.49 -6.75
C SER A 972 54.90 15.72 -5.43
N HIS A 973 55.94 15.83 -4.61
CA HIS A 973 56.02 15.09 -3.37
C HIS A 973 56.52 16.01 -2.27
N ARG A 974 56.00 15.78 -1.06
CA ARG A 974 56.37 16.59 0.08
C ARG A 974 57.83 16.40 0.48
N HIS A 975 58.43 15.24 0.18
CA HIS A 975 59.82 15.02 0.54
C HIS A 975 60.77 15.70 -0.43
N LEU A 976 60.28 16.14 -1.57
CA LEU A 976 61.08 16.89 -2.53
C LEU A 976 61.04 18.39 -2.27
N LEU A 977 60.24 18.84 -1.30
CA LEU A 977 60.27 20.24 -0.90
C LEU A 977 61.58 20.55 -0.19
N HIS A 978 62.10 21.74 -0.43
CA HIS A 978 63.25 22.30 0.29
C HIS A 978 62.85 23.64 0.87
N ALA A 979 63.30 23.91 2.10
CA ALA A 979 62.94 25.15 2.76
C ALA A 979 63.68 26.31 2.10
N GLU A 980 62.94 27.35 1.73
CA GLU A 980 63.57 28.52 1.13
C GLU A 980 64.13 29.41 2.23
N GLU A 981 64.93 30.39 1.82
CA GLU A 981 65.92 31.01 2.72
C GLU A 981 65.28 31.85 3.82
N GLY A 982 64.18 32.55 3.52
CA GLY A 982 63.42 33.26 4.50
C GLY A 982 62.08 32.61 4.78
N THR A 983 61.11 33.43 5.18
CA THR A 983 59.75 32.97 5.46
C THR A 983 58.79 33.57 4.43
N TRP A 984 58.08 32.71 3.71
CA TRP A 984 57.07 33.19 2.77
C TRP A 984 55.79 33.50 3.52
N LEU A 985 55.33 34.74 3.42
CA LEU A 985 54.12 35.20 4.08
C LEU A 985 53.05 35.48 3.04
N ASN A 986 51.91 34.82 3.15
CA ASN A 986 50.75 35.10 2.34
C ASN A 986 49.68 35.65 3.27
N ILE A 987 49.28 36.89 3.06
CA ILE A 987 48.19 37.51 3.80
C ILE A 987 47.08 37.84 2.82
N ASP A 988 45.93 37.25 3.04
CA ASP A 988 44.81 37.36 2.12
C ASP A 988 43.74 38.21 2.80
N GLY A 989 43.30 39.26 2.13
CA GLY A 989 41.98 39.75 2.42
C GLY A 989 40.94 38.67 2.21
N PHE A 990 41.04 37.97 1.07
CA PHE A 990 39.99 37.08 0.59
C PHE A 990 40.61 35.81 0.05
N HIS A 991 39.98 34.68 0.38
CA HIS A 991 40.51 33.35 -0.07
C HIS A 991 39.33 32.46 -0.46
N MET A 992 39.42 31.81 -1.62
CA MET A 992 38.37 30.94 -2.11
C MET A 992 38.22 29.72 -1.21
N GLY A 993 37.02 29.13 -1.19
CA GLY A 993 36.82 27.87 -0.51
C GLY A 993 37.59 26.75 -1.16
N ILE A 994 37.72 25.64 -0.45
CA ILE A 994 38.55 24.53 -0.97
C ILE A 994 37.73 23.43 -1.62
N GLY A 995 36.41 23.39 -1.40
CA GLY A 995 35.54 22.40 -1.96
C GLY A 995 35.83 21.03 -1.37
N GLY A 996 35.29 20.01 -2.00
CA GLY A 996 35.57 18.66 -1.57
C GLY A 996 34.35 17.77 -1.56
N ASP A 997 33.21 18.26 -2.06
CA ASP A 997 32.04 17.39 -2.31
C ASP A 997 32.41 16.24 -3.25
N ASP A 998 33.22 16.53 -4.26
CA ASP A 998 34.11 15.53 -4.83
C ASP A 998 35.38 16.25 -5.26
N SER A 999 36.32 15.48 -5.78
CA SER A 999 37.63 16.01 -6.13
C SER A 999 37.88 15.99 -7.63
N TRP A 1000 36.88 15.62 -8.42
CA TRP A 1000 37.03 15.43 -9.86
C TRP A 1000 36.08 16.30 -10.65
N SER A 1001 35.43 17.24 -9.99
CA SER A 1001 34.60 18.24 -10.64
C SER A 1001 34.70 19.49 -9.79
N PRO A 1002 34.25 20.62 -10.32
CA PRO A 1002 34.18 21.84 -9.50
C PRO A 1002 33.22 21.66 -8.33
N SER A 1003 33.72 21.89 -7.12
CA SER A 1003 32.97 21.57 -5.92
C SER A 1003 32.95 22.71 -4.92
N VAL A 1004 33.53 23.86 -5.24
CA VAL A 1004 33.41 25.01 -4.37
C VAL A 1004 32.06 25.64 -4.63
N SER A 1005 31.26 25.78 -3.57
CA SER A 1005 29.93 26.36 -3.71
C SER A 1005 30.06 27.83 -4.07
N ALA A 1006 29.01 28.34 -4.69
CA ALA A 1006 29.02 29.65 -5.34
C ALA A 1006 29.22 30.79 -4.34
N GLU A 1007 28.76 30.61 -3.11
CA GLU A 1007 28.98 31.65 -2.11
C GLU A 1007 30.39 31.64 -1.53
N LEU A 1008 31.22 30.64 -1.85
CA LEU A 1008 32.58 30.54 -1.37
C LEU A 1008 33.58 30.91 -2.47
N GLN A 1009 33.08 31.38 -3.61
CA GLN A 1009 33.90 31.81 -4.72
C GLN A 1009 34.06 33.33 -4.70
N LEU A 1010 35.21 33.81 -5.15
CA LEU A 1010 35.49 35.24 -5.06
C LEU A 1010 34.92 35.92 -6.31
N SER A 1011 33.61 36.12 -6.31
CA SER A 1011 32.86 36.54 -7.50
C SER A 1011 32.35 37.98 -7.41
N ALA A 1012 32.66 38.69 -6.34
CA ALA A 1012 32.09 40.02 -6.11
C ALA A 1012 32.64 41.08 -7.07
N GLY A 1013 33.75 40.84 -7.70
CA GLY A 1013 34.27 41.82 -8.65
C GLY A 1013 35.11 42.94 -8.09
N ARG A 1014 34.73 43.49 -6.94
CA ARG A 1014 35.54 44.49 -6.27
C ARG A 1014 35.76 44.07 -4.82
N TYR A 1015 36.98 44.29 -4.35
CA TYR A 1015 37.41 43.75 -3.09
C TYR A 1015 38.22 44.81 -2.38
N HIS A 1016 38.01 44.93 -1.09
CA HIS A 1016 38.74 45.89 -0.28
C HIS A 1016 39.24 45.20 0.98
N TYR A 1017 40.49 45.46 1.33
CA TYR A 1017 40.98 45.03 2.63
C TYR A 1017 42.05 46.02 3.07
N GLN A 1018 42.22 46.11 4.37
CA GLN A 1018 43.17 47.01 4.98
C GLN A 1018 44.03 46.21 5.94
N LEU A 1019 45.30 46.58 6.03
CA LEU A 1019 46.24 45.88 6.88
C LEU A 1019 47.13 46.92 7.54
N VAL A 1020 47.58 46.63 8.76
CA VAL A 1020 48.55 47.48 9.42
C VAL A 1020 49.76 46.62 9.75
N TRP A 1021 50.93 47.01 9.25
CA TRP A 1021 52.17 46.28 9.59
C TRP A 1021 52.95 47.06 10.65
N CYS A 1022 53.26 46.44 11.77
CA CYS A 1022 54.00 47.12 12.87
C CYS A 1022 55.05 46.16 13.44
N MET B 3 49.29 -34.77 -25.11
CA MET B 3 48.03 -35.49 -25.27
C MET B 3 47.64 -36.14 -23.96
N ILE B 4 48.50 -35.91 -22.96
CA ILE B 4 48.27 -36.40 -21.61
C ILE B 4 47.01 -35.79 -21.03
N THR B 5 46.80 -34.50 -21.26
CA THR B 5 45.67 -33.83 -20.65
C THR B 5 44.35 -34.22 -21.28
N ASP B 6 44.36 -34.76 -22.50
CA ASP B 6 43.13 -35.22 -23.12
C ASP B 6 42.72 -36.63 -22.72
N SER B 7 43.58 -37.35 -21.99
CA SER B 7 43.33 -38.75 -21.70
C SER B 7 42.20 -38.90 -20.70
N LEU B 8 41.59 -40.10 -20.71
CA LEU B 8 40.53 -40.41 -19.76
C LEU B 8 41.04 -40.42 -18.32
N ALA B 9 42.31 -40.81 -18.12
CA ALA B 9 42.90 -40.82 -16.78
C ALA B 9 43.03 -39.41 -16.20
N VAL B 10 43.22 -38.40 -17.05
CA VAL B 10 43.30 -37.03 -16.57
C VAL B 10 41.92 -36.41 -16.48
N VAL B 11 41.10 -36.59 -17.52
CA VAL B 11 39.82 -35.90 -17.62
C VAL B 11 38.86 -36.41 -16.55
N LEU B 12 38.91 -37.69 -16.24
CA LEU B 12 37.98 -38.26 -15.28
C LEU B 12 38.45 -38.10 -13.84
N GLN B 13 39.64 -37.54 -13.63
CA GLN B 13 40.22 -37.54 -12.31
C GLN B 13 39.67 -36.40 -11.44
N ARG B 14 39.23 -35.31 -12.04
CA ARG B 14 38.61 -34.25 -11.26
C ARG B 14 37.24 -34.68 -10.75
N ARG B 15 36.60 -35.62 -11.46
CA ARG B 15 35.27 -36.12 -11.18
C ARG B 15 34.27 -34.96 -11.16
N ASP B 16 34.18 -34.30 -12.33
CA ASP B 16 33.35 -33.13 -12.52
C ASP B 16 31.86 -33.41 -12.36
N TRP B 17 31.42 -34.66 -12.50
CA TRP B 17 30.05 -35.09 -12.22
C TRP B 17 29.77 -35.36 -10.75
N GLU B 18 30.69 -35.04 -9.86
CA GLU B 18 30.48 -35.09 -8.43
C GLU B 18 30.89 -33.78 -7.79
N ASN B 19 30.40 -32.70 -8.34
CA ASN B 19 30.87 -31.38 -7.95
C ASN B 19 29.86 -30.35 -8.43
N PRO B 20 29.02 -29.81 -7.54
CA PRO B 20 28.04 -28.80 -7.99
C PRO B 20 28.65 -27.46 -8.35
N GLY B 21 29.90 -27.20 -7.97
CA GLY B 21 30.61 -26.04 -8.46
C GLY B 21 31.08 -26.14 -9.90
N VAL B 22 31.00 -27.31 -10.53
CA VAL B 22 31.32 -27.44 -11.94
C VAL B 22 30.09 -28.03 -12.63
N THR B 23 29.32 -27.17 -13.27
CA THR B 23 28.17 -27.63 -14.04
C THR B 23 28.45 -27.71 -15.53
N GLN B 24 29.61 -27.25 -15.97
CA GLN B 24 30.01 -27.24 -17.36
C GLN B 24 31.47 -26.86 -17.42
N LEU B 25 32.10 -27.22 -18.52
CA LEU B 25 33.40 -26.67 -18.84
C LEU B 25 33.38 -26.30 -20.32
N ASN B 26 33.72 -25.04 -20.60
CA ASN B 26 33.86 -24.54 -21.96
C ASN B 26 32.55 -24.53 -22.74
N ARG B 27 31.42 -24.46 -22.05
CA ARG B 27 30.14 -24.37 -22.73
C ARG B 27 29.87 -22.93 -23.15
N LEU B 28 29.32 -22.77 -24.35
CA LEU B 28 29.01 -21.44 -24.83
C LEU B 28 27.79 -20.88 -24.12
N ALA B 29 27.55 -19.58 -24.31
CA ALA B 29 26.42 -18.93 -23.67
C ALA B 29 25.11 -19.40 -24.28
N ALA B 30 24.07 -19.41 -23.47
CA ALA B 30 22.74 -19.73 -23.92
C ALA B 30 22.17 -18.57 -24.71
N HIS B 31 21.16 -18.86 -25.51
CA HIS B 31 20.63 -17.88 -26.44
C HIS B 31 19.35 -18.42 -27.06
N PRO B 32 18.56 -17.60 -27.74
CA PRO B 32 17.41 -18.10 -28.50
C PRO B 32 17.86 -18.97 -29.66
N PRO B 33 16.91 -19.68 -30.26
CA PRO B 33 17.22 -20.64 -31.34
C PRO B 33 17.76 -19.95 -32.58
N PHE B 34 18.90 -20.42 -33.04
CA PHE B 34 19.62 -19.80 -34.15
C PHE B 34 19.66 -20.77 -35.32
N ALA B 35 19.71 -20.21 -36.52
CA ALA B 35 19.95 -21.00 -37.71
C ALA B 35 21.05 -20.44 -38.60
N SER B 36 21.47 -19.18 -38.41
CA SER B 36 22.54 -18.53 -39.17
C SER B 36 22.26 -18.52 -40.68
N TRP B 37 21.09 -18.00 -41.02
CA TRP B 37 20.74 -17.80 -42.41
C TRP B 37 21.68 -16.79 -43.06
N ARG B 38 22.19 -17.13 -44.24
CA ARG B 38 22.93 -16.18 -45.03
C ARG B 38 22.07 -15.52 -46.09
N ASN B 39 20.76 -15.75 -46.04
CA ASN B 39 19.79 -15.12 -46.91
C ASN B 39 18.59 -14.70 -46.06
N SER B 40 18.24 -13.41 -46.15
CA SER B 40 17.14 -12.87 -45.36
C SER B 40 15.80 -13.43 -45.77
N GLU B 41 15.63 -13.77 -47.05
CA GLU B 41 14.37 -14.35 -47.50
C GLU B 41 14.18 -15.75 -46.94
N GLU B 42 15.27 -16.53 -46.85
CA GLU B 42 15.17 -17.86 -46.27
C GLU B 42 14.86 -17.79 -44.78
N ALA B 43 15.42 -16.79 -44.09
CA ALA B 43 15.11 -16.60 -42.67
C ALA B 43 13.66 -16.21 -42.46
N ARG B 44 13.13 -15.37 -43.36
CA ARG B 44 11.74 -14.96 -43.24
C ARG B 44 10.79 -16.13 -43.45
N THR B 45 11.09 -16.99 -44.41
CA THR B 45 10.18 -18.09 -44.66
C THR B 45 10.54 -19.33 -43.86
N ASP B 46 11.63 -19.29 -43.08
CA ASP B 46 12.05 -20.39 -42.21
C ASP B 46 12.38 -21.65 -42.98
N ARG B 47 12.86 -21.50 -44.22
CA ARG B 47 13.43 -22.61 -44.94
C ARG B 47 14.67 -23.11 -44.22
N PRO B 48 15.00 -24.40 -44.40
CA PRO B 48 16.13 -25.00 -43.67
C PRO B 48 17.47 -24.39 -44.07
N SER B 49 18.22 -23.98 -43.06
CA SER B 49 19.47 -23.29 -43.29
C SER B 49 20.56 -24.31 -43.53
N GLN B 50 21.40 -24.06 -44.52
CA GLN B 50 22.50 -24.99 -44.76
C GLN B 50 23.66 -24.81 -43.80
N GLN B 51 23.63 -23.79 -42.93
CA GLN B 51 24.61 -23.52 -41.89
C GLN B 51 24.29 -24.23 -40.60
N LEU B 52 23.13 -24.85 -40.52
CA LEU B 52 22.70 -25.62 -39.36
C LEU B 52 22.59 -27.07 -39.82
N ARG B 53 23.56 -27.89 -39.44
CA ARG B 53 23.64 -29.27 -39.88
C ARG B 53 23.15 -30.19 -38.77
N SER B 54 22.30 -31.15 -39.13
CA SER B 54 21.82 -32.14 -38.17
C SER B 54 22.72 -33.37 -38.20
N LEU B 55 23.24 -33.75 -37.03
CA LEU B 55 24.01 -34.97 -36.88
C LEU B 55 23.21 -36.11 -36.28
N ASN B 56 21.87 -36.03 -36.26
CA ASN B 56 21.06 -37.16 -35.86
C ASN B 56 21.20 -38.28 -36.87
N GLY B 57 21.06 -39.50 -36.40
CA GLY B 57 21.17 -40.64 -37.26
C GLY B 57 21.94 -41.76 -36.60
N GLU B 58 22.77 -42.44 -37.38
CA GLU B 58 23.50 -43.58 -36.87
C GLU B 58 24.78 -43.11 -36.18
N TRP B 59 24.93 -43.50 -34.94
CA TRP B 59 26.15 -43.27 -34.19
C TRP B 59 26.67 -44.62 -33.72
N ARG B 60 27.94 -44.66 -33.33
CA ARG B 60 28.45 -45.86 -32.69
C ARG B 60 28.30 -45.70 -31.18
N PHE B 61 27.95 -46.79 -30.50
CA PHE B 61 27.63 -46.72 -29.07
C PHE B 61 28.21 -47.91 -28.34
N ALA B 62 28.86 -47.64 -27.21
CA ALA B 62 29.28 -48.67 -26.28
C ALA B 62 28.82 -48.31 -24.88
N TRP B 63 28.31 -49.30 -24.14
CA TRP B 63 27.89 -49.14 -22.75
C TRP B 63 28.95 -49.68 -21.82
N PHE B 64 29.20 -48.96 -20.74
CA PHE B 64 30.12 -49.42 -19.72
C PHE B 64 29.51 -49.20 -18.34
N PRO B 65 29.86 -50.07 -17.37
CA PRO B 65 29.21 -49.98 -16.05
C PRO B 65 29.72 -48.81 -15.23
N ALA B 66 30.85 -48.23 -15.60
CA ALA B 66 31.39 -47.05 -14.95
C ALA B 66 32.30 -46.36 -15.95
N PRO B 67 32.58 -45.07 -15.75
CA PRO B 67 33.46 -44.37 -16.70
C PRO B 67 34.90 -44.85 -16.66
N GLU B 68 35.35 -45.42 -15.53
CA GLU B 68 36.68 -45.98 -15.43
C GLU B 68 36.89 -47.21 -16.31
N ALA B 69 35.83 -47.90 -16.68
CA ALA B 69 35.92 -49.06 -17.54
C ALA B 69 36.05 -48.72 -19.01
N VAL B 70 35.98 -47.44 -19.36
CA VAL B 70 36.10 -47.04 -20.76
C VAL B 70 37.57 -47.10 -21.16
N PRO B 71 37.92 -47.87 -22.17
CA PRO B 71 39.33 -47.93 -22.57
C PRO B 71 39.76 -46.68 -23.30
N GLU B 72 41.05 -46.34 -23.12
CA GLU B 72 41.65 -45.12 -23.66
C GLU B 72 41.63 -45.06 -25.18
N SER B 73 41.62 -46.21 -25.85
CA SER B 73 41.62 -46.27 -27.31
C SER B 73 40.34 -45.72 -27.93
N TRP B 74 39.22 -45.68 -27.18
CA TRP B 74 37.96 -45.11 -27.65
C TRP B 74 38.08 -43.62 -28.00
N LEU B 75 38.99 -42.89 -27.35
CA LEU B 75 39.28 -41.50 -27.73
C LEU B 75 39.84 -41.35 -29.15
N GLU B 76 40.49 -42.38 -29.70
CA GLU B 76 41.05 -42.25 -31.03
C GLU B 76 40.27 -42.99 -32.10
N CYS B 77 39.90 -44.24 -31.84
CA CYS B 77 39.22 -45.04 -32.83
C CYS B 77 37.99 -45.65 -32.22
N ASP B 78 37.06 -45.98 -33.10
CA ASP B 78 35.82 -46.65 -32.71
C ASP B 78 36.12 -48.01 -32.13
N LEU B 79 35.44 -48.32 -31.04
CA LEU B 79 35.58 -49.63 -30.41
C LEU B 79 35.05 -50.69 -31.36
N PRO B 80 35.74 -51.82 -31.49
CA PRO B 80 35.21 -52.92 -32.32
C PRO B 80 33.93 -53.52 -31.76
N GLU B 81 33.75 -53.45 -30.45
CA GLU B 81 32.60 -53.99 -29.76
C GLU B 81 31.43 -53.01 -29.69
N ALA B 82 31.63 -51.75 -30.09
CA ALA B 82 30.55 -50.76 -30.19
C ALA B 82 29.55 -51.15 -31.27
N ASP B 83 28.30 -50.74 -31.05
CA ASP B 83 27.17 -51.00 -31.93
C ASP B 83 26.74 -49.75 -32.67
N THR B 84 25.89 -49.90 -33.69
CA THR B 84 25.38 -48.71 -34.41
C THR B 84 23.97 -48.39 -33.92
N VAL B 85 23.77 -47.26 -33.25
CA VAL B 85 22.44 -46.94 -32.66
C VAL B 85 21.94 -45.59 -33.18
N VAL B 86 20.61 -45.44 -33.28
CA VAL B 86 20.04 -44.17 -33.69
C VAL B 86 20.21 -43.16 -32.56
N VAL B 87 20.68 -41.97 -32.92
CA VAL B 87 20.68 -40.82 -32.01
C VAL B 87 19.76 -39.77 -32.64
N PRO B 88 18.89 -39.12 -31.88
CA PRO B 88 18.74 -39.19 -30.43
C PRO B 88 18.04 -40.46 -29.94
N SER B 89 18.41 -40.92 -28.76
CA SER B 89 17.76 -42.04 -28.13
C SER B 89 18.11 -42.08 -26.65
N ASN B 90 17.35 -42.85 -25.90
CA ASN B 90 17.73 -43.23 -24.54
C ASN B 90 18.24 -44.65 -24.62
N TRP B 91 19.42 -44.92 -24.07
CA TRP B 91 20.02 -46.28 -24.25
C TRP B 91 19.24 -47.37 -23.51
N GLN B 92 18.46 -47.01 -22.48
CA GLN B 92 17.62 -48.02 -21.83
C GLN B 92 16.55 -48.54 -22.77
N MET B 93 16.14 -47.77 -23.77
CA MET B 93 15.16 -48.23 -24.73
C MET B 93 15.77 -49.17 -25.76
N HIS B 94 17.10 -49.21 -25.85
CA HIS B 94 17.82 -50.15 -26.70
C HIS B 94 18.27 -51.38 -25.93
N GLY B 95 17.96 -51.46 -24.64
CA GLY B 95 18.23 -52.64 -23.86
C GLY B 95 19.53 -52.65 -23.09
N TYR B 96 20.26 -51.54 -23.03
CA TYR B 96 21.62 -51.60 -22.51
C TYR B 96 21.65 -51.63 -20.97
N ASP B 97 20.74 -50.91 -20.31
CA ASP B 97 20.43 -51.21 -18.92
C ASP B 97 18.95 -50.87 -18.70
N ALA B 98 18.49 -51.07 -17.49
CA ALA B 98 17.06 -50.93 -17.33
C ALA B 98 16.69 -49.48 -17.03
N PRO B 99 15.57 -49.00 -17.58
CA PRO B 99 14.99 -47.75 -17.07
C PRO B 99 14.49 -47.97 -15.67
N ILE B 100 14.52 -46.93 -14.87
CA ILE B 100 14.07 -47.02 -13.49
C ILE B 100 12.90 -46.07 -13.30
N TYR B 101 11.79 -46.59 -12.79
CA TYR B 101 10.71 -45.72 -12.36
C TYR B 101 10.74 -45.61 -10.84
N THR B 102 11.16 -44.46 -10.36
CA THR B 102 11.03 -44.15 -8.95
C THR B 102 10.37 -42.78 -8.85
N ASN B 103 9.46 -42.65 -7.89
CA ASN B 103 8.76 -41.38 -7.67
C ASN B 103 9.66 -40.44 -6.88
N VAL B 104 9.62 -40.55 -5.56
CA VAL B 104 10.29 -39.60 -4.68
C VAL B 104 11.70 -40.05 -4.36
N THR B 105 11.87 -41.32 -4.02
CA THR B 105 13.15 -41.88 -3.64
C THR B 105 14.11 -41.78 -4.82
N TYR B 106 15.27 -41.19 -4.56
CA TYR B 106 16.28 -41.03 -5.59
C TYR B 106 16.72 -42.40 -6.08
N PRO B 107 17.09 -42.51 -7.36
CA PRO B 107 17.55 -43.81 -7.88
C PRO B 107 18.95 -44.20 -7.44
N ILE B 108 19.67 -43.33 -6.75
CA ILE B 108 20.98 -43.61 -6.20
C ILE B 108 20.93 -43.32 -4.72
N THR B 109 22.00 -43.70 -4.03
CA THR B 109 22.14 -43.41 -2.61
C THR B 109 22.22 -41.91 -2.40
N VAL B 110 21.42 -41.40 -1.48
CA VAL B 110 21.45 -39.97 -1.20
C VAL B 110 22.73 -39.66 -0.43
N ASN B 111 23.63 -38.97 -1.10
CA ASN B 111 24.89 -38.53 -0.53
C ASN B 111 25.46 -37.43 -1.42
N PRO B 112 24.80 -36.28 -1.52
CA PRO B 112 25.23 -35.26 -2.47
C PRO B 112 26.52 -34.62 -2.01
N PRO B 113 27.42 -34.30 -2.94
CA PRO B 113 27.23 -34.35 -4.39
C PRO B 113 27.70 -35.64 -5.06
N PHE B 114 27.89 -36.71 -4.28
CA PHE B 114 28.48 -37.92 -4.81
C PHE B 114 27.42 -38.83 -5.42
N VAL B 115 27.84 -39.63 -6.39
CA VAL B 115 26.93 -40.54 -7.06
C VAL B 115 27.59 -41.92 -6.95
N PRO B 116 26.96 -43.02 -7.40
CA PRO B 116 27.61 -44.33 -7.24
C PRO B 116 28.84 -44.48 -8.13
N THR B 117 29.77 -45.30 -7.65
CA THR B 117 30.90 -45.65 -8.49
C THR B 117 30.46 -46.48 -9.68
N GLU B 118 29.48 -47.35 -9.48
CA GLU B 118 28.76 -47.98 -10.57
C GLU B 118 27.87 -46.92 -11.21
N ASN B 119 28.41 -46.26 -12.21
CA ASN B 119 27.73 -45.16 -12.90
C ASN B 119 27.70 -45.49 -14.37
N PRO B 120 26.54 -45.91 -14.90
CA PRO B 120 26.45 -46.41 -16.28
C PRO B 120 26.75 -45.32 -17.31
N THR B 121 27.64 -45.67 -18.22
CA THR B 121 28.35 -44.73 -19.07
C THR B 121 28.12 -45.12 -20.51
N GLY B 122 27.55 -44.20 -21.27
CA GLY B 122 27.33 -44.47 -22.67
C GLY B 122 28.36 -43.72 -23.47
N CYS B 123 29.16 -44.45 -24.24
CA CYS B 123 30.16 -43.82 -25.09
C CYS B 123 29.61 -43.77 -26.51
N TYR B 124 29.29 -42.57 -26.97
CA TYR B 124 28.82 -42.34 -28.32
C TYR B 124 29.96 -41.78 -29.16
N SER B 125 30.01 -42.16 -30.41
CA SER B 125 30.96 -41.55 -31.32
C SER B 125 30.34 -41.43 -32.71
N LEU B 126 30.84 -40.47 -33.46
CA LEU B 126 30.34 -40.21 -34.80
C LEU B 126 31.49 -39.70 -35.66
N THR B 127 31.76 -40.42 -36.75
CA THR B 127 32.63 -39.93 -37.81
C THR B 127 31.80 -39.12 -38.79
N PHE B 128 32.28 -37.94 -39.14
CA PHE B 128 31.48 -37.04 -39.93
C PHE B 128 32.42 -36.17 -40.75
N ASN B 129 31.95 -35.78 -41.92
CA ASN B 129 32.70 -34.86 -42.77
C ASN B 129 32.30 -33.43 -42.45
N VAL B 130 33.30 -32.55 -42.44
CA VAL B 130 33.08 -31.11 -42.39
C VAL B 130 33.61 -30.54 -43.69
N ASP B 131 32.80 -29.73 -44.34
CA ASP B 131 33.26 -29.07 -45.54
C ASP B 131 34.31 -28.03 -45.17
N GLU B 132 35.26 -27.84 -46.07
CA GLU B 132 36.40 -26.96 -45.79
C GLU B 132 36.04 -25.49 -45.76
N SER B 133 34.87 -25.10 -46.29
CA SER B 133 34.45 -23.71 -46.23
C SER B 133 33.96 -23.30 -44.85
N TRP B 134 33.71 -24.27 -43.97
CA TRP B 134 33.31 -23.99 -42.59
C TRP B 134 34.51 -23.69 -41.72
N LEU B 135 35.69 -24.18 -42.09
CA LEU B 135 36.90 -24.01 -41.30
C LEU B 135 37.73 -22.81 -41.71
N GLN B 136 37.61 -22.35 -42.96
CA GLN B 136 38.41 -21.22 -43.38
C GLN B 136 37.94 -19.91 -42.78
N GLU B 137 36.67 -19.84 -42.38
CA GLU B 137 36.14 -18.62 -41.78
C GLU B 137 34.96 -19.01 -40.91
N GLY B 138 34.68 -18.17 -39.94
CA GLY B 138 33.54 -18.38 -39.12
C GLY B 138 33.81 -19.27 -37.93
N GLN B 139 32.72 -19.57 -37.24
CA GLN B 139 32.76 -20.37 -36.03
C GLN B 139 31.83 -21.55 -36.18
N THR B 140 32.36 -22.74 -35.96
CA THR B 140 31.57 -23.96 -36.01
C THR B 140 31.38 -24.45 -34.59
N ARG B 141 30.13 -24.54 -34.15
CA ARG B 141 29.80 -24.97 -32.81
C ARG B 141 28.95 -26.22 -32.92
N ILE B 142 29.02 -27.06 -31.91
CA ILE B 142 28.18 -28.23 -31.85
C ILE B 142 27.12 -27.99 -30.79
N ILE B 143 25.89 -28.40 -31.07
CA ILE B 143 24.76 -28.16 -30.18
C ILE B 143 24.20 -29.51 -29.79
N PHE B 144 24.23 -29.81 -28.50
CA PHE B 144 23.55 -30.97 -27.93
C PHE B 144 22.29 -30.44 -27.27
N ASP B 145 21.13 -30.70 -27.87
CA ASP B 145 19.90 -30.16 -27.29
C ASP B 145 19.51 -30.84 -25.98
N GLY B 146 20.00 -32.05 -25.72
CA GLY B 146 19.66 -32.73 -24.50
C GLY B 146 20.51 -33.97 -24.26
N VAL B 147 21.28 -33.99 -23.16
CA VAL B 147 22.08 -35.15 -22.79
C VAL B 147 21.84 -35.44 -21.32
N ASN B 148 21.56 -36.69 -21.01
CA ASN B 148 21.09 -37.12 -19.70
C ASN B 148 22.09 -38.12 -19.17
N SER B 149 22.80 -37.78 -18.10
CA SER B 149 22.60 -36.54 -17.37
C SER B 149 23.80 -35.62 -17.43
N ALA B 150 24.97 -36.16 -17.79
CA ALA B 150 26.16 -35.34 -17.85
C ALA B 150 27.09 -35.94 -18.88
N PHE B 151 27.98 -35.12 -19.43
CA PHE B 151 28.80 -35.68 -20.50
C PHE B 151 30.10 -34.94 -20.65
N HIS B 152 31.15 -35.68 -21.02
CA HIS B 152 32.39 -35.14 -21.52
C HIS B 152 32.41 -35.27 -23.03
N LEU B 153 33.09 -34.34 -23.69
CA LEU B 153 33.10 -34.26 -25.15
C LEU B 153 34.54 -34.18 -25.65
N TRP B 154 34.90 -35.08 -26.54
CA TRP B 154 36.16 -35.04 -27.28
C TRP B 154 35.88 -34.89 -28.76
N CYS B 155 36.76 -34.18 -29.46
CA CYS B 155 36.65 -33.99 -30.90
C CYS B 155 38.02 -34.27 -31.50
N ASN B 156 38.13 -35.34 -32.28
CA ASN B 156 39.38 -35.82 -32.85
C ASN B 156 40.39 -36.17 -31.76
N GLY B 157 39.91 -36.76 -30.66
CA GLY B 157 40.76 -37.13 -29.57
C GLY B 157 41.12 -36.04 -28.58
N ARG B 158 40.81 -34.78 -28.88
CA ARG B 158 41.07 -33.67 -27.97
C ARG B 158 39.84 -33.38 -27.12
N TRP B 159 40.05 -33.17 -25.83
CA TRP B 159 38.95 -32.87 -24.92
C TRP B 159 38.40 -31.47 -25.19
N VAL B 160 37.08 -31.36 -25.31
CA VAL B 160 36.44 -30.09 -25.67
C VAL B 160 35.80 -29.43 -24.44
N GLY B 161 34.98 -30.17 -23.72
CA GLY B 161 34.29 -29.59 -22.57
C GLY B 161 33.38 -30.60 -21.90
N TYR B 162 32.47 -30.07 -21.08
CA TYR B 162 31.65 -30.86 -20.18
C TYR B 162 30.33 -30.11 -19.97
N GLY B 163 29.21 -30.80 -19.74
CA GLY B 163 27.99 -29.99 -19.54
C GLY B 163 26.97 -30.73 -18.70
N GLN B 164 26.22 -30.03 -17.83
CA GLN B 164 25.20 -30.82 -17.12
C GLN B 164 23.81 -30.27 -17.44
N ASP B 165 22.76 -30.57 -16.79
CA ASP B 165 21.34 -30.20 -17.04
C ASP B 165 20.87 -30.99 -18.26
N SER B 166 20.07 -32.02 -18.02
CA SER B 166 19.67 -32.90 -19.15
C SER B 166 18.50 -32.31 -19.93
N ARG B 167 18.15 -31.03 -19.75
CA ARG B 167 16.99 -30.60 -20.51
C ARG B 167 17.20 -29.28 -21.24
N LEU B 168 18.40 -28.73 -21.25
CA LEU B 168 18.73 -27.55 -22.01
C LEU B 168 19.90 -27.83 -22.93
N PRO B 169 20.04 -27.08 -24.00
CA PRO B 169 21.11 -27.34 -24.95
C PRO B 169 22.48 -26.99 -24.41
N SER B 170 23.46 -27.82 -24.75
CA SER B 170 24.85 -27.59 -24.41
C SER B 170 25.61 -27.39 -25.71
N GLU B 171 26.25 -26.24 -25.86
CA GLU B 171 26.90 -25.86 -27.10
C GLU B 171 28.38 -25.66 -26.85
N PHE B 172 29.21 -26.09 -27.80
CA PHE B 172 30.66 -26.02 -27.68
C PHE B 172 31.27 -25.57 -29.01
N ASP B 173 32.25 -24.68 -28.92
CA ASP B 173 32.99 -24.19 -30.09
C ASP B 173 33.96 -25.28 -30.56
N LEU B 174 33.77 -25.75 -31.79
CA LEU B 174 34.59 -26.80 -32.36
C LEU B 174 35.57 -26.31 -33.40
N SER B 175 35.68 -24.99 -33.58
CA SER B 175 36.42 -24.39 -34.71
C SER B 175 37.90 -24.71 -34.67
N ALA B 176 38.48 -24.80 -33.47
CA ALA B 176 39.88 -25.16 -33.33
C ALA B 176 40.13 -26.67 -33.30
N PHE B 177 39.07 -27.47 -33.27
CA PHE B 177 39.17 -28.93 -33.13
C PHE B 177 38.90 -29.65 -34.42
N LEU B 178 38.05 -29.10 -35.26
CA LEU B 178 37.73 -29.74 -36.52
C LEU B 178 38.91 -29.66 -37.47
N ARG B 179 38.78 -30.40 -38.55
CA ARG B 179 39.74 -30.30 -39.63
C ARG B 179 39.03 -30.74 -40.89
N ALA B 180 39.62 -30.41 -42.03
CA ALA B 180 39.08 -30.87 -43.29
C ALA B 180 39.21 -32.38 -43.37
N GLY B 181 38.22 -33.02 -44.01
CA GLY B 181 38.17 -34.46 -44.08
C GLY B 181 37.42 -35.04 -42.89
N GLU B 182 37.67 -36.30 -42.58
CA GLU B 182 36.95 -37.04 -41.55
C GLU B 182 37.28 -36.49 -40.18
N ASN B 183 36.23 -36.23 -39.41
CA ASN B 183 36.32 -35.85 -38.02
C ASN B 183 35.71 -36.95 -37.17
N ARG B 184 35.91 -36.87 -35.85
CA ARG B 184 35.24 -37.84 -35.01
C ARG B 184 34.90 -37.24 -33.66
N LEU B 185 33.62 -37.30 -33.29
CA LEU B 185 33.18 -36.95 -31.95
C LEU B 185 33.27 -38.17 -31.06
N ALA B 186 33.62 -37.94 -29.80
CA ALA B 186 33.53 -38.96 -28.76
C ALA B 186 32.83 -38.32 -27.57
N VAL B 187 31.65 -38.81 -27.24
CA VAL B 187 30.84 -38.24 -26.18
C VAL B 187 30.64 -39.31 -25.13
N MET B 188 31.10 -39.03 -23.92
CA MET B 188 30.95 -39.96 -22.80
C MET B 188 29.85 -39.42 -21.91
N VAL B 189 28.72 -40.10 -21.91
CA VAL B 189 27.52 -39.68 -21.19
C VAL B 189 27.38 -40.50 -19.92
N LEU B 190 27.30 -39.82 -18.79
CA LEU B 190 27.15 -40.45 -17.49
C LEU B 190 25.69 -40.44 -17.08
N ARG B 191 25.22 -41.57 -16.56
CA ARG B 191 23.83 -41.64 -16.12
C ARG B 191 23.60 -40.76 -14.89
N TRP B 192 24.51 -40.82 -13.91
CA TRP B 192 24.34 -40.11 -12.65
C TRP B 192 25.41 -39.03 -12.54
N SER B 193 25.02 -37.87 -12.02
CA SER B 193 25.95 -36.80 -11.72
C SER B 193 25.37 -36.03 -10.56
N ASP B 194 26.06 -34.96 -10.16
CA ASP B 194 25.52 -34.10 -9.11
C ASP B 194 24.26 -33.36 -9.57
N GLY B 195 24.13 -33.13 -10.89
CA GLY B 195 22.89 -32.68 -11.52
C GLY B 195 21.71 -33.61 -11.35
N SER B 196 21.96 -34.92 -11.12
CA SER B 196 20.88 -35.85 -10.81
C SER B 196 20.17 -35.53 -9.51
N TYR B 197 20.83 -34.88 -8.55
CA TYR B 197 20.15 -34.42 -7.35
C TYR B 197 19.12 -33.33 -7.64
N LEU B 198 19.30 -32.57 -8.71
CA LEU B 198 18.31 -31.60 -9.15
C LEU B 198 17.31 -32.16 -10.16
N GLU B 199 17.31 -33.46 -10.41
CA GLU B 199 16.50 -34.06 -11.46
C GLU B 199 15.69 -35.23 -10.91
N ASP B 200 15.05 -35.02 -9.77
CA ASP B 200 14.28 -36.08 -9.13
C ASP B 200 12.79 -35.98 -9.49
N GLN B 201 12.49 -35.77 -10.77
CA GLN B 201 11.09 -35.74 -11.18
C GLN B 201 10.48 -37.14 -11.15
N ASP B 202 9.19 -37.21 -10.85
CA ASP B 202 8.43 -38.46 -10.82
C ASP B 202 8.25 -38.97 -12.24
N MET B 203 9.25 -39.67 -12.74
CA MET B 203 9.19 -40.17 -14.10
C MET B 203 10.23 -41.27 -14.24
N TRP B 204 10.24 -41.91 -15.41
CA TRP B 204 11.30 -42.86 -15.74
C TRP B 204 12.66 -42.19 -15.76
N ARG B 205 13.62 -42.84 -15.14
CA ARG B 205 14.99 -42.36 -15.10
C ARG B 205 15.73 -43.04 -16.24
N MET B 206 16.05 -42.28 -17.26
CA MET B 206 16.74 -42.78 -18.44
C MET B 206 17.97 -41.92 -18.69
N SER B 207 18.69 -42.23 -19.76
CA SER B 207 19.91 -41.48 -20.01
C SER B 207 20.25 -41.59 -21.49
N GLY B 208 21.23 -40.80 -21.90
CA GLY B 208 21.72 -40.82 -23.27
C GLY B 208 21.55 -39.48 -23.95
N ILE B 209 21.88 -39.49 -25.24
CA ILE B 209 21.77 -38.31 -26.08
C ILE B 209 20.37 -38.38 -26.68
N PHE B 210 19.41 -37.80 -25.97
CA PHE B 210 18.00 -38.05 -26.21
C PHE B 210 17.29 -36.90 -26.93
N ARG B 211 18.01 -35.85 -27.27
CA ARG B 211 17.51 -34.79 -28.14
C ARG B 211 18.50 -34.61 -29.27
N ASP B 212 18.25 -33.62 -30.11
CA ASP B 212 19.01 -33.41 -31.34
C ASP B 212 20.46 -33.02 -31.08
N VAL B 213 21.31 -33.43 -32.01
CA VAL B 213 22.70 -32.98 -32.07
C VAL B 213 22.88 -32.29 -33.40
N SER B 214 23.50 -31.10 -33.39
CA SER B 214 23.60 -30.24 -34.57
C SER B 214 24.93 -29.50 -34.60
N LEU B 215 25.39 -29.22 -35.81
CA LEU B 215 26.48 -28.30 -36.06
C LEU B 215 25.90 -26.99 -36.57
N LEU B 216 26.36 -25.87 -36.02
CA LEU B 216 25.93 -24.57 -36.47
C LEU B 216 27.16 -23.77 -36.86
N HIS B 217 27.17 -23.28 -38.09
CA HIS B 217 28.24 -22.42 -38.56
C HIS B 217 27.77 -20.99 -38.54
N LYS B 218 28.48 -20.14 -37.79
CA LYS B 218 28.22 -18.72 -37.79
C LYS B 218 29.42 -17.96 -38.32
N PRO B 219 29.22 -16.75 -38.82
CA PRO B 219 30.38 -15.89 -39.12
C PRO B 219 31.03 -15.45 -37.82
N THR B 220 32.28 -14.95 -37.94
CA THR B 220 32.99 -14.49 -36.75
C THR B 220 32.33 -13.25 -36.16
N THR B 221 31.84 -12.35 -37.00
CA THR B 221 30.99 -11.23 -36.58
C THR B 221 29.56 -11.71 -36.72
N GLN B 222 28.84 -11.78 -35.60
CA GLN B 222 27.64 -12.59 -35.56
C GLN B 222 26.62 -11.95 -34.63
N ILE B 223 25.37 -12.30 -34.84
CA ILE B 223 24.33 -12.06 -33.84
C ILE B 223 24.51 -13.10 -32.74
N SER B 224 24.70 -12.65 -31.52
CA SER B 224 24.92 -13.55 -30.40
C SER B 224 23.71 -13.69 -29.49
N ASP B 225 22.74 -12.80 -29.61
CA ASP B 225 21.54 -12.84 -28.78
C ASP B 225 20.59 -11.81 -29.34
N PHE B 226 19.30 -12.08 -29.21
CA PHE B 226 18.32 -11.05 -29.50
C PHE B 226 17.07 -11.29 -28.66
N HIS B 227 16.52 -10.23 -28.11
CA HIS B 227 15.30 -10.28 -27.33
C HIS B 227 14.22 -9.48 -28.04
N VAL B 228 13.00 -10.01 -28.03
CA VAL B 228 11.83 -9.32 -28.58
C VAL B 228 10.84 -9.06 -27.44
N ALA B 229 10.54 -7.80 -27.21
CA ALA B 229 9.51 -7.37 -26.28
C ALA B 229 8.39 -6.69 -27.07
N THR B 230 7.17 -6.76 -26.55
CA THR B 230 6.04 -6.00 -27.11
C THR B 230 5.39 -5.20 -26.00
N ARG B 231 5.24 -3.90 -26.24
CA ARG B 231 4.56 -2.98 -25.35
C ARG B 231 3.30 -2.45 -26.03
N PHE B 232 2.27 -2.17 -25.24
CA PHE B 232 0.96 -1.80 -25.75
C PHE B 232 0.43 -0.55 -25.07
N ASN B 233 -0.57 0.06 -25.73
CA ASN B 233 -1.43 1.03 -25.07
C ASN B 233 -2.58 0.30 -24.39
N ASP B 234 -3.46 1.05 -23.73
CA ASP B 234 -4.41 0.46 -22.81
C ASP B 234 -5.52 -0.29 -23.51
N ASP B 235 -5.76 -0.01 -24.78
CA ASP B 235 -6.71 -0.80 -25.55
C ASP B 235 -6.04 -1.67 -26.61
N PHE B 236 -4.70 -1.75 -26.61
CA PHE B 236 -3.95 -2.66 -27.48
C PHE B 236 -4.11 -2.33 -28.96
N SER B 237 -4.33 -1.05 -29.27
CA SER B 237 -4.49 -0.61 -30.64
C SER B 237 -3.20 -0.12 -31.26
N ARG B 238 -2.18 0.13 -30.45
CA ARG B 238 -0.85 0.46 -30.93
C ARG B 238 0.16 -0.36 -30.14
N ALA B 239 1.07 -0.99 -30.85
CA ALA B 239 2.10 -1.81 -30.23
C ALA B 239 3.47 -1.29 -30.64
N VAL B 240 4.41 -1.37 -29.72
CA VAL B 240 5.82 -1.16 -30.04
C VAL B 240 6.51 -2.50 -29.89
N LEU B 241 7.14 -2.96 -30.95
CA LEU B 241 8.04 -4.09 -30.87
C LEU B 241 9.42 -3.54 -30.56
N GLU B 242 10.00 -4.00 -29.46
CA GLU B 242 11.34 -3.60 -29.07
C GLU B 242 12.24 -4.82 -29.24
N ALA B 243 13.19 -4.74 -30.18
CA ALA B 243 14.10 -5.84 -30.41
C ALA B 243 15.49 -5.38 -29.99
N GLU B 244 16.08 -6.07 -29.03
CA GLU B 244 17.44 -5.81 -28.60
C GLU B 244 18.34 -6.88 -29.22
N VAL B 245 19.32 -6.45 -29.98
CA VAL B 245 20.21 -7.36 -30.69
C VAL B 245 21.62 -7.18 -30.16
N GLN B 246 22.28 -8.28 -29.84
CA GLN B 246 23.67 -8.25 -29.38
C GLN B 246 24.55 -8.96 -30.40
N MET B 247 25.72 -8.40 -30.65
CA MET B 247 26.68 -9.04 -31.53
C MET B 247 27.88 -9.50 -30.74
N CYS B 248 28.61 -10.47 -31.29
CA CYS B 248 29.96 -10.78 -30.88
C CYS B 248 30.86 -10.69 -32.11
N GLY B 249 32.16 -10.60 -31.87
CA GLY B 249 33.12 -10.42 -32.97
C GLY B 249 33.68 -9.01 -32.96
N GLU B 250 34.09 -8.50 -34.12
CA GLU B 250 34.67 -7.14 -34.23
C GLU B 250 33.61 -6.08 -34.53
N LEU B 251 33.72 -4.94 -33.82
CA LEU B 251 32.76 -3.82 -34.00
C LEU B 251 33.30 -2.84 -35.04
N ARG B 252 32.69 -2.82 -36.22
CA ARG B 252 33.06 -1.92 -37.29
C ARG B 252 31.98 -0.86 -37.42
N ASP B 253 32.38 0.33 -37.86
CA ASP B 253 31.43 1.42 -38.00
C ASP B 253 30.45 1.20 -39.15
N TYR B 254 30.78 0.33 -40.11
CA TYR B 254 29.86 0.02 -41.19
C TYR B 254 28.76 -0.95 -40.77
N LEU B 255 28.90 -1.60 -39.61
CA LEU B 255 27.98 -2.65 -39.21
C LEU B 255 26.59 -2.10 -38.93
N ARG B 256 25.58 -2.82 -39.38
CA ARG B 256 24.20 -2.43 -39.16
C ARG B 256 23.37 -3.64 -38.78
N VAL B 257 22.26 -3.37 -38.10
CA VAL B 257 21.21 -4.35 -37.86
C VAL B 257 19.91 -3.76 -38.39
N THR B 258 19.20 -4.54 -39.18
CA THR B 258 17.83 -4.26 -39.58
C THR B 258 16.93 -5.30 -38.93
N VAL B 259 15.86 -4.85 -38.30
CA VAL B 259 14.83 -5.76 -37.83
C VAL B 259 13.55 -5.44 -38.60
N SER B 260 13.03 -6.45 -39.29
CA SER B 260 11.82 -6.32 -40.07
C SER B 260 10.74 -7.22 -39.47
N LEU B 261 9.50 -6.73 -39.51
CA LEU B 261 8.35 -7.47 -39.00
C LEU B 261 7.45 -7.79 -40.17
N TRP B 262 7.04 -9.04 -40.28
CA TRP B 262 6.26 -9.51 -41.40
C TRP B 262 5.00 -10.20 -40.91
N GLN B 263 3.87 -9.93 -41.56
CA GLN B 263 2.66 -10.70 -41.35
C GLN B 263 2.40 -11.39 -42.67
N GLY B 264 2.56 -12.72 -42.68
CA GLY B 264 2.37 -13.52 -43.87
C GLY B 264 3.37 -13.22 -44.95
N GLU B 265 3.08 -12.20 -45.74
CA GLU B 265 3.94 -11.75 -46.83
C GLU B 265 4.18 -10.25 -46.80
N THR B 266 3.37 -9.51 -46.07
CA THR B 266 3.48 -8.06 -45.97
C THR B 266 4.45 -7.68 -44.86
N GLN B 267 5.44 -6.88 -45.21
CA GLN B 267 6.34 -6.33 -44.22
C GLN B 267 5.65 -5.19 -43.48
N VAL B 268 5.37 -5.39 -42.19
CA VAL B 268 4.59 -4.38 -41.41
C VAL B 268 5.50 -3.23 -40.96
N ALA B 269 6.68 -3.54 -40.42
CA ALA B 269 7.52 -2.50 -39.88
C ALA B 269 8.96 -2.86 -40.18
N SER B 270 9.83 -1.89 -40.02
CA SER B 270 11.25 -2.15 -40.15
C SER B 270 12.02 -1.04 -39.45
N GLY B 271 13.25 -1.35 -39.10
CA GLY B 271 14.09 -0.44 -38.37
C GLY B 271 15.52 -0.81 -38.64
N THR B 272 16.36 0.19 -38.86
CA THR B 272 17.76 -0.04 -39.19
C THR B 272 18.60 0.90 -38.35
N ALA B 273 19.66 0.36 -37.76
CA ALA B 273 20.42 1.15 -36.80
C ALA B 273 21.81 0.57 -36.69
N PRO B 274 22.83 1.40 -36.52
CA PRO B 274 24.15 0.86 -36.17
C PRO B 274 24.14 0.43 -34.71
N PHE B 275 25.19 -0.28 -34.35
CA PHE B 275 25.32 -0.73 -32.98
C PHE B 275 25.61 0.44 -32.06
N GLY B 276 25.20 0.27 -30.81
CA GLY B 276 25.35 1.33 -29.85
C GLY B 276 24.07 1.53 -29.10
N GLY B 277 24.08 1.14 -27.84
CA GLY B 277 22.98 1.40 -26.96
C GLY B 277 23.03 2.77 -26.33
N GLU B 278 21.90 3.13 -25.72
CA GLU B 278 21.82 4.26 -24.81
C GLU B 278 22.76 4.05 -23.62
N ILE B 279 23.24 5.16 -23.06
CA ILE B 279 24.03 5.19 -21.82
C ILE B 279 23.31 4.47 -20.70
N ILE B 280 24.02 3.53 -20.09
CA ILE B 280 23.49 2.64 -19.07
C ILE B 280 23.85 3.11 -17.68
N ASP B 281 25.09 3.55 -17.49
CA ASP B 281 25.56 3.99 -16.19
C ASP B 281 26.70 4.98 -16.41
N GLU B 282 27.56 5.14 -15.41
CA GLU B 282 28.64 6.12 -15.47
C GLU B 282 29.68 5.77 -16.52
N ARG B 283 29.83 4.50 -16.85
CA ARG B 283 30.82 4.07 -17.83
C ARG B 283 30.31 4.13 -19.26
N GLY B 284 29.01 4.20 -19.46
CA GLY B 284 28.46 4.37 -20.79
C GLY B 284 27.35 3.39 -21.09
N GLY B 285 27.35 2.85 -22.30
CA GLY B 285 26.37 1.88 -22.73
C GLY B 285 27.05 0.76 -23.49
N TYR B 286 26.23 -0.18 -23.96
CA TYR B 286 26.76 -1.33 -24.68
C TYR B 286 27.06 -0.90 -26.11
N ALA B 287 28.33 -0.90 -26.47
CA ALA B 287 28.65 -0.60 -27.87
C ALA B 287 28.36 -1.78 -28.81
N ASP B 288 28.16 -2.99 -28.27
CA ASP B 288 27.87 -4.19 -29.05
C ASP B 288 26.40 -4.57 -29.00
N ARG B 289 25.52 -3.65 -28.67
CA ARG B 289 24.10 -3.91 -28.73
C ARG B 289 23.41 -2.75 -29.41
N VAL B 290 22.22 -3.03 -29.91
CA VAL B 290 21.38 -2.01 -30.49
C VAL B 290 19.95 -2.43 -30.30
N THR B 291 19.11 -1.51 -29.90
CA THR B 291 17.69 -1.76 -29.70
C THR B 291 16.88 -0.99 -30.73
N LEU B 292 16.12 -1.71 -31.53
CA LEU B 292 15.22 -1.13 -32.51
C LEU B 292 13.79 -1.14 -31.97
N ARG B 293 13.08 -0.05 -32.19
CA ARG B 293 11.68 0.04 -31.81
C ARG B 293 10.83 0.20 -33.06
N LEU B 294 9.94 -0.75 -33.30
CA LEU B 294 9.04 -0.70 -34.44
C LEU B 294 7.62 -0.47 -33.97
N ASN B 295 6.95 0.50 -34.57
CA ASN B 295 5.55 0.74 -34.28
C ASN B 295 4.68 -0.19 -35.09
N VAL B 296 3.70 -0.81 -34.44
CA VAL B 296 2.68 -1.61 -35.13
C VAL B 296 1.32 -1.08 -34.70
N GLU B 297 0.55 -0.62 -35.67
CA GLU B 297 -0.77 -0.07 -35.46
C GLU B 297 -1.77 -1.20 -35.67
N ASN B 298 -2.72 -1.34 -34.74
CA ASN B 298 -3.72 -2.41 -34.62
C ASN B 298 -3.11 -3.79 -34.85
N PRO B 299 -2.16 -4.24 -34.02
CA PRO B 299 -1.55 -5.54 -34.26
C PRO B 299 -2.54 -6.64 -33.98
N LYS B 300 -2.46 -7.69 -34.79
CA LYS B 300 -3.23 -8.89 -34.49
C LYS B 300 -2.62 -9.54 -33.27
N LEU B 301 -3.39 -9.60 -32.19
CA LEU B 301 -2.85 -10.07 -30.93
C LEU B 301 -2.80 -11.60 -30.90
N TRP B 302 -1.84 -12.13 -30.15
CA TRP B 302 -1.70 -13.57 -30.02
C TRP B 302 -2.52 -14.03 -28.82
N SER B 303 -3.15 -15.19 -28.96
CA SER B 303 -3.71 -15.86 -27.79
C SER B 303 -3.87 -17.33 -28.16
N ALA B 304 -4.27 -18.12 -27.16
CA ALA B 304 -4.55 -19.52 -27.46
C ALA B 304 -5.78 -19.68 -28.34
N GLU B 305 -6.73 -18.74 -28.26
CA GLU B 305 -7.92 -18.80 -29.11
C GLU B 305 -7.59 -18.44 -30.55
N ILE B 306 -6.79 -17.40 -30.73
CA ILE B 306 -6.39 -16.91 -32.06
C ILE B 306 -4.89 -16.69 -32.05
N PRO B 307 -4.10 -17.66 -32.45
CA PRO B 307 -2.64 -17.55 -32.31
C PRO B 307 -1.99 -16.75 -33.44
N ASN B 308 -2.32 -15.46 -33.52
CA ASN B 308 -1.75 -14.59 -34.54
C ASN B 308 -0.26 -14.41 -34.35
N LEU B 309 0.50 -14.73 -35.38
CA LEU B 309 1.95 -14.64 -35.35
C LEU B 309 2.44 -13.73 -36.45
N TYR B 310 3.45 -12.95 -36.11
CA TYR B 310 4.27 -12.20 -37.05
C TYR B 310 5.61 -12.91 -37.15
N ARG B 311 6.38 -12.55 -38.16
CA ARG B 311 7.73 -13.06 -38.35
C ARG B 311 8.69 -11.89 -38.20
N ALA B 312 9.61 -11.99 -37.25
CA ALA B 312 10.65 -10.98 -37.09
C ALA B 312 11.93 -11.51 -37.72
N VAL B 313 12.55 -10.71 -38.57
CA VAL B 313 13.84 -11.06 -39.15
C VAL B 313 14.86 -10.08 -38.62
N VAL B 314 16.00 -10.60 -38.16
CA VAL B 314 17.07 -9.80 -37.61
C VAL B 314 18.25 -9.96 -38.55
N GLU B 315 18.57 -8.92 -39.30
CA GLU B 315 19.64 -8.96 -40.30
C GLU B 315 20.84 -8.21 -39.76
N LEU B 316 21.97 -8.89 -39.70
CA LEU B 316 23.27 -8.26 -39.47
C LEU B 316 23.88 -8.02 -40.85
N HIS B 317 24.08 -6.76 -41.20
CA HIS B 317 24.52 -6.41 -42.55
C HIS B 317 25.39 -5.16 -42.50
N THR B 318 26.22 -4.99 -43.53
CA THR B 318 27.03 -3.79 -43.58
C THR B 318 26.21 -2.61 -44.08
N ALA B 319 26.77 -1.40 -43.90
CA ALA B 319 26.07 -0.17 -44.22
C ALA B 319 25.82 0.02 -45.71
N ASP B 320 26.62 -0.62 -46.56
CA ASP B 320 26.35 -0.66 -47.99
C ASP B 320 25.42 -1.80 -48.37
N GLY B 321 24.91 -2.55 -47.40
CA GLY B 321 23.77 -3.43 -47.61
C GLY B 321 24.08 -4.89 -47.80
N THR B 322 25.28 -5.34 -47.48
CA THR B 322 25.69 -6.73 -47.65
C THR B 322 25.29 -7.54 -46.41
N LEU B 323 24.49 -8.59 -46.61
CA LEU B 323 24.03 -9.42 -45.50
C LEU B 323 25.17 -10.27 -44.97
N ILE B 324 25.35 -10.24 -43.66
CA ILE B 324 26.31 -11.10 -42.99
C ILE B 324 25.63 -12.34 -42.44
N GLU B 325 24.52 -12.17 -41.74
CA GLU B 325 23.81 -13.29 -41.14
C GLU B 325 22.43 -12.79 -40.77
N ALA B 326 21.45 -13.67 -40.88
CA ALA B 326 20.11 -13.38 -40.43
C ALA B 326 19.70 -14.40 -39.40
N GLU B 327 18.91 -13.95 -38.44
CA GLU B 327 18.19 -14.83 -37.53
C GLU B 327 16.75 -14.35 -37.52
N ALA B 328 15.87 -15.15 -36.93
CA ALA B 328 14.47 -14.80 -37.03
C ALA B 328 13.70 -15.50 -35.93
N CYS B 329 12.51 -15.00 -35.66
CA CYS B 329 11.65 -15.72 -34.73
C CYS B 329 10.22 -15.30 -34.99
N ASP B 330 9.29 -16.17 -34.62
CA ASP B 330 7.89 -15.81 -34.63
C ASP B 330 7.60 -14.91 -33.46
N VAL B 331 6.78 -13.89 -33.71
CA VAL B 331 6.39 -12.92 -32.70
C VAL B 331 4.89 -13.04 -32.49
N GLY B 332 4.48 -13.16 -31.23
CA GLY B 332 3.09 -13.05 -30.90
C GLY B 332 2.93 -11.80 -30.08
N PHE B 333 2.05 -10.90 -30.49
CA PHE B 333 1.80 -9.70 -29.70
C PHE B 333 0.81 -10.04 -28.60
N ARG B 334 1.30 -10.14 -27.37
CA ARG B 334 0.39 -10.31 -26.26
C ARG B 334 1.04 -9.77 -24.99
N GLU B 335 0.21 -9.35 -24.05
CA GLU B 335 0.68 -8.84 -22.78
C GLU B 335 0.14 -9.77 -21.71
N VAL B 336 1.04 -10.28 -20.87
CA VAL B 336 0.67 -11.11 -19.73
C VAL B 336 0.98 -10.31 -18.47
N ARG B 337 0.00 -10.16 -17.61
CA ARG B 337 0.15 -9.32 -16.45
C ARG B 337 -0.80 -9.80 -15.37
N ILE B 338 -0.37 -9.66 -14.14
CA ILE B 338 -1.25 -9.83 -12.99
C ILE B 338 -1.62 -8.45 -12.52
N GLU B 339 -2.91 -8.16 -12.49
CA GLU B 339 -3.40 -6.83 -12.12
C GLU B 339 -4.61 -7.02 -11.23
N ASN B 340 -4.53 -6.46 -10.01
CA ASN B 340 -5.60 -6.50 -9.02
C ASN B 340 -5.97 -7.95 -8.68
N GLY B 341 -4.95 -8.79 -8.57
CA GLY B 341 -5.15 -10.16 -8.17
C GLY B 341 -5.55 -11.11 -9.28
N LEU B 342 -5.60 -10.66 -10.53
CA LEU B 342 -5.98 -11.54 -11.64
C LEU B 342 -4.89 -11.61 -12.70
N LEU B 343 -4.70 -12.79 -13.25
CA LEU B 343 -3.79 -12.99 -14.37
C LEU B 343 -4.50 -12.61 -15.66
N LEU B 344 -4.05 -11.53 -16.29
CA LEU B 344 -4.68 -11.05 -17.51
C LEU B 344 -3.83 -11.41 -18.73
N LEU B 345 -4.49 -11.76 -19.82
CA LEU B 345 -3.86 -11.90 -21.12
C LEU B 345 -4.55 -10.93 -22.05
N ASN B 346 -3.81 -9.92 -22.54
CA ASN B 346 -4.36 -8.87 -23.40
C ASN B 346 -5.50 -8.13 -22.72
N GLY B 347 -5.34 -7.88 -21.42
CA GLY B 347 -6.34 -7.21 -20.64
C GLY B 347 -7.50 -8.04 -20.16
N LYS B 348 -7.56 -9.31 -20.52
CA LYS B 348 -8.70 -10.10 -20.13
C LYS B 348 -8.27 -11.19 -19.16
N PRO B 349 -9.07 -11.48 -18.13
CA PRO B 349 -8.68 -12.50 -17.15
C PRO B 349 -8.73 -13.89 -17.75
N LEU B 350 -7.62 -14.61 -17.65
CA LEU B 350 -7.54 -15.94 -18.20
C LEU B 350 -8.32 -16.93 -17.35
N LEU B 351 -8.86 -17.95 -18.00
CA LEU B 351 -9.33 -19.16 -17.31
C LEU B 351 -8.52 -20.31 -17.88
N ILE B 352 -7.59 -20.83 -17.07
CA ILE B 352 -6.59 -21.78 -17.53
C ILE B 352 -7.22 -23.17 -17.55
N ARG B 353 -7.36 -23.73 -18.75
CA ARG B 353 -7.79 -25.11 -18.94
C ARG B 353 -6.53 -25.90 -19.26
N GLY B 354 -5.82 -26.27 -18.21
CA GLY B 354 -4.45 -26.71 -18.40
C GLY B 354 -4.27 -28.19 -18.18
N VAL B 355 -3.13 -28.68 -18.63
CA VAL B 355 -2.73 -30.05 -18.35
C VAL B 355 -1.22 -30.06 -18.19
N ASN B 356 -0.74 -30.89 -17.29
CA ASN B 356 0.68 -31.16 -17.21
C ASN B 356 1.06 -32.18 -18.26
N ARG B 357 2.21 -31.98 -18.90
CA ARG B 357 2.62 -32.91 -19.95
C ARG B 357 4.11 -33.20 -19.83
N HIS B 358 4.42 -34.45 -19.52
CA HIS B 358 5.77 -34.97 -19.62
C HIS B 358 6.12 -35.29 -21.06
N GLU B 359 7.41 -35.23 -21.39
CA GLU B 359 7.88 -35.70 -22.69
C GLU B 359 8.09 -37.19 -22.57
N HIS B 360 7.11 -37.96 -23.02
CA HIS B 360 7.12 -39.41 -22.89
C HIS B 360 6.60 -40.03 -24.18
N HIS B 361 7.33 -41.03 -24.66
CA HIS B 361 6.89 -41.89 -25.74
C HIS B 361 7.10 -43.32 -25.28
N PRO B 362 6.12 -44.21 -25.48
CA PRO B 362 6.22 -45.56 -24.93
C PRO B 362 7.26 -46.43 -25.62
N LEU B 363 7.65 -46.11 -26.85
CA LEU B 363 8.69 -46.86 -27.56
C LEU B 363 10.05 -46.17 -27.55
N HIS B 364 10.06 -44.85 -27.66
CA HIS B 364 11.29 -44.09 -27.70
C HIS B 364 11.65 -43.49 -26.35
N GLY B 365 10.85 -43.75 -25.33
CA GLY B 365 11.15 -43.22 -24.02
C GLY B 365 10.98 -41.72 -23.90
N GLN B 366 12.08 -40.98 -23.77
CA GLN B 366 12.01 -39.56 -23.53
C GLN B 366 12.48 -38.75 -24.73
N VAL B 367 12.57 -39.40 -25.88
CA VAL B 367 12.89 -38.74 -27.13
C VAL B 367 11.60 -38.25 -27.78
N MET B 368 11.50 -36.93 -27.98
CA MET B 368 10.31 -36.35 -28.55
C MET B 368 10.51 -36.14 -30.05
N ASP B 369 9.44 -36.36 -30.80
CA ASP B 369 9.38 -36.12 -32.24
C ASP B 369 8.18 -35.23 -32.53
N GLU B 370 8.26 -34.52 -33.67
CA GLU B 370 7.25 -33.55 -34.08
C GLU B 370 5.87 -34.17 -34.26
N GLN B 371 5.83 -35.41 -34.72
CA GLN B 371 4.56 -36.08 -34.97
C GLN B 371 3.82 -36.37 -33.67
N THR B 372 4.55 -36.73 -32.62
CA THR B 372 3.90 -36.94 -31.32
C THR B 372 3.51 -35.64 -30.67
N MET B 373 4.34 -34.60 -30.84
CA MET B 373 4.05 -33.27 -30.31
C MET B 373 2.78 -32.71 -30.95
N VAL B 374 2.64 -32.89 -32.26
CA VAL B 374 1.47 -32.35 -32.95
C VAL B 374 0.23 -33.14 -32.56
N GLN B 375 0.37 -34.46 -32.37
CA GLN B 375 -0.76 -35.29 -31.96
C GLN B 375 -1.23 -34.92 -30.57
N ASP B 376 -0.30 -34.60 -29.67
CA ASP B 376 -0.68 -34.19 -28.32
C ASP B 376 -1.40 -32.86 -28.34
N ILE B 377 -0.88 -31.91 -29.12
CA ILE B 377 -1.44 -30.56 -29.16
C ILE B 377 -2.84 -30.57 -29.75
N LEU B 378 -3.04 -31.36 -30.80
CA LEU B 378 -4.35 -31.49 -31.43
C LEU B 378 -5.36 -32.13 -30.49
N LEU B 379 -4.97 -33.20 -29.80
CA LEU B 379 -5.86 -33.84 -28.85
C LEU B 379 -6.16 -32.94 -27.67
N MET B 380 -5.18 -32.14 -27.25
CA MET B 380 -5.40 -31.20 -26.16
C MET B 380 -6.40 -30.12 -26.56
N LYS B 381 -6.23 -29.54 -27.74
CA LYS B 381 -7.14 -28.50 -28.17
C LYS B 381 -8.52 -29.05 -28.50
N GLN B 382 -8.58 -30.28 -29.01
CA GLN B 382 -9.86 -30.93 -29.29
C GLN B 382 -10.65 -31.27 -28.03
N ASN B 383 -9.99 -31.37 -26.88
CA ASN B 383 -10.64 -31.61 -25.61
C ASN B 383 -10.63 -30.38 -24.71
N ASN B 384 -10.50 -29.20 -25.31
CA ASN B 384 -10.78 -27.92 -24.67
C ASN B 384 -9.74 -27.55 -23.60
N PHE B 385 -8.50 -27.98 -23.79
CA PHE B 385 -7.37 -27.43 -23.06
C PHE B 385 -6.83 -26.22 -23.80
N ASN B 386 -6.40 -25.20 -23.05
CA ASN B 386 -5.74 -24.06 -23.67
C ASN B 386 -4.34 -23.83 -23.13
N ALA B 387 -3.85 -24.70 -22.27
CA ALA B 387 -2.58 -24.42 -21.60
C ALA B 387 -1.91 -25.72 -21.20
N VAL B 388 -0.59 -25.68 -21.19
CA VAL B 388 0.18 -26.86 -20.84
C VAL B 388 1.33 -26.43 -19.95
N ARG B 389 1.57 -27.20 -18.90
CA ARG B 389 2.71 -26.99 -18.03
C ARG B 389 3.79 -27.96 -18.44
N CYS B 390 5.02 -27.45 -18.64
CA CYS B 390 6.16 -28.32 -19.01
C CYS B 390 6.70 -29.04 -17.77
N SER B 391 5.92 -29.95 -17.20
CA SER B 391 6.35 -30.70 -15.98
C SER B 391 7.47 -31.68 -16.35
N HIS B 392 8.60 -31.61 -15.63
CA HIS B 392 9.03 -30.40 -14.89
C HIS B 392 10.42 -29.98 -15.37
N TYR B 393 10.53 -29.54 -16.62
CA TYR B 393 11.84 -29.19 -17.23
C TYR B 393 11.60 -28.56 -18.60
N PRO B 394 12.54 -27.75 -19.14
CA PRO B 394 12.39 -27.21 -20.50
C PRO B 394 12.21 -28.33 -21.51
N ASN B 395 11.27 -28.14 -22.41
CA ASN B 395 10.96 -29.18 -23.37
C ASN B 395 11.89 -29.07 -24.56
N HIS B 396 11.68 -29.97 -25.51
CA HIS B 396 12.27 -29.89 -26.85
C HIS B 396 11.91 -28.55 -27.46
N PRO B 397 12.84 -27.90 -28.17
CA PRO B 397 12.62 -26.53 -28.69
C PRO B 397 11.47 -26.41 -29.67
N LEU B 398 11.13 -27.50 -30.39
CA LEU B 398 10.01 -27.50 -31.31
C LEU B 398 8.67 -27.35 -30.62
N TRP B 399 8.58 -27.77 -29.35
CA TRP B 399 7.32 -27.73 -28.58
C TRP B 399 6.78 -26.31 -28.44
N TYR B 400 7.67 -25.36 -28.24
CA TYR B 400 7.26 -23.99 -28.03
C TYR B 400 6.81 -23.36 -29.33
N THR B 401 7.48 -23.73 -30.43
CA THR B 401 7.08 -23.31 -31.77
C THR B 401 5.68 -23.81 -32.11
N LEU B 402 5.41 -25.07 -31.79
CA LEU B 402 4.09 -25.64 -32.07
C LEU B 402 3.03 -25.04 -31.16
N CYS B 403 3.38 -24.73 -29.92
CA CYS B 403 2.43 -24.02 -29.06
C CYS B 403 2.19 -22.59 -29.53
N ASP B 404 3.22 -21.92 -30.08
CA ASP B 404 3.05 -20.60 -30.70
C ASP B 404 2.03 -20.68 -31.84
N ARG B 405 2.16 -21.70 -32.68
CA ARG B 405 1.41 -21.75 -33.92
C ARG B 405 0.01 -22.30 -33.75
N TYR B 406 -0.19 -23.26 -32.84
CA TYR B 406 -1.51 -23.82 -32.62
C TYR B 406 -2.30 -23.09 -31.54
N GLY B 407 -1.63 -22.42 -30.62
CA GLY B 407 -2.33 -21.73 -29.58
C GLY B 407 -2.46 -22.57 -28.33
N LEU B 408 -1.40 -22.59 -27.51
CA LEU B 408 -1.50 -23.04 -26.14
C LEU B 408 -0.68 -22.12 -25.27
N TYR B 409 -1.20 -21.77 -24.11
CA TYR B 409 -0.38 -21.09 -23.13
C TYR B 409 0.56 -22.10 -22.49
N VAL B 410 1.80 -21.69 -22.27
CA VAL B 410 2.83 -22.59 -21.78
C VAL B 410 3.37 -22.05 -20.47
N VAL B 411 3.51 -22.94 -19.49
CA VAL B 411 4.31 -22.69 -18.30
C VAL B 411 5.64 -23.39 -18.52
N ASP B 412 6.70 -22.60 -18.67
CA ASP B 412 8.03 -23.13 -18.95
C ASP B 412 8.75 -23.27 -17.61
N GLU B 413 9.22 -24.47 -17.30
CA GLU B 413 9.65 -24.79 -15.94
C GLU B 413 11.10 -25.23 -15.92
N ALA B 414 11.85 -24.68 -14.97
CA ALA B 414 13.26 -25.02 -14.83
C ALA B 414 13.41 -26.48 -14.44
N ASN B 415 14.54 -27.07 -14.84
CA ASN B 415 14.80 -28.48 -14.60
C ASN B 415 15.39 -28.65 -13.19
N ILE B 416 14.55 -28.41 -12.17
CA ILE B 416 14.98 -28.48 -10.78
C ILE B 416 13.89 -29.17 -9.98
N GLU B 417 14.15 -30.40 -9.54
CA GLU B 417 13.29 -31.05 -8.55
C GLU B 417 14.17 -31.84 -7.60
N THR B 418 14.09 -31.51 -6.31
CA THR B 418 14.90 -32.16 -5.29
C THR B 418 14.02 -32.87 -4.27
N HIS B 419 12.95 -33.51 -4.75
CA HIS B 419 11.87 -34.07 -3.93
C HIS B 419 12.36 -35.13 -2.94
N GLY B 420 13.35 -35.94 -3.33
CA GLY B 420 13.82 -36.97 -2.44
C GLY B 420 14.69 -36.51 -1.29
N MET B 421 15.08 -35.24 -1.25
CA MET B 421 15.87 -34.72 -0.13
C MET B 421 15.04 -34.69 1.14
N VAL B 422 15.73 -34.69 2.28
CA VAL B 422 15.05 -34.57 3.58
C VAL B 422 15.75 -33.51 4.42
N PRO B 423 15.14 -32.33 4.65
CA PRO B 423 13.85 -31.91 4.10
C PRO B 423 13.97 -31.57 2.63
N MET B 424 12.86 -31.17 2.01
CA MET B 424 12.85 -31.01 0.57
C MET B 424 13.73 -29.86 0.10
N ASN B 425 13.99 -28.87 0.94
CA ASN B 425 14.76 -27.70 0.55
C ASN B 425 16.24 -27.79 0.97
N ARG B 426 16.74 -28.99 1.25
CA ARG B 426 18.10 -29.17 1.77
C ARG B 426 19.16 -28.67 0.80
N LEU B 427 18.92 -28.81 -0.50
CA LEU B 427 19.81 -28.26 -1.50
C LEU B 427 19.41 -26.84 -1.90
N THR B 428 18.11 -26.58 -1.98
CA THR B 428 17.65 -25.29 -2.49
C THR B 428 17.79 -24.17 -1.47
N ASP B 429 18.04 -24.50 -0.21
CA ASP B 429 18.38 -23.52 0.78
C ASP B 429 19.87 -23.44 1.03
N ASP B 430 20.67 -24.16 0.25
CA ASP B 430 22.12 -24.17 0.43
C ASP B 430 22.75 -23.30 -0.63
N PRO B 431 23.54 -22.28 -0.28
CA PRO B 431 24.13 -21.41 -1.30
C PRO B 431 25.23 -22.08 -2.13
N ARG B 432 25.75 -23.23 -1.69
CA ARG B 432 26.64 -24.03 -2.52
C ARG B 432 25.93 -24.58 -3.76
N TRP B 433 24.62 -24.78 -3.70
CA TRP B 433 23.87 -25.26 -4.84
C TRP B 433 23.19 -24.12 -5.60
N LEU B 434 23.37 -22.88 -5.17
CA LEU B 434 22.82 -21.75 -5.91
C LEU B 434 23.41 -21.59 -7.30
N PRO B 435 24.72 -21.75 -7.55
CA PRO B 435 25.21 -21.72 -8.94
C PRO B 435 24.65 -22.80 -9.85
N ALA B 436 24.44 -24.02 -9.36
CA ALA B 436 23.86 -25.05 -10.21
C ALA B 436 22.39 -24.77 -10.50
N MET B 437 21.65 -24.30 -9.51
CA MET B 437 20.25 -24.00 -9.73
C MET B 437 20.09 -22.78 -10.62
N SER B 438 21.02 -21.83 -10.50
CA SER B 438 20.96 -20.59 -11.26
C SER B 438 21.14 -20.86 -12.75
N GLU B 439 21.92 -21.87 -13.11
CA GLU B 439 22.06 -22.19 -14.53
C GLU B 439 20.84 -22.88 -15.09
N ARG B 440 20.10 -23.62 -14.26
CA ARG B 440 18.89 -24.26 -14.76
C ARG B 440 17.78 -23.24 -15.02
N VAL B 441 17.78 -22.14 -14.30
CA VAL B 441 16.79 -21.09 -14.49
C VAL B 441 17.21 -20.12 -15.57
N THR B 442 18.44 -19.61 -15.49
CA THR B 442 18.86 -18.52 -16.37
C THR B 442 19.03 -19.00 -17.81
N ARG B 443 19.52 -20.22 -17.99
CA ARG B 443 19.67 -20.75 -19.34
C ARG B 443 18.32 -21.12 -19.96
N MET B 444 17.31 -21.38 -19.14
CA MET B 444 15.98 -21.58 -19.69
C MET B 444 15.38 -20.28 -20.17
N VAL B 445 15.54 -19.20 -19.39
CA VAL B 445 14.99 -17.91 -19.78
C VAL B 445 15.73 -17.34 -21.00
N GLN B 446 17.04 -17.57 -21.09
CA GLN B 446 17.78 -17.07 -22.24
C GLN B 446 17.41 -17.84 -23.50
N ARG B 447 16.98 -19.08 -23.36
CA ARG B 447 16.62 -19.86 -24.54
C ARG B 447 15.22 -19.55 -25.02
N ASP B 448 14.25 -19.40 -24.10
CA ASP B 448 12.85 -19.45 -24.47
C ASP B 448 12.12 -18.11 -24.34
N ARG B 449 12.82 -17.02 -24.02
CA ARG B 449 12.13 -15.76 -23.71
C ARG B 449 11.45 -15.10 -24.91
N ASN B 450 11.74 -15.51 -26.14
CA ASN B 450 11.06 -14.90 -27.27
C ASN B 450 9.79 -15.65 -27.68
N HIS B 451 9.47 -16.78 -27.07
CA HIS B 451 8.29 -17.53 -27.49
C HIS B 451 7.04 -16.91 -26.89
N PRO B 452 6.04 -16.55 -27.70
CA PRO B 452 4.80 -15.99 -27.14
C PRO B 452 3.98 -16.98 -26.36
N SER B 453 4.08 -18.28 -26.66
CA SER B 453 3.26 -19.26 -25.95
C SER B 453 3.66 -19.38 -24.49
N VAL B 454 4.93 -19.15 -24.18
CA VAL B 454 5.38 -19.15 -22.79
C VAL B 454 4.82 -17.90 -22.11
N ILE B 455 3.88 -18.08 -21.20
CA ILE B 455 3.31 -16.94 -20.50
C ILE B 455 3.75 -16.86 -19.04
N ILE B 456 4.22 -17.96 -18.45
CA ILE B 456 4.62 -18.01 -17.05
C ILE B 456 5.92 -18.80 -16.94
N TRP B 457 6.86 -18.31 -16.15
CA TRP B 457 8.04 -19.09 -15.80
C TRP B 457 7.80 -19.83 -14.51
N SER B 458 8.34 -21.04 -14.41
CA SER B 458 8.29 -21.80 -13.17
C SER B 458 9.71 -22.07 -12.71
N LEU B 459 9.93 -21.99 -11.39
CA LEU B 459 11.24 -22.22 -10.81
C LEU B 459 11.57 -23.69 -10.64
N GLY B 460 10.69 -24.58 -11.02
CA GLY B 460 10.91 -25.99 -10.85
C GLY B 460 9.75 -26.60 -10.11
N ASN B 461 10.03 -27.71 -9.45
CA ASN B 461 8.95 -28.50 -8.87
C ASN B 461 9.50 -29.27 -7.70
N GLU B 462 8.76 -29.25 -6.58
CA GLU B 462 8.93 -30.11 -5.39
C GLU B 462 10.37 -30.08 -4.86
N SER B 463 10.83 -28.88 -4.57
CA SER B 463 12.16 -28.69 -4.05
C SER B 463 12.12 -27.84 -2.79
N GLY B 464 11.00 -27.88 -2.06
CA GLY B 464 10.81 -27.09 -0.87
C GLY B 464 10.83 -25.62 -1.20
N HIS B 465 11.09 -24.79 -0.20
CA HIS B 465 11.36 -23.39 -0.47
C HIS B 465 12.67 -23.05 0.22
N GLY B 466 13.65 -22.65 -0.58
CA GLY B 466 14.93 -22.20 -0.06
C GLY B 466 15.21 -20.80 -0.55
N ALA B 467 16.29 -20.22 -0.02
CA ALA B 467 16.67 -18.87 -0.39
C ALA B 467 17.10 -18.77 -1.85
N ASN B 468 17.62 -19.89 -2.42
CA ASN B 468 17.96 -19.92 -3.83
C ASN B 468 16.75 -19.70 -4.73
N HIS B 469 15.58 -20.16 -4.29
CA HIS B 469 14.34 -19.91 -5.02
C HIS B 469 14.00 -18.42 -5.05
N ASP B 470 14.14 -17.75 -3.89
CA ASP B 470 13.85 -16.32 -3.79
C ASP B 470 14.79 -15.52 -4.66
N ALA B 471 16.06 -15.93 -4.70
CA ALA B 471 17.05 -15.28 -5.52
C ALA B 471 16.72 -15.42 -7.01
N LEU B 472 16.36 -16.62 -7.42
CA LEU B 472 16.15 -16.88 -8.84
C LEU B 472 14.80 -16.36 -9.31
N TYR B 473 13.82 -16.32 -8.41
CA TYR B 473 12.57 -15.58 -8.64
C TYR B 473 12.87 -14.14 -9.01
N ARG B 474 13.70 -13.47 -8.19
CA ARG B 474 13.96 -12.06 -8.37
C ARG B 474 14.81 -11.80 -9.59
N TRP B 475 15.67 -12.76 -9.92
CA TRP B 475 16.46 -12.70 -11.15
C TRP B 475 15.55 -12.64 -12.37
N ILE B 476 14.58 -13.55 -12.43
CA ILE B 476 13.68 -13.63 -13.58
C ILE B 476 12.83 -12.38 -13.68
N LYS B 477 12.37 -11.87 -12.53
CA LYS B 477 11.57 -10.65 -12.49
C LYS B 477 12.37 -9.45 -12.97
N SER B 478 13.68 -9.45 -12.74
CA SER B 478 14.51 -8.36 -13.23
C SER B 478 14.81 -8.50 -14.71
N VAL B 479 15.05 -9.72 -15.18
CA VAL B 479 15.51 -9.94 -16.55
C VAL B 479 14.33 -9.98 -17.53
N ASP B 480 13.21 -10.51 -17.10
CA ASP B 480 12.03 -10.66 -17.95
C ASP B 480 10.81 -10.29 -17.12
N PRO B 481 10.48 -9.00 -17.04
CA PRO B 481 9.25 -8.59 -16.32
C PRO B 481 7.95 -8.88 -17.07
N SER B 482 8.01 -9.36 -18.31
CA SER B 482 6.82 -9.57 -19.12
C SER B 482 6.08 -10.86 -18.80
N ARG B 483 6.59 -11.67 -17.88
CA ARG B 483 5.96 -12.94 -17.56
C ARG B 483 5.95 -13.14 -16.06
N PRO B 484 4.82 -13.56 -15.47
CA PRO B 484 4.83 -13.95 -14.06
C PRO B 484 5.70 -15.17 -13.82
N VAL B 485 6.13 -15.28 -12.57
CA VAL B 485 6.91 -16.41 -12.08
C VAL B 485 6.07 -17.13 -11.05
N GLN B 486 6.04 -18.46 -11.14
CA GLN B 486 5.33 -19.23 -10.14
C GLN B 486 6.23 -20.33 -9.63
N TYR B 487 5.88 -20.83 -8.47
CA TYR B 487 6.61 -21.95 -7.90
C TYR B 487 5.80 -22.50 -6.74
N GLU B 488 5.51 -23.79 -6.77
CA GLU B 488 4.61 -24.38 -5.79
C GLU B 488 5.29 -24.66 -4.47
N GLY B 489 6.61 -24.87 -4.46
CA GLY B 489 7.25 -25.59 -3.36
C GLY B 489 7.26 -24.79 -2.07
N GLY B 490 7.22 -25.52 -0.96
CA GLY B 490 7.18 -24.84 0.31
C GLY B 490 5.84 -24.20 0.62
N GLY B 491 4.76 -24.77 0.11
CA GLY B 491 3.44 -24.36 0.54
C GLY B 491 2.61 -23.57 -0.46
N ALA B 492 3.09 -23.38 -1.69
CA ALA B 492 2.34 -22.86 -2.84
C ALA B 492 2.07 -21.36 -2.79
N ASP B 493 2.48 -20.65 -1.73
CA ASP B 493 2.18 -19.23 -1.62
C ASP B 493 3.34 -18.45 -1.05
N THR B 494 4.57 -18.93 -1.28
CA THR B 494 5.75 -18.29 -0.74
C THR B 494 6.01 -16.97 -1.45
N THR B 495 7.12 -16.34 -1.06
CA THR B 495 7.63 -15.16 -1.72
C THR B 495 8.24 -15.43 -3.10
N ALA B 496 8.43 -16.69 -3.48
CA ALA B 496 8.99 -17.08 -4.75
C ALA B 496 7.94 -17.35 -5.81
N THR B 497 6.70 -16.94 -5.59
CA THR B 497 5.68 -17.16 -6.60
C THR B 497 4.75 -15.96 -6.68
N ASP B 498 4.37 -15.61 -7.91
CA ASP B 498 3.39 -14.56 -8.18
C ASP B 498 1.97 -15.09 -8.15
N ILE B 499 1.80 -16.39 -8.15
CA ILE B 499 0.51 -17.05 -8.27
C ILE B 499 0.44 -18.08 -7.16
N ILE B 500 -0.68 -18.11 -6.44
CA ILE B 500 -0.88 -19.23 -5.52
C ILE B 500 -1.08 -20.47 -6.38
N CYS B 501 -0.12 -21.38 -6.36
CA CYS B 501 -0.14 -22.51 -7.29
C CYS B 501 -0.03 -23.84 -6.58
N PRO B 502 -1.02 -24.21 -5.77
CA PRO B 502 -0.94 -25.47 -5.04
C PRO B 502 -1.13 -26.67 -5.95
N MET B 503 -0.68 -27.81 -5.44
CA MET B 503 -0.95 -29.08 -6.05
C MET B 503 -2.00 -29.79 -5.22
N TYR B 504 -3.11 -30.17 -5.85
CA TYR B 504 -4.14 -31.05 -5.28
C TYR B 504 -4.80 -30.44 -4.05
N ALA B 505 -4.85 -29.12 -3.98
CA ALA B 505 -5.72 -28.48 -3.01
C ALA B 505 -7.15 -28.76 -3.40
N ARG B 506 -7.97 -29.06 -2.42
CA ARG B 506 -9.34 -29.40 -2.73
C ARG B 506 -10.20 -28.15 -2.80
N VAL B 507 -11.40 -28.32 -3.35
CA VAL B 507 -12.26 -27.16 -3.57
C VAL B 507 -12.81 -26.64 -2.25
N ASP B 508 -13.34 -27.55 -1.43
CA ASP B 508 -14.03 -27.20 -0.19
C ASP B 508 -13.35 -27.70 1.07
N GLU B 509 -12.48 -28.70 0.98
CA GLU B 509 -11.92 -29.37 2.15
C GLU B 509 -10.50 -28.90 2.40
N ASP B 510 -10.22 -28.41 3.61
CA ASP B 510 -8.85 -28.11 4.00
C ASP B 510 -8.08 -29.39 4.30
N GLN B 511 -6.78 -29.35 4.04
CA GLN B 511 -5.86 -30.44 4.39
C GLN B 511 -4.75 -29.80 5.19
N PRO B 512 -4.90 -29.71 6.50
CA PRO B 512 -4.03 -28.84 7.33
C PRO B 512 -2.70 -29.45 7.74
N PHE B 513 -1.85 -29.78 6.76
CA PHE B 513 -0.50 -30.30 7.02
C PHE B 513 0.34 -29.25 7.74
N PRO B 514 1.36 -29.67 8.53
CA PRO B 514 1.89 -28.81 9.62
C PRO B 514 2.58 -27.53 9.20
N ALA B 515 3.43 -27.56 8.18
CA ALA B 515 4.08 -26.36 7.69
C ALA B 515 3.73 -26.03 6.26
N VAL B 516 3.14 -26.97 5.55
CA VAL B 516 2.74 -26.74 4.17
C VAL B 516 1.29 -27.18 4.00
N PRO B 517 0.34 -26.48 4.61
CA PRO B 517 -1.06 -26.90 4.51
C PRO B 517 -1.60 -26.66 3.12
N LYS B 518 -2.53 -27.49 2.73
CA LYS B 518 -3.25 -27.30 1.47
C LYS B 518 -4.65 -26.88 1.90
N TRP B 519 -4.84 -25.57 2.00
CA TRP B 519 -6.17 -25.04 2.20
C TRP B 519 -7.06 -25.35 1.01
N SER B 520 -8.37 -25.37 1.27
CA SER B 520 -9.33 -25.35 0.17
C SER B 520 -9.12 -24.07 -0.62
N ILE B 521 -9.22 -24.19 -1.94
CA ILE B 521 -8.81 -23.11 -2.83
C ILE B 521 -9.72 -21.89 -2.67
N LYS B 522 -10.97 -22.10 -2.29
CA LYS B 522 -11.82 -20.97 -1.96
C LYS B 522 -11.34 -20.27 -0.70
N LYS B 523 -10.95 -21.04 0.31
CA LYS B 523 -10.50 -20.46 1.57
C LYS B 523 -9.16 -19.76 1.41
N TRP B 524 -8.27 -20.32 0.58
CA TRP B 524 -6.91 -19.83 0.38
C TRP B 524 -6.89 -18.41 -0.17
N LEU B 525 -7.87 -18.07 -1.01
CA LEU B 525 -7.92 -16.76 -1.63
C LEU B 525 -8.19 -15.67 -0.61
N SER B 526 -8.95 -15.99 0.44
CA SER B 526 -9.38 -14.92 1.38
C SER B 526 -8.56 -14.90 2.67
N LEU B 527 -7.49 -15.70 2.75
CA LEU B 527 -6.66 -15.62 3.94
C LEU B 527 -6.12 -14.20 4.07
N PRO B 528 -5.95 -13.73 5.31
CA PRO B 528 -5.58 -12.33 5.55
C PRO B 528 -4.23 -11.97 4.96
N GLY B 529 -4.23 -10.93 4.12
CA GLY B 529 -3.07 -10.52 3.39
C GLY B 529 -2.84 -11.24 2.09
N GLU B 530 -3.71 -12.15 1.68
CA GLU B 530 -3.54 -12.89 0.42
C GLU B 530 -4.27 -12.18 -0.70
N THR B 531 -3.55 -11.77 -1.75
CA THR B 531 -4.19 -11.10 -2.87
C THR B 531 -3.94 -11.72 -4.24
N ARG B 532 -3.08 -12.71 -4.35
CA ARG B 532 -2.68 -13.23 -5.65
C ARG B 532 -3.79 -14.08 -6.27
N PRO B 533 -3.76 -14.26 -7.57
CA PRO B 533 -4.65 -15.26 -8.18
C PRO B 533 -4.19 -16.64 -7.78
N LEU B 534 -5.08 -17.60 -7.93
CA LEU B 534 -4.78 -18.99 -7.60
C LEU B 534 -5.01 -19.83 -8.84
N ILE B 535 -3.98 -20.53 -9.26
CA ILE B 535 -4.04 -21.46 -10.39
C ILE B 535 -3.30 -22.71 -9.95
N LEU B 536 -4.01 -23.83 -9.85
CA LEU B 536 -3.41 -25.07 -9.38
C LEU B 536 -2.40 -25.55 -10.39
N CYS B 537 -1.15 -25.72 -9.97
CA CYS B 537 -0.18 -26.23 -10.92
C CYS B 537 -0.42 -27.70 -11.21
N GLU B 538 -1.01 -28.43 -10.26
CA GLU B 538 -1.50 -29.80 -10.48
C GLU B 538 -2.81 -29.97 -9.73
N TYR B 539 -3.77 -30.62 -10.37
CA TYR B 539 -5.00 -31.01 -9.69
C TYR B 539 -5.64 -32.11 -10.51
N ALA B 540 -6.59 -32.81 -9.88
CA ALA B 540 -7.43 -33.85 -10.49
C ALA B 540 -6.55 -34.99 -11.03
N HIS B 541 -5.97 -35.72 -10.08
CA HIS B 541 -4.93 -36.70 -10.39
C HIS B 541 -5.52 -37.85 -11.18
N ALA B 542 -5.17 -37.96 -12.45
CA ALA B 542 -5.92 -38.82 -13.38
C ALA B 542 -5.41 -40.26 -13.44
N MET B 543 -4.97 -40.77 -12.30
CA MET B 543 -4.43 -42.11 -12.19
C MET B 543 -5.53 -43.14 -12.36
N GLY B 544 -5.54 -43.77 -13.53
CA GLY B 544 -6.48 -44.83 -13.80
C GLY B 544 -7.88 -44.30 -13.90
N ASN B 545 -8.79 -45.00 -13.26
CA ASN B 545 -10.20 -44.62 -13.27
C ASN B 545 -10.34 -43.47 -12.30
N SER B 546 -10.26 -42.24 -12.81
CA SER B 546 -10.17 -41.12 -11.89
C SER B 546 -10.94 -39.93 -12.48
N LEU B 547 -10.57 -38.74 -12.02
CA LEU B 547 -11.23 -37.47 -12.31
C LEU B 547 -12.62 -37.38 -11.69
N GLY B 548 -12.87 -38.14 -10.63
CA GLY B 548 -14.07 -37.94 -9.88
C GLY B 548 -14.03 -36.58 -9.19
N GLY B 549 -15.16 -35.89 -9.19
CA GLY B 549 -15.19 -34.58 -8.59
C GLY B 549 -14.60 -33.48 -9.43
N PHE B 550 -14.37 -33.76 -10.72
CA PHE B 550 -13.76 -32.75 -11.60
C PHE B 550 -14.68 -31.57 -11.81
N ALA B 551 -15.99 -31.82 -11.83
CA ALA B 551 -16.97 -30.75 -12.05
C ALA B 551 -17.01 -29.77 -10.88
N LYS B 552 -16.65 -30.22 -9.68
CA LYS B 552 -16.62 -29.34 -8.52
C LYS B 552 -15.55 -28.27 -8.65
N TYR B 553 -14.41 -28.64 -9.25
CA TYR B 553 -13.37 -27.67 -9.53
C TYR B 553 -13.85 -26.62 -10.52
N TRP B 554 -14.51 -27.06 -11.59
CA TRP B 554 -14.87 -26.13 -12.65
C TRP B 554 -16.07 -25.28 -12.26
N GLN B 555 -16.91 -25.78 -11.35
CA GLN B 555 -17.90 -24.88 -10.76
C GLN B 555 -17.21 -23.80 -9.95
N ALA B 556 -16.17 -24.16 -9.21
CA ALA B 556 -15.49 -23.20 -8.36
C ALA B 556 -14.71 -22.20 -9.19
N PHE B 557 -14.10 -22.66 -10.29
CA PHE B 557 -13.35 -21.77 -11.17
C PHE B 557 -14.27 -20.74 -11.82
N ARG B 558 -15.46 -21.16 -12.19
CA ARG B 558 -16.35 -20.22 -12.85
C ARG B 558 -16.97 -19.23 -11.86
N GLN B 559 -17.17 -19.65 -10.62
CA GLN B 559 -17.80 -18.77 -9.64
C GLN B 559 -16.82 -17.74 -9.06
N TYR B 560 -15.58 -18.11 -8.85
CA TYR B 560 -14.65 -17.26 -8.12
C TYR B 560 -13.70 -16.60 -9.09
N PRO B 561 -13.60 -15.26 -9.14
CA PRO B 561 -12.71 -14.61 -10.12
C PRO B 561 -11.22 -14.91 -9.95
N ARG B 562 -10.73 -14.96 -8.73
CA ARG B 562 -9.30 -15.24 -8.58
C ARG B 562 -8.97 -16.73 -8.64
N LEU B 563 -9.96 -17.62 -8.80
CA LEU B 563 -9.67 -19.02 -9.12
C LEU B 563 -9.60 -19.12 -10.63
N GLN B 564 -8.38 -19.08 -11.17
CA GLN B 564 -8.25 -18.95 -12.62
C GLN B 564 -7.84 -20.25 -13.28
N GLY B 565 -8.14 -21.37 -12.65
CA GLY B 565 -8.06 -22.65 -13.31
C GLY B 565 -6.94 -23.48 -12.76
N GLY B 566 -6.37 -24.32 -13.59
CA GLY B 566 -5.29 -25.16 -13.13
C GLY B 566 -4.86 -26.11 -14.21
N PHE B 567 -3.91 -26.97 -13.83
CA PHE B 567 -3.30 -27.90 -14.76
C PHE B 567 -3.56 -29.30 -14.24
N VAL B 568 -4.30 -30.10 -15.01
CA VAL B 568 -4.57 -31.49 -14.65
C VAL B 568 -3.27 -32.29 -14.64
N TRP B 569 -3.13 -33.17 -13.65
CA TRP B 569 -2.07 -34.18 -13.66
C TRP B 569 -2.68 -35.51 -14.09
N ASP B 570 -2.26 -36.03 -15.24
CA ASP B 570 -1.48 -35.29 -16.23
C ASP B 570 -1.90 -35.82 -17.61
N TRP B 571 -1.11 -35.52 -18.63
CA TRP B 571 -1.61 -35.74 -19.99
C TRP B 571 -1.56 -37.21 -20.40
N VAL B 572 -0.38 -37.82 -20.32
CA VAL B 572 -0.17 -39.13 -20.93
C VAL B 572 0.42 -40.07 -19.89
N ASP B 573 -0.10 -41.31 -19.87
CA ASP B 573 0.46 -42.40 -19.08
C ASP B 573 1.95 -42.58 -19.42
N GLN B 574 2.79 -42.73 -18.40
CA GLN B 574 4.20 -43.04 -18.64
C GLN B 574 4.44 -44.55 -18.69
N SER B 575 3.62 -45.29 -19.43
CA SER B 575 3.88 -46.70 -19.62
C SER B 575 4.92 -46.86 -20.72
N LEU B 576 5.66 -47.96 -20.65
CA LEU B 576 6.60 -48.35 -21.69
C LEU B 576 6.18 -49.70 -22.24
N ILE B 577 6.54 -49.95 -23.47
CA ILE B 577 6.17 -51.20 -24.14
C ILE B 577 7.25 -52.24 -23.85
N LYS B 578 6.83 -53.41 -23.40
CA LYS B 578 7.68 -54.59 -23.43
C LYS B 578 7.04 -55.63 -24.34
N TYR B 579 7.74 -56.73 -24.53
CA TYR B 579 7.27 -57.75 -25.45
C TYR B 579 7.26 -59.09 -24.74
N ASP B 580 6.18 -59.82 -24.92
CA ASP B 580 6.10 -61.18 -24.40
C ASP B 580 6.94 -62.09 -25.30
N GLU B 581 7.10 -63.36 -24.89
CA GLU B 581 7.96 -64.31 -25.60
C GLU B 581 7.49 -64.66 -27.01
N ASN B 582 6.20 -64.47 -27.32
CA ASN B 582 5.66 -64.65 -28.65
C ASN B 582 5.70 -63.39 -29.50
N GLY B 583 6.19 -62.28 -28.94
CA GLY B 583 6.33 -61.04 -29.68
C GLY B 583 5.26 -60.01 -29.44
N ASN B 584 4.23 -60.33 -28.65
CA ASN B 584 3.12 -59.39 -28.47
C ASN B 584 3.53 -58.28 -27.52
N PRO B 585 3.33 -57.02 -27.89
CA PRO B 585 3.71 -55.93 -27.00
C PRO B 585 2.73 -55.78 -25.85
N TRP B 586 3.22 -55.28 -24.73
CA TRP B 586 2.29 -54.95 -23.65
C TRP B 586 2.82 -53.77 -22.87
N SER B 587 1.90 -53.02 -22.27
CA SER B 587 2.22 -51.81 -21.55
C SER B 587 2.77 -52.13 -20.17
N ALA B 588 3.96 -51.64 -19.88
CA ALA B 588 4.68 -51.93 -18.66
C ALA B 588 4.79 -50.66 -17.82
N TYR B 589 4.83 -50.85 -16.50
CA TYR B 589 5.03 -49.73 -15.60
C TYR B 589 6.20 -50.11 -14.70
N GLY B 590 6.38 -49.32 -13.63
CA GLY B 590 7.28 -49.45 -12.49
C GLY B 590 8.44 -50.41 -12.53
N GLY B 591 8.31 -51.52 -11.83
CA GLY B 591 9.33 -52.55 -11.74
C GLY B 591 9.23 -53.65 -12.75
N ASP B 592 8.73 -53.39 -13.95
CA ASP B 592 8.67 -54.38 -15.02
C ASP B 592 9.99 -54.52 -15.77
N PHE B 593 11.02 -53.80 -15.40
CA PHE B 593 12.32 -53.89 -16.04
C PHE B 593 13.40 -54.38 -15.10
N GLY B 594 13.01 -54.99 -13.97
CA GLY B 594 13.93 -55.31 -12.91
C GLY B 594 14.41 -54.13 -12.08
N ASP B 595 13.89 -52.94 -12.42
CA ASP B 595 14.32 -51.70 -11.71
C ASP B 595 13.79 -51.77 -10.29
N THR B 596 14.60 -51.37 -9.30
CA THR B 596 14.19 -51.57 -7.89
C THR B 596 15.08 -50.69 -6.99
N PRO B 597 14.63 -49.96 -5.97
CA PRO B 597 13.20 -49.74 -5.70
C PRO B 597 12.49 -49.05 -6.87
N ASN B 598 11.24 -49.43 -7.11
CA ASN B 598 10.35 -48.69 -8.06
C ASN B 598 9.08 -48.25 -7.33
N ASP B 599 8.20 -47.55 -8.04
CA ASP B 599 6.91 -47.16 -7.49
C ASP B 599 5.74 -47.67 -8.31
N ARG B 600 5.94 -48.73 -9.09
CA ARG B 600 4.89 -49.53 -9.73
C ARG B 600 4.08 -48.69 -10.70
N GLN B 601 2.76 -48.67 -10.58
CA GLN B 601 1.86 -48.07 -11.55
C GLN B 601 1.67 -46.58 -11.33
N PHE B 602 2.45 -45.96 -10.44
CA PHE B 602 2.28 -44.54 -10.20
C PHE B 602 2.82 -43.66 -11.33
N CYS B 603 3.56 -44.21 -12.29
CA CYS B 603 3.96 -43.46 -13.47
C CYS B 603 2.82 -43.23 -14.45
N MET B 604 1.71 -43.94 -14.31
CA MET B 604 0.58 -43.83 -15.23
C MET B 604 -0.51 -42.98 -14.57
N ASN B 605 -0.48 -41.68 -14.87
CA ASN B 605 -1.46 -40.73 -14.34
C ASN B 605 -2.16 -39.98 -15.46
N GLY B 606 -2.25 -40.56 -16.64
CA GLY B 606 -2.60 -39.77 -17.79
C GLY B 606 -4.08 -39.75 -18.10
N LEU B 607 -4.47 -38.67 -18.78
CA LEU B 607 -5.78 -38.60 -19.43
C LEU B 607 -5.81 -39.47 -20.68
N VAL B 608 -4.66 -39.74 -21.27
CA VAL B 608 -4.59 -40.63 -22.42
C VAL B 608 -3.58 -41.71 -22.12
N PHE B 609 -3.77 -42.86 -22.77
CA PHE B 609 -2.78 -43.92 -22.79
C PHE B 609 -1.51 -43.43 -23.49
N ALA B 610 -0.42 -44.20 -23.31
CA ALA B 610 0.88 -43.85 -23.88
C ALA B 610 0.88 -43.83 -25.41
N ASP B 611 -0.01 -44.59 -26.05
CA ASP B 611 -0.25 -44.49 -27.49
C ASP B 611 -1.24 -43.38 -27.87
N ARG B 612 -1.60 -42.51 -26.91
CA ARG B 612 -2.45 -41.34 -27.09
C ARG B 612 -3.90 -41.67 -27.35
N THR B 613 -4.33 -42.90 -27.08
CA THR B 613 -5.76 -43.23 -27.06
C THR B 613 -6.36 -42.69 -25.77
N PRO B 614 -7.54 -42.06 -25.82
CA PRO B 614 -8.07 -41.40 -24.61
C PRO B 614 -8.56 -42.38 -23.56
N HIS B 615 -8.29 -42.06 -22.30
CA HIS B 615 -9.02 -42.65 -21.19
C HIS B 615 -10.43 -42.06 -21.16
N PRO B 616 -11.36 -42.68 -20.43
CA PRO B 616 -12.70 -42.10 -20.32
C PRO B 616 -12.76 -40.77 -19.59
N ALA B 617 -11.79 -40.47 -18.73
CA ALA B 617 -11.77 -39.21 -17.99
C ALA B 617 -11.62 -37.99 -18.90
N LEU B 618 -10.99 -38.17 -20.06
CA LEU B 618 -10.74 -37.08 -21.00
C LEU B 618 -12.03 -36.42 -21.49
N THR B 619 -13.10 -37.20 -21.68
CA THR B 619 -14.36 -36.59 -22.10
C THR B 619 -14.99 -35.79 -20.97
N GLU B 620 -14.79 -36.21 -19.72
CA GLU B 620 -15.23 -35.38 -18.59
C GLU B 620 -14.45 -34.09 -18.55
N ALA B 621 -13.16 -34.15 -18.87
CA ALA B 621 -12.33 -32.95 -18.92
C ALA B 621 -12.79 -32.03 -20.04
N LYS B 622 -13.17 -32.60 -21.19
CA LYS B 622 -13.62 -31.82 -22.34
C LYS B 622 -14.93 -31.11 -22.03
N HIS B 623 -15.83 -31.80 -21.33
CA HIS B 623 -17.13 -31.22 -21.05
C HIS B 623 -17.03 -30.11 -20.03
N GLN B 624 -16.26 -30.31 -18.95
CA GLN B 624 -16.16 -29.29 -17.93
C GLN B 624 -15.38 -28.07 -18.41
N GLN B 625 -14.47 -28.26 -19.36
CA GLN B 625 -13.63 -27.19 -19.84
C GLN B 625 -14.18 -26.51 -21.09
N GLN B 626 -15.42 -26.84 -21.48
CA GLN B 626 -15.96 -26.34 -22.73
C GLN B 626 -16.19 -24.84 -22.69
N PHE B 627 -16.02 -24.20 -23.84
CA PHE B 627 -15.99 -22.75 -23.89
C PHE B 627 -17.35 -22.13 -24.05
N PHE B 628 -18.39 -22.93 -24.14
CA PHE B 628 -19.75 -22.44 -24.15
C PHE B 628 -20.47 -23.04 -22.96
N GLN B 629 -21.20 -22.21 -22.24
CA GLN B 629 -21.97 -22.63 -21.09
C GLN B 629 -23.44 -22.39 -21.36
N PHE B 630 -24.30 -23.26 -20.82
CA PHE B 630 -25.71 -23.29 -21.23
C PHE B 630 -26.62 -23.21 -20.02
N ARG B 631 -27.72 -22.48 -20.19
CA ARG B 631 -28.79 -22.42 -19.20
C ARG B 631 -30.10 -22.52 -19.95
N LEU B 632 -31.00 -23.34 -19.44
CA LEU B 632 -32.33 -23.50 -20.02
C LEU B 632 -33.32 -22.82 -19.09
N SER B 633 -33.86 -21.68 -19.52
CA SER B 633 -34.93 -21.02 -18.79
C SER B 633 -36.14 -21.92 -18.85
N GLY B 634 -36.97 -21.76 -19.87
CA GLY B 634 -38.08 -22.69 -20.06
C GLY B 634 -38.10 -23.28 -21.44
N GLN B 635 -38.25 -22.45 -22.46
CA GLN B 635 -38.10 -22.87 -23.84
C GLN B 635 -36.87 -22.24 -24.47
N THR B 636 -36.16 -21.43 -23.70
CA THR B 636 -35.04 -20.69 -24.22
C THR B 636 -33.73 -21.30 -23.72
N ILE B 637 -32.78 -21.46 -24.63
CA ILE B 637 -31.41 -21.83 -24.28
C ILE B 637 -30.61 -20.55 -24.31
N GLU B 638 -29.94 -20.26 -23.21
CA GLU B 638 -29.03 -19.13 -23.17
C GLU B 638 -27.62 -19.66 -23.28
N VAL B 639 -26.92 -19.26 -24.33
CA VAL B 639 -25.55 -19.67 -24.56
C VAL B 639 -24.62 -18.57 -24.07
N THR B 640 -23.64 -18.93 -23.25
CA THR B 640 -22.65 -17.98 -22.80
C THR B 640 -21.29 -18.38 -23.37
N SER B 641 -20.60 -17.42 -23.95
CA SER B 641 -19.26 -17.65 -24.47
C SER B 641 -18.23 -17.42 -23.39
N GLU B 642 -17.33 -18.38 -23.20
CA GLU B 642 -16.16 -18.18 -22.36
C GLU B 642 -14.90 -17.94 -23.18
N TYR B 643 -15.04 -17.66 -24.47
CA TYR B 643 -13.93 -17.10 -25.21
C TYR B 643 -13.69 -15.65 -24.80
N LEU B 644 -12.44 -15.26 -24.72
CA LEU B 644 -12.10 -13.89 -24.35
C LEU B 644 -11.93 -13.01 -25.57
N PHE B 645 -11.53 -13.57 -26.70
CA PHE B 645 -11.04 -12.77 -27.82
C PHE B 645 -11.72 -13.04 -29.14
N ARG B 646 -12.30 -14.20 -29.35
CA ARG B 646 -12.90 -14.53 -30.63
C ARG B 646 -14.40 -14.62 -30.51
N HIS B 647 -15.08 -14.12 -31.53
CA HIS B 647 -16.48 -14.36 -31.78
C HIS B 647 -16.67 -15.82 -32.19
N SER B 648 -17.87 -16.36 -31.96
CA SER B 648 -18.18 -17.75 -32.31
C SER B 648 -18.48 -17.85 -33.80
N ASP B 649 -17.42 -17.82 -34.59
CA ASP B 649 -17.55 -17.73 -36.03
C ASP B 649 -17.42 -19.08 -36.73
N ASN B 650 -17.29 -20.16 -35.97
CA ASN B 650 -17.19 -21.50 -36.53
C ASN B 650 -18.01 -22.45 -35.66
N GLU B 651 -19.25 -22.08 -35.37
CA GLU B 651 -20.04 -22.77 -34.37
C GLU B 651 -21.48 -22.91 -34.83
N LEU B 652 -22.01 -24.12 -34.69
CA LEU B 652 -23.39 -24.42 -35.03
C LEU B 652 -24.02 -25.20 -33.90
N LEU B 653 -25.04 -24.64 -33.27
CA LEU B 653 -25.77 -25.33 -32.22
C LEU B 653 -26.74 -26.31 -32.88
N HIS B 654 -26.62 -27.57 -32.50
CA HIS B 654 -27.61 -28.60 -32.82
C HIS B 654 -28.37 -28.91 -31.54
N TRP B 655 -29.69 -28.93 -31.62
CA TRP B 655 -30.49 -29.33 -30.48
C TRP B 655 -31.33 -30.52 -30.88
N MET B 656 -31.65 -31.35 -29.90
CA MET B 656 -32.48 -32.51 -30.14
C MET B 656 -33.32 -32.80 -28.91
N VAL B 657 -34.60 -33.09 -29.12
CA VAL B 657 -35.47 -33.54 -28.05
C VAL B 657 -35.82 -34.99 -28.30
N ALA B 658 -35.56 -35.83 -27.32
CA ALA B 658 -35.90 -37.24 -27.44
C ALA B 658 -36.72 -37.68 -26.24
N LEU B 659 -37.51 -38.72 -26.44
CA LEU B 659 -38.35 -39.29 -25.40
C LEU B 659 -37.80 -40.66 -25.04
N ASP B 660 -36.82 -40.67 -24.13
CA ASP B 660 -36.13 -41.89 -23.70
C ASP B 660 -35.44 -42.58 -24.88
N GLY B 661 -34.61 -41.82 -25.58
CA GLY B 661 -33.80 -42.32 -26.67
C GLY B 661 -34.36 -42.06 -28.05
N LYS B 662 -35.68 -42.03 -28.16
CA LYS B 662 -36.32 -41.87 -29.45
C LYS B 662 -36.40 -40.40 -29.84
N PRO B 663 -35.86 -40.03 -31.00
CA PRO B 663 -35.85 -38.61 -31.40
C PRO B 663 -37.25 -38.13 -31.75
N LEU B 664 -37.66 -37.02 -31.14
CA LEU B 664 -38.96 -36.41 -31.44
C LEU B 664 -38.86 -35.15 -32.28
N ALA B 665 -37.87 -34.30 -32.01
CA ALA B 665 -37.65 -33.05 -32.73
C ALA B 665 -36.16 -32.75 -32.75
N SER B 666 -35.74 -31.97 -33.75
CA SER B 666 -34.34 -31.54 -33.79
C SER B 666 -34.22 -30.33 -34.70
N GLY B 667 -33.16 -29.56 -34.47
CA GLY B 667 -32.95 -28.33 -35.22
C GLY B 667 -31.51 -27.91 -35.19
N GLU B 668 -31.22 -26.84 -35.93
CA GLU B 668 -29.88 -26.27 -36.05
C GLU B 668 -30.00 -24.77 -35.93
N VAL B 669 -29.07 -24.17 -35.20
CA VAL B 669 -29.06 -22.74 -34.93
C VAL B 669 -27.61 -22.28 -34.97
N PRO B 670 -27.22 -21.36 -35.87
CA PRO B 670 -25.85 -20.83 -35.83
C PRO B 670 -25.59 -20.01 -34.58
N LEU B 671 -24.41 -20.20 -34.01
CA LEU B 671 -24.00 -19.44 -32.84
C LEU B 671 -23.49 -18.08 -33.28
N ASP B 672 -23.91 -17.06 -32.56
CA ASP B 672 -23.62 -15.68 -32.87
C ASP B 672 -23.44 -15.00 -31.52
N VAL B 673 -22.35 -15.34 -30.85
CA VAL B 673 -22.11 -14.83 -29.50
C VAL B 673 -20.74 -14.19 -29.47
N ALA B 674 -20.67 -12.98 -28.93
CA ALA B 674 -19.42 -12.26 -28.74
C ALA B 674 -18.59 -12.94 -27.65
N PRO B 675 -17.31 -12.59 -27.54
CA PRO B 675 -16.50 -13.05 -26.40
C PRO B 675 -17.07 -12.59 -25.08
N GLN B 676 -17.30 -13.56 -24.20
CA GLN B 676 -17.89 -13.32 -22.87
C GLN B 676 -19.33 -12.82 -22.94
N GLY B 677 -20.04 -13.11 -24.03
CA GLY B 677 -21.39 -12.65 -24.24
C GLY B 677 -22.38 -13.78 -24.22
N LYS B 678 -23.62 -13.41 -24.50
CA LYS B 678 -24.71 -14.36 -24.40
C LYS B 678 -25.55 -14.31 -25.66
N GLN B 679 -26.10 -15.44 -26.04
CA GLN B 679 -27.05 -15.56 -27.13
C GLN B 679 -28.26 -16.34 -26.64
N LEU B 680 -29.43 -15.77 -26.83
CA LEU B 680 -30.67 -16.43 -26.47
C LEU B 680 -31.19 -17.19 -27.67
N ILE B 681 -31.52 -18.46 -27.49
CA ILE B 681 -32.02 -19.32 -28.55
C ILE B 681 -33.36 -19.87 -28.09
N GLU B 682 -34.45 -19.40 -28.70
CA GLU B 682 -35.78 -19.87 -28.35
C GLU B 682 -36.10 -21.11 -29.18
N LEU B 683 -36.26 -22.25 -28.50
CA LEU B 683 -36.67 -23.46 -29.16
C LEU B 683 -38.10 -23.32 -29.66
N PRO B 684 -38.44 -23.97 -30.79
CA PRO B 684 -39.84 -24.01 -31.24
C PRO B 684 -40.80 -24.73 -30.31
N GLU B 685 -42.06 -24.85 -30.73
CA GLU B 685 -43.04 -25.55 -29.92
C GLU B 685 -42.73 -27.05 -29.96
N LEU B 686 -42.25 -27.55 -28.83
CA LEU B 686 -41.87 -28.94 -28.75
C LEU B 686 -43.12 -29.79 -28.79
N PRO B 687 -43.03 -31.00 -29.34
CA PRO B 687 -44.23 -31.82 -29.48
C PRO B 687 -44.45 -32.63 -28.23
N GLN B 688 -45.40 -32.18 -27.41
CA GLN B 688 -45.71 -32.87 -26.16
C GLN B 688 -46.33 -34.23 -26.46
N PRO B 689 -45.56 -35.30 -26.33
CA PRO B 689 -45.99 -36.61 -26.86
C PRO B 689 -47.10 -37.23 -26.03
N GLU B 690 -47.42 -38.49 -26.36
CA GLU B 690 -48.51 -39.19 -25.65
C GLU B 690 -47.90 -40.31 -24.79
N SER B 691 -46.81 -40.93 -25.27
CA SER B 691 -46.26 -42.04 -24.51
C SER B 691 -45.77 -41.55 -23.16
N ALA B 692 -45.75 -42.45 -22.19
CA ALA B 692 -45.09 -42.17 -20.94
C ALA B 692 -43.57 -42.06 -21.16
N GLY B 693 -42.90 -41.43 -20.22
CA GLY B 693 -41.45 -41.33 -20.27
C GLY B 693 -40.97 -39.89 -20.16
N GLN B 694 -39.66 -39.77 -20.06
CA GLN B 694 -38.98 -38.50 -19.80
C GLN B 694 -38.50 -37.90 -21.11
N LEU B 695 -38.89 -36.67 -21.37
CA LEU B 695 -38.36 -35.92 -22.51
C LEU B 695 -37.01 -35.34 -22.14
N TRP B 696 -36.04 -35.44 -23.06
CA TRP B 696 -34.70 -34.94 -22.83
C TRP B 696 -34.31 -33.98 -23.95
N LEU B 697 -33.73 -32.85 -23.58
CA LEU B 697 -33.19 -31.91 -24.55
C LEU B 697 -31.67 -31.99 -24.49
N THR B 698 -31.04 -32.18 -25.65
CA THR B 698 -29.59 -32.23 -25.76
C THR B 698 -29.16 -31.20 -26.79
N VAL B 699 -28.19 -30.36 -26.44
CA VAL B 699 -27.59 -29.43 -27.40
C VAL B 699 -26.13 -29.80 -27.55
N ARG B 700 -25.59 -29.59 -28.76
CA ARG B 700 -24.18 -29.79 -29.03
C ARG B 700 -23.72 -28.69 -29.95
N VAL B 701 -22.59 -28.06 -29.63
CA VAL B 701 -21.95 -27.11 -30.54
C VAL B 701 -21.00 -27.88 -31.45
N VAL B 702 -21.26 -27.79 -32.75
CA VAL B 702 -20.39 -28.38 -33.76
C VAL B 702 -19.65 -27.25 -34.46
N GLN B 703 -18.42 -27.53 -34.87
CA GLN B 703 -17.66 -26.61 -35.72
C GLN B 703 -17.81 -27.09 -37.15
N PRO B 704 -18.56 -26.38 -38.00
CA PRO B 704 -18.75 -26.87 -39.38
C PRO B 704 -17.49 -26.81 -40.22
N ASN B 705 -16.55 -25.94 -39.90
CA ASN B 705 -15.33 -25.83 -40.68
C ASN B 705 -14.17 -26.45 -39.91
N ALA B 706 -13.27 -27.10 -40.64
CA ALA B 706 -12.03 -27.56 -40.04
C ALA B 706 -11.19 -26.37 -39.61
N THR B 707 -10.36 -26.59 -38.60
CA THR B 707 -9.37 -25.61 -38.22
C THR B 707 -8.01 -26.25 -38.42
N ALA B 708 -6.97 -25.59 -37.90
CA ALA B 708 -5.66 -26.21 -37.91
C ALA B 708 -5.53 -27.37 -36.93
N TRP B 709 -6.44 -27.50 -35.97
CA TRP B 709 -6.37 -28.48 -34.90
C TRP B 709 -7.60 -29.39 -34.82
N SER B 710 -8.57 -29.26 -35.72
CA SER B 710 -9.78 -30.07 -35.61
C SER B 710 -10.40 -30.27 -36.98
N GLU B 711 -11.08 -31.39 -37.15
CA GLU B 711 -11.76 -31.71 -38.40
C GLU B 711 -13.09 -30.98 -38.47
N ALA B 712 -13.66 -30.94 -39.68
CA ALA B 712 -15.02 -30.47 -39.85
C ALA B 712 -16.01 -31.35 -39.09
N GLY B 713 -16.98 -30.72 -38.44
CA GLY B 713 -17.95 -31.46 -37.67
C GLY B 713 -17.55 -31.75 -36.24
N HIS B 714 -16.44 -31.20 -35.78
CA HIS B 714 -15.95 -31.39 -34.41
C HIS B 714 -16.94 -30.83 -33.40
N ILE B 715 -17.28 -31.64 -32.41
CA ILE B 715 -18.14 -31.20 -31.33
C ILE B 715 -17.28 -30.55 -30.25
N SER B 716 -17.62 -29.34 -29.86
CA SER B 716 -16.80 -28.65 -28.89
C SER B 716 -17.46 -28.49 -27.53
N ALA B 717 -18.76 -28.75 -27.42
CA ALA B 717 -19.50 -28.46 -26.20
C ALA B 717 -20.87 -29.09 -26.31
N TRP B 718 -21.44 -29.44 -25.16
CA TRP B 718 -22.79 -30.02 -25.18
C TRP B 718 -23.38 -29.88 -23.79
N GLN B 719 -24.68 -30.14 -23.71
CA GLN B 719 -25.37 -30.08 -22.44
C GLN B 719 -26.72 -30.73 -22.65
N GLN B 720 -27.24 -31.34 -21.60
CA GLN B 720 -28.54 -31.99 -21.67
C GLN B 720 -29.38 -31.56 -20.48
N TRP B 721 -30.68 -31.47 -20.71
CA TRP B 721 -31.65 -31.14 -19.67
C TRP B 721 -32.81 -32.10 -19.73
N ARG B 722 -33.41 -32.33 -18.58
CA ARG B 722 -34.71 -32.95 -18.54
C ARG B 722 -35.77 -31.92 -18.89
N LEU B 723 -36.69 -32.30 -19.77
CA LEU B 723 -37.86 -31.48 -20.04
C LEU B 723 -39.07 -32.02 -19.29
N ALA B 724 -40.24 -32.04 -19.93
CA ALA B 724 -41.43 -32.54 -19.26
C ALA B 724 -41.36 -34.06 -19.14
N GLU B 725 -41.91 -34.58 -18.05
CA GLU B 725 -42.03 -36.01 -17.82
C GLU B 725 -43.50 -36.38 -17.74
N ASN B 726 -43.85 -37.54 -18.28
CA ASN B 726 -45.19 -38.08 -18.18
C ASN B 726 -45.09 -39.46 -17.53
N LEU B 727 -45.46 -39.55 -16.25
CA LEU B 727 -45.43 -40.82 -15.53
C LEU B 727 -46.48 -41.74 -16.11
N SER B 728 -46.11 -43.01 -16.26
CA SER B 728 -47.05 -44.00 -16.77
C SER B 728 -47.96 -44.45 -15.64
N VAL B 729 -49.26 -44.49 -15.91
CA VAL B 729 -50.23 -45.07 -15.00
C VAL B 729 -50.99 -46.22 -15.66
N THR B 730 -50.53 -46.67 -16.82
CA THR B 730 -51.22 -47.75 -17.52
C THR B 730 -51.02 -49.08 -16.80
N LEU B 731 -52.03 -49.93 -16.87
CA LEU B 731 -51.98 -51.20 -16.17
C LEU B 731 -51.58 -52.34 -17.11
N PRO B 732 -50.75 -53.26 -16.63
CA PRO B 732 -50.53 -54.54 -17.31
C PRO B 732 -51.70 -55.48 -17.07
N ALA B 737 -50.35 -66.56 -18.58
CA ALA B 737 -50.72 -67.71 -17.76
C ALA B 737 -50.49 -67.42 -16.27
N ILE B 738 -49.99 -68.42 -15.57
CA ILE B 738 -49.66 -68.31 -14.15
C ILE B 738 -48.45 -69.20 -13.91
N PRO B 739 -47.37 -68.68 -13.35
CA PRO B 739 -46.15 -69.49 -13.18
C PRO B 739 -46.33 -70.57 -12.12
N HIS B 740 -45.78 -71.74 -12.40
CA HIS B 740 -45.97 -72.92 -11.58
C HIS B 740 -44.76 -73.11 -10.69
N LEU B 741 -44.99 -73.37 -9.41
CA LEU B 741 -43.94 -73.44 -8.41
C LEU B 741 -43.71 -74.89 -7.98
N THR B 742 -42.53 -75.41 -8.28
CA THR B 742 -42.11 -76.71 -7.79
C THR B 742 -41.31 -76.51 -6.50
N THR B 743 -41.67 -77.24 -5.46
CA THR B 743 -40.97 -77.22 -4.18
C THR B 743 -40.23 -78.53 -3.98
N SER B 744 -38.90 -78.49 -4.05
CA SER B 744 -38.11 -79.60 -3.57
C SER B 744 -37.44 -79.17 -2.26
N GLU B 745 -36.78 -80.11 -1.59
CA GLU B 745 -36.14 -79.77 -0.34
C GLU B 745 -34.91 -78.89 -0.54
N MET B 746 -34.29 -78.95 -1.72
CA MET B 746 -33.07 -78.21 -1.99
C MET B 746 -33.29 -76.96 -2.86
N ASP B 747 -34.41 -76.84 -3.54
CA ASP B 747 -34.60 -75.76 -4.50
C ASP B 747 -36.08 -75.43 -4.64
N PHE B 748 -36.35 -74.19 -5.04
CA PHE B 748 -37.64 -73.76 -5.58
C PHE B 748 -37.48 -73.55 -7.08
N CYS B 749 -38.35 -74.16 -7.86
CA CYS B 749 -38.35 -74.04 -9.31
C CYS B 749 -39.67 -73.47 -9.79
N ILE B 750 -39.60 -72.41 -10.57
CA ILE B 750 -40.76 -71.72 -11.11
C ILE B 750 -40.77 -71.90 -12.62
N GLU B 751 -41.85 -72.46 -13.14
CA GLU B 751 -42.01 -72.73 -14.56
C GLU B 751 -43.10 -71.86 -15.14
N LEU B 752 -42.81 -71.26 -16.29
CA LEU B 752 -43.82 -70.53 -17.05
C LEU B 752 -43.45 -70.65 -18.52
N GLY B 753 -44.24 -71.42 -19.26
CA GLY B 753 -43.96 -71.62 -20.66
C GLY B 753 -42.71 -72.45 -20.84
N ASN B 754 -41.82 -72.03 -21.72
CA ASN B 754 -40.55 -72.72 -21.85
C ASN B 754 -39.64 -72.46 -20.67
N LYS B 755 -39.82 -71.36 -19.93
CA LYS B 755 -38.83 -70.84 -19.00
C LYS B 755 -38.89 -71.49 -17.62
N ARG B 756 -37.77 -71.43 -16.93
CA ARG B 756 -37.64 -71.91 -15.56
C ARG B 756 -36.76 -70.96 -14.76
N TRP B 757 -37.08 -70.82 -13.49
CA TRP B 757 -36.22 -70.11 -12.54
C TRP B 757 -35.92 -71.07 -11.42
N GLN B 758 -34.67 -71.13 -11.00
CA GLN B 758 -34.28 -72.06 -9.95
C GLN B 758 -33.67 -71.28 -8.81
N PHE B 759 -34.22 -71.49 -7.62
CA PHE B 759 -33.73 -70.85 -6.40
C PHE B 759 -33.21 -71.94 -5.47
N ASN B 760 -31.90 -71.94 -5.26
CA ASN B 760 -31.25 -72.83 -4.31
C ASN B 760 -31.76 -72.49 -2.91
N ARG B 761 -32.44 -73.45 -2.28
CA ARG B 761 -32.98 -73.18 -0.95
C ARG B 761 -31.91 -73.18 0.13
N GLN B 762 -30.74 -73.76 -0.14
CA GLN B 762 -29.68 -73.75 0.85
C GLN B 762 -28.85 -72.47 0.77
N SER B 763 -28.56 -72.00 -0.44
CA SER B 763 -27.88 -70.72 -0.59
C SER B 763 -28.85 -69.55 -0.56
N GLY B 764 -30.08 -69.74 -1.02
CA GLY B 764 -31.07 -68.68 -1.06
C GLY B 764 -31.00 -67.80 -2.28
N PHE B 765 -30.17 -68.13 -3.24
CA PHE B 765 -29.97 -67.32 -4.43
C PHE B 765 -30.59 -67.98 -5.65
N LEU B 766 -30.98 -67.16 -6.62
CA LEU B 766 -31.38 -67.67 -7.93
C LEU B 766 -30.15 -68.28 -8.59
N SER B 767 -30.15 -69.60 -8.70
CA SER B 767 -28.98 -70.36 -9.11
C SER B 767 -28.95 -70.68 -10.60
N GLN B 768 -30.11 -70.72 -11.24
CA GLN B 768 -30.14 -71.08 -12.65
C GLN B 768 -31.45 -70.61 -13.28
N MET B 769 -31.38 -70.28 -14.56
CA MET B 769 -32.51 -69.84 -15.38
C MET B 769 -32.50 -70.62 -16.68
N TRP B 770 -33.68 -70.94 -17.20
CA TRP B 770 -33.84 -71.71 -18.44
C TRP B 770 -34.64 -70.91 -19.45
N ILE B 771 -34.04 -70.62 -20.62
CA ILE B 771 -34.79 -70.21 -21.79
C ILE B 771 -34.74 -71.35 -22.81
N GLY B 772 -35.88 -72.00 -23.03
CA GLY B 772 -35.86 -73.13 -23.94
C GLY B 772 -35.22 -74.32 -23.26
N ASP B 773 -34.08 -74.80 -23.78
CA ASP B 773 -33.31 -75.83 -23.11
C ASP B 773 -32.05 -75.34 -22.44
N LYS B 774 -31.67 -74.08 -22.64
CA LYS B 774 -30.32 -73.63 -22.39
C LYS B 774 -30.26 -72.84 -21.08
N LYS B 775 -29.29 -73.19 -20.25
CA LYS B 775 -29.07 -72.50 -19.00
C LYS B 775 -28.55 -71.10 -19.28
N GLN B 776 -28.94 -70.14 -18.44
CA GLN B 776 -28.58 -68.76 -18.69
C GLN B 776 -27.48 -68.25 -17.76
N LEU B 777 -27.22 -68.90 -16.64
CA LEU B 777 -26.24 -68.44 -15.67
C LEU B 777 -25.13 -69.47 -15.51
N LEU B 778 -23.91 -68.98 -15.32
CA LEU B 778 -22.79 -69.81 -14.91
C LEU B 778 -22.46 -69.63 -13.43
N THR B 779 -23.00 -68.59 -12.81
CA THR B 779 -22.73 -68.27 -11.45
C THR B 779 -24.02 -67.64 -10.95
N PRO B 780 -24.45 -67.98 -9.73
CA PRO B 780 -25.76 -67.51 -9.23
C PRO B 780 -25.82 -66.00 -9.06
N LEU B 781 -27.04 -65.47 -9.16
CA LEU B 781 -27.25 -64.04 -8.94
C LEU B 781 -27.07 -63.75 -7.46
N ARG B 782 -26.09 -62.93 -7.13
CA ARG B 782 -25.67 -62.72 -5.76
C ARG B 782 -25.37 -61.25 -5.50
N ASP B 783 -25.64 -60.82 -4.26
CA ASP B 783 -25.28 -59.47 -3.84
C ASP B 783 -23.78 -59.28 -3.86
N GLN B 784 -23.37 -58.05 -4.15
CA GLN B 784 -21.98 -57.67 -4.26
C GLN B 784 -21.83 -56.30 -3.62
N PHE B 785 -20.88 -56.18 -2.72
CA PHE B 785 -20.65 -54.94 -1.99
C PHE B 785 -19.28 -54.37 -2.21
N THR B 786 -18.44 -55.03 -3.01
CA THR B 786 -17.07 -54.66 -3.23
C THR B 786 -16.88 -54.34 -4.71
N ARG B 787 -15.81 -53.63 -4.99
CA ARG B 787 -15.32 -53.46 -6.34
C ARG B 787 -13.84 -53.78 -6.33
N ALA B 788 -13.35 -54.20 -7.49
CA ALA B 788 -11.92 -54.33 -7.71
C ALA B 788 -11.34 -52.94 -7.60
N PRO B 789 -10.38 -52.71 -6.69
CA PRO B 789 -10.09 -51.34 -6.23
C PRO B 789 -9.42 -50.50 -7.31
N LEU B 790 -9.91 -49.28 -7.47
CA LEU B 790 -9.22 -48.33 -8.31
C LEU B 790 -7.91 -47.92 -7.66
N ASP B 791 -7.06 -47.25 -8.45
CA ASP B 791 -5.84 -46.66 -7.92
C ASP B 791 -6.10 -45.61 -6.85
N ASN B 792 -7.21 -44.85 -6.98
CA ASN B 792 -7.64 -43.97 -5.92
C ASN B 792 -8.07 -44.72 -4.67
N ASP B 793 -8.65 -45.92 -4.82
CA ASP B 793 -9.01 -46.73 -3.65
C ASP B 793 -7.76 -47.22 -2.93
N ILE B 794 -6.72 -47.52 -3.71
CA ILE B 794 -5.53 -48.14 -3.15
C ILE B 794 -4.68 -47.12 -2.43
N GLY B 795 -4.71 -45.87 -2.88
CA GLY B 795 -4.24 -44.72 -2.12
C GLY B 795 -2.76 -44.70 -1.83
N VAL B 796 -1.94 -45.13 -2.79
CA VAL B 796 -0.50 -45.20 -2.63
C VAL B 796 0.16 -44.36 -3.72
N SER B 797 1.16 -43.57 -3.33
CA SER B 797 2.01 -42.81 -4.23
C SER B 797 3.47 -43.19 -4.11
N GLU B 798 3.84 -43.86 -3.04
CA GLU B 798 5.14 -44.47 -2.86
C GLU B 798 4.89 -45.90 -2.47
N ALA B 799 5.54 -46.83 -3.18
CA ALA B 799 5.29 -48.26 -3.01
C ALA B 799 5.62 -48.77 -1.62
N THR B 800 6.55 -48.11 -0.90
CA THR B 800 6.94 -48.54 0.43
C THR B 800 6.01 -48.08 1.55
N ARG B 801 5.07 -47.16 1.28
CA ARG B 801 4.25 -46.61 2.35
C ARG B 801 2.78 -46.85 2.08
N ILE B 802 2.12 -47.53 3.00
CA ILE B 802 0.70 -47.89 2.85
C ILE B 802 -0.11 -46.94 3.71
N ASP B 803 -1.17 -46.39 3.13
CA ASP B 803 -2.09 -45.52 3.85
C ASP B 803 -3.13 -46.40 4.53
N PRO B 804 -3.12 -46.49 5.86
CA PRO B 804 -4.14 -47.29 6.55
C PRO B 804 -5.55 -46.71 6.47
N ASN B 805 -5.70 -45.42 6.14
CA ASN B 805 -6.98 -44.80 5.83
C ASN B 805 -7.41 -44.98 4.39
N ALA B 806 -6.58 -45.62 3.56
CA ALA B 806 -6.98 -45.92 2.18
C ALA B 806 -8.19 -46.84 2.19
N TRP B 807 -9.09 -46.59 1.24
CA TRP B 807 -10.38 -47.28 1.17
C TRP B 807 -10.23 -48.79 1.01
N VAL B 808 -9.22 -49.21 0.25
CA VAL B 808 -9.02 -50.65 0.08
C VAL B 808 -8.44 -51.24 1.36
N GLU B 809 -7.66 -50.47 2.12
CA GLU B 809 -7.15 -50.95 3.39
C GLU B 809 -8.29 -51.10 4.39
N ARG B 810 -9.20 -50.14 4.37
CA ARG B 810 -10.33 -50.19 5.29
C ARG B 810 -11.32 -51.29 4.90
N TRP B 811 -11.55 -51.48 3.60
CA TRP B 811 -12.43 -52.56 3.16
C TRP B 811 -11.83 -53.92 3.45
N LYS B 812 -10.51 -54.06 3.30
CA LYS B 812 -9.89 -55.34 3.58
C LYS B 812 -9.87 -55.65 5.06
N ALA B 813 -9.51 -54.65 5.88
CA ALA B 813 -9.49 -54.82 7.33
C ALA B 813 -10.88 -55.07 7.90
N ALA B 814 -11.92 -54.52 7.28
CA ALA B 814 -13.28 -54.82 7.69
C ALA B 814 -13.77 -56.15 7.17
N GLY B 815 -13.05 -56.76 6.24
CA GLY B 815 -13.43 -58.04 5.70
C GLY B 815 -14.52 -57.97 4.65
N HIS B 816 -14.59 -56.86 3.89
CA HIS B 816 -15.61 -56.75 2.84
C HIS B 816 -15.37 -57.76 1.73
N TYR B 817 -14.11 -58.01 1.41
CA TYR B 817 -13.79 -58.97 0.36
C TYR B 817 -13.84 -60.41 0.84
N GLN B 818 -13.93 -60.64 2.15
CA GLN B 818 -13.92 -61.97 2.74
C GLN B 818 -15.26 -62.38 3.34
N ALA B 819 -16.24 -61.48 3.30
CA ALA B 819 -17.47 -61.66 4.06
C ALA B 819 -18.33 -62.79 3.51
N GLU B 820 -18.79 -63.64 4.42
CA GLU B 820 -19.59 -64.81 4.06
C GLU B 820 -21.06 -64.50 4.26
N ALA B 821 -21.88 -64.89 3.28
CA ALA B 821 -23.32 -64.72 3.39
C ALA B 821 -23.96 -65.82 4.22
N ALA B 822 -24.71 -65.42 5.25
CA ALA B 822 -25.44 -66.34 6.11
C ALA B 822 -26.93 -66.26 5.79
N LEU B 823 -27.48 -67.37 5.31
CA LEU B 823 -28.88 -67.38 4.88
C LEU B 823 -29.81 -67.31 6.10
N LEU B 824 -30.64 -66.27 6.15
CA LEU B 824 -31.58 -66.07 7.24
C LEU B 824 -32.97 -66.58 6.91
N GLN B 825 -33.42 -66.36 5.69
CA GLN B 825 -34.79 -66.66 5.31
C GLN B 825 -34.84 -66.92 3.82
N CYS B 826 -35.62 -67.92 3.42
CA CYS B 826 -35.85 -68.15 2.00
C CYS B 826 -37.13 -68.96 1.89
N THR B 827 -38.24 -68.30 1.60
CA THR B 827 -39.52 -68.99 1.43
C THR B 827 -40.15 -68.60 0.10
N ALA B 828 -41.17 -69.36 -0.29
CA ALA B 828 -41.85 -69.23 -1.56
C ALA B 828 -43.36 -69.24 -1.32
N ASP B 829 -44.07 -68.34 -1.98
CA ASP B 829 -45.55 -68.27 -1.83
C ASP B 829 -46.17 -68.12 -3.23
N THR B 830 -47.26 -68.85 -3.49
CA THR B 830 -47.90 -68.80 -4.83
C THR B 830 -49.10 -67.85 -4.80
N LEU B 831 -48.96 -66.67 -5.40
CA LEU B 831 -50.04 -65.71 -5.47
C LEU B 831 -51.09 -66.23 -6.47
N ALA B 832 -52.11 -65.43 -6.75
CA ALA B 832 -53.08 -65.82 -7.77
C ALA B 832 -52.75 -65.25 -9.12
N ASP B 833 -51.53 -64.76 -9.31
CA ASP B 833 -51.05 -64.28 -10.59
C ASP B 833 -49.54 -64.34 -10.71
N ALA B 834 -48.84 -64.86 -9.71
CA ALA B 834 -47.39 -64.85 -9.71
C ALA B 834 -46.87 -65.76 -8.61
N VAL B 835 -45.54 -65.77 -8.47
CA VAL B 835 -44.86 -66.48 -7.40
C VAL B 835 -43.89 -65.52 -6.75
N LEU B 836 -43.80 -65.55 -5.44
CA LEU B 836 -43.00 -64.62 -4.66
C LEU B 836 -41.99 -65.39 -3.83
N ILE B 837 -40.71 -65.19 -4.13
CA ILE B 837 -39.62 -65.76 -3.35
C ILE B 837 -39.08 -64.65 -2.47
N THR B 838 -38.98 -64.92 -1.17
CA THR B 838 -38.49 -63.95 -0.20
C THR B 838 -37.20 -64.49 0.41
N THR B 839 -36.15 -63.68 0.37
CA THR B 839 -34.88 -64.08 0.94
C THR B 839 -34.34 -63.00 1.86
N ALA B 840 -33.52 -63.43 2.81
CA ALA B 840 -32.77 -62.53 3.66
C ALA B 840 -31.40 -63.14 3.88
N HIS B 841 -30.36 -62.36 3.69
CA HIS B 841 -29.00 -62.80 3.94
C HIS B 841 -28.28 -61.81 4.84
N ALA B 842 -27.38 -62.36 5.65
CA ALA B 842 -26.45 -61.56 6.43
C ALA B 842 -25.03 -61.87 5.98
N TRP B 843 -24.25 -60.83 5.73
CA TRP B 843 -22.83 -60.96 5.42
C TRP B 843 -22.03 -60.69 6.68
N GLN B 844 -21.12 -61.60 7.02
CA GLN B 844 -20.40 -61.48 8.28
C GLN B 844 -18.91 -61.73 8.11
N HIS B 845 -18.12 -61.02 8.91
CA HIS B 845 -16.67 -61.26 9.02
C HIS B 845 -16.34 -61.31 10.51
N GLN B 846 -16.07 -62.51 11.02
CA GLN B 846 -15.64 -62.73 12.40
C GLN B 846 -16.72 -62.30 13.39
N GLY B 847 -17.93 -62.78 13.16
CA GLY B 847 -19.04 -62.50 14.03
C GLY B 847 -19.56 -61.08 13.99
N LYS B 848 -19.19 -60.29 12.99
CA LYS B 848 -19.77 -58.96 12.81
C LYS B 848 -20.62 -58.99 11.56
N THR B 849 -21.87 -58.58 11.68
CA THR B 849 -22.73 -58.50 10.52
C THR B 849 -22.46 -57.18 9.81
N LEU B 850 -21.90 -57.26 8.62
CA LEU B 850 -21.60 -56.05 7.86
C LEU B 850 -22.83 -55.55 7.12
N PHE B 851 -23.48 -56.44 6.38
CA PHE B 851 -24.61 -56.12 5.54
C PHE B 851 -25.70 -57.14 5.77
N ILE B 852 -26.95 -56.69 5.65
CA ILE B 852 -28.11 -57.55 5.55
C ILE B 852 -28.80 -57.23 4.24
N SER B 853 -29.17 -58.26 3.49
CA SER B 853 -29.84 -58.07 2.24
C SER B 853 -31.18 -58.79 2.32
N ARG B 854 -32.26 -58.06 2.11
CA ARG B 854 -33.59 -58.63 2.05
C ARG B 854 -34.12 -58.48 0.63
N LYS B 855 -34.66 -59.54 0.09
CA LYS B 855 -35.08 -59.55 -1.30
C LYS B 855 -36.45 -60.18 -1.43
N THR B 856 -37.18 -59.71 -2.43
CA THR B 856 -38.37 -60.40 -2.92
C THR B 856 -38.22 -60.57 -4.41
N TYR B 857 -38.49 -61.77 -4.90
CA TYR B 857 -38.53 -62.05 -6.34
C TYR B 857 -39.96 -62.34 -6.70
N ARG B 858 -40.56 -61.51 -7.54
CA ARG B 858 -41.93 -61.69 -7.99
C ARG B 858 -41.91 -62.10 -9.45
N ILE B 859 -42.25 -63.36 -9.70
CA ILE B 859 -42.29 -63.92 -11.05
C ILE B 859 -43.76 -64.01 -11.45
N ASP B 860 -44.15 -63.20 -12.39
CA ASP B 860 -45.54 -63.12 -12.81
C ASP B 860 -45.80 -64.01 -14.02
N GLY B 861 -47.04 -64.02 -14.46
CA GLY B 861 -47.44 -64.78 -15.63
C GLY B 861 -46.97 -64.21 -16.94
N SER B 862 -46.49 -62.96 -16.96
CA SER B 862 -45.97 -62.33 -18.15
C SER B 862 -44.49 -62.55 -18.35
N GLY B 863 -43.88 -63.47 -17.57
CA GLY B 863 -42.49 -63.81 -17.69
C GLY B 863 -41.52 -62.87 -17.00
N GLN B 864 -41.98 -61.73 -16.49
CA GLN B 864 -41.10 -60.80 -15.79
C GLN B 864 -40.69 -61.39 -14.45
N MET B 865 -39.52 -60.97 -13.97
CA MET B 865 -39.07 -61.26 -12.61
C MET B 865 -38.76 -59.92 -11.97
N ALA B 866 -39.63 -59.50 -11.05
CA ALA B 866 -39.45 -58.25 -10.33
C ALA B 866 -38.62 -58.54 -9.08
N ILE B 867 -37.49 -57.87 -8.97
CA ILE B 867 -36.57 -58.08 -7.86
C ILE B 867 -36.50 -56.80 -7.05
N THR B 868 -36.80 -56.91 -5.77
CA THR B 868 -36.71 -55.80 -4.83
C THR B 868 -35.68 -56.15 -3.77
N VAL B 869 -34.76 -55.24 -3.53
CA VAL B 869 -33.64 -55.46 -2.61
C VAL B 869 -33.61 -54.31 -1.63
N ASP B 870 -33.62 -54.64 -0.35
CA ASP B 870 -33.40 -53.69 0.73
C ASP B 870 -32.15 -54.10 1.49
N VAL B 871 -31.16 -53.21 1.53
CA VAL B 871 -29.86 -53.51 2.11
C VAL B 871 -29.66 -52.62 3.32
N GLU B 872 -29.25 -53.23 4.43
CA GLU B 872 -28.80 -52.50 5.60
C GLU B 872 -27.29 -52.66 5.75
N VAL B 873 -26.61 -51.57 6.01
CA VAL B 873 -25.18 -51.54 6.20
C VAL B 873 -24.92 -51.06 7.62
N ALA B 874 -24.07 -51.77 8.35
CA ALA B 874 -23.65 -51.35 9.68
C ALA B 874 -22.92 -50.01 9.60
N SER B 875 -23.30 -49.09 10.49
CA SER B 875 -22.77 -47.73 10.46
C SER B 875 -21.29 -47.69 10.80
N ASP B 876 -20.81 -48.67 11.57
CA ASP B 876 -19.42 -48.74 11.95
C ASP B 876 -18.54 -49.46 10.94
N THR B 877 -19.11 -50.11 9.94
CA THR B 877 -18.24 -50.63 8.90
C THR B 877 -17.91 -49.47 7.95
N PRO B 878 -16.76 -49.54 7.27
CA PRO B 878 -16.48 -48.56 6.21
C PRO B 878 -17.51 -48.70 5.12
N HIS B 879 -17.88 -47.56 4.53
CA HIS B 879 -18.97 -47.52 3.56
C HIS B 879 -18.60 -48.32 2.33
N PRO B 880 -19.48 -49.19 1.86
CA PRO B 880 -19.10 -50.13 0.80
C PRO B 880 -19.01 -49.44 -0.53
N ALA B 881 -18.14 -49.99 -1.39
CA ALA B 881 -17.90 -49.46 -2.73
C ALA B 881 -19.15 -49.51 -3.59
N ARG B 882 -20.03 -50.49 -3.38
CA ARG B 882 -21.23 -50.60 -4.19
C ARG B 882 -22.25 -51.41 -3.42
N ILE B 883 -23.49 -51.26 -3.84
CA ILE B 883 -24.59 -52.10 -3.38
C ILE B 883 -25.32 -52.57 -4.62
N GLY B 884 -25.12 -53.81 -5.00
CA GLY B 884 -25.77 -54.29 -6.19
C GLY B 884 -25.76 -55.79 -6.25
N LEU B 885 -25.96 -56.28 -7.47
CA LEU B 885 -26.04 -57.70 -7.73
C LEU B 885 -25.00 -58.04 -8.80
N ASN B 886 -24.60 -59.31 -8.82
CA ASN B 886 -23.54 -59.72 -9.77
C ASN B 886 -23.79 -61.17 -10.17
N CYS B 887 -23.62 -61.48 -11.46
CA CYS B 887 -23.78 -62.85 -11.91
C CYS B 887 -22.93 -63.04 -13.14
N GLN B 888 -22.65 -64.29 -13.46
CA GLN B 888 -21.93 -64.66 -14.65
C GLN B 888 -22.97 -65.21 -15.62
N LEU B 889 -23.31 -64.43 -16.63
CA LEU B 889 -24.25 -64.90 -17.65
C LEU B 889 -23.58 -65.94 -18.52
N ALA B 890 -24.37 -66.93 -18.94
CA ALA B 890 -23.81 -67.93 -19.85
C ALA B 890 -23.61 -67.37 -21.25
N GLN B 891 -24.36 -66.33 -21.61
CA GLN B 891 -24.26 -65.71 -22.92
C GLN B 891 -22.95 -64.94 -23.07
N VAL B 892 -22.40 -64.97 -24.29
CA VAL B 892 -21.41 -64.00 -24.74
C VAL B 892 -22.00 -63.39 -26.01
N ALA B 893 -22.59 -62.20 -25.88
CA ALA B 893 -23.18 -61.55 -27.04
C ALA B 893 -22.26 -60.44 -27.53
N GLU B 894 -22.56 -59.93 -28.72
CA GLU B 894 -21.62 -59.02 -29.35
C GLU B 894 -21.86 -57.57 -28.95
N ARG B 895 -23.12 -57.17 -28.79
CA ARG B 895 -23.46 -55.79 -28.51
C ARG B 895 -24.08 -55.66 -27.13
N VAL B 896 -23.98 -54.46 -26.58
CA VAL B 896 -24.69 -54.07 -25.37
C VAL B 896 -25.56 -52.89 -25.74
N ASN B 897 -26.84 -52.97 -25.40
CA ASN B 897 -27.84 -51.98 -25.74
C ASN B 897 -28.60 -51.60 -24.49
N TRP B 898 -28.85 -50.30 -24.32
CA TRP B 898 -29.23 -49.81 -23.00
C TRP B 898 -29.56 -48.32 -23.00
N LEU B 899 -30.45 -47.93 -22.13
CA LEU B 899 -30.96 -46.58 -22.04
C LEU B 899 -30.44 -46.01 -20.72
N GLY B 900 -29.57 -45.02 -20.82
CA GLY B 900 -28.87 -44.52 -19.65
C GLY B 900 -27.81 -43.52 -20.05
N LEU B 901 -26.90 -43.25 -19.11
CA LEU B 901 -25.95 -42.17 -19.29
C LEU B 901 -24.79 -42.57 -20.18
N GLY B 902 -24.56 -41.76 -21.24
CA GLY B 902 -23.32 -41.59 -21.96
C GLY B 902 -22.95 -42.77 -22.80
N PRO B 903 -22.21 -42.58 -23.89
CA PRO B 903 -21.61 -43.79 -24.45
C PRO B 903 -20.48 -44.29 -23.57
N GLN B 904 -19.67 -43.39 -23.04
CA GLN B 904 -18.46 -43.80 -22.37
C GLN B 904 -18.76 -44.21 -20.92
N GLU B 905 -17.75 -44.82 -20.31
CA GLU B 905 -17.75 -45.13 -18.89
C GLU B 905 -17.98 -43.89 -18.04
N ASN B 906 -18.91 -43.99 -17.09
CA ASN B 906 -19.23 -42.87 -16.22
C ASN B 906 -19.54 -43.39 -14.83
N TYR B 907 -19.18 -42.61 -13.82
CA TYR B 907 -19.31 -42.99 -12.42
C TYR B 907 -20.09 -41.88 -11.76
N PRO B 908 -20.60 -42.09 -10.53
CA PRO B 908 -21.40 -41.05 -9.84
C PRO B 908 -20.67 -39.75 -9.58
N ASP B 909 -19.35 -39.83 -9.43
CA ASP B 909 -18.41 -38.75 -9.26
C ASP B 909 -17.95 -38.16 -10.60
N ARG B 910 -18.17 -38.88 -11.69
CA ARG B 910 -17.66 -38.42 -13.01
C ARG B 910 -18.67 -38.79 -14.09
N LEU B 911 -19.80 -38.07 -14.14
CA LEU B 911 -20.85 -38.48 -15.12
C LEU B 911 -21.39 -37.26 -15.87
N THR B 912 -20.85 -36.07 -15.58
CA THR B 912 -21.37 -34.82 -16.19
C THR B 912 -21.25 -34.89 -17.72
N ALA B 913 -20.20 -35.53 -18.24
CA ALA B 913 -19.99 -35.55 -19.68
C ALA B 913 -20.91 -36.54 -20.37
N ALA B 914 -21.42 -37.50 -19.63
CA ALA B 914 -22.32 -38.48 -20.22
C ALA B 914 -23.68 -37.86 -20.49
N CYS B 915 -24.39 -38.44 -21.43
CA CYS B 915 -25.73 -37.98 -21.75
C CYS B 915 -26.67 -39.16 -21.71
N PHE B 916 -27.91 -38.87 -21.34
CA PHE B 916 -28.94 -39.90 -21.36
C PHE B 916 -29.38 -40.09 -22.79
N ASP B 917 -29.34 -41.33 -23.25
CA ASP B 917 -29.79 -41.67 -24.59
C ASP B 917 -29.82 -43.19 -24.69
N ARG B 918 -30.27 -43.68 -25.84
CA ARG B 918 -30.09 -45.10 -26.12
C ARG B 918 -28.72 -45.29 -26.74
N TRP B 919 -27.89 -46.07 -26.07
CA TRP B 919 -26.53 -46.31 -26.52
C TRP B 919 -26.41 -47.78 -26.91
N ASP B 920 -25.56 -48.04 -27.89
CA ASP B 920 -25.36 -49.40 -28.38
C ASP B 920 -23.90 -49.53 -28.78
N LEU B 921 -23.14 -50.30 -28.02
CA LEU B 921 -21.72 -50.48 -28.25
C LEU B 921 -21.39 -51.95 -28.32
N PRO B 922 -20.30 -52.31 -28.99
CA PRO B 922 -19.74 -53.65 -28.85
C PRO B 922 -19.32 -53.89 -27.41
N LEU B 923 -19.29 -55.17 -27.04
CA LEU B 923 -19.03 -55.57 -25.65
C LEU B 923 -17.61 -55.23 -25.21
N SER B 924 -16.66 -55.17 -26.15
CA SER B 924 -15.32 -54.69 -25.82
C SER B 924 -15.32 -53.21 -25.45
N ASP B 925 -16.26 -52.43 -25.98
CA ASP B 925 -16.34 -51.02 -25.63
C ASP B 925 -16.81 -50.78 -24.20
N MET B 926 -17.43 -51.78 -23.56
CA MET B 926 -17.90 -51.72 -22.19
C MET B 926 -16.82 -52.12 -21.19
N TYR B 927 -15.60 -52.37 -21.66
CA TYR B 927 -14.46 -52.66 -20.79
C TYR B 927 -13.40 -51.62 -21.09
N THR B 928 -12.96 -50.90 -20.07
CA THR B 928 -11.92 -49.89 -20.22
C THR B 928 -10.58 -50.53 -19.87
N PRO B 929 -9.66 -50.66 -20.81
CA PRO B 929 -8.44 -51.42 -20.52
C PRO B 929 -7.38 -50.56 -19.86
N TYR B 930 -7.66 -50.17 -18.61
CA TYR B 930 -6.65 -49.54 -17.77
C TYR B 930 -5.49 -50.50 -17.59
N VAL B 931 -4.27 -49.96 -17.67
CA VAL B 931 -3.05 -50.79 -17.66
C VAL B 931 -2.92 -51.52 -16.33
N PHE B 932 -3.15 -50.84 -15.22
CA PHE B 932 -3.40 -51.52 -13.95
C PHE B 932 -4.88 -51.82 -13.87
N PRO B 933 -5.30 -53.10 -13.88
CA PRO B 933 -6.73 -53.42 -13.95
C PRO B 933 -7.47 -53.09 -12.66
N SER B 934 -8.69 -52.61 -12.81
CA SER B 934 -9.53 -52.25 -11.68
C SER B 934 -10.98 -52.33 -12.12
N GLU B 935 -11.89 -51.94 -11.24
CA GLU B 935 -13.28 -51.69 -11.62
C GLU B 935 -13.34 -50.63 -12.72
N ASN B 936 -14.14 -50.89 -13.74
CA ASN B 936 -14.11 -50.09 -14.96
C ASN B 936 -15.44 -50.28 -15.67
N GLY B 937 -15.71 -49.40 -16.63
CA GLY B 937 -16.78 -49.67 -17.56
C GLY B 937 -18.18 -49.45 -17.03
N LEU B 938 -18.32 -48.88 -15.83
CA LEU B 938 -19.64 -48.61 -15.28
C LEU B 938 -20.35 -47.54 -16.10
N ARG B 939 -21.65 -47.69 -16.24
CA ARG B 939 -22.52 -46.67 -16.80
C ARG B 939 -23.62 -46.41 -15.79
N CYS B 940 -23.82 -45.15 -15.42
CA CYS B 940 -24.78 -44.81 -14.39
C CYS B 940 -26.09 -44.38 -15.04
N GLY B 941 -27.11 -44.21 -14.20
CA GLY B 941 -28.38 -43.66 -14.63
C GLY B 941 -29.12 -44.51 -15.62
N THR B 942 -28.91 -45.82 -15.59
CA THR B 942 -29.42 -46.70 -16.62
C THR B 942 -30.82 -47.17 -16.23
N ARG B 943 -31.76 -46.99 -17.15
CA ARG B 943 -33.13 -47.39 -16.93
C ARG B 943 -33.46 -48.69 -17.62
N GLU B 944 -32.67 -49.06 -18.63
CA GLU B 944 -32.89 -50.31 -19.32
C GLU B 944 -31.56 -50.80 -19.87
N LEU B 945 -31.32 -52.10 -19.76
CA LEU B 945 -30.11 -52.72 -20.27
C LEU B 945 -30.52 -53.95 -21.06
N ASN B 946 -29.97 -54.10 -22.26
CA ASN B 946 -30.25 -55.25 -23.10
C ASN B 946 -28.95 -55.95 -23.45
N TYR B 947 -28.89 -57.25 -23.19
CA TYR B 947 -27.73 -58.07 -23.52
C TYR B 947 -28.23 -59.42 -24.00
N GLY B 948 -28.08 -59.69 -25.29
CA GLY B 948 -28.68 -60.85 -25.90
C GLY B 948 -30.18 -60.81 -25.77
N PRO B 949 -30.77 -61.89 -25.25
CA PRO B 949 -32.22 -61.94 -25.06
C PRO B 949 -32.68 -61.38 -23.72
N HIS B 950 -31.75 -60.98 -22.86
CA HIS B 950 -32.09 -60.49 -21.54
C HIS B 950 -32.32 -58.98 -21.54
N GLN B 951 -33.24 -58.54 -20.68
CA GLN B 951 -33.47 -57.13 -20.48
C GLN B 951 -33.64 -56.85 -18.99
N TRP B 952 -32.91 -55.86 -18.50
CA TRP B 952 -33.05 -55.41 -17.13
C TRP B 952 -33.56 -53.97 -17.14
N ARG B 953 -34.58 -53.71 -16.35
CA ARG B 953 -35.10 -52.36 -16.22
C ARG B 953 -35.13 -51.94 -14.77
N GLY B 954 -35.18 -50.64 -14.56
CA GLY B 954 -35.14 -50.08 -13.24
C GLY B 954 -34.40 -48.76 -13.29
N ASP B 955 -33.53 -48.56 -12.30
CA ASP B 955 -32.77 -47.32 -12.16
C ASP B 955 -31.45 -47.68 -11.49
N PHE B 956 -30.47 -48.07 -12.30
CA PHE B 956 -29.29 -48.74 -11.78
C PHE B 956 -28.05 -48.23 -12.49
N GLN B 957 -26.92 -48.70 -12.01
CA GLN B 957 -25.64 -48.58 -12.68
C GLN B 957 -25.24 -49.98 -13.07
N PHE B 958 -24.48 -50.11 -14.15
CA PHE B 958 -24.02 -51.44 -14.52
C PHE B 958 -22.63 -51.34 -15.12
N ASN B 959 -21.92 -52.46 -15.07
CA ASN B 959 -20.89 -52.74 -16.04
C ASN B 959 -21.05 -54.17 -16.51
N ILE B 960 -20.45 -54.47 -17.64
CA ILE B 960 -20.61 -55.78 -18.24
C ILE B 960 -19.36 -56.06 -19.04
N SER B 961 -18.80 -57.25 -18.87
CA SER B 961 -17.49 -57.56 -19.43
C SER B 961 -17.24 -59.04 -19.22
N ARG B 962 -16.12 -59.53 -19.76
CA ARG B 962 -15.71 -60.91 -19.60
C ARG B 962 -14.73 -61.11 -18.45
N TYR B 963 -14.51 -60.09 -17.61
CA TYR B 963 -13.62 -60.20 -16.46
C TYR B 963 -14.40 -59.97 -15.18
N SER B 964 -14.38 -60.95 -14.29
CA SER B 964 -14.95 -60.80 -12.96
C SER B 964 -14.17 -59.75 -12.17
N GLN B 965 -14.82 -59.24 -11.12
CA GLN B 965 -14.17 -58.31 -10.20
C GLN B 965 -12.99 -58.95 -9.48
N GLN B 966 -13.06 -60.26 -9.23
CA GLN B 966 -11.95 -60.96 -8.59
C GLN B 966 -10.73 -60.99 -9.50
N GLN B 967 -10.92 -61.32 -10.79
CA GLN B 967 -9.80 -61.39 -11.72
C GLN B 967 -9.19 -60.01 -11.97
N LEU B 968 -10.05 -58.98 -12.02
CA LEU B 968 -9.57 -57.60 -12.13
C LEU B 968 -8.76 -57.21 -10.90
N MET B 969 -9.17 -57.68 -9.72
CA MET B 969 -8.47 -57.26 -8.52
C MET B 969 -7.14 -57.98 -8.36
N GLU B 970 -7.03 -59.19 -8.88
CA GLU B 970 -5.85 -60.03 -8.69
C GLU B 970 -4.81 -59.92 -9.79
N THR B 971 -5.10 -59.21 -10.87
CA THR B 971 -4.23 -59.12 -12.04
C THR B 971 -3.58 -57.75 -12.08
N SER B 972 -2.26 -57.72 -12.17
CA SER B 972 -1.50 -56.47 -12.08
C SER B 972 -1.37 -55.76 -13.41
N HIS B 973 -1.62 -56.46 -14.52
CA HIS B 973 -1.47 -55.90 -15.84
C HIS B 973 -2.65 -56.30 -16.70
N ARG B 974 -3.05 -55.38 -17.58
CA ARG B 974 -4.18 -55.63 -18.46
C ARG B 974 -3.91 -56.74 -19.48
N HIS B 975 -2.63 -56.97 -19.83
CA HIS B 975 -2.33 -58.03 -20.79
C HIS B 975 -2.36 -59.40 -20.15
N LEU B 976 -2.35 -59.47 -18.82
CA LEU B 976 -2.48 -60.73 -18.11
C LEU B 976 -3.93 -61.12 -17.85
N LEU B 977 -4.88 -60.26 -18.20
CA LEU B 977 -6.28 -60.63 -18.11
C LEU B 977 -6.61 -61.68 -19.17
N HIS B 978 -7.47 -62.62 -18.80
CA HIS B 978 -8.05 -63.59 -19.72
C HIS B 978 -9.57 -63.50 -19.64
N ALA B 979 -10.23 -63.60 -20.79
CA ALA B 979 -11.67 -63.50 -20.82
C ALA B 979 -12.29 -64.75 -20.20
N GLU B 980 -13.21 -64.56 -19.25
CA GLU B 980 -13.86 -65.70 -18.63
C GLU B 980 -15.01 -66.15 -19.53
N GLU B 981 -15.57 -67.33 -19.21
CA GLU B 981 -16.30 -68.12 -20.20
C GLU B 981 -17.63 -67.49 -20.60
N GLY B 982 -18.33 -66.84 -19.66
CA GLY B 982 -19.53 -66.10 -19.97
C GLY B 982 -19.31 -64.60 -19.84
N THR B 983 -20.38 -63.89 -19.52
CA THR B 983 -20.35 -62.44 -19.33
C THR B 983 -20.64 -62.12 -17.86
N TRP B 984 -19.71 -61.42 -17.23
CA TRP B 984 -19.92 -60.97 -15.85
C TRP B 984 -20.75 -59.70 -15.86
N LEU B 985 -21.90 -59.75 -15.20
CA LEU B 985 -22.81 -58.61 -15.11
C LEU B 985 -22.83 -58.09 -13.68
N ASN B 986 -22.51 -56.82 -13.51
CA ASN B 986 -22.64 -56.13 -12.25
C ASN B 986 -23.71 -55.08 -12.41
N ILE B 987 -24.81 -55.21 -11.69
CA ILE B 987 -25.87 -54.20 -11.67
C ILE B 987 -25.95 -53.64 -10.27
N ASP B 988 -25.74 -52.35 -10.15
CA ASP B 988 -25.67 -51.68 -8.87
C ASP B 988 -26.90 -50.81 -8.74
N GLY B 989 -27.64 -50.97 -7.64
CA GLY B 989 -28.45 -49.88 -7.19
C GLY B 989 -27.59 -48.65 -6.91
N PHE B 990 -26.48 -48.86 -6.21
CA PHE B 990 -25.69 -47.79 -5.62
C PHE B 990 -24.21 -48.07 -5.82
N HIS B 991 -23.44 -47.04 -6.11
CA HIS B 991 -22.01 -47.20 -6.39
C HIS B 991 -21.28 -45.97 -5.86
N MET B 992 -20.18 -46.21 -5.16
CA MET B 992 -19.40 -45.13 -4.57
C MET B 992 -18.72 -44.30 -5.66
N GLY B 993 -18.43 -43.04 -5.35
CA GLY B 993 -17.64 -42.22 -6.25
C GLY B 993 -16.22 -42.74 -6.37
N ILE B 994 -15.51 -42.26 -7.38
CA ILE B 994 -14.16 -42.79 -7.63
C ILE B 994 -13.05 -41.89 -7.07
N GLY B 995 -13.36 -40.64 -6.72
CA GLY B 995 -12.40 -39.70 -6.19
C GLY B 995 -11.38 -39.32 -7.25
N GLY B 996 -10.31 -38.70 -6.80
CA GLY B 996 -9.24 -38.35 -7.70
C GLY B 996 -8.67 -36.97 -7.48
N ASP B 997 -9.13 -36.27 -6.43
CA ASP B 997 -8.47 -35.03 -6.00
C ASP B 997 -6.98 -35.26 -5.71
N ASP B 998 -6.66 -36.39 -5.08
CA ASP B 998 -5.37 -37.02 -5.30
C ASP B 998 -5.58 -38.53 -5.23
N SER B 999 -4.51 -39.27 -5.42
CA SER B 999 -4.59 -40.72 -5.51
C SER B 999 -3.90 -41.41 -4.34
N TRP B 1000 -3.42 -40.64 -3.37
CA TRP B 1000 -2.63 -41.17 -2.25
C TRP B 1000 -3.25 -40.86 -0.91
N SER B 1001 -4.48 -40.39 -0.90
CA SER B 1001 -5.25 -40.19 0.31
C SER B 1001 -6.69 -40.43 -0.06
N PRO B 1002 -7.58 -40.58 0.92
CA PRO B 1002 -9.01 -40.67 0.63
C PRO B 1002 -9.52 -39.39 -0.02
N SER B 1003 -10.13 -39.53 -1.18
CA SER B 1003 -10.50 -38.39 -1.99
C SER B 1003 -11.93 -38.44 -2.49
N VAL B 1004 -12.70 -39.43 -2.09
CA VAL B 1004 -14.11 -39.44 -2.42
C VAL B 1004 -14.83 -38.54 -1.44
N SER B 1005 -15.54 -37.54 -1.96
CA SER B 1005 -16.25 -36.60 -1.11
C SER B 1005 -17.38 -37.32 -0.40
N ALA B 1006 -17.77 -36.75 0.74
CA ALA B 1006 -18.66 -37.40 1.69
C ALA B 1006 -20.05 -37.64 1.11
N GLU B 1007 -20.50 -36.79 0.20
CA GLU B 1007 -21.80 -37.02 -0.43
C GLU B 1007 -21.77 -38.10 -1.51
N LEU B 1008 -20.58 -38.59 -1.89
CA LEU B 1008 -20.44 -39.63 -2.90
C LEU B 1008 -20.12 -40.97 -2.26
N GLN B 1009 -20.17 -41.05 -0.94
CA GLN B 1009 -19.92 -42.27 -0.20
C GLN B 1009 -21.25 -42.91 0.19
N LEU B 1010 -21.27 -44.23 0.24
CA LEU B 1010 -22.53 -44.93 0.49
C LEU B 1010 -22.72 -45.05 2.01
N SER B 1011 -23.15 -43.95 2.62
CA SER B 1011 -23.16 -43.80 4.07
C SER B 1011 -24.57 -43.80 4.67
N ALA B 1012 -25.60 -43.99 3.85
CA ALA B 1012 -26.97 -43.85 4.31
C ALA B 1012 -27.41 -44.98 5.22
N GLY B 1013 -26.73 -46.10 5.22
CA GLY B 1013 -27.10 -47.18 6.13
C GLY B 1013 -28.18 -48.13 5.64
N ARG B 1014 -29.21 -47.61 4.99
CA ARG B 1014 -30.24 -48.46 4.40
C ARG B 1014 -30.43 -48.07 2.95
N TYR B 1015 -30.58 -49.07 2.11
CA TYR B 1015 -30.55 -48.87 0.67
C TYR B 1015 -31.64 -49.74 0.07
N HIS B 1016 -32.33 -49.18 -0.92
CA HIS B 1016 -33.38 -49.90 -1.61
C HIS B 1016 -33.20 -49.72 -3.10
N TYR B 1017 -33.34 -50.81 -3.84
CA TYR B 1017 -33.42 -50.70 -5.28
C TYR B 1017 -34.26 -51.84 -5.82
N GLN B 1018 -34.87 -51.60 -6.96
CA GLN B 1018 -35.74 -52.57 -7.59
C GLN B 1018 -35.28 -52.77 -9.03
N LEU B 1019 -35.40 -53.98 -9.52
CA LEU B 1019 -34.96 -54.32 -10.85
C LEU B 1019 -35.99 -55.25 -11.46
N VAL B 1020 -36.16 -55.18 -12.77
CA VAL B 1020 -37.01 -56.11 -13.48
C VAL B 1020 -36.15 -56.79 -14.55
N TRP B 1021 -36.08 -58.13 -14.48
CA TRP B 1021 -35.32 -58.88 -15.51
C TRP B 1021 -36.31 -59.61 -16.44
N CYS B 1022 -36.17 -59.41 -17.75
CA CYS B 1022 -36.77 -60.30 -18.76
C CYS B 1022 -35.81 -60.45 -19.95
N MET C 3 -47.47 37.18 25.17
CA MET C 3 -47.82 35.77 25.27
C MET C 3 -48.31 35.27 23.94
N ILE C 4 -48.30 36.19 22.97
CA ILE C 4 -48.67 35.88 21.59
C ILE C 4 -47.73 34.84 21.01
N THR C 5 -46.44 34.99 21.27
CA THR C 5 -45.46 34.10 20.65
C THR C 5 -45.49 32.70 21.23
N ASP C 6 -46.04 32.52 22.43
CA ASP C 6 -46.16 31.20 23.02
C ASP C 6 -47.41 30.45 22.55
N SER C 7 -48.31 31.10 21.84
CA SER C 7 -49.60 30.48 21.50
C SER C 7 -49.41 29.39 20.45
N LEU C 8 -50.38 28.47 20.41
CA LEU C 8 -50.38 27.40 19.41
C LEU C 8 -50.49 27.94 18.00
N ALA C 9 -51.20 29.06 17.81
CA ALA C 9 -51.34 29.68 16.50
C ALA C 9 -50.00 30.20 15.97
N VAL C 10 -49.11 30.63 16.85
CA VAL C 10 -47.80 31.09 16.40
C VAL C 10 -46.82 29.94 16.31
N VAL C 11 -46.80 29.07 17.32
CA VAL C 11 -45.80 28.02 17.41
C VAL C 11 -45.98 26.98 16.31
N LEU C 12 -47.23 26.69 15.95
CA LEU C 12 -47.50 25.68 14.95
C LEU C 12 -47.45 26.23 13.53
N GLN C 13 -47.21 27.52 13.37
CA GLN C 13 -47.34 28.13 12.05
C GLN C 13 -46.09 27.94 11.21
N ARG C 14 -44.92 27.79 11.84
CA ARG C 14 -43.71 27.51 11.07
C ARG C 14 -43.74 26.08 10.52
N ARG C 15 -44.49 25.19 11.19
CA ARG C 15 -44.60 23.78 10.86
C ARG C 15 -43.22 23.15 10.86
N ASP C 16 -42.60 23.20 12.04
CA ASP C 16 -41.24 22.70 12.24
C ASP C 16 -41.10 21.20 12.04
N TRP C 17 -42.19 20.43 12.12
CA TRP C 17 -42.22 19.01 11.81
C TRP C 17 -42.38 18.72 10.31
N GLU C 18 -42.28 19.72 9.46
CA GLU C 18 -42.24 19.55 8.02
C GLU C 18 -41.08 20.33 7.44
N ASN C 19 -39.93 20.13 8.02
CA ASN C 19 -38.77 20.94 7.68
C ASN C 19 -37.52 20.24 8.16
N PRO C 20 -36.74 19.60 7.28
CA PRO C 20 -35.52 18.92 7.73
C PRO C 20 -34.41 19.86 8.15
N GLY C 21 -34.49 21.15 7.81
CA GLY C 21 -33.57 22.12 8.36
C GLY C 21 -33.83 22.50 9.80
N VAL C 22 -34.96 22.09 10.38
CA VAL C 22 -35.21 22.31 11.81
C VAL C 22 -35.45 20.95 12.44
N THR C 23 -34.43 20.41 13.10
CA THR C 23 -34.57 19.16 13.82
C THR C 23 -34.77 19.36 15.31
N GLN C 24 -34.65 20.59 15.79
CA GLN C 24 -34.78 20.92 17.20
C GLN C 24 -34.82 22.43 17.30
N LEU C 25 -35.37 22.91 18.41
CA LEU C 25 -35.20 24.30 18.79
C LEU C 25 -34.87 24.32 20.26
N ASN C 26 -33.76 24.98 20.61
CA ASN C 26 -33.35 25.21 21.99
C ASN C 26 -33.00 23.92 22.73
N ARG C 27 -32.61 22.88 22.01
CA ARG C 27 -32.19 21.65 22.66
C ARG C 27 -30.75 21.77 23.13
N LEU C 28 -30.48 21.24 24.31
CA LEU C 28 -29.13 21.29 24.84
C LEU C 28 -28.23 20.29 24.10
N ALA C 29 -26.93 20.40 24.33
CA ALA C 29 -25.98 19.51 23.68
C ALA C 29 -26.08 18.11 24.25
N ALA C 30 -25.79 17.13 23.40
CA ALA C 30 -25.75 15.75 23.82
C ALA C 30 -24.50 15.49 24.63
N HIS C 31 -24.53 14.42 25.40
CA HIS C 31 -23.46 14.14 26.34
C HIS C 31 -23.66 12.74 26.91
N PRO C 32 -22.66 12.18 27.59
CA PRO C 32 -22.86 10.92 28.31
C PRO C 32 -23.83 11.06 29.46
N PRO C 33 -24.28 9.95 30.00
CA PRO C 33 -25.32 9.95 31.05
C PRO C 33 -24.82 10.61 32.34
N PHE C 34 -25.60 11.57 32.81
CA PHE C 34 -25.23 12.39 33.95
C PHE C 34 -26.20 12.13 35.10
N ALA C 35 -25.71 12.29 36.31
CA ALA C 35 -26.57 12.27 37.49
C ALA C 35 -26.35 13.45 38.41
N SER C 36 -25.24 14.19 38.28
CA SER C 36 -24.93 15.38 39.08
C SER C 36 -24.87 15.06 40.58
N TRP C 37 -24.06 14.06 40.92
CA TRP C 37 -23.81 13.75 42.31
C TRP C 37 -23.12 14.90 43.01
N ARG C 38 -23.60 15.25 44.18
CA ARG C 38 -22.92 16.20 45.02
C ARG C 38 -22.08 15.51 46.09
N ASN C 39 -21.94 14.19 45.99
CA ASN C 39 -21.09 13.40 46.85
C ASN C 39 -20.34 12.39 46.01
N SER C 40 -19.02 12.40 46.12
CA SER C 40 -18.17 11.52 45.32
C SER C 40 -18.35 10.05 45.69
N GLU C 41 -18.67 9.76 46.95
CA GLU C 41 -18.90 8.38 47.34
C GLU C 41 -20.18 7.83 46.73
N GLU C 42 -21.21 8.67 46.64
CA GLU C 42 -22.46 8.24 46.02
C GLU C 42 -22.28 8.01 44.52
N ALA C 43 -21.44 8.84 43.88
CA ALA C 43 -21.15 8.64 42.47
C ALA C 43 -20.37 7.36 42.23
N ARG C 44 -19.44 7.04 43.14
CA ARG C 44 -18.66 5.82 43.01
C ARG C 44 -19.53 4.58 43.15
N THR C 45 -20.47 4.61 44.08
CA THR C 45 -21.29 3.43 44.28
C THR C 45 -22.55 3.45 43.44
N ASP C 46 -22.79 4.54 42.70
CA ASP C 46 -23.94 4.68 41.80
C ASP C 46 -25.27 4.63 42.54
N ARG C 47 -25.28 5.10 43.78
CA ARG C 47 -26.52 5.32 44.49
C ARG C 47 -27.32 6.40 43.79
N PRO C 48 -28.65 6.36 43.94
CA PRO C 48 -29.53 7.31 43.22
C PRO C 48 -29.31 8.75 43.66
N SER C 49 -29.09 9.62 42.68
CA SER C 49 -28.77 11.00 42.97
C SER C 49 -30.06 11.77 43.20
N GLN C 50 -30.07 12.62 44.22
CA GLN C 50 -31.27 13.40 44.47
C GLN C 50 -31.38 14.61 43.53
N GLN C 51 -30.37 14.88 42.69
CA GLN C 51 -30.35 15.93 41.70
C GLN C 51 -30.92 15.46 40.37
N LEU C 52 -31.20 14.18 40.24
CA LEU C 52 -31.80 13.61 39.06
C LEU C 52 -33.17 13.09 39.46
N ARG C 53 -34.21 13.81 39.07
CA ARG C 53 -35.57 13.50 39.48
C ARG C 53 -36.30 12.82 38.33
N SER C 54 -36.99 11.73 38.62
CA SER C 54 -37.80 11.03 37.63
C SER C 54 -39.23 11.56 37.63
N LEU C 55 -39.71 12.01 36.47
CA LEU C 55 -41.09 12.42 36.30
C LEU C 55 -41.95 11.36 35.63
N ASN C 56 -41.50 10.09 35.58
CA ASN C 56 -42.37 9.03 35.13
C ASN C 56 -43.51 8.83 36.11
N GLY C 57 -44.62 8.36 35.59
CA GLY C 57 -45.78 8.14 36.42
C GLY C 57 -47.05 8.60 35.74
N GLU C 58 -47.94 9.18 36.52
CA GLU C 58 -49.22 9.59 35.98
C GLU C 58 -49.10 10.97 35.35
N TRP C 59 -49.50 11.07 34.09
CA TRP C 59 -49.58 12.32 33.38
C TRP C 59 -51.02 12.47 32.88
N ARG C 60 -51.39 13.69 32.52
CA ARG C 60 -52.67 13.89 31.85
C ARG C 60 -52.43 13.82 30.35
N PHE C 61 -53.36 13.21 29.62
CA PHE C 61 -53.17 12.97 28.20
C PHE C 61 -54.47 13.24 27.45
N ALA C 62 -54.36 13.98 26.35
CA ALA C 62 -55.44 14.13 25.38
C ALA C 62 -54.93 13.83 23.98
N TRP C 63 -55.72 13.10 23.20
CA TRP C 63 -55.41 12.78 21.81
C TRP C 63 -56.20 13.69 20.88
N PHE C 64 -55.55 14.16 19.84
CA PHE C 64 -56.22 14.96 18.82
C PHE C 64 -55.81 14.47 17.45
N PRO C 65 -56.70 14.60 16.45
CA PRO C 65 -56.42 14.05 15.12
C PRO C 65 -55.42 14.88 14.35
N ALA C 66 -55.18 16.12 14.76
CA ALA C 66 -54.17 16.98 14.17
C ALA C 66 -53.77 18.00 15.21
N PRO C 67 -52.61 18.63 15.07
CA PRO C 67 -52.19 19.63 16.06
C PRO C 67 -53.04 20.89 16.03
N GLU C 68 -53.67 21.20 14.90
CA GLU C 68 -54.59 22.34 14.81
C GLU C 68 -55.84 22.18 15.66
N ALA C 69 -56.23 20.96 15.97
CA ALA C 69 -57.40 20.71 16.80
C ALA C 69 -57.12 20.87 18.29
N VAL C 70 -55.88 21.13 18.68
CA VAL C 70 -55.57 21.31 20.10
C VAL C 70 -56.04 22.69 20.53
N PRO C 71 -56.91 22.80 21.52
CA PRO C 71 -57.36 24.12 21.96
C PRO C 71 -56.29 24.86 22.73
N GLU C 72 -56.30 26.19 22.59
CA GLU C 72 -55.32 27.08 23.19
C GLU C 72 -55.29 27.03 24.71
N SER C 73 -56.41 26.69 25.35
CA SER C 73 -56.50 26.62 26.80
C SER C 73 -55.63 25.52 27.41
N TRP C 74 -55.28 24.48 26.63
CA TRP C 74 -54.40 23.40 27.10
C TRP C 74 -53.01 23.91 27.50
N LEU C 75 -52.53 25.00 26.90
CA LEU C 75 -51.28 25.64 27.32
C LEU C 75 -51.33 26.18 28.75
N GLU C 76 -52.51 26.51 29.28
CA GLU C 76 -52.57 27.04 30.64
C GLU C 76 -53.10 26.05 31.66
N CYS C 77 -54.20 25.37 31.35
CA CYS C 77 -54.79 24.46 32.29
C CYS C 77 -55.04 23.13 31.63
N ASP C 78 -55.12 22.11 32.47
CA ASP C 78 -55.42 20.76 32.05
C ASP C 78 -56.80 20.71 31.42
N LEU C 79 -56.89 20.00 30.31
CA LEU C 79 -58.17 19.80 29.65
C LEU C 79 -59.07 18.97 30.54
N PRO C 80 -60.35 19.32 30.64
CA PRO C 80 -61.28 18.49 31.42
C PRO C 80 -61.50 17.11 30.82
N GLU C 81 -61.35 17.00 29.50
CA GLU C 81 -61.54 15.77 28.77
C GLU C 81 -60.27 14.91 28.71
N ALA C 82 -59.13 15.44 29.14
CA ALA C 82 -57.89 14.66 29.25
C ALA C 82 -58.02 13.55 30.29
N ASP C 83 -57.27 12.48 30.07
CA ASP C 83 -57.34 11.30 30.99
C ASP C 83 -55.99 11.09 31.67
N THR C 84 -55.97 10.25 32.71
CA THR C 84 -54.69 9.96 33.43
C THR C 84 -54.04 8.72 32.81
N VAL C 85 -52.80 8.85 32.34
CA VAL C 85 -52.09 7.73 31.72
C VAL C 85 -50.68 7.64 32.30
N VAL C 86 -50.15 6.43 32.26
CA VAL C 86 -48.77 6.21 32.70
C VAL C 86 -47.82 6.69 31.62
N VAL C 87 -46.82 7.46 32.02
CA VAL C 87 -45.68 7.79 31.16
C VAL C 87 -44.45 7.18 31.79
N PRO C 88 -43.55 6.53 31.03
CA PRO C 88 -43.57 6.42 29.57
C PRO C 88 -44.57 5.42 29.03
N SER C 89 -45.09 5.70 27.84
CA SER C 89 -45.98 4.78 27.16
C SER C 89 -46.07 5.16 25.69
N ASN C 90 -46.59 4.25 24.89
CA ASN C 90 -47.02 4.54 23.54
C ASN C 90 -48.52 4.65 23.58
N TRP C 91 -49.10 5.74 23.04
CA TRP C 91 -50.57 5.93 23.21
C TRP C 91 -51.39 4.92 22.40
N GLN C 92 -50.81 4.29 21.37
CA GLN C 92 -51.52 3.23 20.67
C GLN C 92 -51.77 2.03 21.56
N MET C 93 -50.93 1.81 22.58
CA MET C 93 -51.14 0.71 23.51
C MET C 93 -52.23 1.01 24.51
N HIS C 94 -52.63 2.28 24.63
CA HIS C 94 -53.75 2.69 25.46
C HIS C 94 -55.05 2.81 24.67
N GLY C 95 -55.00 2.54 23.37
CA GLY C 95 -56.18 2.50 22.56
C GLY C 95 -56.53 3.78 21.83
N TYR C 96 -55.66 4.78 21.81
CA TYR C 96 -56.07 6.09 21.32
C TYR C 96 -56.08 6.17 19.78
N ASP C 97 -55.12 5.51 19.13
CA ASP C 97 -55.29 5.17 17.73
C ASP C 97 -54.56 3.85 17.48
N ALA C 98 -54.59 3.39 16.25
CA ALA C 98 -54.06 2.06 16.06
C ALA C 98 -52.55 2.10 15.80
N PRO C 99 -51.82 1.14 16.33
CA PRO C 99 -50.44 0.94 15.87
C PRO C 99 -50.48 0.44 14.44
N ILE C 100 -49.46 0.78 13.67
CA ILE C 100 -49.39 0.36 12.28
C ILE C 100 -48.16 -0.50 12.10
N TYR C 101 -48.35 -1.68 11.53
CA TYR C 101 -47.20 -2.48 11.11
C TYR C 101 -47.08 -2.37 9.60
N THR C 102 -46.08 -1.64 9.16
CA THR C 102 -45.69 -1.64 7.76
C THR C 102 -44.19 -1.89 7.68
N ASN C 103 -43.80 -2.70 6.72
CA ASN C 103 -42.39 -3.03 6.52
C ASN C 103 -41.71 -1.88 5.78
N VAL C 104 -41.76 -1.91 4.46
CA VAL C 104 -41.01 -0.97 3.62
C VAL C 104 -41.82 0.28 3.32
N THR C 105 -43.07 0.10 2.94
CA THR C 105 -43.95 1.20 2.58
C THR C 105 -44.15 2.10 3.78
N TYR C 106 -43.89 3.39 3.57
CA TYR C 106 -44.04 4.38 4.63
C TYR C 106 -45.48 4.41 5.10
N PRO C 107 -45.72 4.69 6.38
CA PRO C 107 -47.11 4.77 6.87
C PRO C 107 -47.86 6.03 6.46
N ILE C 108 -47.20 6.97 5.81
CA ILE C 108 -47.81 8.17 5.29
C ILE C 108 -47.49 8.26 3.80
N THR C 109 -48.13 9.21 3.13
CA THR C 109 -47.84 9.46 1.72
C THR C 109 -46.41 9.95 1.57
N VAL C 110 -45.68 9.35 0.65
CA VAL C 110 -44.31 9.78 0.41
C VAL C 110 -44.34 11.12 -0.30
N ASN C 111 -43.94 12.16 0.40
CA ASN C 111 -43.84 13.51 -0.13
C ASN C 111 -42.97 14.32 0.81
N PRO C 112 -41.68 13.99 0.94
CA PRO C 112 -40.84 14.65 1.93
C PRO C 112 -40.56 16.09 1.53
N PRO C 113 -40.51 17.00 2.49
CA PRO C 113 -40.55 16.76 3.93
C PRO C 113 -41.94 16.84 4.57
N PHE C 114 -42.99 16.75 3.76
CA PHE C 114 -44.34 16.98 4.27
C PHE C 114 -44.94 15.69 4.81
N VAL C 115 -45.84 15.85 5.76
CA VAL C 115 -46.50 14.71 6.40
C VAL C 115 -47.99 14.96 6.25
N PRO C 116 -48.90 14.06 6.65
CA PRO C 116 -50.33 14.33 6.45
C PRO C 116 -50.83 15.44 7.37
N THR C 117 -51.86 16.13 6.89
CA THR C 117 -52.52 17.10 7.75
C THR C 117 -53.23 16.40 8.90
N GLU C 118 -53.80 15.23 8.64
CA GLU C 118 -54.24 14.34 9.71
C GLU C 118 -52.99 13.75 10.35
N ASN C 119 -52.53 14.41 11.39
CA ASN C 119 -51.30 14.03 12.08
C ASN C 119 -51.64 13.86 13.56
N PRO C 120 -51.75 12.61 14.04
CA PRO C 120 -52.23 12.34 15.40
C PRO C 120 -51.30 12.90 16.47
N THR C 121 -51.90 13.63 17.38
CA THR C 121 -51.21 14.54 18.28
C THR C 121 -51.56 14.17 19.71
N GLY C 122 -50.54 13.84 20.48
CA GLY C 122 -50.76 13.51 21.87
C GLY C 122 -50.35 14.68 22.72
N CYS C 123 -51.29 15.23 23.48
CA CYS C 123 -50.98 16.33 24.38
C CYS C 123 -50.82 15.77 25.78
N TYR C 124 -49.59 15.78 26.27
CA TYR C 124 -49.27 15.34 27.62
C TYR C 124 -49.05 16.56 28.50
N SER C 125 -49.48 16.45 29.75
CA SER C 125 -49.16 17.51 30.69
C SER C 125 -48.92 16.90 32.07
N LEU C 126 -48.15 17.61 32.88
CA LEU C 126 -47.79 17.16 34.21
C LEU C 126 -47.64 18.37 35.10
N THR C 127 -48.43 18.41 36.17
CA THR C 127 -48.23 19.34 37.27
C THR C 127 -47.25 18.72 38.26
N PHE C 128 -46.24 19.50 38.65
CA PHE C 128 -45.18 18.95 39.46
C PHE C 128 -44.62 20.05 40.32
N ASN C 129 -44.15 19.68 41.50
CA ASN C 129 -43.49 20.61 42.39
C ASN C 129 -42.00 20.63 42.11
N VAL C 130 -41.41 21.82 42.17
CA VAL C 130 -39.98 22.01 42.16
C VAL C 130 -39.60 22.63 43.49
N ASP C 131 -38.61 22.05 44.15
CA ASP C 131 -38.13 22.63 45.38
C ASP C 131 -37.41 23.93 45.07
N GLU C 132 -37.51 24.88 45.99
CA GLU C 132 -36.97 26.21 45.76
C GLU C 132 -35.45 26.27 45.77
N SER C 133 -34.77 25.23 46.30
CA SER C 133 -33.31 25.20 46.27
C SER C 133 -32.76 24.90 44.88
N TRP C 134 -33.61 24.42 43.97
CA TRP C 134 -33.19 24.15 42.60
C TRP C 134 -33.20 25.41 41.76
N LEU C 135 -34.01 26.40 42.15
CA LEU C 135 -34.16 27.64 41.39
C LEU C 135 -33.24 28.75 41.87
N GLN C 136 -32.79 28.72 43.12
CA GLN C 136 -31.93 29.78 43.61
C GLN C 136 -30.53 29.69 43.03
N GLU C 137 -30.10 28.51 42.60
CA GLU C 137 -28.77 28.36 42.03
C GLU C 137 -28.81 27.14 41.13
N GLY C 138 -27.89 27.13 40.18
CA GLY C 138 -27.76 26.00 39.32
C GLY C 138 -28.66 26.06 38.10
N GLN C 139 -28.64 24.96 37.38
CA GLN C 139 -29.38 24.82 36.14
C GLN C 139 -30.28 23.59 36.24
N THR C 140 -31.56 23.79 35.98
CA THR C 140 -32.53 22.71 35.98
C THR C 140 -32.91 22.43 34.53
N ARG C 141 -32.64 21.22 34.07
CA ARG C 141 -32.93 20.83 32.70
C ARG C 141 -33.90 19.66 32.75
N ILE C 142 -34.72 19.54 31.71
CA ILE C 142 -35.61 18.41 31.59
C ILE C 142 -35.06 17.50 30.51
N ILE C 143 -35.13 16.20 30.75
CA ILE C 143 -34.57 15.21 29.84
C ILE C 143 -35.71 14.31 29.39
N PHE C 144 -35.98 14.31 28.09
CA PHE C 144 -36.88 13.35 27.47
C PHE C 144 -36.03 12.31 26.79
N ASP C 145 -35.96 11.10 27.36
CA ASP C 145 -35.10 10.08 26.78
C ASP C 145 -35.62 9.57 25.43
N GLY C 146 -36.91 9.72 25.15
CA GLY C 146 -37.44 9.25 23.89
C GLY C 146 -38.85 9.74 23.63
N VAL C 147 -39.06 10.51 22.56
CA VAL C 147 -40.38 10.98 22.16
C VAL C 147 -40.56 10.72 20.69
N ASN C 148 -41.68 10.12 20.32
CA ASN C 148 -41.93 9.59 18.98
C ASN C 148 -43.16 10.31 18.45
N SER C 149 -43.00 11.12 17.40
CA SER C 149 -41.72 11.27 16.71
C SER C 149 -41.17 12.69 16.83
N ALA C 150 -42.01 13.65 17.20
CA ALA C 150 -41.55 15.02 17.32
C ALA C 150 -42.41 15.71 18.35
N PHE C 151 -41.87 16.77 18.95
CA PHE C 151 -42.67 17.37 20.02
C PHE C 151 -42.31 18.83 20.22
N HIS C 152 -43.30 19.61 20.60
CA HIS C 152 -43.13 20.94 21.15
C HIS C 152 -43.31 20.88 22.66
N LEU C 153 -42.62 21.76 23.36
CA LEU C 153 -42.58 21.75 24.82
C LEU C 153 -42.91 23.14 25.35
N TRP C 154 -43.89 23.21 26.24
CA TRP C 154 -44.21 24.41 27.00
C TRP C 154 -44.02 24.13 28.49
N CYS C 155 -43.61 25.15 29.24
CA CYS C 155 -43.43 25.04 30.67
C CYS C 155 -44.07 26.26 31.30
N ASN C 156 -45.16 26.05 32.03
CA ASN C 156 -45.97 27.11 32.62
C ASN C 156 -46.56 28.03 31.54
N GLY C 157 -46.97 27.43 30.43
CA GLY C 157 -47.53 28.19 29.34
C GLY C 157 -46.55 28.86 28.40
N ARG C 158 -45.26 28.89 28.73
CA ARG C 158 -44.24 29.48 27.85
C ARG C 158 -43.61 28.41 26.99
N TRP C 159 -43.43 28.72 25.71
CA TRP C 159 -42.82 27.76 24.79
C TRP C 159 -41.34 27.60 25.09
N VAL C 160 -40.87 26.36 25.19
CA VAL C 160 -39.49 26.07 25.56
C VAL C 160 -38.65 25.68 24.34
N GLY C 161 -39.11 24.70 23.57
CA GLY C 161 -38.34 24.24 22.44
C GLY C 161 -39.04 23.10 21.71
N TYR C 162 -38.27 22.40 20.89
CA TYR C 162 -38.78 21.42 19.93
C TYR C 162 -37.70 20.37 19.71
N GLY C 163 -38.12 19.11 19.52
CA GLY C 163 -37.12 18.04 19.39
C GLY C 163 -37.54 17.00 18.38
N GLN C 164 -36.59 16.47 17.61
CA GLN C 164 -36.90 15.39 16.64
C GLN C 164 -36.03 14.17 16.96
N ASP C 165 -36.15 13.10 16.16
CA ASP C 165 -35.38 11.85 16.37
C ASP C 165 -35.98 11.14 17.58
N SER C 166 -36.71 10.05 17.35
CA SER C 166 -37.45 9.40 18.46
C SER C 166 -36.61 8.38 19.24
N ARG C 167 -35.28 8.41 19.16
CA ARG C 167 -34.56 7.39 19.91
C ARG C 167 -33.37 7.92 20.68
N LEU C 168 -33.17 9.22 20.74
CA LEU C 168 -32.13 9.83 21.56
C LEU C 168 -32.76 10.86 22.48
N PRO C 169 -32.10 11.16 23.59
CA PRO C 169 -32.66 12.09 24.56
C PRO C 169 -32.68 13.52 24.06
N SER C 170 -33.75 14.22 24.39
CA SER C 170 -33.91 15.64 24.10
C SER C 170 -33.94 16.37 25.43
N GLU C 171 -33.02 17.30 25.62
CA GLU C 171 -32.86 17.99 26.90
C GLU C 171 -33.06 19.47 26.69
N PHE C 172 -33.73 20.13 27.65
CA PHE C 172 -34.05 21.54 27.57
C PHE C 172 -33.81 22.21 28.92
N ASP C 173 -33.22 23.39 28.88
CA ASP C 173 -32.98 24.19 30.08
C ASP C 173 -34.30 24.82 30.55
N LEU C 174 -34.73 24.47 31.76
CA LEU C 174 -35.99 24.96 32.31
C LEU C 174 -35.80 26.00 33.40
N SER C 175 -34.56 26.45 33.63
CA SER C 175 -34.22 27.29 34.79
C SER C 175 -34.94 28.64 34.77
N ALA C 176 -35.15 29.21 33.58
CA ALA C 176 -35.87 30.46 33.47
C ALA C 176 -37.38 30.29 33.39
N PHE C 177 -37.87 29.06 33.31
CA PHE C 177 -39.30 28.77 33.12
C PHE C 177 -39.95 28.27 34.38
N LEU C 178 -39.20 27.56 35.22
CA LEU C 178 -39.77 27.05 36.44
C LEU C 178 -40.04 28.17 37.43
N ARG C 179 -40.75 27.81 38.49
CA ARG C 179 -40.93 28.73 39.58
C ARG C 179 -41.20 27.88 40.81
N ALA C 180 -41.07 28.51 41.97
CA ALA C 180 -41.40 27.82 43.21
C ALA C 180 -42.89 27.53 43.25
N GLY C 181 -43.24 26.38 43.83
CA GLY C 181 -44.62 25.93 43.86
C GLY C 181 -44.93 25.10 42.63
N GLU C 182 -46.22 25.02 42.29
CA GLU C 182 -46.71 24.16 41.22
C GLU C 182 -46.23 24.67 39.87
N ASN C 183 -45.69 23.76 39.08
CA ASN C 183 -45.30 23.99 37.70
C ASN C 183 -46.17 23.13 36.80
N ARG C 184 -46.11 23.38 35.51
CA ARG C 184 -46.85 22.51 34.61
C ARG C 184 -46.14 22.38 33.27
N LEU C 185 -45.84 21.15 32.88
CA LEU C 185 -45.35 20.86 31.54
C LEU C 185 -46.54 20.66 30.61
N ALA C 186 -46.37 21.09 29.35
CA ALA C 186 -47.30 20.76 28.30
C ALA C 186 -46.47 20.31 27.11
N VAL C 187 -46.62 19.05 26.72
CA VAL C 187 -45.81 18.46 25.66
C VAL C 187 -46.77 18.02 24.57
N MET C 188 -46.60 18.57 23.38
CA MET C 188 -47.42 18.22 22.23
C MET C 188 -46.58 17.33 21.33
N VAL C 189 -46.93 16.05 21.28
CA VAL C 189 -46.18 15.04 20.56
C VAL C 189 -46.90 14.73 19.26
N LEU C 190 -46.19 14.87 18.15
CA LEU C 190 -46.73 14.60 16.82
C LEU C 190 -46.31 13.21 16.37
N ARG C 191 -47.26 12.47 15.81
CA ARG C 191 -46.93 11.13 15.32
C ARG C 191 -46.00 11.18 14.11
N TRP C 192 -46.27 12.07 13.16
CA TRP C 192 -45.51 12.15 11.94
C TRP C 192 -44.76 13.48 11.88
N SER C 193 -43.53 13.42 11.39
CA SER C 193 -42.75 14.62 11.14
C SER C 193 -41.82 14.31 9.99
N ASP C 194 -40.96 15.27 9.65
CA ASP C 194 -39.96 15.02 8.61
C ASP C 194 -38.93 14.00 9.07
N GLY C 195 -38.69 13.89 10.38
CA GLY C 195 -37.94 12.80 11.00
C GLY C 195 -38.51 11.41 10.77
N SER C 196 -39.83 11.30 10.51
CA SER C 196 -40.44 10.03 10.14
C SER C 196 -39.90 9.47 8.83
N TYR C 197 -39.43 10.32 7.91
CA TYR C 197 -38.78 9.83 6.70
C TYR C 197 -37.46 9.13 7.01
N LEU C 198 -36.79 9.47 8.11
CA LEU C 198 -35.60 8.75 8.55
C LEU C 198 -35.90 7.62 9.52
N GLU C 199 -37.16 7.26 9.72
CA GLU C 199 -37.54 6.28 10.73
C GLU C 199 -38.43 5.20 10.13
N ASP C 200 -38.02 4.68 8.98
CA ASP C 200 -38.81 3.67 8.29
C ASP C 200 -38.33 2.25 8.62
N GLN C 201 -38.07 1.97 9.89
CA GLN C 201 -37.67 0.62 10.27
C GLN C 201 -38.86 -0.33 10.19
N ASP C 202 -38.57 -1.59 9.85
CA ASP C 202 -39.57 -2.65 9.75
C ASP C 202 -40.04 -3.02 11.15
N MET C 203 -41.00 -2.25 11.66
CA MET C 203 -41.50 -2.50 13.00
C MET C 203 -42.84 -1.80 13.13
N TRP C 204 -43.50 -2.00 14.27
CA TRP C 204 -44.70 -1.25 14.60
C TRP C 204 -44.41 0.24 14.67
N ARG C 205 -45.29 1.01 14.05
CA ARG C 205 -45.20 2.46 14.06
C ARG C 205 -46.09 2.95 15.19
N MET C 206 -45.47 3.43 16.25
CA MET C 206 -46.17 3.92 17.44
C MET C 206 -45.67 5.32 17.74
N SER C 207 -46.20 5.90 18.81
CA SER C 207 -45.81 7.26 19.13
C SER C 207 -46.05 7.52 20.61
N GLY C 208 -45.57 8.67 21.06
CA GLY C 208 -45.75 9.08 22.44
C GLY C 208 -44.43 9.26 23.17
N ILE C 209 -44.56 9.54 24.46
CA ILE C 209 -43.42 9.71 25.35
C ILE C 209 -43.12 8.33 25.91
N PHE C 210 -42.28 7.59 25.20
CA PHE C 210 -42.15 6.15 25.39
C PHE C 210 -40.87 5.76 26.12
N ARG C 211 -40.06 6.72 26.50
CA ARG C 211 -38.93 6.50 27.40
C ARG C 211 -39.06 7.47 28.56
N ASP C 212 -38.06 7.47 29.43
CA ASP C 212 -38.09 8.21 30.68
C ASP C 212 -38.10 9.72 30.47
N VAL C 213 -38.75 10.40 31.41
CA VAL C 213 -38.69 11.86 31.52
C VAL C 213 -38.12 12.18 32.89
N SER C 214 -37.15 13.10 32.92
CA SER C 214 -36.37 13.38 34.12
C SER C 214 -36.02 14.86 34.22
N LEU C 215 -35.89 15.33 35.46
CA LEU C 215 -35.32 16.63 35.76
C LEU C 215 -33.91 16.40 36.30
N LEU C 216 -32.95 17.17 35.79
CA LEU C 216 -31.58 17.10 36.27
C LEU C 216 -31.16 18.48 36.72
N HIS C 217 -30.72 18.58 37.97
CA HIS C 217 -30.21 19.83 38.49
C HIS C 217 -28.70 19.77 38.50
N LYS C 218 -28.06 20.71 37.80
CA LYS C 218 -26.61 20.84 37.84
C LYS C 218 -26.23 22.19 38.43
N PRO C 219 -25.02 22.30 38.97
CA PRO C 219 -24.50 23.63 39.32
C PRO C 219 -24.24 24.43 38.06
N THR C 220 -24.09 25.75 38.21
CA THR C 220 -23.81 26.60 37.05
C THR C 220 -22.43 26.32 36.49
N THR C 221 -21.45 26.06 37.36
CA THR C 221 -20.14 25.57 36.95
C THR C 221 -20.21 24.05 37.04
N GLN C 222 -20.05 23.39 35.91
CA GLN C 222 -20.50 22.01 35.81
C GLN C 222 -19.60 21.24 34.87
N ILE C 223 -19.60 19.93 35.04
CA ILE C 223 -19.06 19.03 34.02
C ILE C 223 -20.08 18.96 32.90
N SER C 224 -19.66 19.30 31.69
CA SER C 224 -20.57 19.31 30.55
C SER C 224 -20.35 18.13 29.60
N ASP C 225 -19.23 17.44 29.73
CA ASP C 225 -18.92 16.30 28.88
C ASP C 225 -17.69 15.64 29.45
N PHE C 226 -17.59 14.33 29.26
CA PHE C 226 -16.34 13.66 29.56
C PHE C 226 -16.22 12.43 28.70
N HIS C 227 -15.03 12.20 28.17
CA HIS C 227 -14.73 11.04 27.35
C HIS C 227 -13.69 10.19 28.06
N VAL C 228 -13.85 8.87 28.00
CA VAL C 228 -12.89 7.92 28.54
C VAL C 228 -12.35 7.07 27.40
N ALA C 229 -11.04 7.13 27.18
CA ALA C 229 -10.32 6.28 26.26
C ALA C 229 -9.38 5.36 27.03
N THR C 230 -9.11 4.19 26.48
CA THR C 230 -8.09 3.31 27.04
C THR C 230 -7.11 2.92 25.94
N ARG C 231 -5.82 3.12 26.22
CA ARG C 231 -4.74 2.73 25.33
C ARG C 231 -3.89 1.64 26.00
N PHE C 232 -3.33 0.76 25.19
CA PHE C 232 -2.63 -0.42 25.68
C PHE C 232 -1.27 -0.56 25.01
N ASN C 233 -0.43 -1.39 25.63
CA ASN C 233 0.75 -1.96 24.98
C ASN C 233 0.35 -3.25 24.26
N ASP C 234 1.30 -3.87 23.56
CA ASP C 234 0.95 -5.03 22.74
C ASP C 234 0.70 -6.27 23.59
N ASP C 235 1.18 -6.28 24.83
CA ASP C 235 0.91 -7.31 25.81
C ASP C 235 -0.45 -7.11 26.48
N PHE C 236 -1.01 -5.89 26.42
CA PHE C 236 -2.14 -5.47 27.24
C PHE C 236 -1.86 -5.57 28.74
N SER C 237 -0.60 -5.36 29.14
CA SER C 237 -0.20 -5.46 30.53
C SER C 237 -0.04 -4.10 31.20
N ARG C 238 -0.03 -3.03 30.41
CA ARG C 238 -0.10 -1.68 30.92
C ARG C 238 -1.15 -0.92 30.12
N ALA C 239 -2.03 -0.24 30.83
CA ALA C 239 -3.07 0.54 30.20
C ALA C 239 -2.95 1.98 30.67
N VAL C 240 -3.26 2.90 29.77
CA VAL C 240 -3.45 4.29 30.12
C VAL C 240 -4.92 4.61 29.94
N LEU C 241 -5.56 5.05 31.00
CA LEU C 241 -6.88 5.60 30.90
C LEU C 241 -6.73 7.10 30.65
N GLU C 242 -7.30 7.57 29.56
CA GLU C 242 -7.28 8.98 29.20
C GLU C 242 -8.69 9.51 29.37
N ALA C 243 -8.89 10.40 30.32
CA ALA C 243 -10.21 10.99 30.54
C ALA C 243 -10.13 12.46 30.17
N GLU C 244 -10.94 12.87 29.20
CA GLU C 244 -11.04 14.26 28.82
C GLU C 244 -12.32 14.82 29.42
N VAL C 245 -12.20 15.86 30.22
CA VAL C 245 -13.34 16.44 30.93
C VAL C 245 -13.53 17.86 30.44
N GLN C 246 -14.77 18.22 30.10
CA GLN C 246 -15.10 19.57 29.68
C GLN C 246 -16.05 20.19 30.68
N MET C 247 -15.84 21.47 30.98
CA MET C 247 -16.73 22.18 31.88
C MET C 247 -17.48 23.25 31.09
N CYS C 248 -18.62 23.65 31.64
CA CYS C 248 -19.28 24.89 31.24
C CYS C 248 -19.46 25.73 32.50
N GLY C 249 -19.75 27.02 32.44
CA GLY C 249 -19.72 27.89 33.61
C GLY C 249 -18.47 28.74 33.64
N GLU C 250 -18.27 29.45 34.76
CA GLU C 250 -17.13 30.40 34.88
C GLU C 250 -15.82 29.68 35.22
N LEU C 251 -14.76 30.01 34.46
CA LEU C 251 -13.44 29.38 34.67
C LEU C 251 -12.67 30.12 35.75
N ARG C 252 -12.49 29.49 36.92
CA ARG C 252 -11.75 30.05 38.03
C ARG C 252 -10.45 29.30 38.15
N ASP C 253 -9.42 29.99 38.64
CA ASP C 253 -8.11 29.36 38.80
C ASP C 253 -8.09 28.33 39.91
N TYR C 254 -9.04 28.38 40.85
CA TYR C 254 -9.12 27.37 41.89
C TYR C 254 -9.75 26.07 41.42
N LEU C 255 -10.38 26.07 40.24
CA LEU C 255 -11.13 24.91 39.78
C LEU C 255 -10.21 23.73 39.49
N ARG C 256 -10.65 22.55 39.90
CA ARG C 256 -9.88 21.34 39.66
C ARG C 256 -10.81 20.22 39.20
N VAL C 257 -10.23 19.25 38.50
CA VAL C 257 -10.88 17.98 38.22
C VAL C 257 -9.99 16.87 38.72
N THR C 258 -10.57 15.95 39.47
CA THR C 258 -9.92 14.70 39.84
C THR C 258 -10.67 13.57 39.15
N VAL C 259 -9.93 12.68 38.50
CA VAL C 259 -10.51 11.45 37.98
C VAL C 259 -9.88 10.29 38.72
N SER C 260 -10.73 9.50 39.37
CA SER C 260 -10.29 8.33 40.11
C SER C 260 -10.85 7.08 39.48
N LEU C 261 -10.05 6.02 39.49
CA LEU C 261 -10.42 4.73 38.93
C LEU C 261 -10.52 3.73 40.07
N TRP C 262 -11.62 3.00 40.13
CA TRP C 262 -11.87 2.08 41.21
C TRP C 262 -12.19 0.70 40.66
N GLN C 263 -11.65 -0.33 41.30
CA GLN C 263 -12.05 -1.70 41.02
C GLN C 263 -12.68 -2.18 42.33
N GLY C 264 -13.99 -2.39 42.29
CA GLY C 264 -14.74 -2.83 43.45
C GLY C 264 -14.75 -1.81 44.57
N GLU C 265 -13.71 -1.85 45.37
CA GLU C 265 -13.55 -0.93 46.49
C GLU C 265 -12.17 -0.30 46.53
N THR C 266 -11.21 -0.85 45.80
CA THR C 266 -9.85 -0.35 45.76
C THR C 266 -9.72 0.72 44.68
N GLN C 267 -9.23 1.88 45.07
CA GLN C 267 -8.92 2.93 44.12
C GLN C 267 -7.62 2.60 43.41
N VAL C 268 -7.70 2.32 42.11
CA VAL C 268 -6.51 1.86 41.34
C VAL C 268 -5.63 3.05 40.96
N ALA C 269 -6.22 4.13 40.44
CA ALA C 269 -5.44 5.24 39.96
C ALA C 269 -6.19 6.52 40.29
N SER C 270 -5.49 7.63 40.17
CA SER C 270 -6.13 8.93 40.33
C SER C 270 -5.24 9.98 39.69
N GLY C 271 -5.87 11.09 39.35
CA GLY C 271 -5.20 12.17 38.67
C GLY C 271 -5.96 13.44 38.96
N THR C 272 -5.24 14.51 39.24
CA THR C 272 -5.84 15.78 39.60
C THR C 272 -5.14 16.87 38.82
N ALA C 273 -5.93 17.76 38.22
CA ALA C 273 -5.35 18.74 37.32
C ALA C 273 -6.29 19.92 37.23
N PRO C 274 -5.77 21.14 37.10
CA PRO C 274 -6.63 22.27 36.76
C PRO C 274 -7.01 22.20 35.30
N PHE C 275 -7.97 23.03 34.94
CA PHE C 275 -8.41 23.07 33.56
C PHE C 275 -7.33 23.70 32.69
N GLY C 276 -7.35 23.31 31.43
CA GLY C 276 -6.35 23.76 30.51
C GLY C 276 -5.79 22.61 29.72
N GLY C 277 -6.14 22.57 28.45
CA GLY C 277 -5.57 21.60 27.56
C GLY C 277 -4.25 22.04 26.98
N GLU C 278 -3.58 21.07 26.34
CA GLU C 278 -2.44 21.33 25.47
C GLU C 278 -2.88 22.21 24.31
N ILE C 279 -1.92 23.00 23.78
CA ILE C 279 -2.08 23.81 22.57
C ILE C 279 -2.55 22.96 21.41
N ILE C 280 -3.63 23.40 20.79
CA ILE C 280 -4.32 22.68 19.73
C ILE C 280 -3.93 23.21 18.37
N ASP C 281 -3.83 24.52 18.23
CA ASP C 281 -3.50 25.13 16.95
C ASP C 281 -2.86 26.49 17.23
N GLU C 282 -2.92 27.40 16.25
CA GLU C 282 -2.27 28.70 16.37
C GLU C 282 -2.92 29.57 17.44
N ARG C 283 -4.19 29.37 17.72
CA ARG C 283 -4.90 30.17 18.72
C ARG C 283 -4.73 29.64 20.14
N GLY C 284 -4.32 28.40 20.31
CA GLY C 284 -4.04 27.88 21.62
C GLY C 284 -4.70 26.54 21.86
N GLY C 285 -5.24 26.35 23.07
CA GLY C 285 -5.92 25.13 23.43
C GLY C 285 -7.20 25.45 24.18
N TYR C 286 -7.89 24.40 24.59
CA TYR C 286 -9.16 24.57 25.29
C TYR C 286 -8.87 24.93 26.73
N ALA C 287 -9.21 26.13 27.13
CA ALA C 287 -9.06 26.48 28.54
C ALA C 287 -10.13 25.85 29.42
N ASP C 288 -11.23 25.36 28.85
CA ASP C 288 -12.32 24.72 29.59
C ASP C 288 -12.29 23.21 29.49
N ARG C 289 -11.16 22.62 29.15
CA ARG C 289 -11.02 21.18 29.17
C ARG C 289 -9.73 20.81 29.87
N VAL C 290 -9.70 19.57 30.34
CA VAL C 290 -8.49 19.02 30.93
C VAL C 290 -8.52 17.53 30.69
N THR C 291 -7.38 16.99 30.29
CA THR C 291 -7.24 15.57 30.05
C THR C 291 -6.31 14.96 31.09
N LEU C 292 -6.81 14.00 31.84
CA LEU C 292 -6.04 13.27 32.83
C LEU C 292 -5.65 11.91 32.26
N ARG C 293 -4.40 11.51 32.49
CA ARG C 293 -3.93 10.20 32.07
C ARG C 293 -3.57 9.38 33.30
N LEU C 294 -4.25 8.26 33.48
CA LEU C 294 -3.99 7.38 34.61
C LEU C 294 -3.37 6.08 34.12
N ASN C 295 -2.27 5.68 34.73
CA ASN C 295 -1.65 4.41 34.41
C ASN C 295 -2.33 3.28 35.17
N VAL C 296 -2.65 2.21 34.48
CA VAL C 296 -3.15 0.99 35.10
C VAL C 296 -2.26 -0.16 34.67
N GLU C 297 -1.64 -0.81 35.63
CA GLU C 297 -0.74 -1.94 35.40
C GLU C 297 -1.57 -3.20 35.56
N ASN C 298 -1.42 -4.13 34.60
CA ASN C 298 -2.17 -5.37 34.43
C ASN C 298 -3.68 -5.16 34.62
N PRO C 299 -4.33 -4.36 33.80
CA PRO C 299 -5.77 -4.12 34.00
C PRO C 299 -6.56 -5.36 33.67
N LYS C 300 -7.60 -5.60 34.43
CA LYS C 300 -8.54 -6.65 34.10
C LYS C 300 -9.30 -6.20 32.86
N LEU C 301 -9.12 -6.93 31.76
CA LEU C 301 -9.70 -6.48 30.50
C LEU C 301 -11.17 -6.86 30.43
N TRP C 302 -11.92 -6.04 29.69
CA TRP C 302 -13.34 -6.31 29.50
C TRP C 302 -13.54 -7.17 28.27
N SER C 303 -14.48 -8.10 28.35
CA SER C 303 -14.95 -8.78 27.16
C SER C 303 -16.33 -9.34 27.46
N ALA C 304 -16.95 -9.90 26.43
CA ALA C 304 -18.23 -10.56 26.67
C ALA C 304 -18.07 -11.82 27.53
N GLU C 305 -16.91 -12.47 27.45
CA GLU C 305 -16.67 -13.66 28.27
C GLU C 305 -16.44 -13.30 29.72
N ILE C 306 -15.67 -12.25 29.96
CA ILE C 306 -15.34 -11.78 31.31
C ILE C 306 -15.54 -10.27 31.35
N PRO C 307 -16.69 -9.81 31.74
CA PRO C 307 -16.97 -8.35 31.64
C PRO C 307 -16.42 -7.55 32.80
N ASN C 308 -15.08 -7.52 32.92
CA ASN C 308 -14.42 -6.77 33.98
C ASN C 308 -14.65 -5.28 33.83
N LEU C 309 -15.18 -4.68 34.88
CA LEU C 309 -15.51 -3.25 34.88
C LEU C 309 -14.79 -2.57 36.02
N TYR C 310 -14.30 -1.38 35.73
CA TYR C 310 -13.83 -0.42 36.73
C TYR C 310 -14.87 0.68 36.83
N ARG C 311 -14.76 1.49 37.87
CA ARG C 311 -15.62 2.64 38.07
C ARG C 311 -14.76 3.88 37.99
N ALA C 312 -15.07 4.77 37.05
CA ALA C 312 -14.38 6.05 36.97
C ALA C 312 -15.26 7.12 37.61
N VAL C 313 -14.68 7.91 38.49
CA VAL C 313 -15.38 9.03 39.10
C VAL C 313 -14.71 10.30 38.62
N VAL C 314 -15.49 11.26 38.18
CA VAL C 314 -15.00 12.53 37.68
C VAL C 314 -15.50 13.60 38.64
N GLU C 315 -14.61 14.15 39.44
CA GLU C 315 -14.96 15.13 40.45
C GLU C 315 -14.55 16.52 39.97
N LEU C 316 -15.51 17.42 39.92
CA LEU C 316 -15.25 18.85 39.74
C LEU C 316 -15.22 19.45 41.14
N HIS C 317 -14.06 19.97 41.55
CA HIS C 317 -13.88 20.45 42.92
C HIS C 317 -12.92 21.63 42.93
N THR C 318 -13.00 22.44 43.98
CA THR C 318 -12.07 23.56 44.09
C THR C 318 -10.73 23.06 44.62
N ALA C 319 -9.72 23.93 44.50
CA ALA C 319 -8.35 23.58 44.83
C ALA C 319 -8.14 23.34 46.32
N ASP C 320 -8.98 23.91 47.17
CA ASP C 320 -8.99 23.59 48.59
C ASP C 320 -9.85 22.37 48.91
N GLY C 321 -10.40 21.70 47.89
CA GLY C 321 -10.93 20.37 48.06
C GLY C 321 -12.43 20.26 48.19
N THR C 322 -13.19 21.32 47.89
CA THR C 322 -14.64 21.32 48.03
C THR C 322 -15.28 20.76 46.76
N LEU C 323 -16.07 19.70 46.89
CA LEU C 323 -16.72 19.06 45.75
C LEU C 323 -17.84 19.95 45.23
N ILE C 324 -17.83 20.18 43.92
CA ILE C 324 -18.89 20.88 43.23
C ILE C 324 -19.90 19.92 42.64
N GLU C 325 -19.41 18.92 41.91
CA GLU C 325 -20.27 17.96 41.26
C GLU C 325 -19.41 16.78 40.86
N ALA C 326 -20.00 15.59 40.92
CA ALA C 326 -19.34 14.39 40.45
C ALA C 326 -20.20 13.76 39.37
N GLU C 327 -19.52 13.16 38.41
CA GLU C 327 -20.15 12.25 37.47
C GLU C 327 -19.29 10.99 37.43
N ALA C 328 -19.80 9.95 36.80
CA ALA C 328 -19.09 8.70 36.86
C ALA C 328 -19.53 7.80 35.73
N CYS C 329 -18.73 6.80 35.45
CA CYS C 329 -19.15 5.81 34.47
C CYS C 329 -18.36 4.54 34.72
N ASP C 330 -18.95 3.42 34.28
CA ASP C 330 -18.23 2.17 34.28
C ASP C 330 -17.23 2.17 33.13
N VAL C 331 -16.05 1.65 33.39
CA VAL C 331 -14.99 1.58 32.40
C VAL C 331 -14.69 0.11 32.15
N GLY C 332 -14.66 -0.28 30.89
CA GLY C 332 -14.17 -1.58 30.51
C GLY C 332 -12.91 -1.36 29.73
N PHE C 333 -11.81 -1.98 30.15
CA PHE C 333 -10.56 -1.87 29.41
C PHE C 333 -10.60 -2.88 28.26
N ARG C 334 -10.79 -2.39 27.04
CA ARG C 334 -10.68 -3.28 25.91
C ARG C 334 -10.31 -2.47 24.67
N GLU C 335 -9.66 -3.13 23.74
CA GLU C 335 -9.26 -2.49 22.49
C GLU C 335 -9.98 -3.22 21.37
N VAL C 336 -10.69 -2.47 20.54
CA VAL C 336 -11.36 -3.02 19.37
C VAL C 336 -10.65 -2.45 18.14
N ARG C 337 -10.22 -3.33 17.26
CA ARG C 337 -9.43 -2.91 16.13
C ARG C 337 -9.60 -3.92 15.01
N ILE C 338 -9.55 -3.44 13.79
CA ILE C 338 -9.44 -4.29 12.62
C ILE C 338 -7.99 -4.26 12.19
N GLU C 339 -7.37 -5.42 12.15
CA GLU C 339 -5.95 -5.52 11.81
C GLU C 339 -5.77 -6.71 10.88
N ASN C 340 -5.23 -6.44 9.68
CA ASN C 340 -4.96 -7.44 8.66
C ASN C 340 -6.25 -8.18 8.27
N GLY C 341 -7.33 -7.42 8.16
CA GLY C 341 -8.58 -7.98 7.70
C GLY C 341 -9.41 -8.66 8.77
N LEU C 342 -9.00 -8.63 10.02
CA LEU C 342 -9.77 -9.26 11.10
C LEU C 342 -10.16 -8.26 12.18
N LEU C 343 -11.36 -8.42 12.71
CA LEU C 343 -11.83 -7.63 13.84
C LEU C 343 -11.30 -8.26 15.11
N LEU C 344 -10.40 -7.55 15.80
CA LEU C 344 -9.80 -8.06 17.02
C LEU C 344 -10.41 -7.39 18.24
N LEU C 345 -10.59 -8.16 19.30
CA LEU C 345 -10.93 -7.63 20.61
C LEU C 345 -9.83 -8.07 21.56
N ASN C 346 -9.07 -7.10 22.09
CA ASN C 346 -7.94 -7.36 22.98
C ASN C 346 -6.89 -8.24 22.29
N GLY C 347 -6.67 -7.98 21.00
CA GLY C 347 -5.72 -8.74 20.22
C GLY C 347 -6.21 -10.05 19.68
N LYS C 348 -7.42 -10.47 20.02
CA LYS C 348 -7.86 -11.77 19.56
C LYS C 348 -9.00 -11.61 18.56
N PRO C 349 -9.03 -12.43 17.51
CA PRO C 349 -10.10 -12.30 16.50
C PRO C 349 -11.44 -12.74 17.07
N LEU C 350 -12.42 -11.87 16.95
CA LEU C 350 -13.75 -12.17 17.47
C LEU C 350 -14.47 -13.16 16.57
N LEU C 351 -15.32 -13.97 17.17
CA LEU C 351 -16.33 -14.73 16.43
C LEU C 351 -17.68 -14.28 16.99
N ILE C 352 -18.41 -13.51 16.18
CA ILE C 352 -19.60 -12.81 16.63
C ILE C 352 -20.77 -13.79 16.59
N ARG C 353 -21.31 -14.12 17.77
CA ARG C 353 -22.52 -14.92 17.90
C ARG C 353 -23.63 -13.92 18.23
N GLY C 354 -24.16 -13.31 17.19
CA GLY C 354 -24.95 -12.12 17.40
C GLY C 354 -26.42 -12.33 17.13
N VAL C 355 -27.21 -11.39 17.59
CA VAL C 355 -28.63 -11.36 17.27
C VAL C 355 -29.04 -9.92 17.15
N ASN C 356 -29.95 -9.65 16.23
CA ASN C 356 -30.59 -8.35 16.18
C ASN C 356 -31.70 -8.29 17.21
N ARG C 357 -31.84 -7.15 17.89
CA ARG C 357 -32.87 -7.04 18.91
C ARG C 357 -33.55 -5.69 18.81
N HIS C 358 -34.84 -5.71 18.48
CA HIS C 358 -35.71 -4.55 18.59
C HIS C 358 -36.13 -4.36 20.04
N GLU C 359 -36.44 -3.11 20.39
CA GLU C 359 -37.05 -2.83 21.68
C GLU C 359 -38.55 -3.02 21.54
N HIS C 360 -39.02 -4.20 21.93
CA HIS C 360 -40.42 -4.57 21.76
C HIS C 360 -40.92 -5.28 23.00
N HIS C 361 -42.08 -4.87 23.47
CA HIS C 361 -42.81 -5.56 24.50
C HIS C 361 -44.24 -5.73 24.01
N PRO C 362 -44.83 -6.92 24.15
CA PRO C 362 -46.14 -7.17 23.56
C PRO C 362 -47.29 -6.42 24.24
N LEU C 363 -47.11 -6.00 25.49
CA LEU C 363 -48.13 -5.23 26.20
C LEU C 363 -47.84 -3.75 26.25
N HIS C 364 -46.57 -3.37 26.41
CA HIS C 364 -46.17 -1.99 26.51
C HIS C 364 -45.66 -1.43 25.19
N GLY C 365 -45.66 -2.24 24.14
CA GLY C 365 -45.21 -1.76 22.85
C GLY C 365 -43.72 -1.51 22.77
N GLN C 366 -43.31 -0.25 22.69
CA GLN C 366 -41.90 0.07 22.49
C GLN C 366 -41.29 0.70 23.74
N VAL C 367 -41.96 0.57 24.88
CA VAL C 367 -41.45 1.02 26.16
C VAL C 367 -40.64 -0.11 26.77
N MET C 368 -39.36 0.14 27.03
CA MET C 368 -38.47 -0.86 27.59
C MET C 368 -38.38 -0.66 29.09
N ASP C 369 -38.32 -1.77 29.82
CA ASP C 369 -38.11 -1.82 31.25
C ASP C 369 -36.93 -2.74 31.53
N GLU C 370 -36.30 -2.51 32.70
CA GLU C 370 -35.10 -3.22 33.12
C GLU C 370 -35.32 -4.73 33.24
N GLN C 371 -36.52 -5.13 33.66
CA GLN C 371 -36.83 -6.53 33.86
C GLN C 371 -36.87 -7.28 32.53
N THR C 372 -37.39 -6.64 31.48
CA THR C 372 -37.39 -7.27 30.17
C THR C 372 -36.00 -7.28 29.55
N MET C 373 -35.25 -6.20 29.78
CA MET C 373 -33.86 -6.12 29.30
C MET C 373 -33.00 -7.20 29.91
N VAL C 374 -33.17 -7.42 31.21
CA VAL C 374 -32.35 -8.42 31.89
C VAL C 374 -32.76 -9.82 31.46
N GLN C 375 -34.05 -10.04 31.22
CA GLN C 375 -34.54 -11.34 30.75
C GLN C 375 -34.03 -11.64 29.36
N ASP C 376 -33.95 -10.63 28.50
CA ASP C 376 -33.42 -10.84 27.16
C ASP C 376 -31.94 -11.17 27.20
N ILE C 377 -31.18 -10.44 28.02
CA ILE C 377 -29.74 -10.62 28.09
C ILE C 377 -29.38 -11.99 28.64
N LEU C 378 -30.11 -12.43 29.66
CA LEU C 378 -29.90 -13.75 30.25
C LEU C 378 -30.22 -14.86 29.27
N LEU C 379 -31.33 -14.75 28.56
CA LEU C 379 -31.69 -15.75 27.55
C LEU C 379 -30.71 -15.76 26.40
N MET C 380 -30.20 -14.58 26.03
CA MET C 380 -29.20 -14.50 24.97
C MET C 380 -27.91 -15.18 25.38
N LYS C 381 -27.42 -14.90 26.59
CA LYS C 381 -26.18 -15.51 27.03
C LYS C 381 -26.35 -17.00 27.30
N GLN C 382 -27.53 -17.41 27.77
CA GLN C 382 -27.81 -18.82 28.00
C GLN C 382 -27.89 -19.64 26.71
N ASN C 383 -28.14 -18.99 25.58
CA ASN C 383 -28.17 -19.63 24.28
C ASN C 383 -26.96 -19.28 23.43
N ASN C 384 -25.87 -18.85 24.06
CA ASN C 384 -24.55 -18.74 23.45
C ASN C 384 -24.45 -17.61 22.43
N PHE C 385 -25.21 -16.54 22.64
CA PHE C 385 -24.96 -15.28 21.94
C PHE C 385 -23.97 -14.46 22.74
N ASN C 386 -23.08 -13.74 22.05
CA ASN C 386 -22.18 -12.81 22.71
C ASN C 386 -22.33 -11.38 22.21
N ALA C 387 -23.28 -11.12 21.33
CA ALA C 387 -23.33 -9.81 20.70
C ALA C 387 -24.75 -9.50 20.30
N VAL C 388 -25.08 -8.22 20.30
CA VAL C 388 -26.41 -7.77 19.94
C VAL C 388 -26.29 -6.52 19.09
N ARG C 389 -27.08 -6.46 18.03
CA ARG C 389 -27.16 -5.27 17.20
C ARG C 389 -28.41 -4.50 17.60
N CYS C 390 -28.26 -3.19 17.80
CA CYS C 390 -29.37 -2.32 18.19
C CYS C 390 -30.16 -1.94 16.96
N SER C 391 -30.89 -2.90 16.42
CA SER C 391 -31.69 -2.71 15.22
C SER C 391 -32.93 -1.91 15.55
N HIS C 392 -33.08 -0.72 14.99
CA HIS C 392 -32.10 0.01 14.19
C HIS C 392 -32.02 1.45 14.70
N TYR C 393 -31.68 1.62 15.97
CA TYR C 393 -31.75 2.92 16.62
C TYR C 393 -30.97 2.82 17.93
N PRO C 394 -30.56 3.93 18.53
CA PRO C 394 -30.04 3.89 19.91
C PRO C 394 -31.10 3.38 20.87
N ASN C 395 -30.69 2.49 21.75
CA ASN C 395 -31.64 1.88 22.66
C ASN C 395 -31.81 2.76 23.89
N HIS C 396 -32.66 2.28 24.80
CA HIS C 396 -32.76 2.83 26.14
C HIS C 396 -31.38 2.82 26.79
N PRO C 397 -31.03 3.88 27.54
CA PRO C 397 -29.67 4.01 28.11
C PRO C 397 -29.26 2.90 29.07
N LEU C 398 -30.24 2.27 29.73
CA LEU C 398 -29.96 1.16 30.63
C LEU C 398 -29.43 -0.07 29.90
N TRP C 399 -29.78 -0.23 28.61
CA TRP C 399 -29.39 -1.40 27.83
C TRP C 399 -27.87 -1.54 27.71
N TYR C 400 -27.19 -0.41 27.56
CA TYR C 400 -25.74 -0.44 27.39
C TYR C 400 -25.06 -0.74 28.71
N THR C 401 -25.62 -0.23 29.81
CA THR C 401 -25.14 -0.55 31.14
C THR C 401 -25.25 -2.03 31.43
N LEU C 402 -26.38 -2.64 31.07
CA LEU C 402 -26.58 -4.06 31.29
C LEU C 402 -25.70 -4.89 30.39
N CYS C 403 -25.46 -4.43 29.16
CA CYS C 403 -24.50 -5.12 28.30
C CYS C 403 -23.07 -4.99 28.81
N ASP C 404 -22.71 -3.82 29.40
CA ASP C 404 -21.41 -3.66 30.07
C ASP C 404 -21.25 -4.69 31.18
N ARG C 405 -22.27 -4.88 31.98
CA ARG C 405 -22.16 -5.65 33.21
C ARG C 405 -22.30 -7.14 32.99
N TYR C 406 -23.14 -7.56 32.05
CA TYR C 406 -23.32 -8.97 31.76
C TYR C 406 -22.38 -9.50 30.69
N GLY C 407 -21.89 -8.65 29.81
CA GLY C 407 -21.02 -9.10 28.77
C GLY C 407 -21.75 -9.41 27.49
N LEU C 408 -22.04 -8.37 26.71
CA LEU C 408 -22.41 -8.54 25.32
C LEU C 408 -21.73 -7.47 24.51
N TYR C 409 -21.22 -7.84 23.35
CA TYR C 409 -20.77 -6.84 22.40
C TYR C 409 -21.97 -6.18 21.75
N VAL C 410 -21.91 -4.87 21.58
CA VAL C 410 -23.04 -4.11 21.08
C VAL C 410 -22.64 -3.41 19.81
N VAL C 411 -23.51 -3.47 18.81
CA VAL C 411 -23.46 -2.59 17.64
C VAL C 411 -24.50 -1.51 17.88
N ASP C 412 -24.03 -0.29 18.07
CA ASP C 412 -24.90 0.84 18.36
C ASP C 412 -25.20 1.54 17.05
N GLU C 413 -26.47 1.67 16.70
CA GLU C 413 -26.87 2.05 15.35
C GLU C 413 -27.69 3.33 15.34
N ALA C 414 -27.34 4.23 14.43
CA ALA C 414 -28.05 5.50 14.32
C ALA C 414 -29.48 5.26 13.88
N ASN C 415 -30.36 6.17 14.30
CA ASN C 415 -31.79 6.05 14.01
C ASN C 415 -32.07 6.62 12.62
N ILE C 416 -31.59 5.91 11.60
CA ILE C 416 -31.74 6.35 10.21
C ILE C 416 -32.09 5.14 9.35
N GLU C 417 -33.33 5.07 8.89
CA GLU C 417 -33.70 4.10 7.86
C GLU C 417 -34.68 4.76 6.89
N THR C 418 -34.30 4.81 5.62
CA THR C 418 -35.12 5.46 4.60
C THR C 418 -35.54 4.45 3.53
N HIS C 419 -35.88 3.23 3.97
CA HIS C 419 -36.11 2.07 3.10
C HIS C 419 -37.24 2.29 2.09
N GLY C 420 -38.28 3.00 2.47
CA GLY C 420 -39.39 3.21 1.56
C GLY C 420 -39.15 4.20 0.44
N MET C 421 -38.04 4.93 0.46
CA MET C 421 -37.72 5.87 -0.61
C MET C 421 -37.43 5.12 -1.91
N VAL C 422 -37.58 5.81 -3.03
CA VAL C 422 -37.26 5.24 -4.34
C VAL C 422 -36.41 6.23 -5.12
N PRO C 423 -35.11 5.97 -5.33
CA PRO C 423 -34.36 4.83 -4.80
C PRO C 423 -34.11 4.99 -3.32
N MET C 424 -33.43 4.01 -2.72
CA MET C 424 -33.31 3.99 -1.28
C MET C 424 -32.46 5.13 -0.73
N ASN C 425 -31.55 5.68 -1.55
CA ASN C 425 -30.65 6.73 -1.10
C ASN C 425 -31.11 8.13 -1.49
N ARG C 426 -32.41 8.30 -1.78
CA ARG C 426 -32.94 9.58 -2.27
C ARG C 426 -32.76 10.70 -1.26
N LEU C 427 -32.87 10.38 0.02
CA LEU C 427 -32.60 11.36 1.05
C LEU C 427 -31.14 11.35 1.50
N THR C 428 -30.53 10.16 1.55
CA THR C 428 -29.19 10.05 2.10
C THR C 428 -28.13 10.53 1.12
N ASP C 429 -28.48 10.72 -0.14
CA ASP C 429 -27.59 11.34 -1.10
C ASP C 429 -27.92 12.81 -1.31
N ASP C 430 -28.85 13.36 -0.53
CA ASP C 430 -29.25 14.75 -0.68
C ASP C 430 -28.61 15.56 0.44
N PRO C 431 -27.83 16.61 0.13
CA PRO C 431 -27.19 17.38 1.20
C PRO C 431 -28.14 18.22 2.03
N ARG C 432 -29.39 18.44 1.56
CA ARG C 432 -30.42 19.04 2.40
C ARG C 432 -30.78 18.17 3.60
N TRP C 433 -30.62 16.86 3.49
CA TRP C 433 -30.89 15.96 4.61
C TRP C 433 -29.64 15.59 5.38
N LEU C 434 -28.49 16.12 4.99
CA LEU C 434 -27.27 15.87 5.75
C LEU C 434 -27.30 16.43 7.17
N PRO C 435 -27.83 17.65 7.44
CA PRO C 435 -27.97 18.09 8.85
C PRO C 435 -28.88 17.22 9.71
N ALA C 436 -29.97 16.70 9.17
CA ALA C 436 -30.84 15.84 9.96
C ALA C 436 -30.18 14.50 10.23
N MET C 437 -29.49 13.94 9.23
CA MET C 437 -28.82 12.66 9.43
C MET C 437 -27.64 12.82 10.36
N SER C 438 -26.97 13.97 10.29
CA SER C 438 -25.78 14.22 11.10
C SER C 438 -26.12 14.27 12.59
N GLU C 439 -27.32 14.73 12.93
CA GLU C 439 -27.70 14.75 14.33
C GLU C 439 -28.05 13.35 14.84
N ARG C 440 -28.53 12.47 13.98
CA ARG C 440 -28.83 11.12 14.41
C ARG C 440 -27.57 10.32 14.69
N VAL C 441 -26.48 10.64 13.99
CA VAL C 441 -25.21 9.96 14.20
C VAL C 441 -24.42 10.60 15.32
N THR C 442 -24.26 11.93 15.29
CA THR C 442 -23.35 12.59 16.23
C THR C 442 -23.90 12.58 17.64
N ARG C 443 -25.21 12.72 17.80
CA ARG C 443 -25.78 12.66 19.14
C ARG C 443 -25.79 11.25 19.70
N MET C 444 -25.74 10.23 18.84
CA MET C 444 -25.60 8.88 19.36
C MET C 444 -24.18 8.64 19.87
N VAL C 445 -23.18 9.11 19.14
CA VAL C 445 -21.79 8.92 19.55
C VAL C 445 -21.49 9.75 20.80
N GLN C 446 -22.06 10.94 20.91
CA GLN C 446 -21.81 11.75 22.10
C GLN C 446 -22.47 11.14 23.33
N ARG C 447 -23.55 10.41 23.15
CA ARG C 447 -24.24 9.81 24.28
C ARG C 447 -23.57 8.52 24.73
N ASP C 448 -23.14 7.67 23.80
CA ASP C 448 -22.81 6.29 24.12
C ASP C 448 -21.33 5.96 24.02
N ARG C 449 -20.45 6.93 23.75
CA ARG C 449 -19.05 6.61 23.47
C ARG C 449 -18.26 6.11 24.67
N ASN C 450 -18.76 6.23 25.89
CA ASN C 450 -18.03 5.71 27.03
C ASN C 450 -18.41 4.27 27.38
N HIS C 451 -19.39 3.68 26.72
CA HIS C 451 -19.80 2.32 27.09
C HIS C 451 -18.85 1.31 26.48
N PRO C 452 -18.25 0.42 27.28
CA PRO C 452 -17.36 -0.60 26.71
C PRO C 452 -18.07 -1.64 25.88
N SER C 453 -19.36 -1.90 26.13
CA SER C 453 -20.06 -2.93 25.37
C SER C 453 -20.25 -2.53 23.93
N VAL C 454 -20.36 -1.24 23.65
CA VAL C 454 -20.45 -0.76 22.27
C VAL C 454 -19.09 -0.94 21.63
N ILE C 455 -18.98 -1.86 20.68
CA ILE C 455 -17.71 -2.07 20.00
C ILE C 455 -17.72 -1.58 18.57
N ILE C 456 -18.88 -1.41 17.95
CA ILE C 456 -19.01 -0.99 16.56
C ILE C 456 -20.12 0.04 16.46
N TRP C 457 -19.89 1.11 15.71
CA TRP C 457 -20.94 2.05 15.36
C TRP C 457 -21.57 1.65 14.03
N SER C 458 -22.87 1.84 13.92
CA SER C 458 -23.56 1.63 12.65
C SER C 458 -24.18 2.95 12.21
N LEU C 459 -24.13 3.23 10.91
CA LEU C 459 -24.70 4.44 10.34
C LEU C 459 -26.20 4.37 10.14
N GLY C 460 -26.82 3.26 10.46
CA GLY C 460 -28.23 3.10 10.26
C GLY C 460 -28.50 1.85 9.47
N ASN C 461 -29.62 1.84 8.77
CA ASN C 461 -30.06 0.61 8.14
C ASN C 461 -30.93 0.96 6.96
N GLU C 462 -30.68 0.30 5.82
CA GLU C 462 -31.53 0.27 4.63
C GLU C 462 -31.88 1.68 4.12
N SER C 463 -30.84 2.45 3.89
CA SER C 463 -31.01 3.81 3.40
C SER C 463 -30.14 4.03 2.17
N GLY C 464 -29.86 2.97 1.42
CA GLY C 464 -29.03 3.04 0.24
C GLY C 464 -27.62 3.45 0.63
N HIS C 465 -26.86 3.96 -0.34
CA HIS C 465 -25.60 4.58 -0.03
C HIS C 465 -25.61 5.96 -0.66
N GLY C 466 -25.52 6.99 0.18
CA GLY C 466 -25.41 8.35 -0.30
C GLY C 466 -24.15 8.98 0.24
N ALA C 467 -23.88 10.20 -0.24
CA ALA C 467 -22.69 10.92 0.18
C ALA C 467 -22.76 11.32 1.66
N ASN C 468 -23.97 11.48 2.20
CA ASN C 468 -24.14 11.76 3.62
C ASN C 468 -23.62 10.63 4.50
N HIS C 469 -23.74 9.39 4.02
CA HIS C 469 -23.17 8.24 4.72
C HIS C 469 -21.65 8.32 4.78
N ASP C 470 -21.02 8.67 3.66
CA ASP C 470 -19.56 8.78 3.59
C ASP C 470 -19.06 9.88 4.51
N ALA C 471 -19.80 10.99 4.56
CA ALA C 471 -19.47 12.09 5.45
C ALA C 471 -19.55 11.69 6.91
N LEU C 472 -20.61 10.99 7.28
CA LEU C 472 -20.85 10.68 8.69
C LEU C 472 -19.99 9.50 9.14
N TYR C 473 -19.66 8.60 8.20
CA TYR C 473 -18.62 7.60 8.44
C TYR C 473 -17.33 8.26 8.86
N ARG C 474 -16.89 9.27 8.08
CA ARG C 474 -15.59 9.89 8.32
C ARG C 474 -15.61 10.73 9.57
N TRP C 475 -16.78 11.30 9.89
CA TRP C 475 -16.96 12.03 11.14
C TRP C 475 -16.70 11.13 12.33
N ILE C 476 -17.31 9.95 12.34
CA ILE C 476 -17.16 9.02 13.46
C ILE C 476 -15.73 8.54 13.58
N LYS C 477 -15.10 8.28 12.43
CA LYS C 477 -13.71 7.84 12.42
C LYS C 477 -12.78 8.91 12.95
N SER C 478 -13.13 10.19 12.75
CA SER C 478 -12.30 11.26 13.30
C SER C 478 -12.57 11.47 14.80
N VAL C 479 -13.83 11.35 15.22
CA VAL C 479 -14.19 11.69 16.60
C VAL C 479 -13.94 10.51 17.54
N ASP C 480 -14.13 9.29 17.06
CA ASP C 480 -13.97 8.09 17.88
C ASP C 480 -13.26 7.05 17.04
N PRO C 481 -11.93 7.09 16.99
CA PRO C 481 -11.18 6.04 16.26
C PRO C 481 -11.13 4.69 16.96
N SER C 482 -11.64 4.57 18.19
CA SER C 482 -11.54 3.34 18.96
C SER C 482 -12.57 2.29 18.57
N ARG C 483 -13.46 2.59 17.64
CA ARG C 483 -14.50 1.65 17.27
C ARG C 483 -14.66 1.64 15.75
N PRO C 484 -14.74 0.46 15.13
CA PRO C 484 -15.08 0.40 13.71
C PRO C 484 -16.48 0.92 13.45
N VAL C 485 -16.69 1.35 12.20
CA VAL C 485 -17.96 1.81 11.71
C VAL C 485 -18.41 0.85 10.62
N GLN C 486 -19.68 0.45 10.67
CA GLN C 486 -20.20 -0.41 9.64
C GLN C 486 -21.50 0.17 9.12
N TYR C 487 -21.85 -0.26 7.92
CA TYR C 487 -23.11 0.16 7.33
C TYR C 487 -23.39 -0.73 6.14
N GLU C 488 -24.56 -1.36 6.12
CA GLU C 488 -24.85 -2.35 5.10
C GLU C 488 -25.28 -1.73 3.78
N GLY C 489 -25.84 -0.52 3.80
CA GLY C 489 -26.66 -0.07 2.70
C GLY C 489 -25.87 0.21 1.43
N GLY C 490 -26.54 0.01 0.30
CA GLY C 490 -25.84 0.20 -0.95
C GLY C 490 -24.86 -0.90 -1.27
N GLY C 491 -25.11 -2.13 -0.80
CA GLY C 491 -24.35 -3.27 -1.26
C GLY C 491 -23.40 -3.88 -0.26
N ALA C 492 -23.37 -3.42 1.00
CA ALA C 492 -22.69 -4.04 2.14
C ALA C 492 -21.18 -3.88 2.13
N ASP C 493 -20.59 -3.26 1.11
CA ASP C 493 -19.13 -3.17 1.04
C ASP C 493 -18.69 -1.81 0.52
N THR C 494 -19.48 -0.78 0.77
CA THR C 494 -19.18 0.55 0.28
C THR C 494 -17.99 1.14 1.03
N THR C 495 -17.69 2.40 0.69
CA THR C 495 -16.70 3.19 1.41
C THR C 495 -17.15 3.65 2.80
N ALA C 496 -18.44 3.48 3.13
CA ALA C 496 -19.00 3.87 4.41
C ALA C 496 -18.99 2.75 5.43
N THR C 497 -18.26 1.67 5.19
CA THR C 497 -18.22 0.60 6.16
C THR C 497 -16.81 0.03 6.27
N ASP C 498 -16.40 -0.28 7.50
CA ASP C 498 -15.13 -0.95 7.77
C ASP C 498 -15.25 -2.46 7.70
N ILE C 499 -16.47 -2.97 7.65
CA ILE C 499 -16.75 -4.39 7.71
C ILE C 499 -17.69 -4.70 6.58
N ILE C 500 -17.41 -5.76 5.82
CA ILE C 500 -18.39 -6.23 4.86
C ILE C 500 -19.55 -6.79 5.68
N CYS C 501 -20.69 -6.12 5.65
CA CYS C 501 -21.79 -6.47 6.55
C CYS C 501 -23.10 -6.70 5.78
N PRO C 502 -23.15 -7.72 4.94
CA PRO C 502 -24.38 -7.96 4.17
C PRO C 502 -25.49 -8.50 5.03
N MET C 503 -26.70 -8.36 4.50
CA MET C 503 -27.88 -8.98 5.07
C MET C 503 -28.24 -10.16 4.18
N TYR C 504 -28.33 -11.35 4.78
CA TYR C 504 -28.89 -12.56 4.14
C TYR C 504 -28.09 -12.99 2.92
N ALA C 505 -26.79 -12.68 2.88
CA ALA C 505 -25.92 -13.32 1.92
C ALA C 505 -25.80 -14.78 2.27
N ARG C 506 -25.86 -15.61 1.25
CA ARG C 506 -25.82 -17.04 1.53
C ARG C 506 -24.39 -17.52 1.61
N VAL C 507 -24.24 -18.74 2.12
CA VAL C 507 -22.89 -19.27 2.36
C VAL C 507 -22.21 -19.60 1.04
N ASP C 508 -22.91 -20.34 0.18
CA ASP C 508 -22.36 -20.86 -1.05
C ASP C 508 -23.00 -20.31 -2.32
N GLU C 509 -24.20 -19.74 -2.23
CA GLU C 509 -24.96 -19.35 -3.41
C GLU C 509 -24.89 -17.84 -3.61
N ASP C 510 -24.47 -17.41 -4.79
CA ASP C 510 -24.55 -15.99 -5.14
C ASP C 510 -25.98 -15.59 -5.46
N GLN C 511 -26.30 -14.34 -5.17
CA GLN C 511 -27.59 -13.73 -5.53
C GLN C 511 -27.25 -12.46 -6.29
N PRO C 512 -27.10 -12.54 -7.59
CA PRO C 512 -26.47 -11.44 -8.36
C PRO C 512 -27.42 -10.31 -8.77
N PHE C 513 -27.98 -9.62 -7.77
CA PHE C 513 -28.84 -8.45 -8.03
C PHE C 513 -28.04 -7.34 -8.69
N PRO C 514 -28.70 -6.45 -9.46
CA PRO C 514 -27.99 -5.67 -10.52
C PRO C 514 -26.97 -4.66 -10.04
N ALA C 515 -27.25 -3.88 -8.99
CA ALA C 515 -26.28 -2.95 -8.46
C ALA C 515 -25.90 -3.25 -7.03
N VAL C 516 -26.66 -4.11 -6.36
CA VAL C 516 -26.37 -4.46 -4.98
C VAL C 516 -26.41 -5.98 -4.86
N PRO C 517 -25.45 -6.69 -5.47
CA PRO C 517 -25.49 -8.15 -5.42
C PRO C 517 -25.14 -8.65 -4.04
N LYS C 518 -25.70 -9.79 -3.69
CA LYS C 518 -25.34 -10.47 -2.46
C LYS C 518 -24.55 -11.68 -2.89
N TRP C 519 -23.24 -11.51 -2.95
CA TRP C 519 -22.36 -12.64 -3.18
C TRP C 519 -22.45 -13.62 -2.03
N SER C 520 -22.11 -14.88 -2.32
CA SER C 520 -21.85 -15.83 -1.25
C SER C 520 -20.70 -15.30 -0.41
N ILE C 521 -20.82 -15.48 0.92
CA ILE C 521 -19.92 -14.83 1.84
C ILE C 521 -18.49 -15.36 1.71
N LYS C 522 -18.33 -16.61 1.28
CA LYS C 522 -17.01 -17.12 0.97
C LYS C 522 -16.43 -16.42 -0.25
N LYS C 523 -17.26 -16.23 -1.28
CA LYS C 523 -16.80 -15.58 -2.50
C LYS C 523 -16.49 -14.11 -2.29
N TRP C 524 -17.30 -13.43 -1.46
CA TRP C 524 -17.19 -12.00 -1.21
C TRP C 524 -15.84 -11.62 -0.62
N LEU C 525 -15.28 -12.50 0.21
CA LEU C 525 -14.02 -12.21 0.87
C LEU C 525 -12.87 -12.14 -0.12
N SER C 526 -12.94 -12.93 -1.19
CA SER C 526 -11.78 -13.03 -2.11
C SER C 526 -11.96 -12.19 -3.38
N LEU C 527 -13.00 -11.37 -3.46
CA LEU C 527 -13.12 -10.50 -4.62
C LEU C 527 -11.90 -9.60 -4.69
N PRO C 528 -11.47 -9.27 -5.91
CA PRO C 528 -10.21 -8.52 -6.10
C PRO C 528 -10.25 -7.14 -5.45
N GLY C 529 -9.26 -6.89 -4.59
CA GLY C 529 -9.21 -5.69 -3.82
C GLY C 529 -10.00 -5.70 -2.53
N GLU C 530 -10.63 -6.81 -2.16
CA GLU C 530 -11.43 -6.88 -0.94
C GLU C 530 -10.57 -7.43 0.20
N THR C 531 -10.41 -6.65 1.28
CA THR C 531 -9.61 -7.14 2.40
C THR C 531 -10.31 -7.10 3.75
N ARG C 532 -11.51 -6.54 3.85
CA ARG C 532 -12.14 -6.34 5.13
C ARG C 532 -12.67 -7.66 5.69
N PRO C 533 -12.89 -7.74 7.01
CA PRO C 533 -13.62 -8.88 7.56
C PRO C 533 -15.07 -8.79 7.13
N LEU C 534 -15.76 -9.91 7.21
CA LEU C 534 -17.16 -9.99 6.84
C LEU C 534 -17.94 -10.48 8.06
N ILE C 535 -18.91 -9.69 8.48
CA ILE C 535 -19.80 -10.04 9.57
C ILE C 535 -21.20 -9.65 9.11
N LEU C 536 -22.08 -10.63 8.96
CA LEU C 536 -23.42 -10.38 8.46
C LEU C 536 -24.19 -9.57 9.48
N CYS C 537 -24.68 -8.40 9.08
CA CYS C 537 -25.45 -7.63 10.04
C CYS C 537 -26.81 -8.28 10.28
N GLU C 538 -27.34 -9.01 9.30
CA GLU C 538 -28.53 -9.85 9.45
C GLU C 538 -28.32 -11.13 8.66
N TYR C 539 -28.69 -12.26 9.26
CA TYR C 539 -28.72 -13.53 8.53
C TYR C 539 -29.63 -14.46 9.30
N ALA C 540 -30.03 -15.55 8.62
CA ALA C 540 -30.81 -16.65 9.18
C ALA C 540 -32.15 -16.14 9.71
N HIS C 541 -33.00 -15.75 8.75
CA HIS C 541 -34.23 -15.01 9.05
C HIS C 541 -35.19 -15.93 9.78
N ALA C 542 -35.43 -15.66 11.06
CA ALA C 542 -36.07 -16.65 11.95
C ALA C 542 -37.59 -16.54 11.96
N MET C 543 -38.18 -16.22 10.82
CA MET C 543 -39.62 -16.06 10.67
C MET C 543 -40.31 -17.41 10.80
N GLY C 544 -40.95 -17.62 11.93
CA GLY C 544 -41.72 -18.82 12.14
C GLY C 544 -40.83 -20.04 12.23
N ASN C 545 -41.25 -21.08 11.56
CA ASN C 545 -40.50 -22.32 11.53
C ASN C 545 -39.32 -22.11 10.60
N SER C 546 -38.17 -21.72 11.15
CA SER C 546 -37.09 -21.31 10.27
C SER C 546 -35.77 -21.74 10.87
N LEU C 547 -34.70 -21.04 10.47
CA LEU C 547 -33.31 -21.35 10.77
C LEU C 547 -32.84 -22.65 10.13
N GLY C 548 -33.46 -23.06 9.04
CA GLY C 548 -32.92 -24.14 8.26
C GLY C 548 -31.62 -23.70 7.62
N GLY C 549 -30.65 -24.60 7.62
CA GLY C 549 -29.36 -24.25 7.06
C GLY C 549 -28.49 -23.42 7.96
N PHE C 550 -28.84 -23.32 9.24
CA PHE C 550 -28.06 -22.49 10.17
C PHE C 550 -26.67 -23.07 10.40
N ALA C 551 -26.56 -24.39 10.37
CA ALA C 551 -25.28 -25.04 10.59
C ALA C 551 -24.29 -24.78 9.46
N LYS C 552 -24.80 -24.51 8.25
CA LYS C 552 -23.93 -24.21 7.13
C LYS C 552 -23.20 -22.89 7.33
N TYR C 553 -23.87 -21.92 7.94
CA TYR C 553 -23.23 -20.66 8.29
C TYR C 553 -22.12 -20.88 9.30
N TRP C 554 -22.39 -21.67 10.32
CA TRP C 554 -21.42 -21.80 11.40
C TRP C 554 -20.27 -22.71 11.02
N GLN C 555 -20.50 -23.62 10.07
CA GLN C 555 -19.35 -24.31 9.48
C GLN C 555 -18.47 -23.32 8.73
N ALA C 556 -19.09 -22.40 8.00
CA ALA C 556 -18.33 -21.45 7.20
C ALA C 556 -17.59 -20.46 8.09
N PHE C 557 -18.23 -20.04 9.19
CA PHE C 557 -17.60 -19.10 10.11
C PHE C 557 -16.38 -19.73 10.77
N ARG C 558 -16.46 -21.00 11.10
CA ARG C 558 -15.33 -21.63 11.76
C ARG C 558 -14.20 -21.92 10.79
N GLN C 559 -14.52 -22.19 9.53
CA GLN C 559 -13.46 -22.53 8.57
C GLN C 559 -12.72 -21.29 8.06
N TYR C 560 -13.42 -20.18 7.85
CA TYR C 560 -12.83 -19.03 7.17
C TYR C 560 -12.48 -17.97 8.20
N PRO C 561 -11.22 -17.51 8.29
CA PRO C 561 -10.86 -16.52 9.32
C PRO C 561 -11.55 -15.16 9.18
N ARG C 562 -11.70 -14.65 7.96
CA ARG C 562 -12.36 -13.35 7.84
C ARG C 562 -13.87 -13.45 7.85
N LEU C 563 -14.47 -14.64 7.95
CA LEU C 563 -15.91 -14.75 8.24
C LEU C 563 -16.05 -14.76 9.74
N GLN C 564 -16.35 -13.60 10.32
CA GLN C 564 -16.31 -13.48 11.77
C GLN C 564 -17.69 -13.46 12.40
N GLY C 565 -18.67 -14.03 11.73
CA GLY C 565 -19.93 -14.32 12.35
C GLY C 565 -21.02 -13.46 11.79
N GLY C 566 -22.01 -13.16 12.62
CA GLY C 566 -23.10 -12.33 12.15
C GLY C 566 -24.16 -12.21 13.21
N PHE C 567 -25.22 -11.52 12.84
CA PHE C 567 -26.31 -11.22 13.75
C PHE C 567 -27.59 -11.82 13.18
N VAL C 568 -28.17 -12.78 13.90
CA VAL C 568 -29.42 -13.40 13.49
C VAL C 568 -30.53 -12.37 13.48
N TRP C 569 -31.41 -12.43 12.46
CA TRP C 569 -32.67 -11.69 12.46
C TRP C 569 -33.79 -12.65 12.83
N ASP C 570 -34.43 -12.43 13.98
CA ASP C 570 -33.95 -11.52 15.01
C ASP C 570 -34.39 -12.10 16.36
N TRP C 571 -34.33 -11.30 17.42
CA TRP C 571 -34.45 -11.88 18.75
C TRP C 571 -35.89 -12.24 19.12
N VAL C 572 -36.80 -11.27 19.05
CA VAL C 572 -38.13 -11.45 19.62
C VAL C 572 -39.16 -11.10 18.57
N ASP C 573 -40.22 -11.93 18.48
CA ASP C 573 -41.40 -11.65 17.67
C ASP C 573 -41.98 -10.29 18.05
N GLN C 574 -42.33 -9.49 17.04
CA GLN C 574 -43.02 -8.22 17.32
C GLN C 574 -44.53 -8.41 17.32
N SER C 575 -45.04 -9.42 18.00
CA SER C 575 -46.48 -9.55 18.16
C SER C 575 -46.94 -8.63 19.28
N LEU C 576 -48.19 -8.22 19.20
CA LEU C 576 -48.84 -7.45 20.24
C LEU C 576 -50.04 -8.25 20.74
N ILE C 577 -50.42 -8.00 21.98
CA ILE C 577 -51.55 -8.71 22.58
C ILE C 577 -52.83 -7.95 22.29
N LYS C 578 -53.83 -8.66 21.80
CA LYS C 578 -55.19 -8.17 21.79
C LYS C 578 -56.04 -9.09 22.66
N TYR C 579 -57.30 -8.72 22.83
CA TYR C 579 -58.18 -9.47 23.70
C TYR C 579 -59.44 -9.82 22.95
N ASP C 580 -59.85 -11.07 23.07
CA ASP C 580 -61.13 -11.49 22.51
C ASP C 580 -62.26 -10.96 23.40
N GLU C 581 -63.50 -11.14 22.96
CA GLU C 581 -64.68 -10.59 23.66
C GLU C 581 -64.91 -11.19 25.04
N ASN C 582 -64.39 -12.39 25.32
CA ASN C 582 -64.46 -13.00 26.63
C ASN C 582 -63.27 -12.65 27.53
N GLY C 583 -62.32 -11.86 27.01
CA GLY C 583 -61.20 -11.40 27.80
C GLY C 583 -59.90 -12.15 27.56
N ASN C 584 -59.91 -13.21 26.74
CA ASN C 584 -58.70 -14.01 26.56
C ASN C 584 -57.71 -13.29 25.66
N PRO C 585 -56.46 -13.15 26.07
CA PRO C 585 -55.49 -12.46 25.22
C PRO C 585 -55.05 -13.33 24.06
N TRP C 586 -54.67 -12.68 22.96
CA TRP C 586 -54.09 -13.44 21.87
C TRP C 586 -53.06 -12.60 21.14
N SER C 587 -52.08 -13.26 20.55
CA SER C 587 -50.99 -12.59 19.88
C SER C 587 -51.42 -12.10 18.50
N ALA C 588 -51.25 -10.82 18.26
CA ALA C 588 -51.70 -10.16 17.05
C ALA C 588 -50.49 -9.69 16.25
N TYR C 589 -50.64 -9.66 14.94
CA TYR C 589 -49.61 -9.14 14.07
C TYR C 589 -50.26 -8.07 13.19
N GLY C 590 -49.52 -7.67 12.15
CA GLY C 590 -49.86 -6.79 11.04
C GLY C 590 -51.11 -5.94 11.07
N GLY C 591 -52.12 -6.34 10.32
CA GLY C 591 -53.38 -5.64 10.23
C GLY C 591 -54.45 -6.06 11.20
N ASP C 592 -54.08 -6.52 12.40
CA ASP C 592 -55.06 -6.87 13.42
C ASP C 592 -55.56 -5.67 14.21
N PHE C 593 -55.14 -4.46 13.88
CA PHE C 593 -55.59 -3.26 14.57
C PHE C 593 -56.34 -2.32 13.62
N GLY C 594 -56.79 -2.83 12.48
CA GLY C 594 -57.32 -2.00 11.42
C GLY C 594 -56.28 -1.19 10.65
N ASP C 595 -55.00 -1.47 10.90
CA ASP C 595 -53.91 -0.65 10.32
C ASP C 595 -53.61 -1.14 8.91
N THR C 596 -53.66 -0.23 7.92
CA THR C 596 -53.42 -0.59 6.50
C THR C 596 -52.84 0.61 5.78
N PRO C 597 -52.06 0.43 4.67
CA PRO C 597 -51.46 -0.87 4.35
C PRO C 597 -50.63 -1.42 5.52
N ASN C 598 -50.72 -2.74 5.74
CA ASN C 598 -49.84 -3.46 6.70
C ASN C 598 -49.08 -4.57 5.96
N ASP C 599 -48.17 -5.25 6.66
CA ASP C 599 -47.44 -6.37 6.09
C ASP C 599 -47.63 -7.66 6.86
N ARG C 600 -48.73 -7.77 7.62
CA ARG C 600 -49.23 -9.02 8.21
C ARG C 600 -48.22 -9.61 9.18
N GLN C 601 -47.84 -10.87 9.03
CA GLN C 601 -47.03 -11.60 9.99
C GLN C 601 -45.55 -11.37 9.83
N PHE C 602 -45.14 -10.43 8.98
CA PHE C 602 -43.73 -10.20 8.77
C PHE C 602 -43.05 -9.47 9.95
N CYS C 603 -43.81 -8.95 10.92
CA CYS C 603 -43.23 -8.39 12.12
C CYS C 603 -42.72 -9.47 13.09
N MET C 604 -43.09 -10.73 12.89
CA MET C 604 -42.70 -11.81 13.78
C MET C 604 -41.58 -12.60 13.13
N ASN C 605 -40.34 -12.23 13.46
CA ASN C 605 -39.15 -12.90 12.95
C ASN C 605 -38.27 -13.41 14.07
N GLY C 606 -38.82 -13.69 15.23
CA GLY C 606 -38.00 -13.85 16.40
C GLY C 606 -37.58 -15.29 16.67
N LEU C 607 -36.45 -15.39 17.38
CA LEU C 607 -36.06 -16.64 18.00
C LEU C 607 -36.92 -16.96 19.22
N VAL C 608 -37.50 -15.94 19.83
CA VAL C 608 -38.39 -16.16 20.95
C VAL C 608 -39.71 -15.47 20.63
N PHE C 609 -40.78 -15.98 21.24
CA PHE C 609 -42.07 -15.32 21.26
C PHE C 609 -41.96 -13.98 22.00
N ALA C 610 -42.99 -13.14 21.82
CA ALA C 610 -43.01 -11.81 22.43
C ALA C 610 -43.04 -11.85 23.96
N ASP C 611 -43.55 -12.94 24.56
CA ASP C 611 -43.43 -13.18 25.99
C ASP C 611 -42.09 -13.85 26.38
N ARG C 612 -41.14 -13.93 25.44
CA ARG C 612 -39.79 -14.44 25.64
C ARG C 612 -39.71 -15.94 25.85
N THR C 613 -40.78 -16.67 25.53
CA THR C 613 -40.71 -18.13 25.46
C THR C 613 -39.99 -18.52 24.17
N PRO C 614 -39.06 -19.49 24.21
CA PRO C 614 -38.26 -19.78 23.02
C PRO C 614 -39.04 -20.49 21.92
N HIS C 615 -38.77 -20.09 20.68
CA HIS C 615 -39.12 -20.92 19.54
C HIS C 615 -38.16 -22.12 19.50
N PRO C 616 -38.49 -23.15 18.72
CA PRO C 616 -37.57 -24.29 18.60
C PRO C 616 -36.26 -23.96 17.91
N ALA C 617 -36.20 -22.91 17.08
CA ALA C 617 -34.98 -22.53 16.40
C ALA C 617 -33.87 -22.09 17.33
N LEU C 618 -34.24 -21.56 18.51
CA LEU C 618 -33.28 -21.06 19.49
C LEU C 618 -32.31 -22.15 19.96
N THR C 619 -32.78 -23.39 20.10
CA THR C 619 -31.86 -24.44 20.52
C THR C 619 -30.89 -24.80 19.41
N GLU C 620 -31.32 -24.68 18.14
CA GLU C 620 -30.37 -24.84 17.03
C GLU C 620 -29.34 -23.74 17.05
N ALA C 621 -29.76 -22.52 17.40
CA ALA C 621 -28.82 -21.41 17.51
C ALA C 621 -27.84 -21.64 18.65
N LYS C 622 -28.32 -22.19 19.77
CA LYS C 622 -27.48 -22.45 20.93
C LYS C 622 -26.43 -23.51 20.61
N HIS C 623 -26.83 -24.54 19.87
CA HIS C 623 -25.91 -25.63 19.57
C HIS C 623 -24.84 -25.20 18.59
N GLN C 624 -25.23 -24.47 17.54
CA GLN C 624 -24.24 -24.06 16.54
C GLN C 624 -23.30 -23.00 17.08
N GLN C 625 -23.75 -22.20 18.04
CA GLN C 625 -22.96 -21.12 18.60
C GLN C 625 -22.18 -21.52 19.83
N GLN C 626 -22.17 -22.80 20.18
CA GLN C 626 -21.58 -23.23 21.45
C GLN C 626 -20.06 -23.05 21.44
N PHE C 627 -19.52 -22.75 22.62
CA PHE C 627 -18.15 -22.33 22.72
C PHE C 627 -17.18 -23.48 22.87
N PHE C 628 -17.67 -24.70 22.89
CA PHE C 628 -16.83 -25.88 22.89
C PHE C 628 -17.18 -26.70 21.67
N GLN C 629 -16.17 -27.14 20.96
CA GLN C 629 -16.34 -27.96 19.78
C GLN C 629 -15.71 -29.32 20.01
N PHE C 630 -16.30 -30.36 19.44
CA PHE C 630 -15.96 -31.73 19.79
C PHE C 630 -15.60 -32.55 18.57
N ARG C 631 -14.61 -33.42 18.74
CA ARG C 631 -14.23 -34.40 17.73
C ARG C 631 -13.99 -35.72 18.43
N LEU C 632 -14.53 -36.79 17.88
CA LEU C 632 -14.33 -38.13 18.42
C LEU C 632 -13.38 -38.87 17.49
N SER C 633 -12.15 -39.09 17.94
CA SER C 633 -11.20 -39.91 17.21
C SER C 633 -11.75 -41.33 17.20
N GLY C 634 -11.39 -42.11 18.20
CA GLY C 634 -11.99 -43.44 18.34
C GLY C 634 -12.59 -43.67 19.71
N GLN C 635 -11.77 -43.61 20.75
CA GLN C 635 -12.26 -43.63 22.11
C GLN C 635 -12.00 -42.30 22.79
N THR C 636 -11.40 -41.37 22.06
CA THR C 636 -11.00 -40.11 22.64
C THR C 636 -11.92 -39.01 22.15
N ILE C 637 -12.36 -38.16 23.08
CA ILE C 637 -13.07 -36.93 22.76
C ILE C 637 -12.08 -35.81 22.84
N GLU C 638 -11.94 -35.06 21.78
CA GLU C 638 -11.10 -33.87 21.79
C GLU C 638 -12.00 -32.66 21.92
N VAL C 639 -11.83 -31.91 23.00
CA VAL C 639 -12.61 -30.71 23.25
C VAL C 639 -11.78 -29.51 22.81
N THR C 640 -12.38 -28.63 22.02
CA THR C 640 -11.72 -27.40 21.61
C THR C 640 -12.49 -26.22 22.20
N SER C 641 -11.77 -25.32 22.83
CA SER C 641 -12.36 -24.12 23.39
C SER C 641 -12.39 -23.02 22.34
N GLU C 642 -13.56 -22.41 22.15
CA GLU C 642 -13.67 -21.20 21.34
C GLU C 642 -13.79 -19.95 22.19
N TYR C 643 -13.52 -20.05 23.48
CA TYR C 643 -13.30 -18.86 24.27
C TYR C 643 -11.95 -18.23 23.93
N LEU C 644 -11.92 -16.91 23.88
CA LEU C 644 -10.69 -16.21 23.58
C LEU C 644 -9.90 -15.85 24.82
N PHE C 645 -10.59 -15.65 25.94
CA PHE C 645 -9.99 -14.99 27.10
C PHE C 645 -10.09 -15.77 28.39
N ARG C 646 -11.05 -16.65 28.55
CA ARG C 646 -11.24 -17.36 29.80
C ARG C 646 -10.91 -18.82 29.63
N HIS C 647 -10.28 -19.37 30.67
CA HIS C 647 -10.13 -20.79 30.87
C HIS C 647 -11.50 -21.38 31.22
N SER C 648 -11.69 -22.68 30.94
CA SER C 648 -12.94 -23.36 31.23
C SER C 648 -13.00 -23.72 32.72
N ASP C 649 -13.28 -22.72 33.54
CA ASP C 649 -13.19 -22.87 34.97
C ASP C 649 -14.54 -23.13 35.63
N ASN C 650 -15.60 -23.29 34.85
CA ASN C 650 -16.94 -23.57 35.37
C ASN C 650 -17.60 -24.59 34.45
N GLU C 651 -16.89 -25.67 34.12
CA GLU C 651 -17.32 -26.58 33.08
C GLU C 651 -17.08 -28.02 33.50
N LEU C 652 -18.10 -28.85 33.32
CA LEU C 652 -18.02 -30.27 33.62
C LEU C 652 -18.58 -31.05 32.44
N LEU C 653 -17.73 -31.86 31.80
CA LEU C 653 -18.18 -32.71 30.71
C LEU C 653 -18.87 -33.93 31.31
N HIS C 654 -20.11 -34.15 30.90
CA HIS C 654 -20.84 -35.39 31.15
C HIS C 654 -20.91 -36.15 29.85
N TRP C 655 -20.56 -37.43 29.89
CA TRP C 655 -20.70 -38.28 28.72
C TRP C 655 -21.63 -39.42 29.06
N MET C 656 -22.31 -39.92 28.04
CA MET C 656 -23.21 -41.04 28.24
C MET C 656 -23.24 -41.88 26.97
N VAL C 657 -23.17 -43.20 27.13
CA VAL C 657 -23.33 -44.13 26.03
C VAL C 657 -24.64 -44.86 26.22
N ALA C 658 -25.50 -44.81 25.22
CA ALA C 658 -26.77 -45.52 25.29
C ALA C 658 -26.94 -46.39 24.06
N LEU C 659 -27.73 -47.44 24.21
CA LEU C 659 -28.02 -48.37 23.12
C LEU C 659 -29.48 -48.20 22.73
N ASP C 660 -29.73 -47.23 21.84
CA ASP C 660 -31.08 -46.89 21.40
C ASP C 660 -31.97 -46.44 22.58
N GLY C 661 -31.48 -45.46 23.32
CA GLY C 661 -32.21 -44.85 24.40
C GLY C 661 -31.84 -45.36 25.78
N LYS C 662 -31.45 -46.63 25.85
CA LYS C 662 -31.16 -47.25 27.13
C LYS C 662 -29.74 -46.94 27.58
N PRO C 663 -29.54 -46.36 28.76
CA PRO C 663 -28.20 -45.99 29.20
C PRO C 663 -27.35 -47.21 29.54
N LEU C 664 -26.18 -47.28 28.95
CA LEU C 664 -25.24 -48.37 29.24
C LEU C 664 -24.08 -47.96 30.12
N ALA C 665 -23.52 -46.77 29.91
CA ALA C 665 -22.39 -46.26 30.67
C ALA C 665 -22.51 -44.74 30.75
N SER C 666 -21.90 -44.15 31.77
CA SER C 666 -21.86 -42.70 31.86
C SER C 666 -20.76 -42.28 32.81
N GLY C 667 -20.29 -41.05 32.64
CA GLY C 667 -19.19 -40.53 33.43
C GLY C 667 -19.18 -39.02 33.45
N GLU C 668 -18.25 -38.48 34.24
CA GLU C 668 -18.05 -37.05 34.41
C GLU C 668 -16.57 -36.76 34.33
N VAL C 669 -16.24 -35.67 33.65
CA VAL C 669 -14.86 -35.27 33.43
C VAL C 669 -14.81 -33.75 33.52
N PRO C 670 -14.06 -33.15 34.45
CA PRO C 670 -13.92 -31.69 34.47
C PRO C 670 -13.17 -31.17 33.25
N LEU C 671 -13.67 -30.07 32.70
CA LEU C 671 -13.01 -29.44 31.57
C LEU C 671 -11.85 -28.59 32.06
N ASP C 672 -10.73 -28.70 31.38
CA ASP C 672 -9.49 -28.05 31.74
C ASP C 672 -8.86 -27.65 30.42
N VAL C 673 -9.47 -26.67 29.75
CA VAL C 673 -9.00 -26.27 28.44
C VAL C 673 -8.77 -24.76 28.45
N ALA C 674 -7.59 -24.36 27.97
CA ALA C 674 -7.24 -22.95 27.82
C ALA C 674 -8.09 -22.31 26.74
N PRO C 675 -8.10 -20.97 26.67
CA PRO C 675 -8.74 -20.28 25.54
C PRO C 675 -8.11 -20.66 24.22
N GLN C 676 -8.95 -21.12 23.29
CA GLN C 676 -8.53 -21.57 21.96
C GLN C 676 -7.66 -22.82 22.01
N GLY C 677 -7.77 -23.62 23.08
CA GLY C 677 -6.97 -24.79 23.26
C GLY C 677 -7.79 -26.07 23.19
N LYS C 678 -7.10 -27.16 23.45
CA LYS C 678 -7.72 -28.46 23.29
C LYS C 678 -7.47 -29.30 24.53
N GLN C 679 -8.42 -30.15 24.85
CA GLN C 679 -8.30 -31.13 25.92
C GLN C 679 -8.71 -32.49 25.37
N LEU C 680 -7.85 -33.47 25.55
CA LEU C 680 -8.15 -34.83 25.13
C LEU C 680 -8.76 -35.57 26.31
N ILE C 681 -9.89 -36.23 26.06
CA ILE C 681 -10.61 -36.98 27.08
C ILE C 681 -10.75 -38.40 26.58
N GLU C 682 -10.04 -39.34 27.17
CA GLU C 682 -10.12 -40.73 26.78
C GLU C 682 -11.24 -41.41 27.55
N LEU C 683 -12.27 -41.85 26.84
CA LEU C 683 -13.36 -42.60 27.44
C LEU C 683 -12.84 -43.95 27.91
N PRO C 684 -13.39 -44.49 29.00
CA PRO C 684 -13.06 -45.86 29.42
C PRO C 684 -13.47 -46.96 28.45
N GLU C 685 -13.26 -48.21 28.83
CA GLU C 685 -13.65 -49.32 27.97
C GLU C 685 -15.17 -49.42 27.98
N LEU C 686 -15.76 -49.04 26.85
CA LEU C 686 -17.20 -49.06 26.74
C LEU C 686 -17.69 -50.49 26.72
N PRO C 687 -18.89 -50.75 27.21
CA PRO C 687 -19.35 -52.13 27.31
C PRO C 687 -20.04 -52.52 26.03
N GLN C 688 -19.34 -53.29 25.19
CA GLN C 688 -19.87 -53.72 23.92
C GLN C 688 -21.03 -54.69 24.15
N PRO C 689 -22.28 -54.24 24.02
CA PRO C 689 -23.41 -55.03 24.50
C PRO C 689 -23.69 -56.23 23.61
N GLU C 690 -24.81 -56.91 23.90
CA GLU C 690 -25.17 -58.12 23.12
C GLU C 690 -26.39 -57.81 22.25
N SER C 691 -27.29 -56.94 22.72
CA SER C 691 -28.49 -56.69 21.94
C SER C 691 -28.12 -56.04 20.62
N ALA C 692 -28.97 -56.24 19.63
CA ALA C 692 -28.86 -55.48 18.40
C ALA C 692 -29.16 -54.01 18.67
N GLY C 693 -28.71 -53.16 17.76
CA GLY C 693 -29.01 -51.74 17.85
C GLY C 693 -27.76 -50.88 17.80
N GLN C 694 -28.00 -49.58 17.74
CA GLN C 694 -26.96 -48.58 17.55
C GLN C 694 -26.54 -47.99 18.89
N LEU C 695 -25.24 -48.04 19.17
CA LEU C 695 -24.71 -47.37 20.34
C LEU C 695 -24.50 -45.90 20.03
N TRP C 696 -24.88 -45.03 20.96
CA TRP C 696 -24.76 -43.59 20.79
C TRP C 696 -23.98 -42.99 21.95
N LEU C 697 -23.03 -42.12 21.64
CA LEU C 697 -22.31 -41.38 22.65
C LEU C 697 -22.78 -39.94 22.63
N THR C 698 -23.18 -39.42 23.79
CA THR C 698 -23.61 -38.04 23.94
C THR C 698 -22.76 -37.38 25.02
N VAL C 699 -22.21 -36.22 24.71
CA VAL C 699 -21.51 -35.42 25.71
C VAL C 699 -22.26 -34.11 25.89
N ARG C 700 -22.24 -33.58 27.11
CA ARG C 700 -22.83 -32.28 27.42
C ARG C 700 -21.91 -31.57 28.38
N VAL C 701 -21.60 -30.30 28.11
CA VAL C 701 -20.89 -29.46 29.07
C VAL C 701 -21.91 -28.79 29.98
N VAL C 702 -21.79 -29.05 31.27
CA VAL C 702 -22.62 -28.41 32.28
C VAL C 702 -21.75 -27.42 33.04
N GLN C 703 -22.36 -26.32 33.47
CA GLN C 703 -21.71 -25.37 34.36
C GLN C 703 -22.16 -25.69 35.78
N PRO C 704 -21.30 -26.25 36.64
CA PRO C 704 -21.74 -26.61 37.98
C PRO C 704 -22.04 -25.42 38.86
N ASN C 705 -21.46 -24.26 38.59
CA ASN C 705 -21.70 -23.08 39.40
C ASN C 705 -22.59 -22.11 38.65
N ALA C 706 -23.48 -21.44 39.38
CA ALA C 706 -24.26 -20.35 38.80
C ALA C 706 -23.33 -19.21 38.42
N THR C 707 -23.73 -18.45 37.44
CA THR C 707 -23.05 -17.20 37.11
C THR C 707 -24.04 -16.07 37.33
N ALA C 708 -23.67 -14.88 36.84
CA ALA C 708 -24.63 -13.79 36.88
C ALA C 708 -25.76 -13.95 35.86
N TRP C 709 -25.60 -14.83 34.86
CA TRP C 709 -26.55 -14.99 33.76
C TRP C 709 -27.09 -16.41 33.62
N SER C 710 -26.71 -17.34 34.50
CA SER C 710 -27.17 -18.72 34.34
C SER C 710 -27.22 -19.42 35.70
N GLU C 711 -28.12 -20.38 35.80
CA GLU C 711 -28.28 -21.16 37.02
C GLU C 711 -27.21 -22.25 37.09
N ALA C 712 -27.05 -22.82 38.28
CA ALA C 712 -26.23 -24.02 38.44
C ALA C 712 -26.80 -25.17 37.62
N GLY C 713 -25.91 -25.92 36.97
CA GLY C 713 -26.33 -27.03 36.15
C GLY C 713 -26.69 -26.67 34.72
N HIS C 714 -26.45 -25.44 34.31
CA HIS C 714 -26.73 -24.98 32.96
C HIS C 714 -25.90 -25.74 31.93
N ILE C 715 -26.55 -26.26 30.90
CA ILE C 715 -25.87 -26.94 29.81
C ILE C 715 -25.46 -25.89 28.80
N SER C 716 -24.19 -25.88 28.43
CA SER C 716 -23.72 -24.86 27.50
C SER C 716 -23.35 -25.42 26.13
N ALA C 717 -23.25 -26.74 25.98
CA ALA C 717 -22.75 -27.33 24.75
C ALA C 717 -22.98 -28.82 24.80
N TRP C 718 -23.14 -29.43 23.64
CA TRP C 718 -23.33 -30.87 23.60
C TRP C 718 -22.99 -31.37 22.21
N GLN C 719 -22.89 -32.68 22.09
CA GLN C 719 -22.61 -33.29 20.79
C GLN C 719 -22.87 -34.78 20.94
N GLN C 720 -23.29 -35.41 19.86
CA GLN C 720 -23.57 -36.83 19.89
C GLN C 720 -22.90 -37.48 18.69
N TRP C 721 -22.46 -38.72 18.88
CA TRP C 721 -21.86 -39.52 17.83
C TRP C 721 -22.47 -40.91 17.84
N ARG C 722 -22.49 -41.51 16.66
CA ARG C 722 -22.74 -42.93 16.57
C ARG C 722 -21.47 -43.67 16.92
N LEU C 723 -21.61 -44.69 17.77
CA LEU C 723 -20.51 -45.61 18.04
C LEU C 723 -20.68 -46.89 17.24
N ALA C 724 -20.40 -48.04 17.85
CA ALA C 724 -20.54 -49.30 17.14
C ALA C 724 -22.02 -49.65 16.97
N GLU C 725 -22.35 -50.27 15.85
CA GLU C 725 -23.69 -50.77 15.56
C GLU C 725 -23.64 -52.28 15.44
N ASN C 726 -24.67 -52.95 15.92
CA ASN C 726 -24.82 -54.39 15.77
C ASN C 726 -26.17 -54.64 15.08
N LEU C 727 -26.12 -54.98 13.80
CA LEU C 727 -27.32 -55.27 13.04
C LEU C 727 -27.95 -56.55 13.56
N SER C 728 -29.27 -56.54 13.67
CA SER C 728 -29.98 -57.73 14.12
C SER C 728 -30.14 -58.69 12.96
N VAL C 729 -29.82 -59.96 13.20
CA VAL C 729 -30.11 -61.01 12.25
C VAL C 729 -31.02 -62.08 12.84
N THR C 730 -31.60 -61.81 14.00
CA THR C 730 -32.48 -62.78 14.65
C THR C 730 -33.78 -62.93 13.90
N LEU C 731 -34.32 -64.13 13.90
CA LEU C 731 -35.56 -64.40 13.17
C LEU C 731 -36.78 -64.35 14.09
N PRO C 732 -37.88 -63.79 13.59
CA PRO C 732 -39.18 -63.95 14.23
C PRO C 732 -39.76 -65.33 13.94
N ALA C 737 -50.83 -67.08 15.11
CA ALA C 737 -51.82 -67.71 14.24
C ALA C 737 -51.55 -67.37 12.78
N ILE C 738 -52.64 -67.13 12.05
CA ILE C 738 -52.59 -66.73 10.65
C ILE C 738 -53.77 -65.80 10.41
N PRO C 739 -53.55 -64.60 9.88
CA PRO C 739 -54.65 -63.65 9.72
C PRO C 739 -55.62 -64.07 8.61
N HIS C 740 -56.90 -63.87 8.88
CA HIS C 740 -57.97 -64.35 8.01
C HIS C 740 -58.46 -63.20 7.16
N LEU C 741 -58.61 -63.45 5.86
CA LEU C 741 -58.94 -62.43 4.89
C LEU C 741 -60.38 -62.59 4.41
N THR C 742 -61.21 -61.60 4.72
CA THR C 742 -62.57 -61.53 4.20
C THR C 742 -62.56 -60.66 2.94
N THR C 743 -63.13 -61.18 1.86
CA THR C 743 -63.27 -60.46 0.61
C THR C 743 -64.73 -60.09 0.38
N SER C 744 -65.05 -58.81 0.48
CA SER C 744 -66.32 -58.33 -0.02
C SER C 744 -66.06 -57.53 -1.29
N GLU C 745 -67.13 -57.12 -1.96
CA GLU C 745 -66.94 -56.37 -3.20
C GLU C 745 -66.44 -54.95 -2.94
N MET C 746 -66.68 -54.42 -1.75
CA MET C 746 -66.31 -53.05 -1.41
C MET C 746 -65.08 -52.95 -0.52
N ASP C 747 -64.67 -54.03 0.15
CA ASP C 747 -63.60 -53.95 1.13
C ASP C 747 -62.89 -55.29 1.24
N PHE C 748 -61.64 -55.22 1.67
CA PHE C 748 -60.89 -56.35 2.20
C PHE C 748 -60.76 -56.20 3.70
N CYS C 749 -61.13 -57.23 4.45
CA CYS C 749 -61.06 -57.24 5.90
C CYS C 749 -60.16 -58.37 6.36
N ILE C 750 -59.19 -58.04 7.18
CA ILE C 750 -58.22 -58.99 7.71
C ILE C 750 -58.43 -59.10 9.22
N GLU C 751 -58.69 -60.31 9.70
CA GLU C 751 -58.93 -60.59 11.10
C GLU C 751 -57.80 -61.42 11.68
N LEU C 752 -57.33 -61.01 12.86
CA LEU C 752 -56.39 -61.81 13.61
C LEU C 752 -56.64 -61.53 15.08
N GLY C 753 -57.19 -62.53 15.78
CA GLY C 753 -57.49 -62.35 17.19
C GLY C 753 -58.63 -61.39 17.37
N ASN C 754 -58.48 -60.45 18.29
CA ASN C 754 -59.49 -59.42 18.42
C ASN C 754 -59.47 -58.43 17.27
N LYS C 755 -58.35 -58.28 16.56
CA LYS C 755 -58.09 -57.16 15.68
C LYS C 755 -58.66 -57.35 14.28
N ARG C 756 -58.90 -56.22 13.61
CA ARG C 756 -59.35 -56.20 12.24
C ARG C 756 -58.65 -55.06 11.49
N TRP C 757 -58.41 -55.29 10.21
CA TRP C 757 -57.94 -54.24 9.32
C TRP C 757 -58.92 -54.17 8.16
N GLN C 758 -59.30 -52.97 7.78
CA GLN C 758 -60.27 -52.81 6.72
C GLN C 758 -59.66 -51.97 5.61
N PHE C 759 -59.68 -52.52 4.40
CA PHE C 759 -59.17 -51.83 3.22
C PHE C 759 -60.33 -51.61 2.27
N ASN C 760 -60.69 -50.33 2.08
CA ASN C 760 -61.69 -49.92 1.12
C ASN C 760 -61.19 -50.27 -0.28
N ARG C 761 -61.91 -51.17 -0.96
CA ARG C 761 -61.47 -51.58 -2.29
C ARG C 761 -61.74 -50.51 -3.34
N GLN C 762 -62.62 -49.54 -3.05
CA GLN C 762 -62.88 -48.49 -4.03
C GLN C 762 -61.87 -47.34 -3.87
N SER C 763 -61.53 -46.98 -2.65
CA SER C 763 -60.48 -45.99 -2.44
C SER C 763 -59.09 -46.60 -2.46
N GLY C 764 -58.95 -47.85 -2.03
CA GLY C 764 -57.67 -48.52 -1.99
C GLY C 764 -56.87 -48.25 -0.74
N PHE C 765 -57.44 -47.57 0.25
CA PHE C 765 -56.74 -47.20 1.47
C PHE C 765 -57.24 -48.03 2.64
N LEU C 766 -56.37 -48.20 3.62
CA LEU C 766 -56.78 -48.77 4.91
C LEU C 766 -57.72 -47.78 5.58
N SER C 767 -59.00 -48.14 5.65
CA SER C 767 -60.05 -47.22 6.05
C SER C 767 -60.40 -47.34 7.53
N GLN C 768 -60.15 -48.48 8.16
CA GLN C 768 -60.51 -48.66 9.55
C GLN C 768 -59.72 -49.82 10.15
N MET C 769 -59.46 -49.70 11.45
CA MET C 769 -58.76 -50.68 12.25
C MET C 769 -59.54 -50.93 13.53
N TRP C 770 -59.54 -52.17 14.01
CA TRP C 770 -60.27 -52.57 15.21
C TRP C 770 -59.30 -53.16 16.24
N ILE C 771 -59.22 -52.54 17.41
CA ILE C 771 -58.64 -53.20 18.59
C ILE C 771 -59.78 -53.49 19.57
N GLY C 772 -60.10 -54.77 19.74
CA GLY C 772 -61.22 -55.09 20.61
C GLY C 772 -62.52 -54.77 19.90
N ASP C 773 -63.30 -53.82 20.43
CA ASP C 773 -64.50 -53.33 19.75
C ASP C 773 -64.34 -51.97 19.13
N LYS C 774 -63.24 -51.26 19.39
CA LYS C 774 -63.16 -49.84 19.17
C LYS C 774 -62.39 -49.52 17.90
N LYS C 775 -62.98 -48.66 17.08
CA LYS C 775 -62.33 -48.22 15.86
C LYS C 775 -61.13 -47.35 16.20
N GLN C 776 -60.09 -47.44 15.39
CA GLN C 776 -58.86 -46.72 15.68
C GLN C 776 -58.65 -45.49 14.81
N LEU C 777 -59.31 -45.39 13.67
CA LEU C 777 -59.11 -44.28 12.74
C LEU C 777 -60.39 -43.49 12.57
N LEU C 778 -60.26 -42.18 12.44
CA LEU C 778 -61.35 -41.31 12.03
C LEU C 778 -61.23 -40.90 10.57
N THR C 779 -60.07 -41.11 9.96
CA THR C 779 -59.80 -40.72 8.62
C THR C 779 -58.84 -41.77 8.11
N PRO C 780 -59.02 -42.25 6.87
CA PRO C 780 -58.20 -43.35 6.35
C PRO C 780 -56.72 -43.00 6.24
N LEU C 781 -55.88 -44.04 6.31
CA LEU C 781 -54.44 -43.84 6.15
C LEU C 781 -54.17 -43.55 4.67
N ARG C 782 -53.64 -42.36 4.40
CA ARG C 782 -53.52 -41.87 3.04
C ARG C 782 -52.18 -41.17 2.84
N ASP C 783 -51.66 -41.27 1.62
CA ASP C 783 -50.45 -40.54 1.24
C ASP C 783 -50.67 -39.05 1.31
N GLN C 784 -49.60 -38.34 1.65
CA GLN C 784 -49.62 -36.90 1.81
C GLN C 784 -48.34 -36.36 1.22
N PHE C 785 -48.46 -35.38 0.34
CA PHE C 785 -47.30 -34.81 -0.33
C PHE C 785 -47.13 -33.33 -0.06
N THR C 786 -48.02 -32.74 0.74
CA THR C 786 -48.04 -31.32 1.01
C THR C 786 -47.81 -31.10 2.48
N ARG C 787 -47.43 -29.88 2.82
CA ARG C 787 -47.43 -29.42 4.19
C ARG C 787 -48.14 -28.08 4.21
N ALA C 788 -48.71 -27.76 5.36
CA ALA C 788 -49.23 -26.42 5.61
C ALA C 788 -48.05 -25.49 5.57
N PRO C 789 -48.06 -24.47 4.68
CA PRO C 789 -46.81 -23.81 4.29
C PRO C 789 -46.22 -22.97 5.40
N LEU C 790 -44.91 -23.12 5.59
CA LEU C 790 -44.19 -22.23 6.48
C LEU C 790 -44.15 -20.83 5.87
N ASP C 791 -43.75 -19.86 6.70
CA ASP C 791 -43.51 -18.51 6.23
C ASP C 791 -42.39 -18.45 5.19
N ASN C 792 -41.38 -19.30 5.32
CA ASN C 792 -40.38 -19.44 4.27
C ASN C 792 -40.96 -20.03 2.99
N ASP C 793 -41.95 -20.91 3.09
CA ASP C 793 -42.60 -21.44 1.88
C ASP C 793 -43.40 -20.35 1.19
N ILE C 794 -43.99 -19.45 1.97
CA ILE C 794 -44.90 -18.45 1.42
C ILE C 794 -44.13 -17.33 0.75
N GLY C 795 -42.92 -17.05 1.24
CA GLY C 795 -41.93 -16.25 0.54
C GLY C 795 -42.30 -14.81 0.29
N VAL C 796 -42.96 -14.18 1.25
CA VAL C 796 -43.42 -12.80 1.12
C VAL C 796 -42.82 -11.97 2.25
N SER C 797 -42.32 -10.79 1.91
CA SER C 797 -41.84 -9.80 2.87
C SER C 797 -42.60 -8.49 2.77
N GLU C 798 -43.31 -8.28 1.68
CA GLU C 798 -44.24 -7.19 1.53
C GLU C 798 -45.54 -7.81 1.08
N ALA C 799 -46.64 -7.45 1.77
CA ALA C 799 -47.95 -8.07 1.56
C ALA C 799 -48.49 -7.85 0.14
N THR C 800 -48.09 -6.76 -0.53
CA THR C 800 -48.58 -6.44 -1.86
C THR C 800 -47.85 -7.18 -2.97
N ARG C 801 -46.72 -7.84 -2.71
CA ARG C 801 -45.94 -8.45 -3.77
C ARG C 801 -45.78 -9.95 -3.55
N ILE C 802 -46.23 -10.74 -4.51
CA ILE C 802 -46.20 -12.19 -4.42
C ILE C 802 -45.04 -12.69 -5.26
N ASP C 803 -44.24 -13.58 -4.69
CA ASP C 803 -43.14 -14.20 -5.40
C ASP C 803 -43.68 -15.41 -6.14
N PRO C 804 -43.74 -15.39 -7.47
CA PRO C 804 -44.22 -16.56 -8.21
C PRO C 804 -43.28 -17.77 -8.15
N ASN C 805 -42.01 -17.57 -7.78
CA ASN C 805 -41.07 -18.64 -7.48
C ASN C 805 -41.15 -19.15 -6.05
N ALA C 806 -42.01 -18.56 -5.22
CA ALA C 806 -42.23 -19.07 -3.87
C ALA C 806 -42.79 -20.48 -3.94
N TRP C 807 -42.32 -21.32 -3.00
CA TRP C 807 -42.64 -22.75 -2.99
C TRP C 807 -44.14 -23.01 -2.87
N VAL C 808 -44.84 -22.18 -2.09
CA VAL C 808 -46.28 -22.38 -1.98
C VAL C 808 -46.98 -21.94 -3.26
N GLU C 809 -46.42 -20.96 -3.97
CA GLU C 809 -47.00 -20.55 -5.25
C GLU C 809 -46.80 -21.66 -6.28
N ARG C 810 -45.63 -22.28 -6.26
CA ARG C 810 -45.34 -23.35 -7.19
C ARG C 810 -46.15 -24.60 -6.87
N TRP C 811 -46.30 -24.93 -5.58
CA TRP C 811 -47.11 -26.08 -5.20
C TRP C 811 -48.58 -25.86 -5.53
N LYS C 812 -49.07 -24.64 -5.34
CA LYS C 812 -50.47 -24.38 -5.64
C LYS C 812 -50.74 -24.39 -7.15
N ALA C 813 -49.84 -23.75 -7.92
CA ALA C 813 -49.98 -23.72 -9.36
C ALA C 813 -49.84 -25.11 -9.99
N ALA C 814 -49.04 -25.98 -9.37
CA ALA C 814 -48.94 -27.36 -9.83
C ALA C 814 -50.10 -28.21 -9.36
N GLY C 815 -50.92 -27.71 -8.43
CA GLY C 815 -52.05 -28.44 -7.95
C GLY C 815 -51.71 -29.50 -6.93
N HIS C 816 -50.65 -29.30 -6.13
CA HIS C 816 -50.30 -30.28 -5.11
C HIS C 816 -51.35 -30.36 -4.03
N TYR C 817 -51.95 -29.23 -3.68
CA TYR C 817 -52.97 -29.22 -2.65
C TYR C 817 -54.34 -29.64 -3.18
N GLN C 818 -54.51 -29.74 -4.50
CA GLN C 818 -55.78 -30.07 -5.12
C GLN C 818 -55.78 -31.45 -5.77
N ALA C 819 -54.66 -32.16 -5.73
CA ALA C 819 -54.48 -33.36 -6.53
C ALA C 819 -55.35 -34.51 -6.04
N GLU C 820 -56.02 -35.16 -6.98
CA GLU C 820 -56.94 -36.25 -6.69
C GLU C 820 -56.24 -37.58 -6.91
N ALA C 821 -56.41 -38.50 -5.97
CA ALA C 821 -55.85 -39.84 -6.10
C ALA C 821 -56.71 -40.73 -6.99
N ALA C 822 -56.11 -41.30 -8.02
CA ALA C 822 -56.77 -42.23 -8.94
C ALA C 822 -56.29 -43.65 -8.65
N LEU C 823 -57.22 -44.51 -8.21
CA LEU C 823 -56.87 -45.86 -7.83
C LEU C 823 -56.52 -46.70 -9.05
N LEU C 824 -55.29 -47.21 -9.10
CA LEU C 824 -54.81 -48.03 -10.21
C LEU C 824 -54.94 -49.51 -9.93
N GLN C 825 -54.63 -49.93 -8.71
CA GLN C 825 -54.55 -51.34 -8.38
C GLN C 825 -54.83 -51.51 -6.89
N CYS C 826 -55.59 -52.53 -6.54
CA CYS C 826 -55.79 -52.87 -5.14
C CYS C 826 -56.23 -54.32 -5.10
N THR C 827 -55.29 -55.23 -4.80
CA THR C 827 -55.61 -56.64 -4.68
C THR C 827 -55.09 -57.20 -3.37
N ALA C 828 -55.57 -58.39 -3.03
CA ALA C 828 -55.27 -59.06 -1.78
C ALA C 828 -54.88 -60.50 -2.06
N ASP C 829 -53.83 -60.96 -1.37
CA ASP C 829 -53.34 -62.35 -1.56
C ASP C 829 -53.01 -62.97 -0.19
N THR C 830 -53.55 -64.16 0.07
CA THR C 830 -53.27 -64.88 1.31
C THR C 830 -51.97 -65.65 1.15
N LEU C 831 -50.99 -65.32 1.97
CA LEU C 831 -49.76 -66.12 2.05
C LEU C 831 -50.01 -67.29 3.00
N ALA C 832 -48.96 -68.07 3.27
CA ALA C 832 -49.11 -69.13 4.26
C ALA C 832 -48.68 -68.71 5.65
N ASP C 833 -48.54 -67.41 5.87
CA ASP C 833 -48.24 -66.87 7.19
C ASP C 833 -48.73 -65.43 7.33
N ALA C 834 -49.38 -64.87 6.33
CA ALA C 834 -49.77 -63.46 6.37
C ALA C 834 -50.76 -63.17 5.26
N VAL C 835 -51.12 -61.90 5.15
CA VAL C 835 -51.97 -61.40 4.08
C VAL C 835 -51.28 -60.19 3.49
N LEU C 836 -51.31 -60.06 2.17
CA LEU C 836 -50.62 -59.02 1.45
C LEU C 836 -51.61 -58.22 0.62
N ILE C 837 -51.78 -56.95 0.95
CA ILE C 837 -52.60 -56.02 0.19
C ILE C 837 -51.64 -55.18 -0.65
N THR C 838 -51.91 -55.12 -1.94
CA THR C 838 -51.09 -54.35 -2.87
C THR C 838 -51.93 -53.24 -3.47
N THR C 839 -51.45 -52.00 -3.38
CA THR C 839 -52.17 -50.87 -3.93
C THR C 839 -51.24 -50.02 -4.79
N ALA C 840 -51.85 -49.33 -5.74
CA ALA C 840 -51.17 -48.33 -6.54
C ALA C 840 -52.12 -47.17 -6.75
N HIS C 841 -51.65 -45.97 -6.50
CA HIS C 841 -52.44 -44.77 -6.72
C HIS C 841 -51.68 -43.78 -7.58
N ALA C 842 -52.42 -43.04 -8.39
CA ALA C 842 -51.89 -41.90 -9.12
C ALA C 842 -52.58 -40.64 -8.64
N TRP C 843 -51.81 -39.61 -8.33
CA TRP C 843 -52.33 -38.29 -8.00
C TRP C 843 -52.25 -37.42 -9.24
N GLN C 844 -53.35 -36.75 -9.57
CA GLN C 844 -53.41 -35.99 -10.80
C GLN C 844 -54.06 -34.63 -10.61
N HIS C 845 -53.57 -33.65 -11.36
CA HIS C 845 -54.19 -32.33 -11.46
C HIS C 845 -54.28 -31.97 -12.93
N GLN C 846 -55.50 -32.01 -13.47
CA GLN C 846 -55.79 -31.61 -14.85
C GLN C 846 -55.07 -32.50 -15.86
N GLY C 847 -55.20 -33.81 -15.66
CA GLY C 847 -54.60 -34.78 -16.55
C GLY C 847 -53.09 -34.89 -16.47
N LYS C 848 -52.46 -34.36 -15.45
CA LYS C 848 -51.04 -34.55 -15.24
C LYS C 848 -50.87 -35.42 -14.01
N THR C 849 -50.13 -36.51 -14.15
CA THR C 849 -49.85 -37.36 -13.00
C THR C 849 -48.67 -36.76 -12.25
N LEU C 850 -48.93 -36.29 -11.04
CA LEU C 850 -47.86 -35.69 -10.24
C LEU C 850 -47.06 -36.77 -9.52
N PHE C 851 -47.77 -37.66 -8.83
CA PHE C 851 -47.16 -38.69 -8.01
C PHE C 851 -47.85 -40.01 -8.29
N ILE C 852 -47.08 -41.08 -8.19
CA ILE C 852 -47.60 -42.43 -8.14
C ILE C 852 -47.13 -43.06 -6.84
N SER C 853 -48.05 -43.71 -6.14
CA SER C 853 -47.70 -44.36 -4.89
C SER C 853 -48.04 -45.83 -5.03
N ARG C 854 -47.04 -46.68 -4.83
CA ARG C 854 -47.23 -48.12 -4.83
C ARG C 854 -46.99 -48.63 -3.42
N LYS C 855 -47.88 -49.46 -2.92
CA LYS C 855 -47.80 -49.92 -1.54
C LYS C 855 -48.04 -51.40 -1.47
N THR C 856 -47.42 -52.02 -0.47
CA THR C 856 -47.77 -53.36 -0.04
C THR C 856 -48.01 -53.31 1.46
N TYR C 857 -49.11 -53.91 1.91
CA TYR C 857 -49.40 -54.07 3.32
C TYR C 857 -49.29 -55.55 3.65
N ARG C 858 -48.36 -55.91 4.49
CA ARG C 858 -48.16 -57.30 4.90
C ARG C 858 -48.61 -57.44 6.35
N ILE C 859 -49.72 -58.12 6.55
CA ILE C 859 -50.29 -58.35 7.87
C ILE C 859 -50.00 -59.80 8.23
N ASP C 860 -49.12 -60.00 9.19
CA ASP C 860 -48.68 -61.32 9.58
C ASP C 860 -49.51 -61.85 10.74
N GLY C 861 -49.18 -63.08 11.16
CA GLY C 861 -49.83 -63.69 12.30
C GLY C 861 -49.45 -63.13 13.64
N SER C 862 -48.37 -62.34 13.71
CA SER C 862 -47.93 -61.70 14.94
C SER C 862 -48.57 -60.33 15.15
N GLY C 863 -49.58 -59.98 14.37
CA GLY C 863 -50.29 -58.74 14.51
C GLY C 863 -49.63 -57.52 13.87
N GLN C 864 -48.40 -57.64 13.39
CA GLN C 864 -47.74 -56.52 12.74
C GLN C 864 -48.38 -56.24 11.39
N MET C 865 -48.28 -54.98 10.97
CA MET C 865 -48.65 -54.58 9.61
C MET C 865 -47.42 -53.91 9.01
N ALA C 866 -46.76 -54.59 8.09
CA ALA C 866 -45.59 -54.06 7.41
C ALA C 866 -46.06 -53.31 6.18
N ILE C 867 -45.73 -52.02 6.11
CA ILE C 867 -46.15 -51.16 5.02
C ILE C 867 -44.92 -50.72 4.25
N THR C 868 -44.91 -51.00 2.96
CA THR C 868 -43.85 -50.58 2.07
C THR C 868 -44.43 -49.65 1.02
N VAL C 869 -43.80 -48.50 0.83
CA VAL C 869 -44.28 -47.46 -0.05
C VAL C 869 -43.17 -47.09 -1.01
N ASP C 870 -43.46 -47.14 -2.30
CA ASP C 870 -42.57 -46.64 -3.33
C ASP C 870 -43.29 -45.53 -4.07
N VAL C 871 -42.70 -44.33 -4.07
CA VAL C 871 -43.32 -43.14 -4.63
C VAL C 871 -42.49 -42.66 -5.79
N GLU C 872 -43.15 -42.41 -6.92
CA GLU C 872 -42.55 -41.73 -8.05
C GLU C 872 -43.11 -40.33 -8.16
N VAL C 873 -42.23 -39.37 -8.36
CA VAL C 873 -42.60 -37.96 -8.53
C VAL C 873 -42.17 -37.54 -9.92
N ALA C 874 -43.07 -36.89 -10.65
CA ALA C 874 -42.73 -36.33 -11.96
C ALA C 874 -41.65 -35.27 -11.80
N SER C 875 -40.63 -35.36 -12.68
CA SER C 875 -39.48 -34.48 -12.59
C SER C 875 -39.84 -33.03 -12.89
N ASP C 876 -40.89 -32.82 -13.68
CA ASP C 876 -41.31 -31.48 -14.04
C ASP C 876 -42.28 -30.87 -13.03
N THR C 877 -42.78 -31.62 -12.06
CA THR C 877 -43.54 -30.95 -11.01
C THR C 877 -42.54 -30.36 -10.02
N PRO C 878 -42.93 -29.29 -9.31
CA PRO C 878 -42.09 -28.79 -8.22
C PRO C 878 -41.96 -29.86 -7.15
N HIS C 879 -40.79 -29.93 -6.54
CA HIS C 879 -40.47 -31.00 -5.60
C HIS C 879 -41.39 -30.90 -4.39
N PRO C 880 -41.99 -31.99 -3.97
CA PRO C 880 -43.03 -31.92 -2.94
C PRO C 880 -42.41 -31.69 -1.57
N ALA C 881 -43.21 -31.02 -0.71
CA ALA C 881 -42.80 -30.70 0.65
C ALA C 881 -42.53 -31.95 1.48
N ARG C 882 -43.22 -33.04 1.21
CA ARG C 882 -43.02 -34.26 1.98
C ARG C 882 -43.51 -35.43 1.17
N ILE C 883 -43.04 -36.60 1.56
CA ILE C 883 -43.54 -37.86 1.04
C ILE C 883 -43.82 -38.74 2.24
N GLY C 884 -45.08 -38.90 2.59
CA GLY C 884 -45.39 -39.68 3.74
C GLY C 884 -46.84 -40.09 3.77
N LEU C 885 -47.29 -40.45 4.96
CA LEU C 885 -48.64 -40.92 5.17
C LEU C 885 -49.27 -40.05 6.25
N ASN C 886 -50.60 -40.01 6.24
CA ASN C 886 -51.31 -39.13 7.20
C ASN C 886 -52.65 -39.78 7.55
N CYS C 887 -53.03 -39.74 8.83
CA CYS C 887 -54.31 -40.29 9.23
C CYS C 887 -54.76 -39.56 10.49
N GLN C 888 -56.04 -39.64 10.75
CA GLN C 888 -56.62 -39.08 11.96
C GLN C 888 -56.90 -40.27 12.88
N LEU C 889 -56.07 -40.42 13.91
CA LEU C 889 -56.29 -41.48 14.88
C LEU C 889 -57.50 -41.15 15.74
N ALA C 890 -58.26 -42.18 16.10
CA ALA C 890 -59.39 -41.95 16.99
C ALA C 890 -58.93 -41.65 18.41
N GLN C 891 -57.74 -42.10 18.79
CA GLN C 891 -57.20 -41.88 20.12
C GLN C 891 -56.81 -40.42 20.34
N VAL C 892 -57.03 -39.94 21.56
CA VAL C 892 -56.37 -38.74 22.07
C VAL C 892 -55.66 -39.18 23.34
N ALA C 893 -54.36 -39.42 23.24
CA ALA C 893 -53.60 -39.85 24.40
C ALA C 893 -52.79 -38.69 24.96
N GLU C 894 -52.25 -38.88 26.15
CA GLU C 894 -51.65 -37.74 26.83
C GLU C 894 -50.18 -37.57 26.49
N ARG C 895 -49.45 -38.67 26.30
CA ARG C 895 -48.01 -38.62 26.06
C ARG C 895 -47.69 -39.13 24.67
N VAL C 896 -46.54 -38.69 24.16
CA VAL C 896 -45.96 -39.23 22.95
C VAL C 896 -44.59 -39.76 23.33
N ASN C 897 -44.32 -41.00 22.95
CA ASN C 897 -43.10 -41.70 23.30
C ASN C 897 -42.49 -42.29 22.04
N TRP C 898 -41.17 -42.17 21.92
CA TRP C 898 -40.56 -42.36 20.61
C TRP C 898 -39.04 -42.27 20.66
N LEU C 899 -38.39 -43.00 19.76
CA LEU C 899 -36.96 -43.12 19.71
C LEU C 899 -36.51 -42.42 18.43
N GLY C 900 -35.80 -41.32 18.57
CA GLY C 900 -35.49 -40.47 17.44
C GLY C 900 -34.83 -39.19 17.90
N LEU C 901 -34.78 -38.22 17.00
CA LEU C 901 -34.01 -37.01 17.23
C LEU C 901 -34.73 -36.04 18.14
N GLY C 902 -34.03 -35.64 19.22
CA GLY C 902 -34.23 -34.42 19.99
C GLY C 902 -35.49 -34.40 20.79
N PRO C 903 -35.54 -33.68 21.92
CA PRO C 903 -36.88 -33.44 22.45
C PRO C 903 -37.63 -32.47 21.58
N GLN C 904 -36.97 -31.43 21.10
CA GLN C 904 -37.69 -30.36 20.44
C GLN C 904 -37.96 -30.70 18.98
N GLU C 905 -38.81 -29.88 18.36
CA GLU C 905 -39.08 -29.91 16.94
C GLU C 905 -37.80 -29.77 16.12
N ASN C 906 -37.61 -30.67 15.16
CA ASN C 906 -36.42 -30.64 14.32
C ASN C 906 -36.81 -31.04 12.90
N TYR C 907 -36.14 -30.44 11.92
CA TYR C 907 -36.43 -30.63 10.52
C TYR C 907 -35.12 -31.06 9.87
N PRO C 908 -35.17 -31.55 8.62
CA PRO C 908 -33.93 -32.02 7.94
C PRO C 908 -32.88 -30.96 7.75
N ASP C 909 -33.29 -29.71 7.63
CA ASP C 909 -32.52 -28.50 7.53
C ASP C 909 -32.10 -27.95 8.88
N ARG C 910 -32.78 -28.39 9.95
CA ARG C 910 -32.51 -27.83 11.30
C ARG C 910 -32.72 -28.91 12.35
N LEU C 911 -31.71 -29.77 12.55
CA LEU C 911 -31.83 -30.86 13.56
C LEU C 911 -30.49 -31.05 14.28
N THR C 912 -29.45 -30.31 13.88
CA THR C 912 -28.10 -30.49 14.49
C THR C 912 -28.21 -30.44 16.02
N ALA C 913 -29.15 -29.65 16.54
CA ALA C 913 -29.26 -29.51 17.99
C ALA C 913 -29.99 -30.68 18.62
N ALA C 914 -30.76 -31.41 17.84
CA ALA C 914 -31.47 -32.55 18.37
C ALA C 914 -30.50 -33.70 18.63
N CYS C 915 -30.90 -34.57 19.54
CA CYS C 915 -30.10 -35.75 19.83
C CYS C 915 -30.98 -36.97 19.73
N PHE C 916 -30.35 -38.08 19.34
CA PHE C 916 -31.07 -39.34 19.30
C PHE C 916 -31.16 -39.87 20.71
N ASP C 917 -32.37 -40.18 21.13
CA ASP C 917 -32.62 -40.76 22.45
C ASP C 917 -34.06 -41.20 22.51
N ARG C 918 -34.45 -41.80 23.62
CA ARG C 918 -35.87 -42.02 23.86
C ARG C 918 -36.45 -40.77 24.51
N TRP C 919 -37.40 -40.16 23.82
CA TRP C 919 -38.02 -38.93 24.30
C TRP C 919 -39.47 -39.23 24.65
N ASP C 920 -39.98 -38.51 25.65
CA ASP C 920 -41.36 -38.70 26.09
C ASP C 920 -41.89 -37.35 26.53
N LEU C 921 -42.81 -36.80 25.76
CA LEU C 921 -43.37 -35.49 26.03
C LEU C 921 -44.89 -35.58 26.04
N PRO C 922 -45.54 -34.64 26.73
CA PRO C 922 -46.99 -34.46 26.56
C PRO C 922 -47.29 -34.08 25.13
N LEU C 923 -48.52 -34.39 24.71
CA LEU C 923 -48.94 -34.20 23.32
C LEU C 923 -48.98 -32.72 22.92
N SER C 924 -49.20 -31.83 23.88
CA SER C 924 -49.11 -30.40 23.60
C SER C 924 -47.68 -29.98 23.29
N ASP C 925 -46.68 -30.69 23.82
CA ASP C 925 -45.29 -30.38 23.51
C ASP C 925 -44.89 -30.71 22.08
N MET C 926 -45.66 -31.57 21.40
CA MET C 926 -45.46 -31.95 20.02
C MET C 926 -46.11 -30.98 19.03
N TYR C 927 -46.70 -29.90 19.52
CA TYR C 927 -47.26 -28.85 18.68
C TYR C 927 -46.56 -27.55 19.03
N THR C 928 -45.95 -26.91 18.04
CA THR C 928 -45.27 -25.63 18.26
C THR C 928 -46.24 -24.51 17.93
N PRO C 929 -46.63 -23.70 18.88
CA PRO C 929 -47.70 -22.72 18.61
C PRO C 929 -47.14 -21.44 17.99
N TYR C 930 -46.66 -21.56 16.75
CA TYR C 930 -46.30 -20.40 15.95
C TYR C 930 -47.53 -19.53 15.77
N VAL C 931 -47.35 -18.21 15.90
CA VAL C 931 -48.47 -17.27 15.89
C VAL C 931 -49.19 -17.29 14.55
N PHE C 932 -48.44 -17.29 13.45
CA PHE C 932 -49.00 -17.67 12.15
C PHE C 932 -48.88 -19.18 12.03
N PRO C 933 -50.00 -19.92 11.99
CA PRO C 933 -49.92 -21.39 12.00
C PRO C 933 -49.37 -21.97 10.70
N SER C 934 -48.58 -23.03 10.85
CA SER C 934 -47.98 -23.69 9.70
C SER C 934 -47.66 -25.13 10.11
N GLU C 935 -47.02 -25.87 9.22
CA GLU C 935 -46.42 -27.15 9.58
C GLU C 935 -45.41 -26.95 10.70
N ASN C 936 -45.47 -27.83 11.69
CA ASN C 936 -44.73 -27.64 12.93
C ASN C 936 -44.58 -28.99 13.61
N GLY C 937 -43.69 -29.03 14.59
CA GLY C 937 -43.66 -30.17 15.49
C GLY C 937 -43.05 -31.43 14.93
N LEU C 938 -42.45 -31.38 13.75
CA LEU C 938 -41.82 -32.56 13.17
C LEU C 938 -40.62 -32.98 14.00
N ARG C 939 -40.42 -34.27 14.11
CA ARG C 939 -39.21 -34.85 14.68
C ARG C 939 -38.63 -35.81 13.65
N CYS C 940 -37.36 -35.64 13.32
CA CYS C 940 -36.73 -36.45 12.29
C CYS C 940 -35.98 -37.61 12.91
N GLY C 941 -35.53 -38.52 12.05
CA GLY C 941 -34.66 -39.61 12.46
C GLY C 941 -35.31 -40.58 13.42
N THR C 942 -36.62 -40.73 13.34
CA THR C 942 -37.36 -41.50 14.32
C THR C 942 -37.43 -42.96 13.90
N ARG C 943 -37.02 -43.84 14.79
CA ARG C 943 -37.02 -45.26 14.52
C ARG C 943 -38.21 -45.95 15.16
N GLU C 944 -38.79 -45.33 16.18
CA GLU C 944 -39.96 -45.90 16.83
C GLU C 944 -40.80 -44.77 17.40
N LEU C 945 -42.11 -44.89 17.25
CA LEU C 945 -43.06 -43.91 17.76
C LEU C 945 -44.15 -44.66 18.49
N ASN C 946 -44.46 -44.22 19.70
CA ASN C 946 -45.52 -44.83 20.51
C ASN C 946 -46.56 -43.76 20.86
N TYR C 947 -47.81 -44.06 20.57
CA TYR C 947 -48.93 -43.17 20.90
C TYR C 947 -50.10 -44.04 21.31
N GLY C 948 -50.44 -44.01 22.59
CA GLY C 948 -51.41 -44.91 23.15
C GLY C 948 -50.96 -46.34 22.98
N PRO C 949 -51.81 -47.19 22.41
CA PRO C 949 -51.47 -48.60 22.19
C PRO C 949 -50.78 -48.83 20.86
N HIS C 950 -50.62 -47.80 20.04
CA HIS C 950 -50.03 -47.95 18.72
C HIS C 950 -48.51 -47.77 18.78
N GLN C 951 -47.82 -48.50 17.91
CA GLN C 951 -46.38 -48.34 17.74
C GLN C 951 -46.04 -48.37 16.27
N TRP C 952 -45.27 -47.39 15.82
CA TRP C 952 -44.76 -47.37 14.46
C TRP C 952 -43.24 -47.46 14.50
N ARG C 953 -42.69 -48.35 13.70
CA ARG C 953 -41.25 -48.47 13.61
C ARG C 953 -40.81 -48.34 12.17
N GLY C 954 -39.54 -48.03 12.00
CA GLY C 954 -38.97 -47.80 10.71
C GLY C 954 -37.91 -46.72 10.81
N ASP C 955 -37.93 -45.80 9.85
CA ASP C 955 -36.94 -44.73 9.78
C ASP C 955 -37.63 -43.54 9.13
N PHE C 956 -38.29 -42.73 9.94
CA PHE C 956 -39.23 -41.76 9.43
C PHE C 956 -39.09 -40.46 10.19
N GLN C 957 -39.84 -39.48 9.72
CA GLN C 957 -40.09 -38.24 10.43
C GLN C 957 -41.56 -38.24 10.78
N PHE C 958 -41.92 -37.58 11.88
CA PHE C 958 -43.33 -37.51 12.20
C PHE C 958 -43.63 -36.16 12.84
N ASN C 959 -44.89 -35.79 12.77
CA ASN C 959 -45.48 -34.90 13.76
C ASN C 959 -46.81 -35.46 14.18
N ILE C 960 -47.29 -34.99 15.31
CA ILE C 960 -48.53 -35.53 15.87
C ILE C 960 -49.16 -34.42 16.69
N SER C 961 -50.45 -34.20 16.49
CA SER C 961 -51.12 -33.04 17.07
C SER C 961 -52.60 -33.19 16.83
N ARG C 962 -53.39 -32.26 17.38
CA ARG C 962 -54.82 -32.25 17.18
C ARG C 962 -55.26 -31.31 16.05
N TYR C 963 -54.31 -30.81 15.25
CA TYR C 963 -54.63 -29.95 14.12
C TYR C 963 -54.17 -30.59 12.83
N SER C 964 -55.10 -30.80 11.90
CA SER C 964 -54.77 -31.27 10.57
C SER C 964 -53.94 -30.20 9.84
N GLN C 965 -53.25 -30.66 8.79
CA GLN C 965 -52.51 -29.75 7.92
C GLN C 965 -53.43 -28.77 7.20
N GLN C 966 -54.67 -29.18 6.91
CA GLN C 966 -55.62 -28.28 6.28
C GLN C 966 -56.01 -27.14 7.21
N GLN C 967 -56.30 -27.46 8.48
CA GLN C 967 -56.70 -26.43 9.44
C GLN C 967 -55.53 -25.49 9.75
N LEU C 968 -54.32 -26.03 9.81
CA LEU C 968 -53.13 -25.19 9.98
C LEU C 968 -52.93 -24.27 8.78
N MET C 969 -53.25 -24.75 7.58
CA MET C 969 -53.00 -23.93 6.40
C MET C 969 -54.06 -22.84 6.26
N GLU C 970 -55.27 -23.08 6.75
CA GLU C 970 -56.38 -22.16 6.55
C GLU C 970 -56.59 -21.17 7.69
N THR C 971 -55.85 -21.29 8.79
CA THR C 971 -56.03 -20.47 9.98
C THR C 971 -54.88 -19.48 10.06
N SER C 972 -55.22 -18.19 10.20
CA SER C 972 -54.23 -17.12 10.17
C SER C 972 -53.61 -16.85 11.53
N HIS C 973 -54.24 -17.32 12.60
CA HIS C 973 -53.77 -17.07 13.95
C HIS C 973 -53.87 -18.33 14.76
N ARG C 974 -52.90 -18.50 15.67
CA ARG C 974 -52.84 -19.69 16.50
C ARG C 974 -54.01 -19.76 17.49
N HIS C 975 -54.59 -18.61 17.87
CA HIS C 975 -55.71 -18.64 18.79
C HIS C 975 -57.01 -19.01 18.11
N LEU C 976 -57.05 -18.98 16.79
CA LEU C 976 -58.21 -19.42 16.03
C LEU C 976 -58.18 -20.91 15.72
N LEU C 977 -57.11 -21.61 16.07
CA LEU C 977 -57.08 -23.06 15.94
C LEU C 977 -58.02 -23.69 16.95
N HIS C 978 -58.69 -24.75 16.54
CA HIS C 978 -59.49 -25.60 17.41
C HIS C 978 -58.99 -27.04 17.29
N ALA C 979 -58.94 -27.74 18.41
CA ALA C 979 -58.44 -29.10 18.41
C ALA C 979 -59.46 -30.02 17.73
N GLU C 980 -59.01 -30.81 16.78
CA GLU C 980 -59.91 -31.73 16.11
C GLU C 980 -60.06 -32.99 16.95
N GLU C 981 -61.03 -33.83 16.58
CA GLU C 981 -61.61 -34.79 17.52
C GLU C 981 -60.65 -35.91 17.92
N GLY C 982 -59.82 -36.38 16.99
CA GLY C 982 -58.79 -37.34 17.27
C GLY C 982 -57.41 -36.72 17.21
N THR C 983 -56.42 -37.55 16.89
CA THR C 983 -55.03 -37.11 16.75
C THR C 983 -54.61 -37.25 15.29
N TRP C 984 -54.17 -36.16 14.69
CA TRP C 984 -53.65 -36.19 13.33
C TRP C 984 -52.20 -36.64 13.36
N LEU C 985 -51.92 -37.74 12.66
CA LEU C 985 -50.58 -38.31 12.59
C LEU C 985 -50.03 -38.15 11.18
N ASN C 986 -48.89 -37.47 11.06
CA ASN C 986 -48.16 -37.38 9.81
C ASN C 986 -46.86 -38.13 10.00
N ILE C 987 -46.67 -39.20 9.23
CA ILE C 987 -45.42 -39.94 9.22
C ILE C 987 -44.82 -39.82 7.84
N ASP C 988 -43.63 -39.27 7.77
CA ASP C 988 -42.97 -38.98 6.51
C ASP C 988 -41.79 -39.93 6.37
N GLY C 989 -41.73 -40.64 5.26
CA GLY C 989 -40.44 -41.12 4.83
C GLY C 989 -39.49 -39.94 4.61
N PHE C 990 -39.98 -38.91 3.92
CA PHE C 990 -39.14 -37.84 3.40
C PHE C 990 -39.83 -36.49 3.63
N HIS C 991 -39.04 -35.50 4.06
CA HIS C 991 -39.60 -34.16 4.34
C HIS C 991 -38.61 -33.10 3.85
N MET C 992 -39.11 -32.09 3.12
CA MET C 992 -38.27 -31.02 2.59
C MET C 992 -37.69 -30.19 3.73
N GLY C 993 -36.53 -29.56 3.47
CA GLY C 993 -35.99 -28.60 4.41
C GLY C 993 -36.88 -27.38 4.55
N ILE C 994 -36.64 -26.60 5.59
CA ILE C 994 -37.51 -25.46 5.85
C ILE C 994 -36.94 -24.12 5.35
N GLY C 995 -35.65 -24.07 5.04
CA GLY C 995 -34.99 -22.88 4.56
C GLY C 995 -34.92 -21.83 5.65
N GLY C 996 -34.61 -20.61 5.25
CA GLY C 996 -34.59 -19.53 6.20
C GLY C 996 -33.40 -18.60 6.04
N ASP C 997 -32.58 -18.81 4.99
CA ASP C 997 -31.56 -17.82 4.62
C ASP C 997 -32.17 -16.45 4.36
N ASP C 998 -33.33 -16.42 3.72
CA ASP C 998 -34.29 -15.36 3.93
C ASP C 998 -35.69 -15.97 3.82
N SER C 999 -36.70 -15.15 4.02
CA SER C 999 -38.07 -15.62 4.04
C SER C 999 -38.89 -15.10 2.87
N TRP C 1000 -38.25 -14.40 1.93
CA TRP C 1000 -38.95 -13.75 0.83
C TRP C 1000 -38.45 -14.21 -0.52
N SER C 1001 -37.67 -15.27 -0.55
CA SER C 1001 -37.24 -15.92 -1.76
C SER C 1001 -37.09 -17.38 -1.43
N PRO C 1002 -36.96 -18.24 -2.45
CA PRO C 1002 -36.67 -19.65 -2.20
C PRO C 1002 -35.31 -19.82 -1.53
N SER C 1003 -35.31 -20.49 -0.37
CA SER C 1003 -34.13 -20.56 0.47
C SER C 1003 -33.80 -21.97 0.91
N VAL C 1004 -34.54 -22.96 0.47
CA VAL C 1004 -34.17 -24.34 0.77
C VAL C 1004 -33.08 -24.75 -0.21
N SER C 1005 -31.94 -25.18 0.33
CA SER C 1005 -30.83 -25.57 -0.51
C SER C 1005 -31.19 -26.84 -1.27
N ALA C 1006 -30.50 -27.02 -2.39
CA ALA C 1006 -30.87 -28.02 -3.39
C ALA C 1006 -30.75 -29.44 -2.86
N GLU C 1007 -29.82 -29.67 -1.92
CA GLU C 1007 -29.72 -31.01 -1.34
C GLU C 1007 -30.79 -31.30 -0.29
N LEU C 1008 -31.58 -30.31 0.11
CA LEU C 1008 -32.65 -30.50 1.08
C LEU C 1008 -34.02 -30.52 0.41
N GLN C 1009 -34.04 -30.54 -0.92
CA GLN C 1009 -35.26 -30.62 -1.69
C GLN C 1009 -35.51 -32.06 -2.14
N LEU C 1010 -36.77 -32.43 -2.23
CA LEU C 1010 -37.10 -33.82 -2.54
C LEU C 1010 -37.13 -33.98 -4.06
N SER C 1011 -35.93 -34.08 -4.65
CA SER C 1011 -35.75 -34.01 -6.10
C SER C 1011 -35.35 -35.33 -6.72
N ALA C 1012 -35.27 -36.41 -5.94
CA ALA C 1012 -34.75 -37.68 -6.42
C ALA C 1012 -35.71 -38.37 -7.39
N GLY C 1013 -36.97 -38.02 -7.41
CA GLY C 1013 -37.88 -38.65 -8.35
C GLY C 1013 -38.52 -39.95 -7.93
N ARG C 1014 -37.75 -40.83 -7.29
CA ARG C 1014 -38.30 -42.07 -6.75
C ARG C 1014 -37.91 -42.19 -5.29
N TYR C 1015 -38.85 -42.64 -4.49
CA TYR C 1015 -38.71 -42.60 -3.05
C TYR C 1015 -39.26 -43.90 -2.49
N HIS C 1016 -38.56 -44.45 -1.52
CA HIS C 1016 -38.99 -45.68 -0.88
C HIS C 1016 -38.90 -45.50 0.63
N TYR C 1017 -39.93 -45.95 1.34
CA TYR C 1017 -39.83 -46.05 2.78
C TYR C 1017 -40.71 -47.19 3.24
N GLN C 1018 -40.35 -47.74 4.38
CA GLN C 1018 -41.06 -48.87 4.96
C GLN C 1018 -41.42 -48.52 6.39
N LEU C 1019 -42.56 -48.98 6.84
CA LEU C 1019 -43.03 -48.70 8.18
C LEU C 1019 -43.67 -49.96 8.73
N VAL C 1020 -43.58 -50.15 10.04
CA VAL C 1020 -44.28 -51.23 10.70
C VAL C 1020 -45.18 -50.64 11.76
N TRP C 1021 -46.49 -50.91 11.65
CA TRP C 1021 -47.45 -50.42 12.67
C TRP C 1021 -47.92 -51.60 13.53
N CYS C 1022 -47.92 -51.41 14.85
CA CYS C 1022 -48.37 -52.48 15.79
C CYS C 1022 -48.88 -51.84 17.08
N MET D 3 -52.49 37.59 10.03
CA MET D 3 -51.34 38.41 9.64
C MET D 3 -50.43 38.60 10.83
N ILE D 4 -50.84 37.98 11.95
CA ILE D 4 -50.06 37.98 13.17
C ILE D 4 -48.72 37.30 12.96
N THR D 5 -48.72 36.19 12.23
CA THR D 5 -47.49 35.42 12.08
C THR D 5 -46.49 36.11 11.15
N ASP D 6 -46.94 37.03 10.31
CA ASP D 6 -46.03 37.77 9.45
C ASP D 6 -45.41 38.97 10.13
N SER D 7 -45.85 39.34 11.33
CA SER D 7 -45.40 40.58 11.96
C SER D 7 -43.96 40.45 12.42
N LEU D 8 -43.32 41.61 12.59
CA LEU D 8 -41.95 41.65 13.09
C LEU D 8 -41.85 41.14 14.52
N ALA D 9 -42.90 41.33 15.32
CA ALA D 9 -42.92 40.84 16.70
C ALA D 9 -42.91 39.31 16.76
N VAL D 10 -43.50 38.65 15.76
CA VAL D 10 -43.47 37.19 15.73
C VAL D 10 -42.23 36.67 15.05
N VAL D 11 -41.87 37.27 13.90
CA VAL D 11 -40.79 36.76 13.07
C VAL D 11 -39.44 36.92 13.78
N LEU D 12 -39.27 38.02 14.51
CA LEU D 12 -38.00 38.28 15.16
C LEU D 12 -37.89 37.61 16.51
N GLN D 13 -38.92 36.91 16.97
CA GLN D 13 -38.94 36.41 18.32
C GLN D 13 -38.18 35.10 18.46
N ARG D 14 -38.09 34.30 17.39
CA ARG D 14 -37.29 33.09 17.45
C ARG D 14 -35.80 33.42 17.48
N ARG D 15 -35.44 34.59 16.96
CA ARG D 15 -34.06 35.06 16.85
C ARG D 15 -33.23 34.05 16.07
N ASP D 16 -33.66 33.84 14.81
CA ASP D 16 -33.05 32.86 13.91
C ASP D 16 -31.60 33.18 13.56
N TRP D 17 -31.15 34.44 13.70
CA TRP D 17 -29.76 34.84 13.55
C TRP D 17 -28.92 34.61 14.79
N GLU D 18 -29.43 33.92 15.80
CA GLU D 18 -28.66 33.50 16.95
C GLU D 18 -28.90 32.02 17.20
N ASN D 19 -28.75 31.24 16.17
CA ASN D 19 -29.11 29.84 16.22
C ASN D 19 -28.46 29.11 15.07
N PRO D 20 -27.37 28.35 15.31
CA PRO D 20 -26.72 27.65 14.18
C PRO D 20 -27.52 26.47 13.66
N GLY D 21 -28.54 26.01 14.38
CA GLY D 21 -29.46 25.03 13.84
C GLY D 21 -30.45 25.59 12.84
N VAL D 22 -30.55 26.90 12.68
CA VAL D 22 -31.38 27.50 11.65
C VAL D 22 -30.48 28.37 10.77
N THR D 23 -30.09 27.85 9.63
CA THR D 23 -29.30 28.63 8.68
C THR D 23 -30.14 29.20 7.54
N GLN D 24 -31.41 28.84 7.47
CA GLN D 24 -32.32 29.27 6.44
C GLN D 24 -33.71 28.84 6.83
N LEU D 25 -34.70 29.51 6.27
CA LEU D 25 -36.07 29.00 6.31
C LEU D 25 -36.64 29.17 4.92
N ASN D 26 -37.16 28.08 4.37
CA ASN D 26 -37.86 28.06 3.10
C ASN D 26 -36.97 28.42 1.91
N ARG D 27 -35.67 28.20 2.03
CA ARG D 27 -34.77 28.44 0.92
C ARG D 27 -34.79 27.26 -0.04
N LEU D 28 -34.77 27.57 -1.33
CA LEU D 28 -34.78 26.51 -2.32
C LEU D 28 -33.41 25.83 -2.39
N ALA D 29 -33.38 24.70 -3.10
CA ALA D 29 -32.13 23.95 -3.22
C ALA D 29 -31.13 24.70 -4.09
N ALA D 30 -29.86 24.49 -3.81
CA ALA D 30 -28.80 25.06 -4.61
C ALA D 30 -28.67 24.28 -5.91
N HIS D 31 -28.05 24.91 -6.88
CA HIS D 31 -28.00 24.35 -8.22
C HIS D 31 -27.03 25.17 -9.07
N PRO D 32 -26.63 24.68 -10.24
CA PRO D 32 -25.84 25.51 -11.17
C PRO D 32 -26.64 26.68 -11.68
N PRO D 33 -25.95 27.64 -12.32
CA PRO D 33 -26.59 28.87 -12.78
C PRO D 33 -27.62 28.62 -13.87
N PHE D 34 -28.82 29.13 -13.65
CA PHE D 34 -29.95 28.89 -14.52
C PHE D 34 -30.38 30.20 -15.17
N ALA D 35 -30.95 30.08 -16.37
CA ALA D 35 -31.58 31.22 -17.01
C ALA D 35 -32.98 30.93 -17.52
N SER D 36 -33.37 29.65 -17.64
CA SER D 36 -34.70 29.23 -18.09
C SER D 36 -35.03 29.75 -19.49
N TRP D 37 -34.13 29.47 -20.42
CA TRP D 37 -34.39 29.79 -21.81
C TRP D 37 -35.58 29.00 -22.34
N ARG D 38 -36.47 29.69 -23.03
CA ARG D 38 -37.54 29.03 -23.74
C ARG D 38 -37.22 28.85 -25.21
N ASN D 39 -35.98 29.13 -25.60
CA ASN D 39 -35.47 28.91 -26.94
C ASN D 39 -34.08 28.31 -26.84
N SER D 40 -33.89 27.18 -27.50
CA SER D 40 -32.61 26.46 -27.45
C SER D 40 -31.49 27.24 -28.13
N GLU D 41 -31.82 28.02 -29.16
CA GLU D 41 -30.80 28.80 -29.85
C GLU D 41 -30.30 29.93 -28.96
N GLU D 42 -31.20 30.54 -28.19
CA GLU D 42 -30.80 31.60 -27.27
C GLU D 42 -29.94 31.04 -26.14
N ALA D 43 -30.24 29.83 -25.68
CA ALA D 43 -29.42 29.18 -24.66
C ALA D 43 -28.04 28.85 -25.19
N ARG D 44 -27.96 28.42 -26.45
CA ARG D 44 -26.67 28.09 -27.04
C ARG D 44 -25.79 29.32 -27.19
N THR D 45 -26.38 30.44 -27.59
CA THR D 45 -25.57 31.63 -27.78
C THR D 45 -25.48 32.48 -26.53
N ASP D 46 -26.18 32.09 -25.45
CA ASP D 46 -26.15 32.78 -24.17
C ASP D 46 -26.66 34.22 -24.25
N ARG D 47 -27.59 34.46 -25.17
CA ARG D 47 -28.33 35.70 -25.18
C ARG D 47 -29.14 35.84 -23.91
N PRO D 48 -29.42 37.07 -23.48
CA PRO D 48 -30.12 37.31 -22.21
C PRO D 48 -31.55 36.77 -22.23
N SER D 49 -31.87 35.99 -21.22
CA SER D 49 -33.15 35.33 -21.17
C SER D 49 -34.17 36.29 -20.58
N GLN D 50 -35.36 36.34 -21.18
CA GLN D 50 -36.38 37.21 -20.64
C GLN D 50 -37.09 36.61 -19.42
N GLN D 51 -36.79 35.36 -19.05
CA GLN D 51 -37.30 34.68 -17.87
C GLN D 51 -36.44 34.93 -16.64
N LEU D 52 -35.30 35.56 -16.82
CA LEU D 52 -34.40 35.92 -15.74
C LEU D 52 -34.37 37.44 -15.67
N ARG D 53 -35.05 38.00 -14.68
CA ARG D 53 -35.20 39.44 -14.55
C ARG D 53 -34.25 39.96 -13.48
N SER D 54 -33.53 41.03 -13.79
CA SER D 54 -32.65 41.66 -12.81
C SER D 54 -33.39 42.76 -12.06
N LEU D 55 -33.39 42.67 -10.72
CA LEU D 55 -33.94 43.71 -9.87
C LEU D 55 -32.88 44.63 -9.28
N ASN D 56 -31.67 44.63 -9.82
CA ASN D 56 -30.68 45.62 -9.41
C ASN D 56 -31.12 47.01 -9.82
N GLY D 57 -30.71 47.99 -9.05
CA GLY D 57 -31.08 49.35 -9.35
C GLY D 57 -31.45 50.11 -8.10
N GLU D 58 -32.46 50.95 -8.21
CA GLU D 58 -32.83 51.78 -7.09
C GLU D 58 -33.76 51.02 -6.16
N TRP D 59 -33.39 50.94 -4.91
CA TRP D 59 -34.23 50.37 -3.87
C TRP D 59 -34.43 51.44 -2.79
N ARG D 60 -35.43 51.25 -1.95
CA ARG D 60 -35.56 52.12 -0.78
C ARG D 60 -34.84 51.45 0.38
N PHE D 61 -34.16 52.26 1.20
CA PHE D 61 -33.32 51.73 2.26
C PHE D 61 -33.48 52.55 3.53
N ALA D 62 -33.66 51.85 4.65
CA ALA D 62 -33.59 52.47 5.97
C ALA D 62 -32.65 51.67 6.86
N TRP D 63 -31.82 52.38 7.62
CA TRP D 63 -30.89 51.79 8.58
C TRP D 63 -31.46 51.89 9.98
N PHE D 64 -31.33 50.82 10.75
CA PHE D 64 -31.73 50.84 12.15
C PHE D 64 -30.64 50.21 13.01
N PRO D 65 -30.51 50.65 14.27
CA PRO D 65 -29.41 50.16 15.10
C PRO D 65 -29.64 48.74 15.61
N ALA D 66 -30.87 48.25 15.54
CA ALA D 66 -31.19 46.88 15.89
C ALA D 66 -32.47 46.51 15.16
N PRO D 67 -32.74 45.22 14.99
CA PRO D 67 -33.98 44.82 14.29
C PRO D 67 -35.24 45.15 15.05
N GLU D 68 -35.16 45.25 16.39
CA GLU D 68 -36.31 45.65 17.20
C GLU D 68 -36.76 47.08 16.94
N ALA D 69 -35.88 47.95 16.46
CA ALA D 69 -36.21 49.32 16.17
C ALA D 69 -36.93 49.49 14.84
N VAL D 70 -37.09 48.42 14.06
CA VAL D 70 -37.79 48.53 12.79
C VAL D 70 -39.28 48.61 13.05
N PRO D 71 -39.96 49.66 12.59
CA PRO D 71 -41.40 49.76 12.83
C PRO D 71 -42.18 48.79 11.94
N GLU D 72 -43.30 48.32 12.49
CA GLU D 72 -44.17 47.33 11.84
C GLU D 72 -44.75 47.80 10.51
N SER D 73 -44.92 49.12 10.34
CA SER D 73 -45.48 49.67 9.12
C SER D 73 -44.60 49.45 7.89
N TRP D 74 -43.29 49.24 8.08
CA TRP D 74 -42.36 48.97 6.98
C TRP D 74 -42.72 47.69 6.22
N LEU D 75 -43.34 46.72 6.87
CA LEU D 75 -43.85 45.53 6.19
C LEU D 75 -44.93 45.84 5.15
N GLU D 76 -45.68 46.94 5.29
CA GLU D 76 -46.73 47.23 4.33
C GLU D 76 -46.37 48.36 3.37
N CYS D 77 -45.85 49.46 3.88
CA CYS D 77 -45.55 50.60 3.04
C CYS D 77 -44.12 51.05 3.29
N ASP D 78 -43.59 51.73 2.28
CA ASP D 78 -42.27 52.31 2.36
C ASP D 78 -42.22 53.37 3.45
N LEU D 79 -41.14 53.34 4.21
CA LEU D 79 -40.94 54.32 5.25
C LEU D 79 -40.73 55.69 4.61
N PRO D 80 -41.34 56.74 5.16
CA PRO D 80 -41.09 58.09 4.62
C PRO D 80 -39.65 58.55 4.81
N GLU D 81 -38.98 58.05 5.83
CA GLU D 81 -37.62 58.41 6.15
C GLU D 81 -36.59 57.54 5.40
N ALA D 82 -37.03 56.48 4.72
CA ALA D 82 -36.15 55.68 3.86
C ALA D 82 -35.62 56.50 2.68
N ASP D 83 -34.42 56.13 2.24
CA ASP D 83 -33.71 56.76 1.13
C ASP D 83 -33.70 55.86 -0.11
N THR D 84 -33.28 56.46 -1.23
CA THR D 84 -33.15 55.68 -2.49
C THR D 84 -31.67 55.36 -2.69
N VAL D 85 -31.31 54.08 -2.72
CA VAL D 85 -29.93 53.63 -2.84
C VAL D 85 -29.83 52.59 -3.95
N VAL D 86 -28.64 52.49 -4.52
CA VAL D 86 -28.36 51.49 -5.54
C VAL D 86 -28.16 50.14 -4.86
N VAL D 87 -28.82 49.13 -5.38
CA VAL D 87 -28.54 47.73 -5.02
C VAL D 87 -28.04 47.04 -6.27
N PRO D 88 -26.97 46.23 -6.20
CA PRO D 88 -26.27 45.81 -4.99
C PRO D 88 -25.34 46.88 -4.41
N SER D 89 -25.18 46.88 -3.10
CA SER D 89 -24.25 47.76 -2.43
C SER D 89 -24.00 47.24 -1.02
N ASN D 90 -22.94 47.77 -0.41
CA ASN D 90 -22.72 47.62 1.02
C ASN D 90 -23.12 48.94 1.64
N TRP D 91 -23.97 48.92 2.68
CA TRP D 91 -24.49 50.20 3.22
C TRP D 91 -23.40 51.03 3.93
N GLN D 92 -22.30 50.40 4.37
CA GLN D 92 -21.21 51.16 4.95
C GLN D 92 -20.55 52.07 3.91
N MET D 93 -20.63 51.71 2.62
CA MET D 93 -20.07 52.56 1.58
C MET D 93 -20.97 53.75 1.27
N HIS D 94 -22.22 53.72 1.73
CA HIS D 94 -23.15 54.82 1.61
C HIS D 94 -23.17 55.69 2.87
N GLY D 95 -22.37 55.34 3.87
CA GLY D 95 -22.21 56.15 5.05
C GLY D 95 -23.11 55.80 6.23
N TYR D 96 -23.83 54.68 6.18
CA TYR D 96 -24.87 54.45 7.18
C TYR D 96 -24.29 53.96 8.51
N ASP D 97 -23.26 53.12 8.47
CA ASP D 97 -22.40 52.94 9.64
C ASP D 97 -20.99 52.66 9.13
N ALA D 98 -20.08 52.46 10.04
CA ALA D 98 -18.71 52.38 9.57
C ALA D 98 -18.35 50.94 9.17
N PRO D 99 -17.58 50.78 8.10
CA PRO D 99 -16.95 49.48 7.87
C PRO D 99 -15.92 49.23 8.95
N ILE D 100 -15.71 47.97 9.28
CA ILE D 100 -14.74 47.60 10.31
C ILE D 100 -13.67 46.75 9.68
N TYR D 101 -12.42 47.14 9.86
CA TYR D 101 -11.31 46.26 9.50
C TYR D 101 -10.76 45.63 10.78
N THR D 102 -11.04 44.36 10.95
CA THR D 102 -10.37 43.58 11.98
C THR D 102 -9.84 42.31 11.34
N ASN D 103 -8.64 41.93 11.75
CA ASN D 103 -8.00 40.72 11.23
C ASN D 103 -8.59 39.50 11.93
N VAL D 104 -8.02 39.13 13.08
CA VAL D 104 -8.36 37.91 13.76
C VAL D 104 -9.50 38.11 14.75
N THR D 105 -9.41 39.17 15.54
CA THR D 105 -10.40 39.46 16.56
C THR D 105 -11.75 39.71 15.90
N TYR D 106 -12.77 38.98 16.37
CA TYR D 106 -14.11 39.12 15.84
C TYR D 106 -14.60 40.54 16.06
N PRO D 107 -15.43 41.05 15.16
CA PRO D 107 -15.96 42.42 15.34
C PRO D 107 -17.05 42.53 16.41
N ILE D 108 -17.50 41.42 16.98
CA ILE D 108 -18.46 41.40 18.05
C ILE D 108 -17.85 40.62 19.20
N THR D 109 -18.54 40.66 20.34
CA THR D 109 -18.12 39.88 21.50
C THR D 109 -18.22 38.39 21.19
N VAL D 110 -17.17 37.66 21.48
CA VAL D 110 -17.19 36.23 21.25
C VAL D 110 -18.09 35.58 22.29
N ASN D 111 -19.23 35.10 21.84
CA ASN D 111 -20.19 34.40 22.67
C ASN D 111 -21.14 33.64 21.76
N PRO D 112 -20.66 32.64 21.01
CA PRO D 112 -21.50 31.98 20.02
C PRO D 112 -22.56 31.14 20.70
N PRO D 113 -23.77 31.08 20.14
CA PRO D 113 -24.16 31.64 18.86
C PRO D 113 -24.76 33.06 18.91
N PHE D 114 -24.54 33.76 20.02
CA PHE D 114 -25.21 35.05 20.22
C PHE D 114 -24.40 36.18 19.60
N VAL D 115 -25.11 37.23 19.22
CA VAL D 115 -24.48 38.39 18.61
C VAL D 115 -24.93 39.59 19.43
N PRO D 116 -24.47 40.81 19.18
CA PRO D 116 -24.90 41.93 20.03
C PRO D 116 -26.35 42.30 19.81
N THR D 117 -26.97 42.83 20.87
CA THR D 117 -28.32 43.36 20.71
C THR D 117 -28.31 44.59 19.82
N GLU D 118 -27.26 45.41 19.90
CA GLU D 118 -26.99 46.43 18.90
C GLU D 118 -26.50 45.72 17.65
N ASN D 119 -27.44 45.41 16.77
CA ASN D 119 -27.16 44.67 15.54
C ASN D 119 -27.69 45.49 14.39
N PRO D 120 -26.80 46.15 13.63
CA PRO D 120 -27.23 47.09 12.58
C PRO D 120 -27.99 46.42 11.45
N THR D 121 -29.15 46.99 11.15
CA THR D 121 -30.19 46.36 10.38
C THR D 121 -30.53 47.23 9.19
N GLY D 122 -30.37 46.69 8.01
CA GLY D 122 -30.69 47.42 6.82
C GLY D 122 -32.01 46.93 6.28
N CYS D 123 -33.00 47.81 6.20
CA CYS D 123 -34.29 47.46 5.65
C CYS D 123 -34.35 47.94 4.20
N TYR D 124 -34.33 47.00 3.28
CA TYR D 124 -34.44 47.29 1.86
C TYR D 124 -35.85 46.96 1.40
N SER D 125 -36.37 47.75 0.48
CA SER D 125 -37.64 47.42 -0.13
C SER D 125 -37.63 47.84 -1.59
N LEU D 126 -38.45 47.17 -2.37
CA LEU D 126 -38.54 47.42 -3.80
C LEU D 126 -39.96 47.16 -4.26
N THR D 127 -40.60 48.18 -4.83
CA THR D 127 -41.84 48.04 -5.56
C THR D 127 -41.53 47.67 -7.00
N PHE D 128 -42.19 46.66 -7.52
CA PHE D 128 -41.83 46.15 -8.82
C PHE D 128 -43.07 45.55 -9.45
N ASN D 129 -43.15 45.61 -10.76
CA ASN D 129 -44.22 45.00 -11.51
C ASN D 129 -43.84 43.58 -11.89
N VAL D 130 -44.81 42.68 -11.80
CA VAL D 130 -44.71 41.34 -12.33
C VAL D 130 -45.75 41.21 -13.43
N ASP D 131 -45.32 40.73 -14.59
CA ASP D 131 -46.26 40.49 -15.66
C ASP D 131 -47.15 39.32 -15.28
N GLU D 132 -48.39 39.39 -15.75
CA GLU D 132 -49.39 38.38 -15.36
C GLU D 132 -49.16 37.02 -15.98
N SER D 133 -48.33 36.92 -17.03
CA SER D 133 -48.01 35.63 -17.63
C SER D 133 -47.06 34.81 -16.78
N TRP D 134 -46.41 35.44 -15.79
CA TRP D 134 -45.52 34.73 -14.88
C TRP D 134 -46.30 34.05 -13.77
N LEU D 135 -47.49 34.56 -13.45
CA LEU D 135 -48.30 34.03 -12.36
C LEU D 135 -49.31 32.99 -12.80
N GLN D 136 -49.72 33.01 -14.07
CA GLN D 136 -50.71 32.03 -14.51
C GLN D 136 -50.13 30.63 -14.63
N GLU D 137 -48.81 30.52 -14.82
CA GLU D 137 -48.19 29.21 -14.93
C GLU D 137 -46.74 29.36 -14.52
N GLY D 138 -46.16 28.27 -14.10
CA GLY D 138 -44.76 28.26 -13.77
C GLY D 138 -44.49 28.65 -12.35
N GLN D 139 -43.20 28.79 -12.08
CA GLN D 139 -42.70 29.10 -10.76
C GLN D 139 -41.82 30.33 -10.84
N THR D 140 -42.12 31.33 -10.04
CA THR D 140 -41.34 32.55 -9.97
C THR D 140 -40.57 32.54 -8.66
N ARG D 141 -39.24 32.55 -8.75
CA ARG D 141 -38.37 32.52 -7.59
C ARG D 141 -37.54 33.78 -7.59
N ILE D 142 -37.16 34.23 -6.41
CA ILE D 142 -36.27 35.36 -6.28
C ILE D 142 -34.91 34.84 -5.88
N ILE D 143 -33.86 35.42 -6.46
CA ILE D 143 -32.49 34.97 -6.23
C ILE D 143 -31.72 36.13 -5.65
N PHE D 144 -31.23 35.97 -4.43
CA PHE D 144 -30.29 36.90 -3.81
C PHE D 144 -28.92 36.27 -3.93
N ASP D 145 -28.07 36.80 -4.81
CA ASP D 145 -26.75 36.20 -4.99
C ASP D 145 -25.84 36.40 -3.79
N GLY D 146 -26.09 37.41 -2.96
CA GLY D 146 -25.25 37.65 -1.81
C GLY D 146 -25.84 38.65 -0.84
N VAL D 147 -26.11 38.24 0.39
CA VAL D 147 -26.61 39.14 1.43
C VAL D 147 -25.80 38.92 2.69
N ASN D 148 -25.32 40.01 3.28
CA ASN D 148 -24.34 39.98 4.35
C ASN D 148 -24.99 40.67 5.55
N SER D 149 -25.25 39.92 6.62
CA SER D 149 -24.85 38.53 6.74
C SER D 149 -26.05 37.60 6.84
N ALA D 150 -27.22 38.14 7.18
CA ALA D 150 -28.40 37.30 7.31
C ALA D 150 -29.61 38.16 7.00
N PHE D 151 -30.70 37.52 6.61
CA PHE D 151 -31.83 38.36 6.21
C PHE D 151 -33.15 37.61 6.34
N HIS D 152 -34.18 38.36 6.69
CA HIS D 152 -35.56 37.92 6.56
C HIS D 152 -36.17 38.58 5.33
N LEU D 153 -37.12 37.89 4.71
CA LEU D 153 -37.71 38.32 3.45
C LEU D 153 -39.24 38.30 3.57
N TRP D 154 -39.85 39.44 3.25
CA TRP D 154 -41.29 39.56 3.11
C TRP D 154 -41.64 39.94 1.68
N CYS D 155 -42.77 39.47 1.19
CA CYS D 155 -43.24 39.80 -0.15
C CYS D 155 -44.72 40.15 -0.03
N ASN D 156 -45.03 41.42 -0.27
CA ASN D 156 -46.38 41.96 -0.10
C ASN D 156 -46.86 41.84 1.35
N GLY D 157 -45.93 42.06 2.29
CA GLY D 157 -46.26 41.97 3.70
C GLY D 157 -46.28 40.58 4.29
N ARG D 158 -46.20 39.52 3.48
CA ARG D 158 -46.16 38.15 3.98
C ARG D 158 -44.73 37.68 4.12
N TRP D 159 -44.43 37.01 5.23
CA TRP D 159 -43.08 36.51 5.46
C TRP D 159 -42.80 35.33 4.54
N VAL D 160 -41.64 35.36 3.87
CA VAL D 160 -41.28 34.36 2.88
C VAL D 160 -40.27 33.36 3.44
N GLY D 161 -39.16 33.85 3.99
CA GLY D 161 -38.13 32.97 4.50
C GLY D 161 -36.95 33.74 5.06
N TYR D 162 -35.84 33.04 5.22
CA TYR D 162 -34.66 33.52 5.93
C TYR D 162 -33.43 32.84 5.34
N GLY D 163 -32.27 33.49 5.32
CA GLY D 163 -31.12 32.75 4.77
C GLY D 163 -29.81 33.23 5.35
N GLN D 164 -28.86 32.32 5.59
CA GLN D 164 -27.53 32.70 6.12
C GLN D 164 -26.48 32.38 5.06
N ASP D 165 -25.18 32.52 5.37
CA ASP D 165 -24.18 32.29 4.29
C ASP D 165 -24.24 33.49 3.36
N SER D 166 -23.34 34.43 3.53
CA SER D 166 -23.27 35.73 2.86
C SER D 166 -22.71 35.65 1.45
N ARG D 167 -22.12 34.53 1.06
CA ARG D 167 -21.39 34.47 -0.20
C ARG D 167 -21.96 33.48 -1.20
N LEU D 168 -23.11 32.88 -0.92
CA LEU D 168 -23.79 32.00 -1.86
C LEU D 168 -25.21 32.51 -2.07
N PRO D 169 -25.82 32.16 -3.20
CA PRO D 169 -27.16 32.65 -3.49
C PRO D 169 -28.23 32.03 -2.61
N SER D 170 -29.19 32.85 -2.23
CA SER D 170 -30.35 32.43 -1.47
C SER D 170 -31.57 32.63 -2.35
N GLU D 171 -32.29 31.56 -2.63
CA GLU D 171 -33.42 31.59 -3.56
C GLU D 171 -34.68 31.20 -2.83
N PHE D 172 -35.79 31.88 -3.17
CA PHE D 172 -37.08 31.65 -2.52
C PHE D 172 -38.19 31.65 -3.56
N ASP D 173 -39.12 30.72 -3.41
CA ASP D 173 -40.28 30.61 -4.29
C ASP D 173 -41.28 31.72 -3.93
N LEU D 174 -41.56 32.60 -4.89
CA LEU D 174 -42.46 33.73 -4.69
C LEU D 174 -43.80 33.55 -5.36
N SER D 175 -44.07 32.36 -5.93
CA SER D 175 -45.24 32.15 -6.80
C SER D 175 -46.56 32.33 -6.07
N ALA D 176 -46.61 31.95 -4.79
CA ALA D 176 -47.82 32.13 -3.99
C ALA D 176 -47.91 33.52 -3.36
N PHE D 177 -46.87 34.34 -3.47
CA PHE D 177 -46.81 35.63 -2.80
C PHE D 177 -47.02 36.78 -3.76
N LEU D 178 -46.59 36.62 -5.01
CA LEU D 178 -46.75 37.68 -5.98
C LEU D 178 -48.21 37.85 -6.35
N ARG D 179 -48.47 38.93 -7.06
CA ARG D 179 -49.78 39.13 -7.64
C ARG D 179 -49.59 40.04 -8.83
N ALA D 180 -50.61 40.08 -9.69
CA ALA D 180 -50.58 40.99 -10.82
C ALA D 180 -50.61 42.42 -10.32
N GLY D 181 -49.92 43.29 -11.04
CA GLY D 181 -49.78 44.67 -10.62
C GLY D 181 -48.59 44.85 -9.70
N GLU D 182 -48.61 45.92 -8.90
CA GLU D 182 -47.49 46.31 -8.05
C GLU D 182 -47.28 45.29 -6.94
N ASN D 183 -46.05 44.87 -6.78
CA ASN D 183 -45.61 44.00 -5.70
C ASN D 183 -44.63 44.78 -4.83
N ARG D 184 -44.29 44.25 -3.66
CA ARG D 184 -43.28 44.92 -2.87
C ARG D 184 -42.48 43.91 -2.07
N LEU D 185 -41.16 43.93 -2.24
CA LEU D 185 -40.26 43.18 -1.39
C LEU D 185 -39.91 44.00 -0.16
N ALA D 186 -39.73 43.32 0.96
CA ALA D 186 -39.17 43.93 2.16
C ALA D 186 -38.12 42.96 2.68
N VAL D 187 -36.87 43.40 2.68
CA VAL D 187 -35.74 42.56 3.06
C VAL D 187 -35.08 43.21 4.25
N MET D 188 -35.04 42.50 5.36
CA MET D 188 -34.40 42.99 6.57
C MET D 188 -33.07 42.26 6.72
N VAL D 189 -31.99 42.98 6.51
CA VAL D 189 -30.65 42.42 6.50
C VAL D 189 -29.95 42.77 7.81
N LEU D 190 -29.49 41.74 8.51
CA LEU D 190 -28.80 41.90 9.77
C LEU D 190 -27.29 41.85 9.55
N ARG D 191 -26.58 42.76 10.20
CA ARG D 191 -25.12 42.77 10.05
C ARG D 191 -24.49 41.55 10.71
N TRP D 192 -24.92 41.20 11.91
CA TRP D 192 -24.35 40.10 12.67
C TRP D 192 -25.35 38.98 12.82
N SER D 193 -24.88 37.74 12.71
CA SER D 193 -25.69 36.57 12.95
C SER D 193 -24.76 35.49 13.45
N ASP D 194 -25.31 34.29 13.69
CA ASP D 194 -24.46 33.17 14.07
C ASP D 194 -23.55 32.74 12.93
N GLY D 195 -23.95 32.98 11.67
CA GLY D 195 -23.10 32.87 10.49
C GLY D 195 -21.89 33.76 10.50
N SER D 196 -21.92 34.89 11.24
CA SER D 196 -20.76 35.75 11.41
C SER D 196 -19.60 35.04 12.12
N TYR D 197 -19.89 34.05 12.97
CA TYR D 197 -18.83 33.26 13.58
C TYR D 197 -18.08 32.42 12.54
N LEU D 198 -18.72 32.06 11.44
CA LEU D 198 -18.05 31.37 10.34
C LEU D 198 -17.50 32.32 9.28
N GLU D 199 -17.50 33.63 9.52
CA GLU D 199 -17.12 34.61 8.51
C GLU D 199 -16.08 35.57 9.07
N ASP D 200 -15.06 35.03 9.71
CA ASP D 200 -14.02 35.86 10.32
C ASP D 200 -12.81 36.01 9.39
N GLN D 201 -13.06 36.26 8.11
CA GLN D 201 -11.93 36.48 7.21
C GLN D 201 -11.27 37.83 7.47
N ASP D 202 -9.96 37.88 7.25
CA ASP D 202 -9.16 39.10 7.41
C ASP D 202 -9.51 40.07 6.30
N MET D 203 -10.58 40.83 6.51
CA MET D 203 -11.02 41.79 5.50
C MET D 203 -11.94 42.78 6.17
N TRP D 204 -12.37 43.78 5.40
CA TRP D 204 -13.40 44.71 5.86
C TRP D 204 -14.70 43.98 6.15
N ARG D 205 -15.29 44.30 7.28
CA ARG D 205 -16.57 43.74 7.69
C ARG D 205 -17.64 44.72 7.24
N MET D 206 -18.39 44.34 6.23
CA MET D 206 -19.45 45.17 5.68
C MET D 206 -20.73 44.36 5.65
N SER D 207 -21.80 44.96 5.13
CA SER D 207 -23.06 44.26 5.13
C SER D 207 -23.96 44.85 4.05
N GLY D 208 -25.08 44.18 3.81
CA GLY D 208 -26.05 44.63 2.84
C GLY D 208 -26.27 43.63 1.74
N ILE D 209 -27.08 44.06 0.77
CA ILE D 209 -27.39 43.26 -0.40
C ILE D 209 -26.34 43.63 -1.44
N PHE D 210 -25.23 42.92 -1.41
CA PHE D 210 -24.01 43.34 -2.08
C PHE D 210 -23.73 42.56 -3.37
N ARG D 211 -24.60 41.63 -3.74
CA ARG D 211 -24.56 40.99 -5.04
C ARG D 211 -25.93 41.15 -5.68
N ASP D 212 -26.10 40.52 -6.84
CA ASP D 212 -27.29 40.70 -7.66
C ASP D 212 -28.55 40.14 -7.01
N VAL D 213 -29.67 40.77 -7.32
CA VAL D 213 -30.99 40.28 -6.98
C VAL D 213 -31.75 40.07 -8.28
N SER D 214 -32.39 38.92 -8.43
CA SER D 214 -33.00 38.51 -9.70
C SER D 214 -34.28 37.74 -9.46
N LEU D 215 -35.20 37.85 -10.42
CA LEU D 215 -36.37 37.00 -10.51
C LEU D 215 -36.13 35.99 -11.63
N LEU D 216 -36.43 34.73 -11.36
CA LEU D 216 -36.30 33.68 -12.36
C LEU D 216 -37.64 32.98 -12.49
N HIS D 217 -38.17 32.95 -13.71
CA HIS D 217 -39.40 32.24 -13.98
C HIS D 217 -39.07 30.92 -14.64
N LYS D 218 -39.49 29.82 -14.02
CA LYS D 218 -39.35 28.51 -14.62
C LYS D 218 -40.72 27.89 -14.86
N PRO D 219 -40.82 26.94 -15.78
CA PRO D 219 -42.05 26.16 -15.88
C PRO D 219 -42.19 25.25 -14.66
N THR D 220 -43.40 24.73 -14.45
CA THR D 220 -43.61 23.84 -13.32
C THR D 220 -42.87 22.53 -13.50
N THR D 221 -42.81 22.01 -14.72
CA THR D 221 -41.96 20.89 -15.08
C THR D 221 -40.67 21.48 -15.60
N GLN D 222 -39.57 21.22 -14.90
CA GLN D 222 -38.40 22.04 -15.06
C GLN D 222 -37.14 21.21 -14.89
N ILE D 223 -36.05 21.70 -15.45
CA ILE D 223 -34.73 21.20 -15.08
C ILE D 223 -34.38 21.78 -13.72
N SER D 224 -34.11 20.91 -12.75
CA SER D 224 -33.80 21.36 -11.40
C SER D 224 -32.33 21.27 -11.06
N ASP D 225 -31.55 20.55 -11.85
CA ASP D 225 -30.12 20.39 -11.60
C ASP D 225 -29.54 19.69 -12.81
N PHE D 226 -28.29 19.98 -13.11
CA PHE D 226 -27.58 19.19 -14.10
C PHE D 226 -26.09 19.23 -13.79
N HIS D 227 -25.45 18.08 -13.91
CA HIS D 227 -24.02 17.95 -13.70
C HIS D 227 -23.37 17.53 -15.01
N VAL D 228 -22.20 18.10 -15.30
CA VAL D 228 -21.40 17.72 -16.46
C VAL D 228 -20.07 17.18 -15.98
N ALA D 229 -19.78 15.93 -16.33
CA ALA D 229 -18.51 15.28 -16.10
C ALA D 229 -17.84 15.00 -17.45
N THR D 230 -16.51 14.98 -17.45
CA THR D 230 -15.77 14.55 -18.64
C THR D 230 -14.78 13.45 -18.23
N ARG D 231 -14.82 12.33 -18.95
CA ARG D 231 -13.91 11.23 -18.77
C ARG D 231 -13.07 11.04 -20.02
N PHE D 232 -11.84 10.59 -19.85
CA PHE D 232 -10.86 10.51 -20.92
C PHE D 232 -10.20 9.15 -20.98
N ASN D 233 -9.56 8.87 -22.12
CA ASN D 233 -8.57 7.81 -22.22
C ASN D 233 -7.19 8.37 -21.85
N ASP D 234 -6.17 7.52 -21.84
CA ASP D 234 -4.86 7.96 -21.36
C ASP D 234 -4.16 8.86 -22.36
N ASP D 235 -4.59 8.82 -23.63
CA ASP D 235 -4.13 9.72 -24.68
C ASP D 235 -4.84 11.07 -24.62
N PHE D 236 -6.01 11.14 -23.96
CA PHE D 236 -6.94 12.26 -24.05
C PHE D 236 -7.43 12.51 -25.48
N SER D 237 -7.54 11.45 -26.27
CA SER D 237 -7.96 11.56 -27.66
C SER D 237 -9.42 11.17 -27.86
N ARG D 238 -10.03 10.57 -26.87
CA ARG D 238 -11.47 10.32 -26.86
C ARG D 238 -12.00 10.76 -25.50
N ALA D 239 -13.06 11.54 -25.52
CA ALA D 239 -13.69 12.00 -24.30
C ALA D 239 -15.14 11.56 -24.30
N VAL D 240 -15.64 11.24 -23.11
CA VAL D 240 -17.06 11.04 -22.90
C VAL D 240 -17.54 12.20 -22.04
N LEU D 241 -18.51 12.95 -22.53
CA LEU D 241 -19.20 13.90 -21.72
C LEU D 241 -20.40 13.20 -21.10
N GLU D 242 -20.46 13.20 -19.77
CA GLU D 242 -21.56 12.60 -19.05
C GLU D 242 -22.37 13.72 -18.43
N ALA D 243 -23.61 13.90 -18.88
CA ALA D 243 -24.46 14.95 -18.34
C ALA D 243 -25.60 14.27 -17.59
N GLU D 244 -25.70 14.54 -16.30
CA GLU D 244 -26.80 14.05 -15.49
C GLU D 244 -27.79 15.19 -15.30
N VAL D 245 -29.03 14.99 -15.71
CA VAL D 245 -30.05 16.02 -15.65
C VAL D 245 -31.14 15.56 -14.70
N GLN D 246 -31.56 16.43 -13.79
CA GLN D 246 -32.65 16.14 -12.86
C GLN D 246 -33.80 17.09 -13.14
N MET D 247 -35.01 16.58 -13.08
CA MET D 247 -36.19 17.41 -13.24
C MET D 247 -36.95 17.47 -11.92
N CYS D 248 -37.76 18.51 -11.78
CA CYS D 248 -38.82 18.56 -10.78
C CYS D 248 -40.13 18.83 -11.50
N GLY D 249 -41.25 18.56 -10.82
CA GLY D 249 -42.57 18.75 -11.44
C GLY D 249 -43.35 17.44 -11.54
N GLU D 250 -43.74 17.03 -12.75
CA GLU D 250 -44.54 15.84 -12.93
C GLU D 250 -43.96 14.94 -14.01
N LEU D 251 -43.83 13.65 -13.73
CA LEU D 251 -43.15 12.76 -14.71
C LEU D 251 -44.13 12.27 -15.78
N ARG D 252 -44.00 12.76 -17.02
CA ARG D 252 -44.82 12.27 -18.10
C ARG D 252 -43.96 11.40 -18.99
N ASP D 253 -44.60 10.40 -19.63
CA ASP D 253 -43.85 9.50 -20.50
C ASP D 253 -43.39 10.19 -21.78
N TYR D 254 -44.01 11.31 -22.17
CA TYR D 254 -43.57 12.04 -23.34
C TYR D 254 -42.33 12.88 -23.09
N LEU D 255 -41.95 13.08 -21.82
CA LEU D 255 -40.87 13.99 -21.48
C LEU D 255 -39.53 13.48 -21.98
N ARG D 256 -38.73 14.39 -22.51
CA ARG D 256 -37.41 14.04 -23.00
C ARG D 256 -36.40 15.10 -22.58
N VAL D 257 -35.13 14.69 -22.53
CA VAL D 257 -34.00 15.60 -22.40
C VAL D 257 -33.07 15.34 -23.57
N THR D 258 -32.67 16.40 -24.25
CA THR D 258 -31.59 16.36 -25.23
C THR D 258 -30.44 17.18 -24.66
N VAL D 259 -29.24 16.62 -24.71
CA VAL D 259 -28.04 17.39 -24.40
C VAL D 259 -27.20 17.45 -25.66
N SER D 260 -26.93 18.66 -26.11
CA SER D 260 -26.12 18.91 -27.30
C SER D 260 -24.84 19.62 -26.90
N LEU D 261 -23.76 19.27 -27.58
CA LEU D 261 -22.45 19.85 -27.36
C LEU D 261 -22.06 20.63 -28.60
N TRP D 262 -21.63 21.87 -28.41
CA TRP D 262 -21.31 22.75 -29.52
C TRP D 262 -19.92 23.32 -29.36
N GLN D 263 -19.17 23.38 -30.44
CA GLN D 263 -17.92 24.12 -30.48
C GLN D 263 -18.15 25.25 -31.46
N GLY D 264 -18.19 26.47 -30.95
CA GLY D 264 -18.43 27.65 -31.76
C GLY D 264 -19.80 27.67 -32.39
N GLU D 265 -19.92 26.99 -33.54
CA GLU D 265 -21.17 26.90 -34.27
C GLU D 265 -21.48 25.47 -34.67
N THR D 266 -20.51 24.59 -34.63
CA THR D 266 -20.68 23.19 -35.00
C THR D 266 -21.15 22.38 -33.80
N GLN D 267 -22.26 21.68 -33.99
CA GLN D 267 -22.74 20.76 -32.98
C GLN D 267 -21.90 19.49 -33.02
N VAL D 268 -21.12 19.25 -31.96
CA VAL D 268 -20.18 18.09 -31.95
C VAL D 268 -20.91 16.79 -31.61
N ALA D 269 -21.75 16.80 -30.58
CA ALA D 269 -22.40 15.58 -30.15
C ALA D 269 -23.80 15.92 -29.72
N SER D 270 -24.62 14.88 -29.57
CA SER D 270 -25.95 15.07 -29.03
C SER D 270 -26.45 13.73 -28.52
N GLY D 271 -27.42 13.82 -27.63
CA GLY D 271 -27.97 12.65 -26.99
C GLY D 271 -29.37 12.99 -26.53
N THR D 272 -30.30 12.07 -26.73
CA THR D 272 -31.68 12.29 -26.38
C THR D 272 -32.19 11.06 -25.66
N ALA D 273 -32.89 11.27 -24.56
CA ALA D 273 -33.27 10.15 -23.71
C ALA D 273 -34.46 10.55 -22.88
N PRO D 274 -35.39 9.65 -22.61
CA PRO D 274 -36.41 9.93 -21.61
C PRO D 274 -35.81 9.84 -20.22
N PHE D 275 -36.58 10.29 -19.25
CA PHE D 275 -36.13 10.23 -17.88
C PHE D 275 -36.11 8.80 -17.39
N GLY D 276 -35.24 8.55 -16.42
CA GLY D 276 -35.08 7.21 -15.92
C GLY D 276 -33.61 6.87 -15.85
N GLY D 277 -33.11 6.80 -14.64
CA GLY D 277 -31.76 6.33 -14.41
C GLY D 277 -31.67 4.82 -14.32
N GLU D 278 -30.42 4.35 -14.38
CA GLU D 278 -30.07 2.99 -14.03
C GLU D 278 -30.45 2.71 -12.57
N ILE D 279 -30.75 1.43 -12.28
CA ILE D 279 -30.99 0.93 -10.93
C ILE D 279 -29.83 1.27 -10.00
N ILE D 280 -30.17 1.89 -8.88
CA ILE D 280 -29.22 2.41 -7.92
C ILE D 280 -29.04 1.46 -6.75
N ASP D 281 -30.14 0.88 -6.26
CA ASP D 281 -30.08 -0.02 -5.12
C ASP D 281 -31.29 -0.95 -5.20
N GLU D 282 -31.70 -1.50 -4.07
CA GLU D 282 -32.78 -2.48 -4.03
C GLU D 282 -34.13 -1.87 -4.40
N ARG D 283 -34.30 -0.57 -4.17
CA ARG D 283 -35.56 0.10 -4.47
C ARG D 283 -35.66 0.56 -5.92
N GLY D 284 -34.54 0.67 -6.62
CA GLY D 284 -34.58 1.01 -8.03
C GLY D 284 -33.61 2.12 -8.38
N GLY D 285 -34.05 3.04 -9.22
CA GLY D 285 -33.25 4.16 -9.64
C GLY D 285 -34.08 5.43 -9.63
N TYR D 286 -33.45 6.52 -10.03
CA TYR D 286 -34.14 7.81 -10.04
C TYR D 286 -35.00 7.89 -11.29
N ALA D 287 -36.31 7.91 -11.10
CA ALA D 287 -37.17 8.10 -12.26
C ALA D 287 -37.18 9.54 -12.77
N ASP D 288 -36.71 10.51 -11.97
CA ASP D 288 -36.66 11.91 -12.33
C ASP D 288 -35.27 12.37 -12.74
N ARG D 289 -34.40 11.45 -13.12
CA ARG D 289 -33.10 11.82 -13.64
C ARG D 289 -32.82 11.02 -14.90
N VAL D 290 -31.91 11.55 -15.69
CA VAL D 290 -31.44 10.85 -16.87
C VAL D 290 -30.02 11.30 -17.12
N THR D 291 -29.15 10.35 -17.43
CA THR D 291 -27.77 10.62 -17.73
C THR D 291 -27.49 10.31 -19.19
N LEU D 292 -27.04 11.32 -19.92
CA LEU D 292 -26.66 11.19 -21.31
C LEU D 292 -25.14 11.11 -21.41
N ARG D 293 -24.64 10.22 -22.26
CA ARG D 293 -23.22 10.11 -22.52
C ARG D 293 -22.94 10.45 -23.97
N LEU D 294 -22.14 11.49 -24.19
CA LEU D 294 -21.78 11.90 -25.53
C LEU D 294 -20.31 11.63 -25.77
N ASN D 295 -20.01 10.98 -26.89
CA ASN D 295 -18.63 10.75 -27.27
C ASN D 295 -18.07 11.97 -27.98
N VAL D 296 -16.88 12.41 -27.59
CA VAL D 296 -16.16 13.45 -28.31
C VAL D 296 -14.79 12.91 -28.66
N GLU D 297 -14.50 12.87 -29.96
CA GLU D 297 -13.23 12.39 -30.48
C GLU D 297 -12.33 13.58 -30.67
N ASN D 298 -11.07 13.47 -30.20
CA ASN D 298 -10.04 14.51 -30.12
C ASN D 298 -10.58 15.83 -29.60
N PRO D 299 -11.09 15.88 -28.36
CA PRO D 299 -11.66 17.14 -27.87
C PRO D 299 -10.56 18.16 -27.64
N LYS D 300 -10.85 19.41 -27.94
CA LYS D 300 -9.96 20.49 -27.58
C LYS D 300 -9.99 20.62 -26.07
N LEU D 301 -8.85 20.36 -25.44
CA LEU D 301 -8.82 20.34 -23.98
C LEU D 301 -8.74 21.74 -23.41
N TRP D 302 -9.29 21.91 -22.21
CA TRP D 302 -9.25 23.20 -21.55
C TRP D 302 -8.00 23.28 -20.68
N SER D 303 -7.39 24.45 -20.66
CA SER D 303 -6.37 24.72 -19.65
C SER D 303 -6.26 26.24 -19.51
N ALA D 304 -5.44 26.66 -18.55
CA ALA D 304 -5.20 28.09 -18.43
C ALA D 304 -4.40 28.64 -19.61
N GLU D 305 -3.58 27.80 -20.24
CA GLU D 305 -2.82 28.24 -21.41
C GLU D 305 -3.71 28.37 -22.63
N ILE D 306 -4.60 27.40 -22.83
CA ILE D 306 -5.51 27.38 -23.97
C ILE D 306 -6.91 27.07 -23.45
N PRO D 307 -7.70 28.05 -23.15
CA PRO D 307 -9.01 27.78 -22.49
C PRO D 307 -10.10 27.38 -23.47
N ASN D 308 -9.92 26.23 -24.12
CA ASN D 308 -10.91 25.72 -25.07
C ASN D 308 -12.22 25.38 -24.37
N LEU D 309 -13.29 25.98 -24.85
CA LEU D 309 -14.61 25.79 -24.28
C LEU D 309 -15.57 25.27 -25.33
N TYR D 310 -16.41 24.35 -24.92
CA TYR D 310 -17.59 23.92 -25.66
C TYR D 310 -18.81 24.52 -24.97
N ARG D 311 -19.94 24.47 -25.66
CA ARG D 311 -21.20 24.91 -25.11
C ARG D 311 -22.12 23.70 -25.01
N ALA D 312 -22.58 23.39 -23.80
CA ALA D 312 -23.54 22.32 -23.61
C ALA D 312 -24.93 22.95 -23.46
N VAL D 313 -25.89 22.44 -24.21
CA VAL D 313 -27.27 22.88 -24.08
C VAL D 313 -28.08 21.70 -23.56
N VAL D 314 -28.88 21.94 -22.55
CA VAL D 314 -29.72 20.92 -21.94
C VAL D 314 -31.16 21.31 -22.21
N GLU D 315 -31.83 20.57 -23.09
CA GLU D 315 -33.19 20.87 -23.50
C GLU D 315 -34.13 19.90 -22.83
N LEU D 316 -35.10 20.43 -22.10
CA LEU D 316 -36.24 19.68 -21.61
C LEU D 316 -37.36 19.88 -22.63
N HIS D 317 -37.77 18.81 -23.29
CA HIS D 317 -38.74 18.91 -24.39
C HIS D 317 -39.60 17.66 -24.44
N THR D 318 -40.78 17.79 -25.04
CA THR D 318 -41.64 16.63 -25.17
C THR D 318 -41.18 15.76 -26.34
N ALA D 319 -41.71 14.53 -26.38
CA ALA D 319 -41.27 13.54 -27.35
C ALA D 319 -41.65 13.90 -28.79
N ASP D 320 -42.67 14.73 -28.98
CA ASP D 320 -42.97 15.29 -30.28
C ASP D 320 -42.19 16.56 -30.58
N GLY D 321 -41.28 16.95 -29.70
CA GLY D 321 -40.26 17.92 -30.03
C GLY D 321 -40.50 19.34 -29.55
N THR D 322 -41.46 19.56 -28.65
CA THR D 322 -41.79 20.89 -28.15
C THR D 322 -40.88 21.24 -26.98
N LEU D 323 -40.14 22.36 -27.10
CA LEU D 323 -39.23 22.78 -26.05
C LEU D 323 -40.00 23.31 -24.85
N ILE D 324 -39.65 22.82 -23.68
CA ILE D 324 -40.20 23.31 -22.43
C ILE D 324 -39.28 24.35 -21.80
N GLU D 325 -37.99 24.02 -21.70
CA GLU D 325 -37.02 24.91 -21.08
C GLU D 325 -35.65 24.42 -21.48
N ALA D 326 -34.74 25.35 -21.65
CA ALA D 326 -33.35 25.02 -21.91
C ALA D 326 -32.49 25.66 -20.83
N GLU D 327 -31.43 24.96 -20.48
CA GLU D 327 -30.35 25.52 -19.68
C GLU D 327 -29.05 25.17 -20.41
N ALA D 328 -27.95 25.78 -19.98
CA ALA D 328 -26.74 25.59 -20.73
C ALA D 328 -25.55 25.92 -19.85
N CYS D 329 -24.39 25.46 -20.27
CA CYS D 329 -23.18 25.85 -19.57
C CYS D 329 -22.00 25.66 -20.50
N ASP D 330 -20.95 26.41 -20.24
CA ASP D 330 -19.69 26.20 -20.92
C ASP D 330 -19.03 24.95 -20.36
N VAL D 331 -18.46 24.15 -21.24
CA VAL D 331 -17.77 22.93 -20.87
C VAL D 331 -16.31 23.09 -21.24
N GLY D 332 -15.43 22.79 -20.29
CA GLY D 332 -14.02 22.67 -20.59
C GLY D 332 -13.66 21.22 -20.38
N PHE D 333 -13.07 20.59 -21.40
CA PHE D 333 -12.63 19.21 -21.24
C PHE D 333 -11.26 19.23 -20.57
N ARG D 334 -11.21 18.85 -19.30
CA ARG D 334 -9.93 18.70 -18.65
C ARG D 334 -10.07 17.71 -17.50
N GLU D 335 -8.96 17.06 -17.17
CA GLU D 335 -8.93 16.10 -16.08
C GLU D 335 -7.95 16.64 -15.06
N VAL D 336 -8.41 16.75 -13.81
CA VAL D 336 -7.55 17.17 -12.70
C VAL D 336 -7.41 15.97 -11.78
N ARG D 337 -6.18 15.61 -11.49
CA ARG D 337 -5.93 14.40 -10.73
C ARG D 337 -4.60 14.55 -10.02
N ILE D 338 -4.52 13.95 -8.85
CA ILE D 338 -3.24 13.78 -8.16
C ILE D 338 -2.81 12.35 -8.38
N GLU D 339 -1.65 12.16 -8.97
CA GLU D 339 -1.15 10.84 -9.30
C GLU D 339 0.32 10.78 -8.96
N ASN D 340 0.69 9.84 -8.08
CA ASN D 340 2.06 9.62 -7.63
C ASN D 340 2.63 10.87 -6.99
N GLY D 341 1.81 11.55 -6.21
CA GLY D 341 2.25 12.70 -5.48
C GLY D 341 2.26 14.01 -6.24
N LEU D 342 1.78 14.03 -7.49
CA LEU D 342 1.75 15.25 -8.28
C LEU D 342 0.33 15.61 -8.72
N LEU D 343 0.04 16.90 -8.71
CA LEU D 343 -1.23 17.40 -9.24
C LEU D 343 -1.11 17.54 -10.75
N LEU D 344 -1.85 16.72 -11.48
CA LEU D 344 -1.79 16.74 -12.94
C LEU D 344 -3.02 17.43 -13.51
N LEU D 345 -2.81 18.19 -14.58
CA LEU D 345 -3.90 18.72 -15.39
C LEU D 345 -3.69 18.19 -16.79
N ASN D 346 -4.64 17.35 -17.27
CA ASN D 346 -4.57 16.71 -18.58
C ASN D 346 -3.30 15.87 -18.70
N GLY D 347 -2.95 15.18 -17.62
CA GLY D 347 -1.78 14.34 -17.59
C GLY D 347 -0.47 15.05 -17.34
N LYS D 348 -0.46 16.37 -17.24
CA LYS D 348 0.80 17.05 -17.07
C LYS D 348 0.86 17.71 -15.70
N PRO D 349 2.03 17.67 -15.04
CA PRO D 349 2.13 18.27 -13.70
C PRO D 349 2.04 19.78 -13.75
N LEU D 350 1.12 20.33 -12.98
CA LEU D 350 0.92 21.77 -12.96
C LEU D 350 2.04 22.46 -12.19
N LEU D 351 2.36 23.67 -12.60
CA LEU D 351 3.14 24.59 -11.79
C LEU D 351 2.26 25.80 -11.55
N ILE D 352 1.78 25.94 -10.32
CA ILE D 352 0.75 26.92 -9.99
C ILE D 352 1.41 28.28 -9.78
N ARG D 353 1.11 29.23 -10.66
CA ARG D 353 1.54 30.61 -10.51
C ARG D 353 0.31 31.37 -10.01
N GLY D 354 0.09 31.31 -8.71
CA GLY D 354 -1.19 31.68 -8.18
C GLY D 354 -1.17 32.97 -7.42
N VAL D 355 -2.35 33.51 -7.18
CA VAL D 355 -2.51 34.66 -6.31
C VAL D 355 -3.82 34.50 -5.58
N ASN D 356 -3.84 34.93 -4.33
CA ASN D 356 -5.10 35.05 -3.62
C ASN D 356 -5.79 36.34 -4.01
N ARG D 357 -7.11 36.29 -4.16
CA ARG D 357 -7.83 37.49 -4.58
C ARG D 357 -9.12 37.61 -3.79
N HIS D 358 -9.20 38.66 -2.97
CA HIS D 358 -10.45 39.07 -2.34
C HIS D 358 -11.30 39.84 -3.33
N GLU D 359 -12.61 39.81 -3.12
CA GLU D 359 -13.51 40.66 -3.88
C GLU D 359 -13.57 42.01 -3.18
N HIS D 360 -12.77 42.94 -3.68
CA HIS D 360 -12.64 44.25 -3.07
C HIS D 360 -12.62 45.33 -4.15
N HIS D 361 -13.40 46.37 -3.93
CA HIS D 361 -13.36 47.58 -4.73
C HIS D 361 -13.27 48.75 -3.75
N PRO D 362 -12.38 49.70 -4.01
CA PRO D 362 -12.15 50.78 -3.02
C PRO D 362 -13.33 51.76 -2.90
N LEU D 363 -14.19 51.85 -3.91
CA LEU D 363 -15.36 52.72 -3.85
C LEU D 363 -16.64 51.98 -3.54
N HIS D 364 -16.80 50.78 -4.10
CA HIS D 364 -18.00 49.99 -3.91
C HIS D 364 -17.84 48.94 -2.82
N GLY D 365 -16.69 48.88 -2.18
CA GLY D 365 -16.49 47.92 -1.12
C GLY D 365 -16.40 46.48 -1.61
N GLN D 366 -17.41 45.67 -1.31
CA GLN D 366 -17.35 44.26 -1.63
C GLN D 366 -18.32 43.89 -2.75
N VAL D 367 -18.80 44.88 -3.47
CA VAL D 367 -19.64 44.68 -4.64
C VAL D 367 -18.74 44.53 -5.87
N MET D 368 -18.83 43.39 -6.53
CA MET D 368 -18.00 43.11 -7.69
C MET D 368 -18.79 43.43 -8.96
N ASP D 369 -18.10 43.97 -9.94
CA ASP D 369 -18.63 44.24 -11.28
C ASP D 369 -17.70 43.61 -12.30
N GLU D 370 -18.27 43.33 -13.49
CA GLU D 370 -17.59 42.64 -14.57
C GLU D 370 -16.35 43.37 -15.05
N GLN D 371 -16.39 44.70 -15.04
CA GLN D 371 -15.29 45.52 -15.51
C GLN D 371 -14.07 45.39 -14.60
N THR D 372 -14.30 45.30 -13.29
CA THR D 372 -13.19 45.11 -12.37
C THR D 372 -12.66 43.68 -12.42
N MET D 373 -13.58 42.71 -12.59
CA MET D 373 -13.18 41.31 -12.72
C MET D 373 -12.32 41.10 -13.95
N VAL D 374 -12.69 41.73 -15.07
CA VAL D 374 -11.94 41.55 -16.30
C VAL D 374 -10.59 42.25 -16.19
N GLN D 375 -10.54 43.40 -15.51
CA GLN D 375 -9.28 44.11 -15.31
C GLN D 375 -8.33 43.33 -14.45
N ASP D 376 -8.86 42.64 -13.42
CA ASP D 376 -8.02 41.83 -12.56
C ASP D 376 -7.46 40.65 -13.33
N ILE D 377 -8.30 39.97 -14.11
CA ILE D 377 -7.90 38.78 -14.84
C ILE D 377 -6.85 39.09 -15.89
N LEU D 378 -7.02 40.21 -16.59
CA LEU D 378 -6.07 40.64 -17.59
C LEU D 378 -4.71 41.00 -16.97
N LEU D 379 -4.72 41.73 -15.86
CA LEU D 379 -3.49 42.07 -15.17
C LEU D 379 -2.81 40.83 -14.60
N MET D 380 -3.61 39.87 -14.13
CA MET D 380 -3.05 38.63 -13.62
C MET D 380 -2.37 37.83 -14.72
N LYS D 381 -3.03 37.69 -15.86
CA LYS D 381 -2.44 36.93 -16.95
C LYS D 381 -1.27 37.66 -17.58
N GLN D 382 -1.32 39.00 -17.61
CA GLN D 382 -0.21 39.79 -18.13
C GLN D 382 1.03 39.73 -17.25
N ASN D 383 0.89 39.38 -15.98
CA ASN D 383 2.00 39.22 -15.06
C ASN D 383 2.26 37.75 -14.73
N ASN D 384 1.82 36.83 -15.59
CA ASN D 384 2.23 35.44 -15.60
C ASN D 384 1.67 34.65 -14.41
N PHE D 385 0.49 35.04 -13.93
CA PHE D 385 -0.29 34.17 -13.05
C PHE D 385 -1.17 33.27 -13.89
N ASN D 386 -1.35 32.02 -13.44
CA ASN D 386 -2.28 31.11 -14.10
C ASN D 386 -3.38 30.60 -13.17
N ALA D 387 -3.43 31.08 -11.94
CA ALA D 387 -4.33 30.49 -10.97
C ALA D 387 -4.71 31.53 -9.92
N VAL D 388 -5.91 31.39 -9.40
CA VAL D 388 -6.40 32.31 -8.38
C VAL D 388 -7.13 31.52 -7.32
N ARG D 389 -6.89 31.88 -6.07
CA ARG D 389 -7.61 31.29 -4.95
C ARG D 389 -8.70 32.27 -4.52
N CYS D 390 -9.92 31.76 -4.36
CA CYS D 390 -11.06 32.57 -3.96
C CYS D 390 -11.04 32.75 -2.44
N SER D 391 -10.10 33.56 -1.98
CA SER D 391 -9.91 33.82 -0.58
C SER D 391 -11.00 34.78 -0.08
N HIS D 392 -11.85 34.32 0.84
CA HIS D 392 -11.98 32.96 1.33
C HIS D 392 -13.46 32.56 1.31
N TYR D 393 -14.08 32.60 0.15
CA TYR D 393 -15.51 32.44 0.02
C TYR D 393 -15.81 32.19 -1.45
N PRO D 394 -16.99 31.64 -1.79
CA PRO D 394 -17.43 31.63 -3.19
C PRO D 394 -17.58 33.04 -3.73
N ASN D 395 -17.08 33.25 -4.93
CA ASN D 395 -17.09 34.58 -5.50
C ASN D 395 -18.43 34.82 -6.19
N HIS D 396 -18.54 36.01 -6.77
CA HIS D 396 -19.60 36.35 -7.70
C HIS D 396 -19.61 35.33 -8.84
N PRO D 397 -20.79 34.89 -9.29
CA PRO D 397 -20.90 33.82 -10.30
C PRO D 397 -20.23 34.13 -11.63
N LEU D 398 -20.13 35.42 -11.99
CA LEU D 398 -19.48 35.82 -13.22
C LEU D 398 -17.98 35.54 -13.21
N TRP D 399 -17.36 35.50 -12.02
CA TRP D 399 -15.92 35.29 -11.87
C TRP D 399 -15.47 33.94 -12.46
N TYR D 400 -16.28 32.93 -12.26
CA TYR D 400 -15.91 31.60 -12.72
C TYR D 400 -16.07 31.50 -14.22
N THR D 401 -17.08 32.17 -14.77
CA THR D 401 -17.26 32.28 -16.21
C THR D 401 -16.09 32.96 -16.88
N LEU D 402 -15.61 34.05 -16.29
CA LEU D 402 -14.48 34.78 -16.84
C LEU D 402 -13.20 33.98 -16.69
N CYS D 403 -13.05 33.23 -15.60
CA CYS D 403 -11.90 32.35 -15.49
C CYS D 403 -11.96 31.18 -16.48
N ASP D 404 -13.17 30.67 -16.77
CA ASP D 404 -13.35 29.67 -17.82
C ASP D 404 -12.87 30.21 -19.17
N ARG D 405 -13.23 31.44 -19.48
CA ARG D 405 -13.04 31.97 -20.82
C ARG D 405 -11.64 32.54 -21.03
N TYR D 406 -11.03 33.13 -20.01
CA TYR D 406 -9.70 33.67 -20.14
C TYR D 406 -8.60 32.68 -19.79
N GLY D 407 -8.90 31.69 -18.97
CA GLY D 407 -7.90 30.73 -18.59
C GLY D 407 -7.23 31.08 -17.29
N LEU D 408 -7.88 30.75 -16.17
CA LEU D 408 -7.22 30.71 -14.89
C LEU D 408 -7.70 29.48 -14.14
N TYR D 409 -6.79 28.79 -13.48
CA TYR D 409 -7.20 27.76 -12.56
C TYR D 409 -7.74 28.40 -11.29
N VAL D 410 -8.82 27.85 -10.76
CA VAL D 410 -9.50 28.46 -9.63
C VAL D 410 -9.52 27.45 -8.48
N VAL D 411 -9.20 27.94 -7.28
CA VAL D 411 -9.48 27.24 -6.05
C VAL D 411 -10.74 27.86 -5.46
N ASP D 412 -11.82 27.11 -5.45
CA ASP D 412 -13.11 27.60 -4.98
C ASP D 412 -13.24 27.21 -3.51
N GLU D 413 -13.45 28.19 -2.65
CA GLU D 413 -13.29 28.00 -1.21
C GLU D 413 -14.58 28.29 -0.45
N ALA D 414 -14.93 27.39 0.46
CA ALA D 414 -16.15 27.56 1.24
C ALA D 414 -16.03 28.77 2.14
N ASN D 415 -17.17 29.38 2.44
CA ASN D 415 -17.22 30.61 3.24
C ASN D 415 -17.19 30.22 4.73
N ILE D 416 -16.04 29.72 5.18
CA ILE D 416 -15.88 29.27 6.56
C ILE D 416 -14.51 29.72 7.05
N GLU D 417 -14.49 30.70 7.96
CA GLU D 417 -13.27 31.03 8.68
C GLU D 417 -13.64 31.37 10.12
N THR D 418 -13.08 30.62 11.06
CA THR D 418 -13.37 30.82 12.48
C THR D 418 -12.11 31.20 13.25
N HIS D 419 -11.27 32.05 12.64
CA HIS D 419 -9.92 32.37 13.11
C HIS D 419 -9.90 32.98 14.51
N GLY D 420 -10.90 33.78 14.85
CA GLY D 420 -10.91 34.42 16.14
C GLY D 420 -11.27 33.52 17.31
N MET D 421 -11.72 32.30 17.06
CA MET D 421 -12.05 31.36 18.14
C MET D 421 -10.79 30.95 18.89
N VAL D 422 -10.96 30.50 20.13
CA VAL D 422 -9.85 29.99 20.93
C VAL D 422 -10.24 28.65 21.56
N PRO D 423 -9.68 27.52 21.10
CA PRO D 423 -8.74 27.42 19.98
C PRO D 423 -9.45 27.60 18.66
N MET D 424 -8.71 27.52 17.56
CA MET D 424 -9.27 27.86 16.26
C MET D 424 -10.35 26.89 15.81
N ASN D 425 -10.33 25.65 16.30
CA ASN D 425 -11.28 24.64 15.86
C ASN D 425 -12.45 24.46 16.82
N ARG D 426 -12.72 25.46 17.68
CA ARG D 426 -13.76 25.34 18.72
C ARG D 426 -15.13 25.13 18.13
N LEU D 427 -15.41 25.73 16.98
CA LEU D 427 -16.67 25.49 16.29
C LEU D 427 -16.56 24.34 15.31
N THR D 428 -15.41 24.22 14.63
CA THR D 428 -15.30 23.23 13.57
C THR D 428 -15.11 21.82 14.11
N ASP D 429 -14.82 21.67 15.39
CA ASP D 429 -14.80 20.38 16.03
C ASP D 429 -16.08 20.11 16.80
N ASP D 430 -17.07 20.99 16.70
CA ASP D 430 -18.32 20.84 17.43
C ASP D 430 -19.39 20.35 16.47
N PRO D 431 -20.04 19.21 16.73
CA PRO D 431 -21.06 18.70 15.79
C PRO D 431 -22.33 19.53 15.75
N ARG D 432 -22.56 20.42 16.73
CA ARG D 432 -23.64 21.40 16.64
C ARG D 432 -23.43 22.39 15.50
N TRP D 433 -22.20 22.66 15.11
CA TRP D 433 -21.91 23.55 14.00
C TRP D 433 -21.67 22.80 12.69
N LEU D 434 -21.77 21.47 12.71
CA LEU D 434 -21.64 20.71 11.47
C LEU D 434 -22.73 21.00 10.45
N PRO D 435 -24.03 21.14 10.82
CA PRO D 435 -25.03 21.56 9.82
C PRO D 435 -24.80 22.92 9.19
N ALA D 436 -24.30 23.90 9.95
CA ALA D 436 -24.04 25.21 9.36
C ALA D 436 -22.83 25.16 8.44
N MET D 437 -21.79 24.43 8.83
CA MET D 437 -20.61 24.32 7.97
C MET D 437 -20.92 23.51 6.73
N SER D 438 -21.79 22.51 6.88
CA SER D 438 -22.13 21.61 5.77
C SER D 438 -22.85 22.37 4.66
N GLU D 439 -23.63 23.39 5.02
CA GLU D 439 -24.31 24.16 3.98
C GLU D 439 -23.34 25.10 3.25
N ARG D 440 -22.29 25.55 3.92
CA ARG D 440 -21.33 26.41 3.25
C ARG D 440 -20.50 25.63 2.24
N VAL D 441 -20.29 24.34 2.47
CA VAL D 441 -19.53 23.50 1.55
C VAL D 441 -20.42 22.94 0.46
N THR D 442 -21.56 22.34 0.84
CA THR D 442 -22.37 21.60 -0.12
C THR D 442 -23.05 22.54 -1.11
N ARG D 443 -23.48 23.71 -0.65
CA ARG D 443 -24.10 24.65 -1.56
C ARG D 443 -23.09 25.31 -2.49
N MET D 444 -21.81 25.34 -2.10
CA MET D 444 -20.80 25.83 -3.02
C MET D 444 -20.53 24.81 -4.12
N VAL D 445 -20.46 23.53 -3.76
CA VAL D 445 -20.20 22.49 -4.76
C VAL D 445 -21.40 22.33 -5.70
N GLN D 446 -22.62 22.48 -5.19
CA GLN D 446 -23.79 22.36 -6.05
C GLN D 446 -23.89 23.53 -7.01
N ARG D 447 -23.35 24.68 -6.62
CA ARG D 447 -23.43 25.84 -7.49
C ARG D 447 -22.35 25.83 -8.56
N ASP D 448 -21.12 25.43 -8.21
CA ASP D 448 -19.97 25.71 -9.06
C ASP D 448 -19.35 24.48 -9.70
N ARG D 449 -19.94 23.29 -9.53
CA ARG D 449 -19.27 22.06 -9.98
C ARG D 449 -19.19 21.89 -11.49
N ASN D 450 -19.90 22.68 -12.28
CA ASN D 450 -19.77 22.57 -13.72
C ASN D 450 -18.72 23.49 -14.31
N HIS D 451 -18.10 24.36 -13.53
CA HIS D 451 -17.12 25.29 -14.09
C HIS D 451 -15.78 24.61 -14.28
N PRO D 452 -15.21 24.62 -15.49
CA PRO D 452 -13.91 23.99 -15.70
C PRO D 452 -12.76 24.71 -15.02
N SER D 453 -12.88 26.01 -14.78
CA SER D 453 -11.78 26.75 -14.16
C SER D 453 -11.57 26.33 -12.72
N VAL D 454 -12.61 25.91 -12.04
CA VAL D 454 -12.48 25.40 -10.68
C VAL D 454 -11.81 24.04 -10.74
N ILE D 455 -10.57 23.96 -10.27
CA ILE D 455 -9.85 22.70 -10.30
C ILE D 455 -9.69 22.09 -8.91
N ILE D 456 -9.80 22.87 -7.84
CA ILE D 456 -9.62 22.40 -6.47
C ILE D 456 -10.70 23.02 -5.60
N TRP D 457 -11.30 22.21 -4.72
CA TRP D 457 -12.18 22.73 -3.70
C TRP D 457 -11.40 23.00 -2.43
N SER D 458 -11.75 24.06 -1.73
CA SER D 458 -11.17 24.34 -0.42
C SER D 458 -12.28 24.32 0.62
N LEU D 459 -11.97 23.78 1.80
CA LEU D 459 -12.92 23.70 2.90
C LEU D 459 -13.05 24.98 3.68
N GLY D 460 -12.32 26.02 3.32
CA GLY D 460 -12.36 27.26 4.03
C GLY D 460 -10.97 27.66 4.43
N ASN D 461 -10.87 28.45 5.48
CA ASN D 461 -9.60 29.06 5.82
C ASN D 461 -9.58 29.34 7.31
N GLU D 462 -8.47 28.99 7.96
CA GLU D 462 -8.10 29.37 9.34
C GLU D 462 -9.20 29.06 10.35
N SER D 463 -9.59 27.80 10.36
CA SER D 463 -10.64 27.33 11.26
C SER D 463 -10.16 26.10 12.02
N GLY D 464 -8.84 25.99 12.22
CA GLY D 464 -8.26 24.85 12.89
C GLY D 464 -8.52 23.58 12.10
N HIS D 465 -8.42 22.44 12.76
CA HIS D 465 -8.88 21.20 12.16
C HIS D 465 -9.83 20.55 13.15
N GLY D 466 -11.08 20.38 12.72
CA GLY D 466 -12.06 19.69 13.50
C GLY D 466 -12.62 18.52 12.71
N ALA D 467 -13.45 17.73 13.39
CA ALA D 467 -14.04 16.56 12.75
C ALA D 467 -15.03 16.95 11.65
N ASN D 468 -15.63 18.13 11.75
CA ASN D 468 -16.50 18.64 10.70
C ASN D 468 -15.76 18.83 9.38
N HIS D 469 -14.49 19.21 9.45
CA HIS D 469 -13.66 19.30 8.25
C HIS D 469 -13.46 17.95 7.58
N ASP D 470 -13.19 16.91 8.39
CA ASP D 470 -12.98 15.56 7.87
C ASP D 470 -14.25 15.04 7.22
N ALA D 471 -15.39 15.34 7.83
CA ALA D 471 -16.68 14.94 7.29
C ALA D 471 -16.96 15.61 5.94
N LEU D 472 -16.69 16.91 5.86
CA LEU D 472 -17.04 17.66 4.66
C LEU D 472 -16.02 17.43 3.55
N TYR D 473 -14.77 17.15 3.92
CA TYR D 473 -13.78 16.64 2.98
C TYR D 473 -14.31 15.39 2.29
N ARG D 474 -14.79 14.43 3.07
CA ARG D 474 -15.20 13.14 2.53
C ARG D 474 -16.47 13.26 1.73
N TRP D 475 -17.34 14.21 2.13
CA TRP D 475 -18.54 14.52 1.37
C TRP D 475 -18.19 14.97 -0.05
N ILE D 476 -17.25 15.91 -0.16
CA ILE D 476 -16.87 16.44 -1.47
C ILE D 476 -16.22 15.37 -2.32
N LYS D 477 -15.38 14.53 -1.70
CA LYS D 477 -14.74 13.43 -2.41
C LYS D 477 -15.74 12.42 -2.91
N SER D 478 -16.86 12.24 -2.20
CA SER D 478 -17.88 11.32 -2.67
C SER D 478 -18.74 11.95 -3.77
N VAL D 479 -19.06 13.24 -3.64
CA VAL D 479 -20.00 13.89 -4.56
C VAL D 479 -19.30 14.34 -5.84
N ASP D 480 -18.06 14.78 -5.73
CA ASP D 480 -17.30 15.29 -6.87
C ASP D 480 -15.89 14.75 -6.77
N PRO D 481 -15.65 13.54 -7.27
CA PRO D 481 -14.27 12.99 -7.29
C PRO D 481 -13.35 13.63 -8.34
N SER D 482 -13.86 14.50 -9.21
CA SER D 482 -13.07 15.07 -10.30
C SER D 482 -12.17 16.21 -9.87
N ARG D 483 -12.21 16.62 -8.61
CA ARG D 483 -11.41 17.74 -8.14
C ARG D 483 -10.80 17.42 -6.79
N PRO D 484 -9.51 17.68 -6.59
CA PRO D 484 -8.92 17.56 -5.25
C PRO D 484 -9.54 18.54 -4.28
N VAL D 485 -9.44 18.20 -3.01
CA VAL D 485 -9.88 19.02 -1.90
C VAL D 485 -8.66 19.41 -1.10
N GLN D 486 -8.57 20.67 -0.72
CA GLN D 486 -7.46 21.09 0.11
C GLN D 486 -8.00 21.90 1.28
N TYR D 487 -7.19 21.98 2.31
CA TYR D 487 -7.55 22.78 3.47
C TYR D 487 -6.31 22.95 4.33
N GLU D 488 -5.96 24.19 4.63
CA GLU D 488 -4.71 24.47 5.31
C GLU D 488 -4.80 24.22 6.81
N GLY D 489 -5.98 24.32 7.40
CA GLY D 489 -6.08 24.56 8.84
C GLY D 489 -5.64 23.37 9.67
N GLY D 490 -5.13 23.67 10.85
CA GLY D 490 -4.64 22.60 11.68
C GLY D 490 -3.34 22.00 11.20
N GLY D 491 -2.50 22.77 10.53
CA GLY D 491 -1.15 22.34 10.23
C GLY D 491 -0.85 22.02 8.79
N ALA D 492 -1.78 22.22 7.86
CA ALA D 492 -1.58 22.18 6.41
C ALA D 492 -1.43 20.78 5.82
N ASP D 493 -1.44 19.74 6.65
CA ASP D 493 -1.21 18.39 6.13
C ASP D 493 -2.13 17.37 6.80
N THR D 494 -3.29 17.81 7.26
CA THR D 494 -4.21 16.95 7.95
C THR D 494 -4.83 15.92 7.00
N THR D 495 -5.74 15.13 7.56
CA THR D 495 -6.57 14.21 6.78
C THR D 495 -7.63 14.90 5.94
N ALA D 496 -7.87 16.20 6.13
CA ALA D 496 -8.86 16.96 5.40
C ALA D 496 -8.28 17.66 4.17
N THR D 497 -7.09 17.29 3.73
CA THR D 497 -6.54 17.92 2.55
C THR D 497 -5.81 16.89 1.69
N ASP D 498 -5.97 17.01 0.38
CA ASP D 498 -5.25 16.20 -0.60
C ASP D 498 -3.89 16.79 -0.95
N ILE D 499 -3.66 18.02 -0.57
CA ILE D 499 -2.48 18.77 -0.95
C ILE D 499 -1.90 19.36 0.33
N ILE D 500 -0.59 19.22 0.51
CA ILE D 500 0.05 19.96 1.61
C ILE D 500 -0.01 21.42 1.22
N CYS D 501 -0.81 22.21 1.93
CA CYS D 501 -1.09 23.58 1.52
C CYS D 501 -0.82 24.58 2.63
N PRO D 502 0.44 24.71 3.05
CA PRO D 502 0.75 25.64 4.15
C PRO D 502 0.65 27.07 3.71
N MET D 503 0.53 27.94 4.72
CA MET D 503 0.62 29.37 4.53
C MET D 503 1.98 29.81 5.07
N TYR D 504 2.77 30.48 4.23
CA TYR D 504 3.99 31.17 4.62
C TYR D 504 5.04 30.23 5.20
N ALA D 505 5.03 28.97 4.78
CA ALA D 505 6.16 28.10 5.04
C ALA D 505 7.34 28.60 4.24
N ARG D 506 8.49 28.61 4.86
CA ARG D 506 9.65 29.13 4.17
C ARG D 506 10.31 28.05 3.34
N VAL D 507 11.21 28.49 2.46
CA VAL D 507 11.83 27.54 1.53
C VAL D 507 12.81 26.64 2.26
N ASP D 508 13.69 27.23 3.06
CA ASP D 508 14.77 26.53 3.73
C ASP D 508 14.69 26.53 5.24
N GLU D 509 13.93 27.43 5.85
CA GLU D 509 13.94 27.60 7.30
C GLU D 509 12.69 26.98 7.91
N ASP D 510 12.87 26.07 8.88
CA ASP D 510 11.75 25.56 9.65
C ASP D 510 11.26 26.61 10.65
N GLN D 511 9.96 26.56 10.93
CA GLN D 511 9.34 27.39 11.96
C GLN D 511 8.58 26.42 12.86
N PRO D 512 9.23 25.91 13.89
CA PRO D 512 8.69 24.73 14.63
C PRO D 512 7.68 25.07 15.72
N PHE D 513 6.54 25.65 15.33
CA PHE D 513 5.45 25.95 16.26
C PHE D 513 4.89 24.66 16.85
N PRO D 514 4.30 24.71 18.06
CA PRO D 514 4.18 23.49 18.90
C PRO D 514 3.27 22.38 18.38
N ALA D 515 2.09 22.71 17.86
CA ALA D 515 1.23 21.70 17.28
C ALA D 515 0.95 21.90 15.81
N VAL D 516 1.30 23.07 15.29
CA VAL D 516 1.09 23.38 13.88
C VAL D 516 2.38 23.95 13.32
N PRO D 517 3.45 23.14 13.22
CA PRO D 517 4.72 23.69 12.73
C PRO D 517 4.65 23.98 11.25
N LYS D 518 5.41 24.97 10.84
CA LYS D 518 5.57 25.26 9.42
C LYS D 518 6.97 24.82 9.09
N TRP D 519 7.10 23.58 8.64
CA TRP D 519 8.36 23.12 8.11
C TRP D 519 8.73 23.89 6.86
N SER D 520 10.03 23.90 6.56
CA SER D 520 10.48 24.33 5.25
C SER D 520 9.88 23.40 4.21
N ILE D 521 9.46 23.98 3.09
CA ILE D 521 8.66 23.25 2.12
C ILE D 521 9.46 22.12 1.48
N LYS D 522 10.78 22.27 1.38
CA LYS D 522 11.61 21.15 0.93
C LYS D 522 11.61 20.03 1.95
N LYS D 523 11.71 20.38 3.23
CA LYS D 523 11.73 19.36 4.28
C LYS D 523 10.40 18.66 4.44
N TRP D 524 9.30 19.42 4.27
CA TRP D 524 7.94 18.92 4.46
C TRP D 524 7.61 17.79 3.51
N LEU D 525 8.14 17.84 2.30
CA LEU D 525 7.85 16.83 1.30
C LEU D 525 8.41 15.47 1.68
N SER D 526 9.56 15.46 2.38
CA SER D 526 10.24 14.17 2.64
C SER D 526 9.99 13.65 4.06
N LEU D 527 9.11 14.28 4.82
CA LEU D 527 8.80 13.73 6.14
C LEU D 527 8.26 12.33 5.97
N PRO D 528 8.55 11.44 6.93
CA PRO D 528 8.20 10.02 6.80
C PRO D 528 6.70 9.80 6.70
N GLY D 529 6.30 9.11 5.63
CA GLY D 529 4.91 8.89 5.32
C GLY D 529 4.24 10.00 4.55
N GLU D 530 4.96 11.06 4.17
CA GLU D 530 4.35 12.17 3.43
C GLU D 530 4.53 11.94 1.93
N THR D 531 3.43 11.88 1.19
CA THR D 531 3.54 11.68 -0.25
C THR D 531 2.80 12.72 -1.11
N ARG D 532 2.03 13.62 -0.52
CA ARG D 532 1.21 14.53 -1.29
C ARG D 532 2.04 15.61 -1.96
N PRO D 533 1.53 16.24 -3.00
CA PRO D 533 2.16 17.44 -3.52
C PRO D 533 2.00 18.57 -2.52
N LEU D 534 2.83 19.59 -2.66
CA LEU D 534 2.79 20.73 -1.78
C LEU D 534 2.57 21.97 -2.64
N ILE D 535 1.50 22.70 -2.35
CA ILE D 535 1.19 23.95 -3.01
C ILE D 535 0.79 24.92 -1.92
N LEU D 536 1.55 25.99 -1.72
CA LEU D 536 1.28 26.94 -0.66
C LEU D 536 -0.01 27.67 -0.95
N CYS D 537 -0.97 27.59 -0.05
CA CYS D 537 -2.21 28.32 -0.30
C CYS D 537 -1.99 29.81 -0.13
N GLU D 538 -1.02 30.23 0.70
CA GLU D 538 -0.56 31.61 0.79
C GLU D 538 0.95 31.62 0.97
N TYR D 539 1.63 32.50 0.28
CA TYR D 539 3.05 32.72 0.51
C TYR D 539 3.39 34.09 -0.06
N ALA D 540 4.56 34.59 0.35
CA ALA D 540 5.16 35.83 -0.15
C ALA D 540 4.24 37.02 0.13
N HIS D 541 4.13 37.35 1.42
CA HIS D 541 3.12 38.28 1.90
C HIS D 541 3.45 39.67 1.40
N ALA D 542 2.63 40.20 0.49
CA ALA D 542 3.01 41.36 -0.30
C ALA D 542 2.63 42.70 0.35
N MET D 543 2.71 42.76 1.67
CA MET D 543 2.36 43.93 2.44
C MET D 543 3.37 45.03 2.22
N GLY D 544 2.97 46.03 1.45
CA GLY D 544 3.80 47.19 1.22
C GLY D 544 5.01 46.82 0.38
N ASN D 545 6.15 47.34 0.80
CA ASN D 545 7.40 47.09 0.12
C ASN D 545 7.82 45.67 0.49
N SER D 546 7.46 44.69 -0.34
CA SER D 546 7.66 43.32 0.09
C SER D 546 8.05 42.48 -1.11
N LEU D 547 7.80 41.17 -0.99
CA LEU D 547 8.20 40.12 -1.94
C LEU D 547 9.71 39.94 -1.99
N GLY D 548 10.41 40.29 -0.92
CA GLY D 548 11.81 39.94 -0.83
C GLY D 548 11.93 38.43 -0.69
N GLY D 549 12.92 37.87 -1.38
CA GLY D 549 13.08 36.44 -1.33
C GLY D 549 12.13 35.66 -2.20
N PHE D 550 11.43 36.33 -3.11
CA PHE D 550 10.46 35.66 -3.96
C PHE D 550 11.14 34.69 -4.92
N ALA D 551 12.35 35.03 -5.36
CA ALA D 551 13.07 34.18 -6.30
C ALA D 551 13.50 32.85 -5.66
N LYS D 552 13.67 32.84 -4.34
CA LYS D 552 14.03 31.61 -3.65
C LYS D 552 12.92 30.59 -3.70
N TYR D 553 11.67 31.04 -3.65
CA TYR D 553 10.53 30.17 -3.81
C TYR D 553 10.50 29.56 -5.20
N TRP D 554 10.73 30.39 -6.22
CA TRP D 554 10.58 29.91 -7.58
C TRP D 554 11.76 29.08 -8.02
N GLN D 555 12.92 29.28 -7.40
CA GLN D 555 14.00 28.32 -7.60
C GLN D 555 13.60 26.97 -7.01
N ALA D 556 12.97 26.98 -5.84
CA ALA D 556 12.61 25.73 -5.19
C ALA D 556 11.50 25.02 -5.94
N PHE D 557 10.54 25.79 -6.47
CA PHE D 557 9.44 25.20 -7.23
C PHE D 557 9.95 24.54 -8.51
N ARG D 558 10.92 25.14 -9.14
CA ARG D 558 11.42 24.56 -10.38
C ARG D 558 12.30 23.34 -10.12
N GLN D 559 13.00 23.32 -9.00
CA GLN D 559 13.90 22.19 -8.72
C GLN D 559 13.16 20.97 -8.20
N TYR D 560 12.12 21.15 -7.40
CA TYR D 560 11.50 20.02 -6.71
C TYR D 560 10.19 19.68 -7.39
N PRO D 561 9.99 18.44 -7.86
CA PRO D 561 8.74 18.11 -8.57
C PRO D 561 7.46 18.22 -7.74
N ARG D 562 7.49 17.80 -6.48
CA ARG D 562 6.27 17.91 -5.70
C ARG D 562 6.06 19.30 -5.10
N LEU D 563 6.96 20.25 -5.31
CA LEU D 563 6.67 21.66 -4.99
C LEU D 563 6.03 22.26 -6.22
N GLN D 564 4.70 22.32 -6.21
CA GLN D 564 3.99 22.70 -7.44
C GLN D 564 3.44 24.11 -7.39
N GLY D 565 4.06 24.97 -6.58
CA GLY D 565 3.82 26.38 -6.67
C GLY D 565 3.08 26.88 -5.48
N GLY D 566 2.28 27.92 -5.67
CA GLY D 566 1.53 28.46 -4.56
C GLY D 566 0.77 29.69 -4.98
N PHE D 567 0.13 30.29 -3.99
CA PHE D 567 -0.72 31.45 -4.22
C PHE D 567 -0.19 32.60 -3.39
N VAL D 568 0.24 33.67 -4.06
CA VAL D 568 0.74 34.86 -3.38
C VAL D 568 -0.39 35.50 -2.59
N TRP D 569 -0.07 35.98 -1.38
CA TRP D 569 -0.97 36.85 -0.62
C TRP D 569 -0.48 38.29 -0.77
N ASP D 570 -1.28 39.13 -1.41
CA ASP D 570 -2.43 38.73 -2.20
C ASP D 570 -2.56 39.73 -3.35
N TRP D 571 -3.70 39.74 -4.02
CA TRP D 571 -3.76 40.46 -5.30
C TRP D 571 -3.87 41.98 -5.12
N VAL D 572 -4.87 42.44 -4.37
CA VAL D 572 -5.20 43.86 -4.36
C VAL D 572 -5.26 44.33 -2.92
N ASP D 573 -4.69 45.52 -2.67
CA ASP D 573 -4.82 46.22 -1.40
C ASP D 573 -6.29 46.41 -1.04
N GLN D 574 -6.65 46.13 0.21
CA GLN D 574 -8.02 46.40 0.66
C GLN D 574 -8.14 47.81 1.23
N SER D 575 -7.63 48.82 0.54
CA SER D 575 -7.85 50.18 0.97
C SER D 575 -9.22 50.64 0.49
N LEU D 576 -9.79 51.58 1.23
CA LEU D 576 -11.02 52.24 0.84
C LEU D 576 -10.75 53.72 0.68
N ILE D 577 -11.55 54.37 -0.14
CA ILE D 577 -11.39 55.80 -0.42
C ILE D 577 -12.19 56.59 0.60
N LYS D 578 -11.54 57.56 1.23
CA LYS D 578 -12.24 58.60 1.95
C LYS D 578 -11.94 59.93 1.28
N TYR D 579 -12.57 60.99 1.78
CA TYR D 579 -12.44 62.29 1.16
C TYR D 579 -12.05 63.30 2.22
N ASP D 580 -11.07 64.12 1.90
CA ASP D 580 -10.69 65.22 2.78
C ASP D 580 -11.75 66.32 2.66
N GLU D 581 -11.64 67.35 3.51
CA GLU D 581 -12.64 68.43 3.58
C GLU D 581 -12.73 69.27 2.31
N ASN D 582 -11.69 69.28 1.48
CA ASN D 582 -11.71 69.97 0.18
C ASN D 582 -12.16 69.08 -0.95
N GLY D 583 -12.47 67.81 -0.68
CA GLY D 583 -12.99 66.91 -1.67
C GLY D 583 -11.99 65.93 -2.25
N ASN D 584 -10.71 66.03 -1.88
CA ASN D 584 -9.69 65.18 -2.48
C ASN D 584 -9.77 63.77 -1.89
N PRO D 585 -9.83 62.74 -2.72
CA PRO D 585 -9.92 61.38 -2.20
C PRO D 585 -8.57 60.92 -1.65
N TRP D 586 -8.61 60.02 -0.68
CA TRP D 586 -7.37 59.41 -0.23
C TRP D 586 -7.63 57.99 0.23
N SER D 587 -6.60 57.16 0.12
CA SER D 587 -6.71 55.75 0.44
C SER D 587 -6.65 55.54 1.94
N ALA D 588 -7.66 54.88 2.48
CA ALA D 588 -7.82 54.68 3.91
C ALA D 588 -7.69 53.20 4.23
N TYR D 589 -7.18 52.92 5.43
CA TYR D 589 -7.09 51.55 5.89
C TYR D 589 -7.79 51.50 7.25
N GLY D 590 -7.58 50.37 7.96
CA GLY D 590 -7.96 50.04 9.33
C GLY D 590 -8.96 50.87 10.08
N GLY D 591 -8.47 51.67 11.01
CA GLY D 591 -9.30 52.52 11.85
C GLY D 591 -9.54 53.93 11.33
N ASP D 592 -9.57 54.12 10.02
CA ASP D 592 -9.85 55.43 9.43
C ASP D 592 -11.35 55.73 9.36
N PHE D 593 -12.21 54.84 9.83
CA PHE D 593 -13.64 55.06 9.82
C PHE D 593 -14.23 55.11 11.23
N GLY D 594 -13.38 55.31 12.24
CA GLY D 594 -13.78 55.17 13.62
C GLY D 594 -13.97 53.75 14.10
N ASP D 595 -13.59 52.78 13.26
CA ASP D 595 -13.87 51.35 13.55
C ASP D 595 -12.79 50.82 14.53
N THR D 596 -13.20 50.47 15.74
CA THR D 596 -12.25 49.92 16.75
C THR D 596 -12.86 48.64 17.34
N PRO D 597 -12.06 47.72 17.91
CA PRO D 597 -10.63 47.63 17.58
C PRO D 597 -10.39 47.23 16.13
N ASN D 598 -9.44 47.91 15.46
CA ASN D 598 -9.08 47.55 14.06
C ASN D 598 -7.68 46.94 14.03
N ASP D 599 -7.18 46.66 12.83
CA ASP D 599 -5.80 46.20 12.66
C ASP D 599 -5.02 47.03 11.67
N ARG D 600 -5.44 48.30 11.45
CA ARG D 600 -4.67 49.34 10.77
C ARG D 600 -4.36 48.94 9.33
N GLN D 601 -3.11 48.98 8.90
CA GLN D 601 -2.71 48.81 7.52
C GLN D 601 -2.58 47.36 7.12
N PHE D 602 -2.97 46.42 7.97
CA PHE D 602 -2.83 45.02 7.62
C PHE D 602 -3.84 44.55 6.56
N CYS D 603 -4.85 45.34 6.23
CA CYS D 603 -5.75 45.02 5.12
C CYS D 603 -5.10 45.23 3.75
N MET D 604 -3.96 45.91 3.68
CA MET D 604 -3.30 46.22 2.41
C MET D 604 -2.11 45.28 2.25
N ASN D 605 -2.34 44.17 1.56
CA ASN D 605 -1.31 43.17 1.30
C ASN D 605 -1.16 42.91 -0.19
N GLY D 606 -1.51 43.85 -1.03
CA GLY D 606 -1.70 43.54 -2.42
C GLY D 606 -0.46 43.73 -3.27
N LEU D 607 -0.44 42.99 -4.38
CA LEU D 607 0.48 43.26 -5.47
C LEU D 607 0.09 44.51 -6.25
N VAL D 608 -1.18 44.88 -6.21
CA VAL D 608 -1.62 46.09 -6.85
C VAL D 608 -2.36 46.93 -5.82
N PHE D 609 -2.36 48.24 -6.06
CA PHE D 609 -3.19 49.16 -5.31
C PHE D 609 -4.67 48.86 -5.58
N ALA D 610 -5.53 49.44 -4.73
CA ALA D 610 -6.97 49.20 -4.82
C ALA D 610 -7.58 49.72 -6.14
N ASP D 611 -6.96 50.73 -6.77
CA ASP D 611 -7.32 51.14 -8.12
C ASP D 611 -6.63 50.30 -9.22
N ARG D 612 -6.00 49.20 -8.85
CA ARG D 612 -5.38 48.21 -9.73
C ARG D 612 -4.11 48.73 -10.42
N THR D 613 -3.54 49.82 -9.93
CA THR D 613 -2.19 50.22 -10.36
C THR D 613 -1.17 49.31 -9.69
N PRO D 614 -0.15 48.83 -10.41
CA PRO D 614 0.75 47.83 -9.82
C PRO D 614 1.70 48.41 -8.78
N HIS D 615 1.91 47.66 -7.71
CA HIS D 615 3.06 47.89 -6.85
C HIS D 615 4.32 47.42 -7.59
N PRO D 616 5.51 47.83 -7.11
CA PRO D 616 6.74 47.35 -7.74
C PRO D 616 6.98 45.86 -7.60
N ALA D 617 6.41 45.20 -6.60
CA ALA D 617 6.59 43.77 -6.39
C ALA D 617 6.01 42.93 -7.53
N LEU D 618 4.98 43.44 -8.21
CA LEU D 618 4.31 42.73 -9.29
C LEU D 618 5.26 42.39 -10.44
N THR D 619 6.22 43.26 -10.75
CA THR D 619 7.15 42.93 -11.81
C THR D 619 8.11 41.83 -11.38
N GLU D 620 8.45 41.78 -10.09
CA GLU D 620 9.24 40.65 -9.59
C GLU D 620 8.45 39.36 -9.69
N ALA D 621 7.14 39.44 -9.44
CA ALA D 621 6.28 38.27 -9.58
C ALA D 621 6.19 37.83 -11.03
N LYS D 622 6.12 38.80 -11.95
CA LYS D 622 6.04 38.50 -13.38
C LYS D 622 7.30 37.83 -13.88
N HIS D 623 8.45 38.29 -13.39
CA HIS D 623 9.72 37.74 -13.87
C HIS D 623 9.94 36.33 -13.35
N GLN D 624 9.67 36.11 -12.05
CA GLN D 624 9.91 34.79 -11.50
C GLN D 624 8.91 33.76 -12.02
N GLN D 625 7.72 34.20 -12.40
CA GLN D 625 6.67 33.30 -12.86
C GLN D 625 6.66 33.13 -14.37
N GLN D 626 7.65 33.67 -15.07
CA GLN D 626 7.62 33.68 -16.53
C GLN D 626 7.74 32.27 -17.11
N PHE D 627 7.09 32.06 -18.24
CA PHE D 627 6.92 30.72 -18.76
C PHE D 627 8.07 30.30 -19.66
N PHE D 628 9.05 31.15 -19.86
CA PHE D 628 10.25 30.79 -20.58
C PHE D 628 11.43 31.00 -19.64
N GLN D 629 12.31 30.03 -19.60
CA GLN D 629 13.50 30.09 -18.77
C GLN D 629 14.73 30.06 -19.67
N PHE D 630 15.79 30.74 -19.25
CA PHE D 630 16.92 31.02 -20.13
C PHE D 630 18.23 30.58 -19.50
N ARG D 631 19.11 30.06 -20.32
CA ARG D 631 20.47 29.73 -19.93
C ARG D 631 21.40 30.18 -21.05
N LEU D 632 22.48 30.84 -20.68
CA LEU D 632 23.49 31.28 -21.64
C LEU D 632 24.71 30.40 -21.48
N SER D 633 24.94 29.51 -22.45
CA SER D 633 26.17 28.72 -22.48
C SER D 633 27.32 29.69 -22.69
N GLY D 634 27.67 29.94 -23.94
CA GLY D 634 28.68 30.96 -24.21
C GLY D 634 28.19 31.99 -25.19
N GLN D 635 27.87 31.58 -26.41
CA GLN D 635 27.21 32.44 -27.39
C GLN D 635 25.80 31.98 -27.65
N THR D 636 25.39 30.91 -27.00
CA THR D 636 24.10 30.31 -27.26
C THR D 636 23.16 30.61 -26.11
N ILE D 637 21.93 31.00 -26.45
CA ILE D 637 20.84 31.13 -25.49
C ILE D 637 19.99 29.88 -25.64
N GLU D 638 19.79 29.17 -24.54
CA GLU D 638 18.90 28.04 -24.54
C GLU D 638 17.59 28.48 -23.89
N VAL D 639 16.51 28.41 -24.65
CA VAL D 639 15.19 28.77 -24.17
C VAL D 639 14.46 27.51 -23.76
N THR D 640 13.90 27.49 -22.55
CA THR D 640 13.10 26.36 -22.11
C THR D 640 11.67 26.84 -21.92
N SER D 641 10.73 26.09 -22.47
CA SER D 641 9.32 26.39 -22.32
C SER D 641 8.78 25.72 -21.07
N GLU D 642 8.10 26.50 -20.22
CA GLU D 642 7.34 25.93 -19.11
C GLU D 642 5.85 25.89 -19.40
N TYR D 643 5.46 26.09 -20.65
CA TYR D 643 4.10 25.73 -21.04
C TYR D 643 3.95 24.22 -21.10
N LEU D 644 2.79 23.73 -20.67
CA LEU D 644 2.53 22.31 -20.70
C LEU D 644 1.84 21.88 -21.98
N PHE D 645 1.06 22.77 -22.59
CA PHE D 645 0.11 22.39 -23.62
C PHE D 645 0.24 23.14 -24.92
N ARG D 646 0.78 24.33 -24.93
CA ARG D 646 0.84 25.12 -26.14
C ARG D 646 2.28 25.29 -26.60
N HIS D 647 2.45 25.21 -27.91
CA HIS D 647 3.66 25.64 -28.59
C HIS D 647 3.78 27.16 -28.51
N SER D 648 5.01 27.67 -28.59
CA SER D 648 5.26 29.11 -28.53
C SER D 648 4.95 29.74 -29.89
N ASP D 649 3.66 29.90 -30.15
CA ASP D 649 3.21 30.33 -31.46
C ASP D 649 2.92 31.83 -31.54
N ASN D 650 3.18 32.56 -30.47
CA ASN D 650 2.97 34.01 -30.45
C ASN D 650 4.13 34.65 -29.70
N GLU D 651 5.36 34.30 -30.07
CA GLU D 651 6.52 34.67 -29.28
C GLU D 651 7.68 35.06 -30.19
N LEU D 652 8.30 36.18 -29.86
CA LEU D 652 9.45 36.68 -30.60
C LEU D 652 10.53 37.07 -29.61
N LEU D 653 11.67 36.39 -29.67
CA LEU D 653 12.80 36.74 -28.82
C LEU D 653 13.51 37.95 -29.42
N HIS D 654 13.65 38.99 -28.62
CA HIS D 654 14.50 40.13 -28.92
C HIS D 654 15.71 40.05 -28.02
N TRP D 655 16.89 40.17 -28.60
CA TRP D 655 18.11 40.22 -27.81
C TRP D 655 18.81 41.54 -28.07
N MET D 656 19.55 41.99 -27.07
CA MET D 656 20.30 43.23 -27.21
C MET D 656 21.57 43.13 -26.38
N VAL D 657 22.68 43.56 -26.97
CA VAL D 657 23.94 43.67 -26.25
C VAL D 657 24.26 45.14 -26.09
N ALA D 658 24.48 45.58 -24.86
CA ALA D 658 24.84 46.97 -24.62
C ALA D 658 26.10 47.03 -23.76
N LEU D 659 26.82 48.13 -23.89
CA LEU D 659 28.05 48.35 -23.13
C LEU D 659 27.78 49.46 -22.13
N ASP D 660 27.25 49.09 -20.97
CA ASP D 660 26.87 50.04 -19.91
C ASP D 660 25.82 51.05 -20.40
N GLY D 661 24.73 50.51 -20.94
CA GLY D 661 23.59 51.30 -21.37
C GLY D 661 23.54 51.57 -22.86
N LYS D 662 24.71 51.67 -23.48
CA LYS D 662 24.79 52.02 -24.89
C LYS D 662 24.59 50.79 -25.76
N PRO D 663 23.62 50.80 -26.67
CA PRO D 663 23.35 49.61 -27.50
C PRO D 663 24.45 49.37 -28.51
N LEU D 664 24.98 48.17 -28.54
CA LEU D 664 26.01 47.80 -29.51
C LEU D 664 25.50 46.91 -30.62
N ALA D 665 24.63 45.94 -30.29
CA ALA D 665 24.07 45.01 -31.26
C ALA D 665 22.66 44.62 -30.80
N SER D 666 21.82 44.21 -31.75
CA SER D 666 20.50 43.71 -31.38
C SER D 666 19.94 42.89 -32.53
N GLY D 667 19.01 42.00 -32.18
CA GLY D 667 18.43 41.10 -33.16
C GLY D 667 17.08 40.59 -32.71
N GLU D 668 16.45 39.83 -33.60
CA GLU D 668 15.13 39.24 -33.38
C GLU D 668 15.18 37.80 -33.84
N VAL D 669 14.58 36.92 -33.05
CA VAL D 669 14.57 35.49 -33.32
C VAL D 669 13.18 34.96 -32.95
N PRO D 670 12.41 34.39 -33.88
CA PRO D 670 11.13 33.78 -33.49
C PRO D 670 11.31 32.55 -32.59
N LEU D 671 10.47 32.45 -31.58
CA LEU D 671 10.51 31.31 -30.69
C LEU D 671 9.76 30.15 -31.33
N ASP D 672 10.36 28.98 -31.24
CA ASP D 672 9.86 27.76 -31.87
C ASP D 672 10.19 26.66 -30.88
N VAL D 673 9.48 26.67 -29.76
CA VAL D 673 9.75 25.70 -28.70
C VAL D 673 8.46 25.00 -28.35
N ALA D 674 8.51 23.66 -28.29
CA ALA D 674 7.39 22.84 -27.88
C ALA D 674 7.12 23.04 -26.39
N PRO D 675 5.96 22.57 -25.91
CA PRO D 675 5.69 22.56 -24.46
C PRO D 675 6.70 21.70 -23.73
N GLN D 676 7.34 22.31 -22.73
CA GLN D 676 8.38 21.69 -21.91
C GLN D 676 9.63 21.35 -22.71
N GLY D 677 9.87 22.04 -23.82
CA GLY D 677 10.99 21.78 -24.68
C GLY D 677 12.00 22.91 -24.67
N LYS D 678 13.00 22.75 -25.53
CA LYS D 678 14.10 23.69 -25.54
C LYS D 678 14.38 24.14 -26.96
N GLN D 679 14.81 25.38 -27.10
CA GLN D 679 15.26 25.92 -28.37
C GLN D 679 16.61 26.57 -28.16
N LEU D 680 17.58 26.20 -28.98
CA LEU D 680 18.91 26.79 -28.92
C LEU D 680 18.96 27.95 -29.90
N ILE D 681 19.43 29.09 -29.43
CA ILE D 681 19.54 30.29 -30.23
C ILE D 681 20.99 30.75 -30.17
N GLU D 682 21.70 30.61 -31.29
CA GLU D 682 23.09 31.03 -31.35
C GLU D 682 23.15 32.49 -31.75
N LEU D 683 23.65 33.33 -30.84
CA LEU D 683 23.86 34.73 -31.14
C LEU D 683 24.97 34.88 -32.18
N PRO D 684 24.88 35.90 -33.05
CA PRO D 684 25.99 36.19 -33.98
C PRO D 684 27.29 36.62 -33.31
N GLU D 685 28.28 36.97 -34.12
CA GLU D 685 29.55 37.41 -33.58
C GLU D 685 29.37 38.79 -32.98
N LEU D 686 29.40 38.85 -31.64
CA LEU D 686 29.19 40.09 -30.95
C LEU D 686 30.38 41.00 -31.18
N PRO D 687 30.17 42.31 -31.19
CA PRO D 687 31.28 43.21 -31.51
C PRO D 687 32.03 43.55 -30.24
N GLN D 688 33.19 42.92 -30.08
CA GLN D 688 34.01 43.15 -28.90
C GLN D 688 34.56 44.58 -28.92
N PRO D 689 33.93 45.51 -28.18
CA PRO D 689 34.26 46.92 -28.31
C PRO D 689 35.66 47.30 -27.80
N GLU D 690 35.91 48.59 -27.80
CA GLU D 690 37.24 49.09 -27.37
C GLU D 690 37.11 49.80 -26.02
N SER D 691 35.97 50.46 -25.78
CA SER D 691 35.84 51.20 -24.53
C SER D 691 35.88 50.24 -23.36
N ALA D 692 36.32 50.75 -22.21
CA ALA D 692 36.18 50.01 -20.98
C ALA D 692 34.70 49.86 -20.62
N GLY D 693 34.41 48.90 -19.77
CA GLY D 693 33.06 48.71 -19.28
C GLY D 693 32.55 47.30 -19.49
N GLN D 694 31.37 47.06 -18.93
CA GLN D 694 30.77 45.74 -18.88
C GLN D 694 29.76 45.59 -20.02
N LEU D 695 29.93 44.54 -20.82
CA LEU D 695 28.94 44.21 -21.84
C LEU D 695 27.80 43.43 -21.19
N TRP D 696 26.58 43.77 -21.56
CA TRP D 696 25.39 43.12 -21.01
C TRP D 696 24.52 42.60 -22.14
N LEU D 697 24.05 41.37 -21.99
CA LEU D 697 23.11 40.79 -22.93
C LEU D 697 21.74 40.71 -22.26
N THR D 698 20.72 41.25 -22.93
CA THR D 698 19.36 41.23 -22.44
C THR D 698 18.48 40.59 -23.50
N VAL D 699 17.67 39.61 -23.12
CA VAL D 699 16.68 39.03 -24.01
C VAL D 699 15.29 39.32 -23.44
N ARG D 700 14.31 39.50 -24.33
CA ARG D 700 12.93 39.69 -23.93
C ARG D 700 12.05 38.93 -24.92
N VAL D 701 11.11 38.16 -24.42
CA VAL D 701 10.10 37.54 -25.26
C VAL D 701 8.92 38.49 -25.41
N VAL D 702 8.63 38.88 -26.64
CA VAL D 702 7.49 39.73 -26.96
C VAL D 702 6.46 38.86 -27.66
N GLN D 703 5.18 39.16 -27.43
CA GLN D 703 4.09 38.55 -28.15
C GLN D 703 3.69 39.51 -29.28
N PRO D 704 4.00 39.18 -30.54
CA PRO D 704 3.67 40.13 -31.62
C PRO D 704 2.19 40.27 -31.87
N ASN D 705 1.38 39.28 -31.53
CA ASN D 705 -0.06 39.35 -31.75
C ASN D 705 -0.76 39.58 -30.42
N ALA D 706 -1.83 40.38 -30.46
CA ALA D 706 -2.70 40.52 -29.30
C ALA D 706 -3.39 39.20 -29.02
N THR D 707 -3.73 38.99 -27.76
CA THR D 707 -4.57 37.87 -27.39
C THR D 707 -5.85 38.43 -26.80
N ALA D 708 -6.63 37.56 -26.17
CA ALA D 708 -7.81 38.04 -25.45
C ALA D 708 -7.45 38.79 -24.16
N TRP D 709 -6.22 38.62 -23.66
CA TRP D 709 -5.79 39.18 -22.38
C TRP D 709 -4.58 40.10 -22.48
N SER D 710 -4.04 40.35 -23.68
CA SER D 710 -2.84 41.17 -23.78
C SER D 710 -2.79 41.87 -25.12
N GLU D 711 -2.14 43.03 -25.15
CA GLU D 711 -2.00 43.81 -26.36
C GLU D 711 -0.86 43.25 -27.20
N ALA D 712 -0.82 43.68 -28.47
CA ALA D 712 0.33 43.39 -29.32
C ALA D 712 1.59 44.03 -28.75
N GLY D 713 2.70 43.28 -28.79
CA GLY D 713 3.95 43.78 -28.27
C GLY D 713 4.16 43.53 -26.79
N HIS D 714 3.28 42.76 -26.15
CA HIS D 714 3.39 42.44 -24.73
C HIS D 714 4.65 41.64 -24.45
N ILE D 715 5.42 42.07 -23.46
CA ILE D 715 6.60 41.35 -23.03
C ILE D 715 6.18 40.32 -22.00
N SER D 716 6.56 39.07 -22.22
CA SER D 716 6.14 38.03 -21.31
C SER D 716 7.27 37.46 -20.47
N ALA D 717 8.52 37.75 -20.79
CA ALA D 717 9.65 37.12 -20.14
C ALA D 717 10.91 37.85 -20.56
N TRP D 718 11.91 37.82 -19.68
CA TRP D 718 13.18 38.46 -20.03
C TRP D 718 14.27 37.90 -19.13
N GLN D 719 15.50 38.20 -19.48
CA GLN D 719 16.63 37.76 -18.69
C GLN D 719 17.84 38.53 -19.18
N GLN D 720 18.77 38.78 -18.28
CA GLN D 720 19.98 39.52 -18.62
C GLN D 720 21.19 38.77 -18.09
N TRP D 721 22.28 38.85 -18.83
CA TRP D 721 23.55 38.25 -18.44
C TRP D 721 24.67 39.26 -18.61
N ARG D 722 25.69 39.11 -17.78
CA ARG D 722 26.95 39.79 -18.05
C ARG D 722 27.70 39.02 -19.12
N LEU D 723 28.21 39.74 -20.10
CA LEU D 723 29.12 39.16 -21.07
C LEU D 723 30.57 39.49 -20.72
N ALA D 724 31.39 39.82 -21.72
CA ALA D 724 32.78 40.15 -21.45
C ALA D 724 32.88 41.51 -20.80
N GLU D 725 33.84 41.67 -19.90
CA GLU D 725 34.15 42.94 -19.25
C GLU D 725 35.56 43.37 -19.64
N ASN D 726 35.75 44.66 -19.83
CA ASN D 726 37.07 45.23 -20.09
C ASN D 726 37.32 46.29 -19.02
N LEU D 727 38.17 45.96 -18.04
CA LEU D 727 38.52 46.89 -16.98
C LEU D 727 39.32 48.04 -17.57
N SER D 728 39.02 49.25 -17.11
CA SER D 728 39.76 50.41 -17.57
C SER D 728 41.07 50.52 -16.81
N VAL D 729 42.15 50.73 -17.54
CA VAL D 729 43.44 51.04 -16.95
C VAL D 729 43.96 52.39 -17.41
N THR D 730 43.13 53.19 -18.06
CA THR D 730 43.55 54.49 -18.55
C THR D 730 43.75 55.46 -17.40
N LEU D 731 44.72 56.36 -17.56
CA LEU D 731 45.04 57.31 -16.50
C LEU D 731 44.39 58.66 -16.76
N PRO D 732 43.89 59.30 -15.71
CA PRO D 732 43.51 60.72 -15.76
C PRO D 732 44.75 61.60 -15.70
N ALA D 737 43.74 72.39 -12.61
CA ALA D 737 44.48 73.20 -11.66
C ALA D 737 44.83 72.40 -10.41
N ILE D 738 44.72 73.06 -9.26
CA ILE D 738 44.95 72.43 -7.96
C ILE D 738 44.01 73.10 -6.97
N PRO D 739 43.20 72.34 -6.25
CA PRO D 739 42.23 72.95 -5.34
C PRO D 739 42.87 73.60 -4.13
N HIS D 740 42.35 74.76 -3.76
CA HIS D 740 42.94 75.60 -2.72
C HIS D 740 42.18 75.38 -1.42
N LEU D 741 42.92 75.19 -0.33
CA LEU D 741 42.35 74.84 0.96
C LEU D 741 42.42 76.02 1.91
N THR D 742 41.26 76.53 2.30
CA THR D 742 41.15 77.54 3.34
C THR D 742 40.92 76.86 4.68
N THR D 743 41.72 77.20 5.67
CA THR D 743 41.58 76.68 7.03
C THR D 743 41.09 77.80 7.94
N SER D 744 39.84 77.70 8.39
CA SER D 744 39.40 78.50 9.50
C SER D 744 39.28 77.59 10.72
N GLU D 745 39.02 78.18 11.88
CA GLU D 745 38.89 77.37 13.09
C GLU D 745 37.61 76.56 13.09
N MET D 746 36.59 77.01 12.36
CA MET D 746 35.29 76.39 12.32
C MET D 746 35.06 75.49 11.11
N ASP D 747 35.81 75.67 10.03
CA ASP D 747 35.52 74.97 8.79
C ASP D 747 36.79 74.81 7.95
N PHE D 748 36.78 73.82 7.09
CA PHE D 748 37.71 73.69 5.97
C PHE D 748 36.96 74.01 4.68
N CYS D 749 37.51 74.90 3.87
CA CYS D 749 36.92 75.30 2.60
C CYS D 749 37.91 75.03 1.48
N ILE D 750 37.45 74.30 0.47
CA ILE D 750 38.25 73.92 -0.69
C ILE D 750 37.67 74.62 -1.91
N GLU D 751 38.52 75.40 -2.59
CA GLU D 751 38.12 76.16 -3.77
C GLU D 751 38.83 75.62 -5.00
N LEU D 752 38.07 75.43 -6.06
CA LEU D 752 38.63 75.10 -7.36
C LEU D 752 37.73 75.68 -8.42
N GLY D 753 38.21 76.72 -9.10
CA GLY D 753 37.41 77.36 -10.12
C GLY D 753 36.27 78.12 -9.49
N ASN D 754 35.07 77.95 -10.04
CA ASN D 754 33.92 78.56 -9.41
C ASN D 754 33.52 77.83 -8.13
N LYS D 755 33.91 76.57 -7.96
CA LYS D 755 33.32 75.70 -6.95
C LYS D 755 33.97 75.82 -5.58
N ARG D 756 33.19 75.44 -4.56
CA ARG D 756 33.66 75.40 -3.19
C ARG D 756 33.10 74.18 -2.49
N TRP D 757 33.87 73.63 -1.57
CA TRP D 757 33.41 72.59 -0.68
C TRP D 757 33.65 73.08 0.73
N GLN D 758 32.68 72.89 1.60
CA GLN D 758 32.79 73.37 2.97
C GLN D 758 32.63 72.20 3.91
N PHE D 759 33.62 72.02 4.79
CA PHE D 759 33.60 70.97 5.80
C PHE D 759 33.57 71.63 7.16
N ASN D 760 32.45 71.46 7.87
CA ASN D 760 32.30 71.91 9.24
C ASN D 760 33.29 71.14 10.11
N ARG D 761 34.23 71.85 10.74
CA ARG D 761 35.22 71.18 11.56
C ARG D 761 34.66 70.73 12.89
N GLN D 762 33.50 71.26 13.31
CA GLN D 762 32.90 70.83 14.56
C GLN D 762 32.04 69.59 14.37
N SER D 763 31.24 69.56 13.32
CA SER D 763 30.48 68.36 12.98
C SER D 763 31.31 67.34 12.23
N GLY D 764 32.27 67.77 11.43
CA GLY D 764 33.09 66.88 10.65
C GLY D 764 32.50 66.49 9.32
N PHE D 765 31.38 67.07 8.94
CA PHE D 765 30.67 66.71 7.72
C PHE D 765 30.82 67.79 6.67
N LEU D 766 30.72 67.38 5.40
CA LEU D 766 30.61 68.35 4.31
C LEU D 766 29.28 69.06 4.43
N SER D 767 29.33 70.34 4.81
CA SER D 767 28.15 71.10 5.18
C SER D 767 27.57 71.90 4.03
N GLN D 768 28.38 72.26 3.04
CA GLN D 768 27.87 73.07 1.95
C GLN D 768 28.79 72.95 0.74
N MET D 769 28.19 73.07 -0.44
CA MET D 769 28.87 73.04 -1.72
C MET D 769 28.41 74.22 -2.56
N TRP D 770 29.31 74.79 -3.36
CA TRP D 770 29.02 75.94 -4.21
C TRP D 770 29.30 75.61 -5.66
N ILE D 771 28.27 75.68 -6.51
CA ILE D 771 28.47 75.77 -7.95
C ILE D 771 28.11 77.18 -8.40
N GLY D 772 29.12 77.95 -8.82
CA GLY D 772 28.83 79.32 -9.20
C GLY D 772 28.60 80.15 -7.95
N ASP D 773 27.38 80.69 -7.78
CA ASP D 773 27.02 81.39 -6.55
C ASP D 773 26.09 80.59 -5.65
N LYS D 774 25.56 79.47 -6.11
CA LYS D 774 24.40 78.84 -5.52
C LYS D 774 24.80 77.65 -4.66
N LYS D 775 24.26 77.63 -3.45
CA LYS D 775 24.50 76.52 -2.54
C LYS D 775 23.81 75.27 -3.07
N GLN D 776 24.42 74.12 -2.83
CA GLN D 776 23.90 72.88 -3.37
C GLN D 776 23.21 72.00 -2.33
N LEU D 777 23.47 72.20 -1.05
CA LEU D 777 22.91 71.36 0.00
C LEU D 777 22.04 72.19 0.93
N LEU D 778 20.95 71.58 1.40
CA LEU D 778 20.16 72.13 2.49
C LEU D 778 20.42 71.42 3.81
N THR D 779 21.08 70.28 3.77
CA THR D 779 21.34 69.49 4.93
C THR D 779 22.67 68.83 4.63
N PRO D 780 23.57 68.75 5.61
CA PRO D 780 24.93 68.24 5.36
C PRO D 780 24.95 66.77 4.95
N LEU D 781 25.99 66.40 4.21
CA LEU D 781 26.16 65.01 3.82
C LEU D 781 26.56 64.20 5.05
N ARG D 782 25.72 63.25 5.43
CA ARG D 782 25.88 62.55 6.69
C ARG D 782 25.59 61.06 6.53
N ASP D 783 26.29 60.24 7.32
CA ASP D 783 26.02 58.81 7.36
C ASP D 783 24.63 58.52 7.86
N GLN D 784 24.06 57.45 7.35
CA GLN D 784 22.71 57.03 7.68
C GLN D 784 22.71 55.52 7.81
N PHE D 785 22.19 55.02 8.92
CA PHE D 785 22.19 53.60 9.18
C PHE D 785 20.79 53.04 9.34
N THR D 786 19.76 53.88 9.22
CA THR D 786 18.38 53.51 9.43
C THR D 786 17.61 53.69 8.15
N ARG D 787 16.46 53.05 8.08
CA ARG D 787 15.48 53.33 7.07
C ARG D 787 14.15 53.51 7.77
N ALA D 788 13.28 54.28 7.12
CA ALA D 788 11.88 54.37 7.54
C ALA D 788 11.29 52.99 7.38
N PRO D 789 10.76 52.38 8.45
CA PRO D 789 10.57 50.92 8.48
C PRO D 789 9.47 50.46 7.54
N LEU D 790 9.77 49.41 6.79
CA LEU D 790 8.74 48.75 6.01
C LEU D 790 7.76 48.06 6.94
N ASP D 791 6.62 47.64 6.37
CA ASP D 791 5.66 46.82 7.09
C ASP D 791 6.26 45.48 7.54
N ASN D 792 7.16 44.91 6.73
CA ASN D 792 7.90 43.73 7.17
C ASN D 792 8.85 44.05 8.32
N ASP D 793 9.41 45.25 8.38
CA ASP D 793 10.25 45.62 9.51
C ASP D 793 9.42 45.76 10.78
N ILE D 794 8.19 46.23 10.63
CA ILE D 794 7.37 46.54 11.79
C ILE D 794 6.79 45.26 12.39
N GLY D 795 6.56 44.25 11.56
CA GLY D 795 6.34 42.88 11.99
C GLY D 795 5.09 42.65 12.82
N VAL D 796 4.00 43.32 12.47
CA VAL D 796 2.74 43.24 13.20
C VAL D 796 1.65 42.77 12.24
N SER D 797 0.84 41.82 12.69
CA SER D 797 -0.35 41.36 12.00
C SER D 797 -1.62 41.57 12.81
N GLU D 798 -1.49 41.79 14.09
CA GLU D 798 -2.57 42.20 14.96
C GLU D 798 -2.07 43.43 15.69
N ALA D 799 -2.89 44.50 15.67
CA ALA D 799 -2.49 45.80 16.21
C ALA D 799 -2.20 45.77 17.70
N THR D 800 -2.81 44.84 18.45
CA THR D 800 -2.63 44.75 19.89
C THR D 800 -1.36 44.00 20.31
N ARG D 801 -0.68 43.30 19.40
CA ARG D 801 0.45 42.48 19.80
C ARG D 801 1.72 42.90 19.07
N ILE D 802 2.74 43.27 19.83
CA ILE D 802 3.99 43.76 19.27
C ILE D 802 5.01 42.64 19.36
N ASP D 803 5.71 42.39 18.25
CA ASP D 803 6.77 41.40 18.20
C ASP D 803 8.05 42.06 18.68
N PRO D 804 8.58 41.69 19.85
CA PRO D 804 9.84 42.28 20.31
C PRO D 804 11.06 41.87 19.49
N ASN D 805 10.98 40.79 18.70
CA ASN D 805 11.97 40.40 17.72
C ASN D 805 11.81 41.09 16.39
N ALA D 806 10.78 41.93 16.22
CA ALA D 806 10.62 42.70 15.00
C ALA D 806 11.81 43.66 14.85
N TRP D 807 12.25 43.82 13.59
CA TRP D 807 13.45 44.59 13.26
C TRP D 807 13.35 46.04 13.71
N VAL D 808 12.16 46.63 13.61
CA VAL D 808 12.01 48.01 14.04
C VAL D 808 12.03 48.08 15.57
N GLU D 809 11.56 47.03 16.25
CA GLU D 809 11.63 47.02 17.70
C GLU D 809 13.07 46.88 18.16
N ARG D 810 13.84 46.06 17.45
CA ARG D 810 15.24 45.87 17.80
C ARG D 810 16.06 47.12 17.46
N TRP D 811 15.78 47.76 16.33
CA TRP D 811 16.50 48.98 15.98
C TRP D 811 16.16 50.11 16.94
N LYS D 812 14.91 50.19 17.38
CA LYS D 812 14.54 51.26 18.30
C LYS D 812 15.12 51.02 19.68
N ALA D 813 15.05 49.78 20.17
CA ALA D 813 15.61 49.44 21.47
C ALA D 813 17.12 49.57 21.50
N ALA D 814 17.79 49.35 20.37
CA ALA D 814 19.22 49.59 20.29
C ALA D 814 19.57 51.06 20.11
N GLY D 815 18.57 51.89 19.82
CA GLY D 815 18.82 53.31 19.65
C GLY D 815 19.40 53.68 18.30
N HIS D 816 19.08 52.92 17.24
CA HIS D 816 19.59 53.25 15.92
C HIS D 816 19.01 54.56 15.41
N TYR D 817 17.75 54.82 15.72
CA TYR D 817 17.12 56.05 15.28
C TYR D 817 17.46 57.24 16.17
N GLN D 818 18.07 57.01 17.33
CA GLN D 818 18.38 58.05 18.29
C GLN D 818 19.88 58.30 18.42
N ALA D 819 20.70 57.56 17.69
CA ALA D 819 22.14 57.56 17.91
C ALA D 819 22.79 58.87 17.50
N GLU D 820 23.64 59.39 18.39
CA GLU D 820 24.31 60.66 18.18
C GLU D 820 25.72 60.41 17.66
N ALA D 821 26.11 61.17 16.64
CA ALA D 821 27.45 61.08 16.09
C ALA D 821 28.45 61.86 16.94
N ALA D 822 29.51 61.20 17.38
CA ALA D 822 30.60 61.81 18.15
C ALA D 822 31.82 61.96 17.26
N LEU D 823 32.23 63.20 17.01
CA LEU D 823 33.34 63.46 16.11
C LEU D 823 34.66 63.05 16.75
N LEU D 824 35.37 62.11 16.11
CA LEU D 824 36.63 61.61 16.60
C LEU D 824 37.82 62.31 15.96
N GLN D 825 37.73 62.57 14.66
CA GLN D 825 38.86 63.08 13.91
C GLN D 825 38.34 63.84 12.70
N CYS D 826 38.97 64.97 12.39
CA CYS D 826 38.65 65.70 11.17
C CYS D 826 39.84 66.59 10.86
N THR D 827 40.69 66.15 9.94
CA THR D 827 41.84 66.95 9.53
C THR D 827 41.88 67.07 8.02
N ALA D 828 42.71 68.01 7.56
CA ALA D 828 42.83 68.37 6.15
C ALA D 828 44.31 68.41 5.78
N ASP D 829 44.62 67.84 4.61
CA ASP D 829 46.03 67.81 4.13
C ASP D 829 46.08 68.16 2.64
N THR D 830 46.92 69.11 2.25
CA THR D 830 47.09 69.51 0.87
C THR D 830 48.09 68.56 0.21
N LEU D 831 47.63 67.82 -0.80
CA LEU D 831 48.53 67.03 -1.61
C LEU D 831 49.14 67.94 -2.70
N ALA D 832 49.92 67.36 -3.60
CA ALA D 832 50.43 68.17 -4.72
C ALA D 832 49.54 68.08 -5.95
N ASP D 833 48.33 67.57 -5.79
CA ASP D 833 47.35 67.54 -6.87
C ASP D 833 45.92 67.53 -6.35
N ALA D 834 45.72 67.62 -5.03
CA ALA D 834 44.37 67.50 -4.48
C ALA D 834 44.39 67.94 -3.02
N VAL D 835 43.25 67.80 -2.38
CA VAL D 835 43.09 68.04 -0.95
C VAL D 835 42.39 66.84 -0.35
N LEU D 836 42.82 66.42 0.81
CA LEU D 836 42.32 65.22 1.47
C LEU D 836 41.78 65.58 2.84
N ILE D 837 40.47 65.39 3.02
CA ILE D 837 39.82 65.59 4.31
C ILE D 837 39.60 64.19 4.89
N THR D 838 40.03 63.99 6.13
CA THR D 838 39.89 62.72 6.81
C THR D 838 39.00 62.92 8.02
N THR D 839 37.96 62.10 8.13
CA THR D 839 37.04 62.18 9.26
C THR D 839 36.83 60.81 9.87
N ALA D 840 36.49 60.82 11.15
CA ALA D 840 36.06 59.62 11.86
C ALA D 840 34.95 60.02 12.80
N HIS D 841 33.86 59.28 12.77
CA HIS D 841 32.75 59.51 13.67
C HIS D 841 32.36 58.23 14.38
N ALA D 842 31.90 58.39 15.61
CA ALA D 842 31.30 57.31 16.37
C ALA D 842 29.85 57.65 16.65
N TRP D 843 28.95 56.71 16.38
CA TRP D 843 27.54 56.84 16.73
C TRP D 843 27.29 56.09 18.02
N GLN D 844 26.63 56.74 18.97
CA GLN D 844 26.47 56.15 20.29
C GLN D 844 25.05 56.33 20.82
N HIS D 845 24.59 55.33 21.57
CA HIS D 845 23.34 55.41 22.32
C HIS D 845 23.62 54.91 23.74
N GLN D 846 23.65 55.84 24.69
CA GLN D 846 23.82 55.53 26.11
C GLN D 846 25.16 54.87 26.38
N GLY D 847 26.22 55.48 25.87
CA GLY D 847 27.56 55.00 26.07
C GLY D 847 27.92 53.73 25.34
N LYS D 848 27.13 53.30 24.37
CA LYS D 848 27.48 52.16 23.54
C LYS D 848 27.78 52.70 22.14
N THR D 849 28.94 52.35 21.61
CA THR D 849 29.27 52.75 20.25
C THR D 849 28.64 51.74 19.30
N LEU D 850 27.67 52.19 18.53
CA LEU D 850 27.01 51.30 17.58
C LEU D 850 27.81 51.17 16.30
N PHE D 851 28.17 52.31 15.73
CA PHE D 851 28.87 52.38 14.45
C PHE D 851 30.03 53.34 14.57
N ILE D 852 31.09 53.05 13.82
CA ILE D 852 32.17 53.98 13.58
C ILE D 852 32.27 54.18 12.08
N SER D 853 32.38 55.43 11.65
CA SER D 853 32.50 55.73 10.25
C SER D 853 33.81 56.48 10.05
N ARG D 854 34.66 55.94 9.19
CA ARG D 854 35.90 56.60 8.82
C ARG D 854 35.80 56.98 7.35
N LYS D 855 36.18 58.22 7.04
CA LYS D 855 36.02 58.73 5.70
C LYS D 855 37.27 59.47 5.26
N THR D 856 37.51 59.43 3.96
CA THR D 856 38.45 60.33 3.32
C THR D 856 37.74 61.00 2.16
N TYR D 857 37.88 62.31 2.05
CA TYR D 857 37.37 63.07 0.91
C TYR D 857 38.58 63.57 0.13
N ARG D 858 38.71 63.12 -1.10
CA ARG D 858 39.82 63.54 -1.96
C ARG D 858 39.25 64.44 -3.05
N ILE D 859 39.56 65.72 -2.97
CA ILE D 859 39.11 66.72 -3.93
C ILE D 859 40.30 67.06 -4.82
N ASP D 860 40.23 66.64 -6.06
CA ASP D 860 41.33 66.81 -7.00
C ASP D 860 41.17 68.10 -7.81
N GLY D 861 42.13 68.34 -8.68
CA GLY D 861 42.09 69.49 -9.58
C GLY D 861 41.09 69.38 -10.71
N SER D 862 40.57 68.18 -10.95
CA SER D 862 39.57 67.95 -11.99
C SER D 862 38.15 68.12 -11.49
N GLY D 863 37.97 68.66 -10.28
CA GLY D 863 36.68 68.92 -9.72
C GLY D 863 35.99 67.73 -9.07
N GLN D 864 36.52 66.52 -9.21
CA GLN D 864 35.93 65.36 -8.58
C GLN D 864 36.12 65.40 -7.08
N MET D 865 35.19 64.77 -6.36
CA MET D 865 35.34 64.54 -4.93
C MET D 865 35.22 63.03 -4.72
N ALA D 866 36.33 62.38 -4.42
CA ALA D 866 36.37 60.96 -4.17
C ALA D 866 36.12 60.73 -2.68
N ILE D 867 35.08 60.00 -2.37
CA ILE D 867 34.69 59.73 -0.98
C ILE D 867 34.84 58.25 -0.71
N THR D 868 35.64 57.93 0.30
CA THR D 868 35.85 56.57 0.75
C THR D 868 35.34 56.46 2.17
N VAL D 869 34.51 55.44 2.43
CA VAL D 869 33.88 55.25 3.72
C VAL D 869 34.15 53.83 4.18
N ASP D 870 34.68 53.71 5.38
CA ASP D 870 34.84 52.42 6.06
C ASP D 870 34.02 52.45 7.34
N VAL D 871 33.07 51.54 7.45
CA VAL D 871 32.13 51.52 8.56
C VAL D 871 32.35 50.25 9.36
N GLU D 872 32.46 50.40 10.67
CA GLU D 872 32.45 49.29 11.60
C GLU D 872 31.15 49.28 12.38
N VAL D 873 30.54 48.10 12.48
CA VAL D 873 29.29 47.91 13.21
C VAL D 873 29.58 46.95 14.35
N ALA D 874 29.14 47.30 15.55
CA ALA D 874 29.25 46.41 16.70
C ALA D 874 28.45 45.14 16.46
N SER D 875 29.09 44.00 16.75
CA SER D 875 28.48 42.70 16.46
C SER D 875 27.26 42.44 17.33
N ASP D 876 27.20 43.06 18.50
CA ASP D 876 26.08 42.87 19.40
C ASP D 876 24.93 43.84 19.13
N THR D 877 25.10 44.84 18.29
CA THR D 877 23.93 45.62 17.92
C THR D 877 23.18 44.85 16.84
N PRO D 878 21.85 45.05 16.74
CA PRO D 878 21.11 44.48 15.61
C PRO D 878 21.65 45.07 14.31
N HIS D 879 21.66 44.23 13.27
CA HIS D 879 22.28 44.61 12.01
C HIS D 879 21.52 45.77 11.39
N PRO D 880 22.20 46.80 10.94
CA PRO D 880 21.50 48.01 10.51
C PRO D 880 20.84 47.82 9.17
N ALA D 881 19.75 48.58 8.97
CA ALA D 881 18.97 48.53 7.75
C ALA D 881 19.78 48.97 6.53
N ARG D 882 20.73 49.87 6.71
CA ARG D 882 21.53 50.34 5.59
C ARG D 882 22.82 50.91 6.11
N ILE D 883 23.79 51.01 5.22
CA ILE D 883 25.03 51.72 5.47
C ILE D 883 25.26 52.63 4.30
N GLY D 884 25.00 53.91 4.48
CA GLY D 884 25.17 54.82 3.37
C GLY D 884 25.24 56.24 3.84
N LEU D 885 24.98 57.14 2.90
CA LEU D 885 25.05 58.56 3.13
C LEU D 885 23.71 59.16 2.75
N ASN D 886 23.43 60.32 3.33
CA ASN D 886 22.12 60.97 3.07
C ASN D 886 22.30 62.49 3.14
N CYS D 887 21.66 63.21 2.22
CA CYS D 887 21.74 64.66 2.24
C CYS D 887 20.48 65.20 1.59
N GLN D 888 20.20 66.46 1.86
CA GLN D 888 19.09 67.17 1.26
C GLN D 888 19.70 68.09 0.22
N LEU D 889 19.56 67.73 -1.04
CA LEU D 889 20.05 68.58 -2.12
C LEU D 889 19.18 69.82 -2.25
N ALA D 890 19.80 70.95 -2.56
CA ALA D 890 19.01 72.16 -2.77
C ALA D 890 18.24 72.10 -4.08
N GLN D 891 18.70 71.31 -5.05
CA GLN D 891 18.04 71.16 -6.34
C GLN D 891 16.73 70.40 -6.22
N VAL D 892 15.75 70.82 -7.03
CA VAL D 892 14.60 70.00 -7.36
C VAL D 892 14.59 69.90 -8.89
N ALA D 893 15.08 68.79 -9.41
CA ALA D 893 15.12 68.63 -10.86
C ALA D 893 14.01 67.68 -11.31
N GLU D 894 13.79 67.65 -12.61
CA GLU D 894 12.60 66.95 -13.09
C GLU D 894 12.87 65.47 -13.35
N ARG D 895 14.06 65.13 -13.84
CA ARG D 895 14.39 63.76 -14.22
C ARG D 895 15.48 63.21 -13.33
N VAL D 896 15.53 61.89 -13.24
CA VAL D 896 16.62 61.17 -12.62
C VAL D 896 17.19 60.25 -13.68
N ASN D 897 18.50 60.31 -13.87
CA ASN D 897 19.21 59.58 -14.89
C ASN D 897 20.37 58.84 -14.26
N TRP D 898 20.56 57.58 -14.66
CA TRP D 898 21.40 56.70 -13.86
C TRP D 898 21.58 55.32 -14.51
N LEU D 899 22.73 54.72 -14.25
CA LEU D 899 23.12 53.46 -14.84
C LEU D 899 23.13 52.44 -13.71
N GLY D 900 22.22 51.48 -13.79
CA GLY D 900 22.00 50.57 -12.69
C GLY D 900 20.80 49.69 -12.96
N LEU D 901 20.32 49.04 -11.90
CA LEU D 901 19.28 48.02 -12.05
C LEU D 901 17.91 48.62 -12.21
N GLY D 902 17.23 48.21 -13.31
CA GLY D 902 15.79 48.21 -13.49
C GLY D 902 15.20 49.58 -13.65
N PRO D 903 14.08 49.73 -14.35
CA PRO D 903 13.40 51.01 -14.18
C PRO D 903 12.76 51.08 -12.81
N GLN D 904 12.16 50.00 -12.36
CA GLN D 904 11.34 50.07 -11.16
C GLN D 904 12.21 49.97 -9.91
N GLU D 905 11.57 50.26 -8.78
CA GLU D 905 12.15 50.06 -7.46
C GLU D 905 12.61 48.62 -7.25
N ASN D 906 13.84 48.45 -6.78
CA ASN D 906 14.40 47.12 -6.55
C ASN D 906 15.27 47.15 -5.31
N TYR D 907 15.27 46.06 -4.58
CA TYR D 907 15.97 45.93 -3.31
C TYR D 907 16.87 44.70 -3.43
N PRO D 908 17.83 44.53 -2.51
CA PRO D 908 18.76 43.37 -2.60
C PRO D 908 18.09 42.02 -2.54
N ASP D 909 16.96 41.94 -1.87
CA ASP D 909 16.07 40.80 -1.73
C ASP D 909 15.08 40.67 -2.89
N ARG D 910 14.90 41.76 -3.66
CA ARG D 910 13.89 41.74 -4.74
C ARG D 910 14.42 42.53 -5.93
N LEU D 911 15.36 41.98 -6.70
CA LEU D 911 15.93 42.79 -7.80
C LEU D 911 16.05 41.93 -9.07
N THR D 912 15.61 40.67 -9.02
CA THR D 912 15.82 39.81 -10.17
C THR D 912 15.06 40.31 -11.39
N ALA D 913 13.95 41.03 -11.19
CA ALA D 913 13.20 41.53 -12.33
C ALA D 913 13.84 42.77 -12.93
N ALA D 914 14.67 43.45 -12.17
CA ALA D 914 15.33 44.63 -12.69
C ALA D 914 16.42 44.23 -13.67
N CYS D 915 16.75 45.16 -14.55
CA CYS D 915 17.81 44.94 -15.51
C CYS D 915 18.78 46.10 -15.44
N PHE D 916 20.04 45.79 -15.71
CA PHE D 916 21.05 46.84 -15.77
C PHE D 916 20.91 47.54 -17.11
N ASP D 917 20.78 48.86 -17.05
CA ASP D 917 20.69 49.67 -18.25
C ASP D 917 20.79 51.13 -17.83
N ARG D 918 20.79 52.02 -18.81
CA ARG D 918 20.62 53.43 -18.49
C ARG D 918 19.13 53.73 -18.41
N TRP D 919 18.68 54.15 -17.24
CA TRP D 919 17.29 54.45 -17.00
C TRP D 919 17.13 55.94 -16.78
N ASP D 920 15.98 56.47 -17.19
CA ASP D 920 15.71 57.89 -17.06
C ASP D 920 14.22 58.05 -16.78
N LEU D 921 13.88 58.45 -15.57
CA LEU D 921 12.50 58.58 -15.15
C LEU D 921 12.28 59.97 -14.56
N PRO D 922 11.05 60.45 -14.58
CA PRO D 922 10.68 61.62 -13.78
C PRO D 922 10.88 61.31 -12.31
N LEU D 923 11.10 62.38 -11.54
CA LEU D 923 11.43 62.24 -10.11
C LEU D 923 10.28 61.68 -9.30
N SER D 924 9.04 61.87 -9.75
CA SER D 924 7.90 61.21 -9.10
C SER D 924 7.93 59.70 -9.29
N ASP D 925 8.53 59.23 -10.39
CA ASP D 925 8.65 57.79 -10.61
C ASP D 925 9.62 57.10 -9.66
N MET D 926 10.51 57.85 -9.02
CA MET D 926 11.47 57.38 -8.05
C MET D 926 10.90 57.32 -6.64
N TYR D 927 9.63 57.63 -6.46
CA TYR D 927 8.93 57.51 -5.18
C TYR D 927 7.77 56.56 -5.38
N THR D 928 7.73 55.49 -4.59
CA THR D 928 6.63 54.54 -4.65
C THR D 928 5.59 54.92 -3.61
N PRO D 929 4.40 55.29 -4.00
CA PRO D 929 3.44 55.82 -3.02
C PRO D 929 2.67 54.71 -2.33
N TYR D 930 3.38 53.92 -1.51
CA TYR D 930 2.75 52.97 -0.62
C TYR D 930 1.83 53.72 0.32
N VAL D 931 0.63 53.16 0.55
CA VAL D 931 -0.41 53.84 1.32
C VAL D 931 0.03 54.06 2.76
N PHE D 932 0.63 53.04 3.38
CA PHE D 932 1.41 53.27 4.60
C PHE D 932 2.82 53.63 4.19
N PRO D 933 3.29 54.86 4.46
CA PRO D 933 4.60 55.28 3.95
C PRO D 933 5.77 54.59 4.65
N SER D 934 6.79 54.29 3.87
CA SER D 934 7.98 53.62 4.38
C SER D 934 9.14 53.94 3.46
N GLU D 935 10.30 53.34 3.71
CA GLU D 935 11.40 53.35 2.76
C GLU D 935 10.94 52.73 1.44
N ASN D 936 11.29 53.38 0.34
CA ASN D 936 10.74 53.06 -0.97
C ASN D 936 11.68 53.59 -2.03
N GLY D 937 11.49 53.11 -3.26
CA GLY D 937 12.13 53.76 -4.38
C GLY D 937 13.59 53.48 -4.55
N LEU D 938 14.15 52.55 -3.78
CA LEU D 938 15.57 52.20 -3.93
C LEU D 938 15.81 51.53 -5.27
N ARG D 939 16.96 51.83 -5.85
CA ARG D 939 17.45 51.12 -7.03
C ARG D 939 18.85 50.60 -6.69
N CYS D 940 19.08 49.32 -6.89
CA CYS D 940 20.34 48.70 -6.51
C CYS D 940 21.25 48.62 -7.73
N GLY D 941 22.51 48.25 -7.47
CA GLY D 941 23.47 47.98 -8.53
C GLY D 941 23.81 49.18 -9.36
N THR D 942 23.73 50.37 -8.80
CA THR D 942 23.86 51.59 -9.58
C THR D 942 25.32 52.00 -9.63
N ARG D 943 25.81 52.23 -10.85
CA ARG D 943 27.19 52.62 -11.06
C ARG D 943 27.31 54.10 -11.33
N GLU D 944 26.23 54.73 -11.75
CA GLU D 944 26.24 56.16 -11.99
C GLU D 944 24.84 56.71 -11.77
N LEU D 945 24.76 57.87 -11.13
CA LEU D 945 23.50 58.55 -10.87
C LEU D 945 23.65 60.00 -11.28
N ASN D 946 22.69 60.50 -12.04
CA ASN D 946 22.70 61.89 -12.47
C ASN D 946 21.41 62.57 -12.01
N TYR D 947 21.56 63.70 -11.32
CA TYR D 947 20.43 64.49 -10.85
C TYR D 947 20.80 65.96 -10.99
N GLY D 948 20.18 66.65 -11.94
CA GLY D 948 20.57 67.99 -12.29
C GLY D 948 21.99 68.01 -12.78
N PRO D 949 22.82 68.88 -12.21
CA PRO D 949 24.23 68.97 -12.59
C PRO D 949 25.13 68.03 -11.83
N HIS D 950 24.59 67.28 -10.86
CA HIS D 950 25.37 66.39 -10.04
C HIS D 950 25.48 65.00 -10.66
N GLN D 951 26.62 64.36 -10.44
CA GLN D 951 26.82 62.98 -10.85
C GLN D 951 27.53 62.23 -9.74
N TRP D 952 26.99 61.07 -9.39
CA TRP D 952 27.63 60.18 -8.43
C TRP D 952 27.98 58.88 -9.13
N ARG D 953 29.21 58.43 -8.96
CA ARG D 953 29.63 57.17 -9.51
C ARG D 953 30.20 56.27 -8.43
N GLY D 954 30.23 55.00 -8.72
CA GLY D 954 30.68 54.01 -7.78
C GLY D 954 29.87 52.73 -7.98
N ASP D 955 29.45 52.14 -6.87
CA ASP D 955 28.72 50.88 -6.88
C ASP D 955 27.81 50.89 -5.66
N PHE D 956 26.62 51.46 -5.83
CA PHE D 956 25.79 51.82 -4.70
C PHE D 956 24.34 51.49 -4.99
N GLN D 957 23.53 51.68 -3.97
CA GLN D 957 22.08 51.70 -4.09
C GLN D 957 21.66 53.13 -3.77
N PHE D 958 20.55 53.57 -4.35
CA PHE D 958 20.08 54.90 -4.02
C PHE D 958 18.56 54.91 -4.02
N ASN D 959 18.03 55.89 -3.32
CA ASN D 959 16.71 56.42 -3.63
C ASN D 959 16.79 57.93 -3.61
N ILE D 960 15.80 58.55 -4.23
CA ILE D 960 15.81 59.99 -4.34
C ILE D 960 14.37 60.45 -4.44
N SER D 961 14.00 61.46 -3.67
CA SER D 961 12.61 61.84 -3.52
C SER D 961 12.57 63.14 -2.73
N ARG D 962 11.37 63.70 -2.58
CA ARG D 962 11.17 64.91 -1.81
C ARG D 962 10.72 64.62 -0.37
N TYR D 963 10.79 63.36 0.07
CA TYR D 963 10.44 63.01 1.44
C TYR D 963 11.63 62.40 2.15
N SER D 964 12.03 63.01 3.26
CA SER D 964 13.07 62.46 4.11
C SER D 964 12.59 61.15 4.72
N GLN D 965 13.56 60.35 5.19
CA GLN D 965 13.25 59.12 5.91
C GLN D 965 12.51 59.38 7.21
N GLN D 966 12.77 60.53 7.84
CA GLN D 966 12.06 60.87 9.07
C GLN D 966 10.57 61.12 8.78
N GLN D 967 10.27 61.89 7.72
CA GLN D 967 8.88 62.19 7.40
C GLN D 967 8.13 60.95 6.94
N LEU D 968 8.81 60.06 6.21
CA LEU D 968 8.23 58.78 5.83
C LEU D 968 7.95 57.92 7.06
N MET D 969 8.81 57.99 8.07
CA MET D 969 8.62 57.13 9.22
C MET D 969 7.51 57.65 10.13
N GLU D 970 7.29 58.95 10.15
CA GLU D 970 6.36 59.58 11.07
C GLU D 970 4.96 59.78 10.50
N THR D 971 4.75 59.52 9.21
CA THR D 971 3.49 59.78 8.53
C THR D 971 2.78 58.45 8.28
N SER D 972 1.52 58.37 8.71
CA SER D 972 0.77 57.12 8.65
C SER D 972 0.08 56.90 7.33
N HIS D 973 -0.07 57.95 6.52
CA HIS D 973 -0.77 57.87 5.26
C HIS D 973 -0.01 58.64 4.21
N ARG D 974 -0.05 58.11 2.99
CA ARG D 974 0.67 58.73 1.87
C ARG D 974 0.09 60.09 1.50
N HIS D 975 -1.20 60.34 1.78
CA HIS D 975 -1.77 61.64 1.44
C HIS D 975 -1.40 62.70 2.46
N LEU D 976 -0.88 62.31 3.61
CA LEU D 976 -0.40 63.25 4.61
C LEU D 976 1.07 63.63 4.39
N LEU D 977 1.74 63.02 3.42
CA LEU D 977 3.09 63.43 3.07
C LEU D 977 3.05 64.80 2.40
N HIS D 978 4.04 65.62 2.71
CA HIS D 978 4.29 66.90 2.03
C HIS D 978 5.70 66.90 1.47
N ALA D 979 5.87 67.44 0.27
CA ALA D 979 7.18 67.46 -0.36
C ALA D 979 8.08 68.46 0.35
N GLU D 980 9.27 68.02 0.74
CA GLU D 980 10.20 68.92 1.40
C GLU D 980 10.93 69.74 0.34
N GLU D 981 11.66 70.76 0.80
CA GLU D 981 12.01 71.90 -0.06
C GLU D 981 13.02 71.54 -1.14
N GLY D 982 13.98 70.67 -0.84
CA GLY D 982 14.90 70.16 -1.82
C GLY D 982 14.64 68.72 -2.14
N THR D 983 15.70 68.01 -2.54
CA THR D 983 15.63 66.59 -2.87
C THR D 983 16.44 65.80 -1.85
N TRP D 984 15.80 64.85 -1.18
CA TRP D 984 16.50 63.98 -0.24
C TRP D 984 17.17 62.86 -1.02
N LEU D 985 18.48 62.75 -0.89
CA LEU D 985 19.27 61.73 -1.56
C LEU D 985 19.81 60.74 -0.54
N ASN D 986 19.48 59.48 -0.71
CA ASN D 986 20.05 58.40 0.08
C ASN D 986 20.89 57.55 -0.85
N ILE D 987 22.20 57.50 -0.62
CA ILE D 987 23.10 56.64 -1.36
C ILE D 987 23.69 55.63 -0.40
N ASP D 988 23.45 54.37 -0.67
CA ASP D 988 23.84 53.29 0.22
C ASP D 988 24.95 52.52 -0.45
N GLY D 989 26.07 52.36 0.25
CA GLY D 989 26.91 51.23 -0.07
C GLY D 989 26.15 49.93 0.09
N PHE D 990 25.42 49.79 1.20
CA PHE D 990 24.84 48.52 1.63
C PHE D 990 23.43 48.76 2.16
N HIS D 991 22.52 47.87 1.77
CA HIS D 991 21.10 47.99 2.18
C HIS D 991 20.54 46.61 2.52
N MET D 992 19.86 46.48 3.65
CA MET D 992 19.29 45.22 4.09
C MET D 992 18.18 44.78 3.14
N GLY D 993 17.96 43.46 3.08
CA GLY D 993 16.81 42.95 2.34
C GLY D 993 15.49 43.37 2.98
N ILE D 994 14.41 43.22 2.24
CA ILE D 994 13.12 43.69 2.73
C ILE D 994 12.26 42.59 3.33
N GLY D 995 12.58 41.32 3.08
CA GLY D 995 11.85 40.19 3.59
C GLY D 995 10.47 40.12 2.95
N GLY D 996 9.62 39.31 3.54
CA GLY D 996 8.26 39.22 3.08
C GLY D 996 7.72 37.81 3.01
N ASP D 997 8.50 36.82 3.48
CA ASP D 997 7.97 35.46 3.68
C ASP D 997 6.75 35.47 4.59
N ASP D 998 6.77 36.29 5.64
CA ASP D 998 5.56 36.86 6.18
C ASP D 998 5.89 38.26 6.67
N SER D 999 4.88 38.95 7.19
CA SER D 999 5.03 40.33 7.58
C SER D 999 4.90 40.52 9.09
N TRP D 1000 4.80 39.43 9.85
CA TRP D 1000 4.54 39.48 11.29
C TRP D 1000 5.62 38.78 12.08
N SER D 1001 6.72 38.43 11.44
CA SER D 1001 7.88 37.87 12.10
C SER D 1001 9.08 38.34 11.30
N PRO D 1002 10.29 38.19 11.84
CA PRO D 1002 11.49 38.49 11.06
C PRO D 1002 11.62 37.55 9.86
N SER D 1003 11.73 38.13 8.68
CA SER D 1003 11.66 37.37 7.45
C SER D 1003 12.79 37.69 6.48
N VAL D 1004 13.72 38.54 6.86
CA VAL D 1004 14.89 38.77 6.03
C VAL D 1004 15.86 37.63 6.27
N SER D 1005 16.23 36.93 5.20
CA SER D 1005 17.14 35.81 5.32
C SER D 1005 18.52 36.32 5.73
N ALA D 1006 19.28 35.42 6.35
CA ALA D 1006 20.51 35.76 7.04
C ALA D 1006 21.57 36.30 6.08
N GLU D 1007 21.57 35.85 4.83
CA GLU D 1007 22.53 36.38 3.87
C GLU D 1007 22.15 37.76 3.33
N LEU D 1008 20.96 38.26 3.64
CA LEU D 1008 20.51 39.57 3.20
C LEU D 1008 20.56 40.59 4.33
N GLN D 1009 21.12 40.20 5.46
CA GLN D 1009 21.29 41.07 6.62
C GLN D 1009 22.71 41.63 6.64
N LEU D 1010 22.84 42.86 7.13
CA LEU D 1010 24.15 43.51 7.10
C LEU D 1010 24.92 43.12 8.36
N SER D 1011 25.47 41.90 8.33
CA SER D 1011 26.05 41.26 9.51
C SER D 1011 27.57 41.16 9.47
N ALA D 1012 28.20 41.68 8.42
CA ALA D 1012 29.64 41.51 8.23
C ALA D 1012 30.48 42.29 9.23
N GLY D 1013 29.93 43.27 9.88
CA GLY D 1013 30.72 44.00 10.88
C GLY D 1013 31.58 45.14 10.37
N ARG D 1014 32.23 44.96 9.23
CA ARG D 1014 33.01 46.02 8.62
C ARG D 1014 32.57 46.17 7.17
N TYR D 1015 32.47 47.42 6.74
CA TYR D 1015 31.86 47.73 5.46
C TYR D 1015 32.67 48.82 4.82
N HIS D 1016 32.88 48.69 3.51
CA HIS D 1016 33.62 49.69 2.76
C HIS D 1016 32.86 50.02 1.50
N TYR D 1017 32.78 51.31 1.19
CA TYR D 1017 32.27 51.70 -0.11
C TYR D 1017 32.93 53.02 -0.50
N GLN D 1018 33.01 53.24 -1.80
CA GLN D 1018 33.63 54.43 -2.34
C GLN D 1018 32.65 55.07 -3.31
N LEU D 1019 32.67 56.39 -3.36
CA LEU D 1019 31.77 57.13 -4.21
C LEU D 1019 32.54 58.29 -4.82
N VAL D 1020 32.17 58.68 -6.02
CA VAL D 1020 32.73 59.87 -6.63
C VAL D 1020 31.59 60.81 -6.97
N TRP D 1021 31.64 62.03 -6.42
CA TRP D 1021 30.60 63.04 -6.74
C TRP D 1021 31.18 64.11 -7.66
N CYS D 1022 30.51 64.36 -8.79
CA CYS D 1022 30.70 65.62 -9.56
C CYS D 1022 29.34 66.08 -10.11
C1 A1H05 E . 37.04 5.94 -4.93
C2 A1H05 E . 36.87 7.31 -4.45
C3 A1H05 E . 35.71 7.83 -5.29
C4 A1H05 E . 35.65 5.42 -5.17
C5 A1H05 E . 35.22 4.43 -4.10
N1 A1H05 E . 34.79 6.62 -5.20
O1 A1H05 E . 37.76 5.90 -6.17
O2 A1H05 E . 38.04 8.12 -4.58
O3 A1H05 E . 33.90 4.02 -4.35
O4 A1H05 E . 36.03 3.27 -4.07
H1 A1H05 E . 37.56 5.35 -4.19
H2 A1H05 E . 36.49 7.36 -3.46
H3 A1H05 E . 36.01 8.02 -6.32
H4 A1H05 E . 35.27 8.72 -4.87
H6 A1H05 E . 35.59 4.93 -6.12
H5 A1H05 E . 34.30 6.67 -4.42
H7 A1H05 E . 37.24 6.23 -6.88
H8 A1H05 E . 37.84 8.76 -5.23
H10 A1H05 E . 33.63 4.32 -5.22
H11 A1H05 E . 36.55 3.24 -4.85
H9 A1H05 E . 35.25 4.93 -3.15
MG MG F . 35.96 2.41 -8.37
MG MG G . 38.11 -19.05 -12.11
NA NA H . 40.69 7.42 -4.74
NA NA I . 18.48 13.09 10.00
C1 A1H05 J . 3.74 -36.45 -9.44
C2 A1H05 J . 2.29 -36.62 -9.33
C3 A1H05 J . 1.97 -36.02 -7.98
C4 A1H05 J . 4.05 -35.12 -8.81
C5 A1H05 J . 4.40 -34.06 -9.85
N1 A1H05 J . 2.83 -34.76 -8.05
O1 A1H05 J . 4.44 -37.46 -8.69
O2 A1H05 J . 1.85 -37.96 -9.47
O3 A1H05 J . 4.62 -32.83 -9.21
O4 A1H05 J . 5.56 -34.40 -10.58
H1 A1H05 J . 4.05 -36.48 -10.47
H2 A1H05 J . 1.76 -35.98 -10.02
H3 A1H05 J . 2.29 -36.66 -7.17
H4 A1H05 J . 0.92 -35.79 -7.87
H6 A1H05 J . 4.87 -35.19 -8.12
H5 A1H05 J . 2.37 -34.10 -8.50
H7 A1H05 J . 4.34 -37.34 -7.76
H8 A1H05 J . 1.52 -38.20 -8.62
H10 A1H05 J . 4.67 -32.96 -8.27
H11 A1H05 J . 6.02 -35.08 -10.13
H9 A1H05 J . 3.56 -33.96 -10.52
MG MG K . 8.12 -35.38 -7.16
MG MG L . 29.16 -31.27 -11.57
NA NA M . 3.04 -40.13 -10.65
NA NA N . -12.34 -17.67 -12.17
C1 A1H05 O . -36.32 -6.57 8.31
C2 A1H05 O . -36.08 -8.02 8.18
C3 A1H05 O . -35.38 -8.12 6.83
C4 A1H05 O . -35.11 -5.90 7.75
C5 A1H05 O . -34.21 -5.31 8.83
N1 A1H05 O . -34.41 -6.96 6.96
O1 A1H05 O . -37.46 -6.16 7.55
O2 A1H05 O . -37.26 -8.81 8.25
O3 A1H05 O . -33.07 -4.74 8.24
O4 A1H05 O . -34.87 -4.30 9.57
H1 A1H05 O . -36.46 -6.32 9.36
H2 A1H05 O . -35.35 -8.37 8.86
H3 A1H05 O . -36.08 -7.95 6.01
H4 A1H05 O . -34.88 -9.07 6.71
H6 A1H05 O . -35.39 -5.10 7.08
H5 A1H05 O . -33.67 -7.23 7.42
H7 A1H05 O . -37.29 -6.19 6.63
H8 A1H05 O . -37.37 -9.17 7.40
H10 A1H05 O . -33.19 -4.71 7.29
H11 A1H05 O . -35.64 -4.03 9.12
H9 A1H05 O . -33.91 -6.11 9.48
MG MG P . -36.42 -2.00 6.19
MG MG Q . -38.29 19.20 11.26
NA NA R . -39.70 -8.28 9.40
NA NA S . -13.95 -17.06 11.26
C1 A1H05 T . -4.46 37.09 6.04
C2 A1H05 T . -3.08 37.30 5.61
C3 A1H05 T . -2.29 36.30 6.43
C4 A1H05 T . -4.60 35.60 6.23
C5 A1H05 T . -5.40 34.95 5.12
N1 A1H05 T . -3.20 35.09 6.28
O1 A1H05 T . -4.73 37.72 7.30
O2 A1H05 T . -2.63 38.64 5.79
O3 A1H05 T . -5.45 33.56 5.33
O4 A1H05 T . -6.74 35.42 5.07
H1 A1H05 T . -5.15 37.45 5.29
H2 A1H05 T . -2.91 36.99 4.61
H3 A1H05 T . -2.23 36.61 7.48
H4 A1H05 T . -1.31 36.13 6.04
H6 A1H05 T . -5.07 35.37 7.17
H5 A1H05 T . -3.01 34.66 5.49
H7 A1H05 T . -4.28 37.29 8.02
H8 A1H05 T . -1.97 38.60 6.46
H10 A1H05 T . -5.10 33.35 6.19
H11 A1H05 T . -6.93 35.88 5.88
H9 A1H05 T . -4.91 35.15 4.19
MG MG U . -7.65 34.97 9.33
MG MG V . -28.97 31.10 12.43
NA NA W . -4.03 41.00 6.01
NA NA X . 7.83 21.65 -9.11
#